data_2M74
#
_entry.id   2M74
#
_entity_poly.entity_id   1
_entity_poly.type   'polypeptide(L)'
_entity_poly.pdbx_seq_one_letter_code
;SARGGGGHDALKGPNVCGSRYNAYCCPGWKTLPGGNQCIVPICRHSCGDGFCSRPNMCTCPSGQIAPSCGSRSIQHCNIR
CMNGGSCSDDHCLCQKGYIGTHCGQPVCESGCLNGGRCVAPNRCACTYGFTGPQCE
;
_entity_poly.pdbx_strand_id   A
#
# COMPACT_ATOMS: atom_id res chain seq x y z
N SER A 1 -28.64 -7.62 9.53
CA SER A 1 -27.78 -6.42 9.75
C SER A 1 -26.51 -6.83 10.51
N ALA A 2 -25.79 -7.78 9.95
CA ALA A 2 -24.56 -8.26 10.58
C ALA A 2 -23.52 -7.14 10.64
N ARG A 3 -23.46 -6.35 9.59
CA ARG A 3 -22.52 -5.24 9.52
C ARG A 3 -22.97 -4.10 10.42
N GLY A 4 -22.01 -3.31 10.91
CA GLY A 4 -22.34 -2.18 11.78
C GLY A 4 -21.26 -1.10 11.70
N GLY A 5 -21.60 0.10 12.14
CA GLY A 5 -20.67 1.22 12.11
C GLY A 5 -20.72 1.93 10.76
N GLY A 6 -21.67 1.54 9.93
CA GLY A 6 -21.82 2.15 8.61
C GLY A 6 -22.19 3.63 8.74
N GLY A 7 -23.05 3.94 9.70
CA GLY A 7 -23.49 5.31 9.92
C GLY A 7 -24.72 5.64 9.10
N HIS A 8 -25.39 6.74 9.45
CA HIS A 8 -26.59 7.16 8.74
C HIS A 8 -26.22 7.93 7.47
N ASP A 9 -24.98 8.38 7.40
CA ASP A 9 -24.51 9.14 6.24
C ASP A 9 -24.31 8.21 5.05
N ALA A 10 -24.52 8.76 3.85
CA ALA A 10 -24.37 7.97 2.62
C ALA A 10 -22.92 7.52 2.47
N LEU A 11 -22.00 8.38 2.87
CA LEU A 11 -20.57 8.06 2.76
C LEU A 11 -20.19 7.00 3.78
N LYS A 12 -19.29 6.10 3.36
CA LYS A 12 -18.83 5.02 4.22
C LYS A 12 -17.32 4.87 4.14
N GLY A 13 -16.80 3.86 4.83
CA GLY A 13 -15.37 3.60 4.83
C GLY A 13 -14.66 4.46 5.88
N PRO A 14 -13.48 4.06 6.31
CA PRO A 14 -12.69 4.81 7.32
C PRO A 14 -12.00 6.04 6.72
N ASN A 15 -12.34 6.35 5.48
CA ASN A 15 -11.76 7.51 4.78
C ASN A 15 -12.85 8.50 4.37
N VAL A 16 -13.50 9.11 5.37
CA VAL A 16 -14.55 10.09 5.12
C VAL A 16 -14.08 11.47 5.57
N CYS A 17 -14.21 12.44 4.68
CA CYS A 17 -13.79 13.80 4.98
C CYS A 17 -14.67 14.80 4.23
N GLY A 18 -14.50 16.08 4.55
CA GLY A 18 -15.28 17.13 3.91
C GLY A 18 -16.48 17.49 4.77
N SER A 19 -17.11 18.61 4.44
CA SER A 19 -18.27 19.08 5.18
C SER A 19 -19.52 18.31 4.74
N ARG A 20 -20.57 18.40 5.53
CA ARG A 20 -21.81 17.72 5.21
C ARG A 20 -22.34 18.17 3.84
N TYR A 21 -22.25 19.48 3.59
CA TYR A 21 -22.73 20.02 2.33
C TYR A 21 -21.94 19.44 1.16
N ASN A 22 -20.63 19.27 1.35
CA ASN A 22 -19.77 18.72 0.30
C ASN A 22 -18.88 17.61 0.86
N ALA A 23 -19.49 16.65 1.53
CA ALA A 23 -18.74 15.53 2.10
C ALA A 23 -18.24 14.60 0.99
N TYR A 24 -17.03 14.06 1.16
CA TYR A 24 -16.46 13.15 0.17
C TYR A 24 -15.34 12.33 0.78
N CYS A 25 -14.80 11.41 -0.01
CA CYS A 25 -13.71 10.56 0.47
C CYS A 25 -12.42 11.37 0.58
N CYS A 26 -11.71 11.23 1.69
CA CYS A 26 -10.47 11.96 1.91
C CYS A 26 -9.56 11.89 0.67
N PRO A 27 -8.52 12.69 0.63
CA PRO A 27 -7.58 12.68 -0.53
C PRO A 27 -6.94 11.31 -0.76
N GLY A 28 -6.93 10.88 -2.03
CA GLY A 28 -6.34 9.58 -2.39
C GLY A 28 -7.42 8.50 -2.41
N TRP A 29 -8.56 8.79 -1.79
CA TRP A 29 -9.67 7.82 -1.74
C TRP A 29 -10.82 8.33 -2.61
N LYS A 30 -11.45 7.42 -3.35
CA LYS A 30 -12.57 7.77 -4.22
C LYS A 30 -13.80 6.96 -3.84
N THR A 31 -14.79 6.94 -4.74
CA THR A 31 -16.03 6.20 -4.51
C THR A 31 -16.27 5.24 -5.66
N LEU A 32 -17.17 4.29 -5.44
CA LEU A 32 -17.48 3.29 -6.47
C LEU A 32 -18.60 3.78 -7.39
N PRO A 33 -18.64 3.34 -8.63
CA PRO A 33 -19.69 3.75 -9.60
C PRO A 33 -21.08 3.82 -8.94
N GLY A 34 -21.57 5.04 -8.74
CA GLY A 34 -22.89 5.22 -8.13
C GLY A 34 -22.85 4.97 -6.63
N GLY A 35 -21.73 4.41 -6.17
CA GLY A 35 -21.55 4.11 -4.75
C GLY A 35 -20.98 5.30 -4.01
N ASN A 36 -20.81 5.17 -2.69
CA ASN A 36 -20.26 6.24 -1.87
C ASN A 36 -19.27 5.69 -0.85
N GLN A 37 -18.81 4.47 -1.08
CA GLN A 37 -17.87 3.83 -0.16
C GLN A 37 -16.45 4.32 -0.45
N CYS A 38 -15.74 4.74 0.60
CA CYS A 38 -14.38 5.23 0.44
C CYS A 38 -13.37 4.12 0.72
N ILE A 39 -13.52 3.00 0.01
CA ILE A 39 -12.61 1.85 0.19
C ILE A 39 -11.79 1.61 -1.06
N VAL A 40 -11.63 2.64 -1.89
CA VAL A 40 -10.86 2.52 -3.14
C VAL A 40 -9.72 3.55 -3.16
N PRO A 41 -8.51 3.17 -2.84
CA PRO A 41 -7.35 4.11 -2.85
C PRO A 41 -6.82 4.35 -4.26
N ILE A 42 -6.15 5.49 -4.45
CA ILE A 42 -5.59 5.84 -5.75
C ILE A 42 -4.09 5.56 -5.78
N CYS A 43 -3.65 4.72 -6.71
CA CYS A 43 -2.24 4.38 -6.83
C CYS A 43 -1.60 5.21 -7.95
N ARG A 44 -0.51 5.91 -7.63
CA ARG A 44 0.17 6.72 -8.63
C ARG A 44 0.75 5.83 -9.73
N HIS A 45 1.32 4.69 -9.33
CA HIS A 45 1.92 3.75 -10.28
C HIS A 45 1.19 2.42 -10.25
N SER A 46 1.09 1.76 -11.40
CA SER A 46 0.40 0.48 -11.48
C SER A 46 1.12 -0.55 -10.62
N CYS A 47 0.35 -1.33 -9.87
CA CYS A 47 0.91 -2.36 -9.01
C CYS A 47 1.30 -3.58 -9.83
N GLY A 48 0.56 -3.84 -10.90
CA GLY A 48 0.84 -4.97 -11.76
C GLY A 48 0.41 -6.29 -11.11
N ASP A 49 1.39 -7.08 -10.67
CA ASP A 49 1.09 -8.36 -10.05
C ASP A 49 0.40 -8.16 -8.69
N GLY A 50 0.42 -6.93 -8.21
CA GLY A 50 -0.20 -6.60 -6.92
C GLY A 50 -1.44 -5.74 -7.14
N PHE A 51 -1.88 -5.07 -6.07
CA PHE A 51 -3.07 -4.20 -6.16
C PHE A 51 -2.92 -2.99 -5.25
N CYS A 52 -3.57 -1.89 -5.63
CA CYS A 52 -3.51 -0.67 -4.83
C CYS A 52 -4.21 -0.86 -3.51
N SER A 53 -3.43 -0.79 -2.43
CA SER A 53 -3.98 -0.98 -1.09
C SER A 53 -4.06 0.35 -0.35
N ARG A 54 -3.27 1.33 -0.80
CA ARG A 54 -3.27 2.64 -0.16
C ARG A 54 -2.77 3.71 -1.13
N PRO A 55 -3.05 4.97 -0.86
CA PRO A 55 -2.58 6.08 -1.73
C PRO A 55 -1.09 5.95 -2.04
N ASN A 56 -0.76 5.88 -3.33
CA ASN A 56 0.63 5.76 -3.73
C ASN A 56 1.29 4.60 -3.01
N MET A 57 0.56 3.48 -2.88
CA MET A 57 1.08 2.30 -2.21
C MET A 57 0.50 1.03 -2.82
N CYS A 58 1.39 0.22 -3.39
CA CYS A 58 0.99 -1.05 -4.02
C CYS A 58 1.29 -2.21 -3.07
N THR A 59 0.47 -3.24 -3.16
CA THR A 59 0.62 -4.43 -2.32
C THR A 59 0.82 -5.66 -3.21
N CYS A 60 1.92 -6.35 -3.00
CA CYS A 60 2.23 -7.53 -3.79
C CYS A 60 1.57 -8.78 -3.16
N PRO A 61 1.36 -9.81 -3.93
CA PRO A 61 0.77 -11.09 -3.43
C PRO A 61 1.65 -11.75 -2.37
N SER A 62 2.93 -11.36 -2.33
CA SER A 62 3.86 -11.93 -1.36
C SER A 62 3.55 -11.40 0.05
N GLY A 63 2.78 -10.31 0.11
CA GLY A 63 2.41 -9.71 1.39
C GLY A 63 3.12 -8.38 1.59
N GLN A 64 4.21 -8.17 0.88
CA GLN A 64 4.98 -6.93 1.00
C GLN A 64 4.15 -5.76 0.48
N ILE A 65 4.39 -4.59 1.05
CA ILE A 65 3.68 -3.37 0.66
C ILE A 65 4.67 -2.23 0.41
N ALA A 66 4.50 -1.53 -0.71
CA ALA A 66 5.38 -0.42 -1.04
C ALA A 66 4.81 0.39 -2.20
N PRO A 67 5.48 1.46 -2.60
CA PRO A 67 5.03 2.33 -3.73
C PRO A 67 4.86 1.54 -5.04
N SER A 68 5.55 0.41 -5.12
CA SER A 68 5.47 -0.44 -6.31
C SER A 68 5.78 -1.88 -5.96
N CYS A 69 5.39 -2.80 -6.83
CA CYS A 69 5.63 -4.22 -6.60
C CYS A 69 7.03 -4.60 -7.09
N GLY A 70 7.80 -5.23 -6.22
CA GLY A 70 9.15 -5.66 -6.58
C GLY A 70 9.92 -6.14 -5.36
N SER A 71 10.98 -6.90 -5.61
CA SER A 71 11.80 -7.41 -4.52
C SER A 71 12.56 -6.29 -3.82
N ARG A 72 12.69 -5.15 -4.50
CA ARG A 72 13.39 -4.01 -3.94
C ARG A 72 12.57 -3.35 -2.85
N SER A 73 13.17 -3.17 -1.68
CA SER A 73 12.48 -2.54 -0.57
C SER A 73 13.46 -2.27 0.57
N ILE A 74 13.04 -1.44 1.53
CA ILE A 74 13.88 -1.12 2.67
C ILE A 74 13.60 -2.07 3.83
N GLN A 75 14.65 -2.78 4.28
CA GLN A 75 14.50 -3.72 5.37
C GLN A 75 15.86 -4.22 5.81
N HIS A 76 16.22 -3.96 7.07
CA HIS A 76 17.50 -4.39 7.60
C HIS A 76 18.64 -4.00 6.66
N CYS A 77 19.18 -4.99 5.95
CA CYS A 77 20.28 -4.75 5.02
C CYS A 77 19.75 -4.21 3.69
N ASN A 78 18.45 -3.91 3.66
CA ASN A 78 17.82 -3.37 2.46
C ASN A 78 17.99 -4.33 1.28
N ILE A 79 18.04 -5.62 1.58
CA ILE A 79 18.19 -6.64 0.55
C ILE A 79 17.71 -8.00 1.06
N ARG A 80 17.50 -8.94 0.14
CA ARG A 80 17.04 -10.27 0.52
C ARG A 80 18.20 -11.25 0.51
N CYS A 81 18.64 -11.63 1.71
CA CYS A 81 19.75 -12.58 1.85
C CYS A 81 19.18 -13.95 2.25
N MET A 82 19.54 -14.98 1.50
CA MET A 82 19.06 -16.34 1.78
C MET A 82 20.13 -17.36 1.41
N ASN A 83 19.93 -18.61 1.83
CA ASN A 83 20.89 -19.67 1.52
C ASN A 83 22.27 -19.34 2.10
N GLY A 84 22.28 -18.78 3.31
CA GLY A 84 23.53 -18.43 3.96
C GLY A 84 24.06 -17.12 3.43
N GLY A 85 23.17 -16.32 2.85
CA GLY A 85 23.56 -15.04 2.30
C GLY A 85 24.02 -14.10 3.41
N SER A 86 24.95 -13.21 3.07
CA SER A 86 25.47 -12.26 4.06
C SER A 86 25.37 -10.83 3.53
N CYS A 87 25.09 -9.90 4.43
CA CYS A 87 24.96 -8.49 4.05
C CYS A 87 26.32 -7.83 3.95
N SER A 88 26.62 -7.24 2.80
CA SER A 88 27.90 -6.57 2.59
C SER A 88 27.73 -5.40 1.63
N ASP A 89 27.88 -4.18 2.15
CA ASP A 89 27.76 -3.00 1.32
C ASP A 89 26.44 -2.99 0.57
N ASP A 90 25.34 -3.20 1.29
CA ASP A 90 24.01 -3.21 0.67
C ASP A 90 23.95 -4.25 -0.43
N HIS A 91 24.67 -5.37 -0.25
CA HIS A 91 24.69 -6.43 -1.24
C HIS A 91 24.77 -7.80 -0.57
N CYS A 92 24.01 -8.76 -1.09
CA CYS A 92 24.01 -10.11 -0.54
C CYS A 92 25.12 -10.96 -1.15
N LEU A 93 25.93 -11.55 -0.29
CA LEU A 93 27.03 -12.40 -0.74
C LEU A 93 26.59 -13.84 -0.75
N CYS A 94 26.77 -14.50 -1.90
CA CYS A 94 26.39 -15.91 -2.06
C CYS A 94 27.61 -16.81 -2.00
N GLN A 95 27.47 -17.93 -1.31
CA GLN A 95 28.57 -18.88 -1.17
C GLN A 95 28.63 -19.80 -2.39
N LYS A 96 29.64 -20.66 -2.44
CA LYS A 96 29.79 -21.58 -3.56
C LYS A 96 28.61 -22.55 -3.61
N GLY A 97 28.05 -22.73 -4.80
CA GLY A 97 26.90 -23.62 -5.00
C GLY A 97 25.62 -22.83 -5.17
N TYR A 98 25.60 -21.60 -4.64
CA TYR A 98 24.43 -20.72 -4.76
C TYR A 98 24.81 -19.41 -5.41
N ILE A 99 23.94 -18.92 -6.31
CA ILE A 99 24.19 -17.65 -7.01
C ILE A 99 22.90 -16.86 -7.13
N GLY A 100 22.94 -15.80 -7.94
CA GLY A 100 21.78 -14.96 -8.16
C GLY A 100 21.83 -13.72 -7.28
N THR A 101 21.00 -12.74 -7.60
CA THR A 101 20.97 -11.49 -6.84
C THR A 101 20.53 -11.76 -5.39
N HIS A 102 19.47 -12.56 -5.24
CA HIS A 102 18.97 -12.90 -3.91
C HIS A 102 19.73 -14.08 -3.33
N CYS A 103 20.68 -14.60 -4.11
CA CYS A 103 21.48 -15.74 -3.65
C CYS A 103 20.58 -16.90 -3.24
N GLY A 104 19.84 -17.44 -4.21
CA GLY A 104 18.94 -18.56 -3.94
C GLY A 104 18.97 -19.55 -5.09
N GLN A 105 19.70 -19.22 -6.15
CA GLN A 105 19.79 -20.11 -7.31
C GLN A 105 20.91 -21.14 -7.11
N PRO A 106 20.61 -22.42 -7.00
CA PRO A 106 21.65 -23.47 -6.80
C PRO A 106 22.41 -23.79 -8.10
N VAL A 107 23.62 -24.32 -7.95
CA VAL A 107 24.45 -24.68 -9.11
C VAL A 107 24.76 -26.17 -9.09
N CYS A 108 24.43 -26.86 -10.17
CA CYS A 108 24.67 -28.30 -10.26
C CYS A 108 25.95 -28.58 -11.05
N GLU A 109 26.99 -28.99 -10.33
CA GLU A 109 28.27 -29.28 -10.96
C GLU A 109 28.18 -30.54 -11.82
N SER A 110 27.43 -31.52 -11.35
CA SER A 110 27.27 -32.77 -12.09
C SER A 110 26.15 -32.67 -13.11
N GLY A 111 25.39 -31.58 -13.04
CA GLY A 111 24.29 -31.39 -13.99
C GLY A 111 23.23 -32.47 -13.81
N CYS A 112 22.36 -32.60 -14.81
CA CYS A 112 21.30 -33.61 -14.78
C CYS A 112 21.50 -34.62 -15.90
N LEU A 113 21.02 -35.84 -15.69
CA LEU A 113 21.17 -36.88 -16.70
C LEU A 113 20.08 -36.75 -17.76
N ASN A 114 19.20 -35.77 -17.58
CA ASN A 114 18.12 -35.55 -18.53
C ASN A 114 17.40 -34.24 -18.22
N GLY A 115 16.10 -34.20 -18.50
CA GLY A 115 15.32 -33.00 -18.23
C GLY A 115 15.13 -32.79 -16.73
N GLY A 116 16.08 -33.29 -15.94
CA GLY A 116 16.01 -33.15 -14.49
C GLY A 116 16.10 -31.70 -14.09
N ARG A 117 15.95 -31.43 -12.79
CA ARG A 117 16.01 -30.07 -12.27
C ARG A 117 17.00 -29.97 -11.11
N CYS A 118 17.81 -28.91 -11.11
CA CYS A 118 18.80 -28.71 -10.06
C CYS A 118 18.15 -28.14 -8.81
N VAL A 119 17.85 -29.02 -7.85
CA VAL A 119 17.21 -28.59 -6.61
C VAL A 119 18.20 -27.89 -5.69
N ALA A 120 19.40 -28.47 -5.55
CA ALA A 120 20.42 -27.90 -4.68
C ALA A 120 21.81 -28.12 -5.29
N PRO A 121 22.84 -27.57 -4.70
CA PRO A 121 24.22 -27.74 -5.20
C PRO A 121 24.58 -29.21 -5.41
N ASN A 122 25.10 -29.52 -6.59
CA ASN A 122 25.48 -30.88 -6.92
C ASN A 122 24.31 -31.83 -6.65
N ARG A 123 23.09 -31.33 -6.85
CA ARG A 123 21.90 -32.14 -6.62
C ARG A 123 20.86 -31.89 -7.73
N CYS A 124 20.40 -32.98 -8.34
CA CYS A 124 19.41 -32.88 -9.41
C CYS A 124 18.37 -33.99 -9.27
N ALA A 125 17.14 -33.70 -9.73
CA ALA A 125 16.04 -34.66 -9.67
C ALA A 125 15.77 -35.20 -11.07
N CYS A 126 15.62 -36.51 -11.18
CA CYS A 126 15.38 -37.16 -12.47
C CYS A 126 13.90 -37.03 -12.82
N THR A 127 13.62 -36.38 -13.95
CA THR A 127 12.24 -36.18 -14.39
C THR A 127 11.59 -37.48 -14.83
N TYR A 128 12.31 -38.26 -15.63
CA TYR A 128 11.82 -39.52 -16.15
C TYR A 128 12.40 -40.70 -15.38
N GLY A 129 12.74 -40.44 -14.13
CA GLY A 129 13.31 -41.49 -13.28
C GLY A 129 14.60 -42.01 -13.89
N PHE A 130 15.33 -41.11 -14.54
CA PHE A 130 16.58 -41.50 -15.19
C PHE A 130 17.57 -42.00 -14.15
N THR A 131 18.11 -43.21 -14.37
CA THR A 131 19.07 -43.79 -13.43
C THR A 131 20.48 -43.28 -13.70
N GLY A 132 21.36 -43.44 -12.71
CA GLY A 132 22.75 -43.00 -12.84
C GLY A 132 23.27 -42.43 -11.53
N PRO A 133 24.57 -42.37 -11.37
CA PRO A 133 25.21 -41.85 -10.12
C PRO A 133 24.96 -40.35 -9.91
N GLN A 134 24.73 -39.63 -11.01
CA GLN A 134 24.51 -38.19 -10.93
C GLN A 134 23.10 -37.87 -10.42
N CYS A 135 22.09 -38.52 -11.02
CA CYS A 135 20.69 -38.30 -10.63
C CYS A 135 20.11 -39.54 -9.95
N GLU A 136 19.27 -40.27 -10.67
CA GLU A 136 18.65 -41.46 -10.14
C GLU A 136 17.86 -41.15 -8.87
N SER A 1 -6.42 1.46 12.34
CA SER A 1 -7.07 2.26 13.41
C SER A 1 -8.58 2.04 13.36
N ALA A 2 -9.30 2.75 14.23
CA ALA A 2 -10.76 2.63 14.26
C ALA A 2 -11.37 3.16 12.98
N ARG A 3 -12.39 2.46 12.47
CA ARG A 3 -13.05 2.86 11.25
C ARG A 3 -14.05 3.98 11.53
N GLY A 4 -14.19 4.90 10.58
CA GLY A 4 -15.12 6.01 10.73
C GLY A 4 -16.55 5.58 10.40
N GLY A 5 -17.49 6.50 10.59
CA GLY A 5 -18.89 6.22 10.30
C GLY A 5 -19.73 7.49 10.37
N GLY A 6 -20.98 7.38 9.94
CA GLY A 6 -21.88 8.53 9.94
C GLY A 6 -23.28 8.14 9.49
N GLY A 7 -24.12 9.13 9.23
CA GLY A 7 -25.49 8.87 8.78
C GLY A 7 -25.49 8.17 7.44
N HIS A 8 -26.67 7.74 7.00
CA HIS A 8 -26.80 7.04 5.72
C HIS A 8 -26.43 7.98 4.56
N ASP A 9 -26.95 9.21 4.62
CA ASP A 9 -26.67 10.18 3.57
C ASP A 9 -25.18 10.53 3.54
N ALA A 10 -24.57 10.58 4.71
CA ALA A 10 -23.14 10.89 4.81
C ALA A 10 -22.31 9.79 4.16
N LEU A 11 -21.15 10.17 3.63
CA LEU A 11 -20.27 9.21 2.98
C LEU A 11 -19.79 8.17 3.99
N LYS A 12 -19.66 6.94 3.52
CA LYS A 12 -19.21 5.84 4.38
C LYS A 12 -17.77 5.49 4.07
N GLY A 13 -17.13 4.78 4.99
CA GLY A 13 -15.74 4.38 4.83
C GLY A 13 -14.83 5.16 5.78
N PRO A 14 -13.64 4.66 6.02
CA PRO A 14 -12.66 5.32 6.91
C PRO A 14 -11.94 6.48 6.22
N ASN A 15 -12.33 6.77 4.98
CA ASN A 15 -11.72 7.86 4.21
C ASN A 15 -12.77 8.86 3.75
N VAL A 16 -13.35 9.59 4.71
CA VAL A 16 -14.38 10.58 4.39
C VAL A 16 -13.89 11.98 4.77
N CYS A 17 -14.04 12.92 3.83
CA CYS A 17 -13.60 14.29 4.07
C CYS A 17 -14.58 15.26 3.43
N GLY A 18 -14.35 16.55 3.63
CA GLY A 18 -15.23 17.58 3.07
C GLY A 18 -16.40 17.85 4.00
N SER A 19 -17.17 18.90 3.70
CA SER A 19 -18.32 19.26 4.50
C SER A 19 -19.50 18.35 4.18
N ARG A 20 -20.54 18.41 5.01
CA ARG A 20 -21.71 17.57 4.79
C ARG A 20 -22.37 17.90 3.45
N TYR A 21 -22.49 19.20 3.16
CA TYR A 21 -23.10 19.63 1.91
C TYR A 21 -22.22 19.24 0.71
N ASN A 22 -20.91 19.37 0.88
CA ASN A 22 -19.96 19.04 -0.18
C ASN A 22 -18.99 17.97 0.29
N ALA A 23 -19.52 16.92 0.90
CA ALA A 23 -18.69 15.82 1.38
C ALA A 23 -18.09 15.04 0.22
N TYR A 24 -16.85 14.57 0.40
CA TYR A 24 -16.16 13.81 -0.64
C TYR A 24 -15.14 12.86 -0.02
N CYS A 25 -14.64 11.94 -0.83
CA CYS A 25 -13.64 10.99 -0.36
C CYS A 25 -12.29 11.67 -0.16
N CYS A 26 -11.68 11.43 0.99
CA CYS A 26 -10.39 12.05 1.28
C CYS A 26 -9.39 11.82 0.15
N PRO A 27 -8.45 12.72 -0.04
CA PRO A 27 -7.44 12.58 -1.12
C PRO A 27 -6.85 11.17 -1.19
N GLY A 28 -6.85 10.60 -2.39
CA GLY A 28 -6.33 9.25 -2.61
C GLY A 28 -7.46 8.24 -2.66
N TRP A 29 -8.61 8.60 -2.09
CA TRP A 29 -9.78 7.71 -2.08
C TRP A 29 -10.87 8.28 -2.96
N LYS A 30 -11.53 7.41 -3.72
CA LYS A 30 -12.61 7.81 -4.62
C LYS A 30 -13.92 7.13 -4.22
N THR A 31 -14.96 7.35 -5.01
CA THR A 31 -16.27 6.75 -4.72
C THR A 31 -16.56 5.63 -5.70
N LEU A 32 -17.39 4.69 -5.27
CA LEU A 32 -17.74 3.55 -6.12
C LEU A 32 -18.95 3.89 -6.98
N PRO A 33 -19.06 3.30 -8.14
CA PRO A 33 -20.21 3.54 -9.06
C PRO A 33 -21.54 3.67 -8.29
N GLY A 34 -22.03 4.91 -8.18
CA GLY A 34 -23.28 5.16 -7.50
C GLY A 34 -23.13 4.93 -5.99
N GLY A 35 -22.00 4.38 -5.60
CA GLY A 35 -21.74 4.11 -4.19
C GLY A 35 -21.22 5.36 -3.49
N ASN A 36 -21.17 5.30 -2.15
CA ASN A 36 -20.68 6.43 -1.35
C ASN A 36 -19.57 5.98 -0.41
N GLN A 37 -19.04 4.78 -0.64
CA GLN A 37 -17.97 4.25 0.20
C GLN A 37 -16.60 4.64 -0.35
N CYS A 38 -15.80 5.29 0.47
CA CYS A 38 -14.46 5.70 0.06
C CYS A 38 -13.46 4.63 0.44
N ILE A 39 -13.55 3.47 -0.22
CA ILE A 39 -12.65 2.34 0.05
C ILE A 39 -11.88 1.95 -1.20
N VAL A 40 -11.72 2.90 -2.12
CA VAL A 40 -10.99 2.64 -3.36
C VAL A 40 -9.77 3.56 -3.46
N PRO A 41 -8.61 3.08 -3.07
CA PRO A 41 -7.35 3.89 -3.11
C PRO A 41 -6.77 3.98 -4.51
N ILE A 42 -5.97 5.01 -4.74
CA ILE A 42 -5.33 5.23 -6.04
C ILE A 42 -3.83 5.02 -5.94
N CYS A 43 -3.29 4.24 -6.88
CA CYS A 43 -1.86 3.95 -6.90
C CYS A 43 -1.10 5.06 -7.64
N ARG A 44 0.05 5.44 -7.10
CA ARG A 44 0.85 6.49 -7.72
C ARG A 44 1.30 6.07 -9.12
N HIS A 45 1.78 4.82 -9.22
CA HIS A 45 2.25 4.28 -10.50
C HIS A 45 1.50 3.01 -10.85
N SER A 46 2.22 1.90 -10.95
CA SER A 46 1.60 0.62 -11.27
C SER A 46 2.29 -0.50 -10.52
N CYS A 47 1.49 -1.38 -9.93
CA CYS A 47 2.02 -2.52 -9.16
C CYS A 47 2.12 -3.76 -10.06
N GLY A 48 1.36 -3.76 -11.13
CA GLY A 48 1.37 -4.90 -12.05
C GLY A 48 0.70 -6.12 -11.41
N ASP A 49 1.53 -7.02 -10.90
CA ASP A 49 1.02 -8.23 -10.27
C ASP A 49 0.47 -7.93 -8.89
N GLY A 50 0.57 -6.66 -8.48
CA GLY A 50 0.07 -6.24 -7.16
C GLY A 50 -1.26 -5.51 -7.31
N PHE A 51 -1.77 -5.00 -6.20
CA PHE A 51 -3.03 -4.27 -6.19
C PHE A 51 -2.96 -3.08 -5.26
N CYS A 52 -3.79 -2.06 -5.55
CA CYS A 52 -3.80 -0.86 -4.73
C CYS A 52 -4.45 -1.12 -3.39
N SER A 53 -3.61 -1.17 -2.34
CA SER A 53 -4.11 -1.43 -0.99
C SER A 53 -4.31 -0.11 -0.25
N ARG A 54 -3.64 0.93 -0.73
CA ARG A 54 -3.75 2.24 -0.10
C ARG A 54 -3.28 3.35 -1.05
N PRO A 55 -3.54 4.59 -0.70
CA PRO A 55 -3.10 5.76 -1.52
C PRO A 55 -1.61 5.67 -1.84
N ASN A 56 -1.30 5.81 -3.13
CA ASN A 56 0.10 5.75 -3.58
C ASN A 56 0.81 4.60 -2.91
N MET A 57 0.08 3.52 -2.66
CA MET A 57 0.64 2.33 -2.00
C MET A 57 -0.03 1.06 -2.51
N CYS A 58 0.76 0.17 -3.07
CA CYS A 58 0.25 -1.10 -3.60
C CYS A 58 0.91 -2.27 -2.87
N THR A 59 0.29 -3.44 -2.97
CA THR A 59 0.81 -4.64 -2.31
C THR A 59 1.11 -5.71 -3.33
N CYS A 60 2.33 -6.24 -3.29
CA CYS A 60 2.74 -7.28 -4.23
C CYS A 60 2.44 -8.66 -3.62
N PRO A 61 2.22 -9.66 -4.44
CA PRO A 61 1.96 -11.06 -3.97
C PRO A 61 2.95 -11.48 -2.89
N SER A 62 4.15 -10.91 -2.92
CA SER A 62 5.18 -11.25 -1.94
C SER A 62 4.73 -10.86 -0.54
N GLY A 63 3.72 -9.99 -0.47
CA GLY A 63 3.19 -9.53 0.82
C GLY A 63 3.81 -8.20 1.21
N GLN A 64 4.74 -7.72 0.40
CA GLN A 64 5.40 -6.44 0.67
C GLN A 64 4.51 -5.29 0.22
N ILE A 65 4.63 -4.16 0.93
CA ILE A 65 3.83 -2.98 0.61
C ILE A 65 4.74 -1.79 0.33
N ALA A 66 4.44 -1.05 -0.73
CA ALA A 66 5.24 0.11 -1.08
C ALA A 66 4.64 0.84 -2.29
N PRO A 67 5.21 1.96 -2.66
CA PRO A 67 4.76 2.75 -3.83
C PRO A 67 4.75 1.90 -5.11
N SER A 68 5.59 0.87 -5.14
CA SER A 68 5.69 -0.01 -6.31
C SER A 68 5.75 -1.46 -5.87
N CYS A 69 5.59 -2.36 -6.82
CA CYS A 69 5.60 -3.79 -6.51
C CYS A 69 7.02 -4.28 -6.26
N GLY A 70 7.91 -3.35 -5.95
CA GLY A 70 9.30 -3.70 -5.67
C GLY A 70 9.49 -3.99 -4.19
N SER A 71 9.89 -5.21 -3.87
CA SER A 71 10.10 -5.60 -2.49
C SER A 71 11.22 -4.77 -1.86
N ARG A 72 10.93 -4.17 -0.70
CA ARG A 72 11.92 -3.35 -0.01
C ARG A 72 13.04 -4.23 0.53
N SER A 73 12.67 -5.38 1.11
CA SER A 73 13.64 -6.31 1.67
C SER A 73 13.14 -7.74 1.54
N ILE A 74 14.08 -8.67 1.31
CA ILE A 74 13.73 -10.08 1.17
C ILE A 74 13.15 -10.62 2.49
N GLN A 75 13.80 -10.28 3.60
CA GLN A 75 13.35 -10.73 4.91
C GLN A 75 12.37 -9.74 5.52
N HIS A 76 11.14 -10.20 5.74
CA HIS A 76 10.10 -9.35 6.31
C HIS A 76 8.84 -10.17 6.58
N CYS A 77 7.88 -9.54 7.25
CA CYS A 77 6.61 -10.21 7.56
C CYS A 77 5.91 -10.61 6.28
N ASN A 78 5.64 -11.91 6.14
CA ASN A 78 4.97 -12.42 4.94
C ASN A 78 3.45 -12.39 5.14
N ILE A 79 3.02 -11.78 6.24
CA ILE A 79 1.59 -11.66 6.54
C ILE A 79 1.23 -10.22 6.90
N ARG A 80 -0.05 -9.93 6.91
CA ARG A 80 -0.53 -8.59 7.25
C ARG A 80 -1.02 -8.54 8.68
N CYS A 81 -0.47 -7.61 9.46
CA CYS A 81 -0.85 -7.45 10.87
C CYS A 81 -1.44 -6.07 11.08
N MET A 82 -2.61 -6.02 11.70
CA MET A 82 -3.28 -4.74 11.96
C MET A 82 -3.95 -4.77 13.33
N ASN A 83 -4.36 -3.59 13.81
CA ASN A 83 -5.00 -3.50 15.11
C ASN A 83 -4.10 -4.03 16.21
N GLY A 84 -2.80 -3.70 16.12
CA GLY A 84 -1.85 -4.15 17.12
C GLY A 84 -1.49 -5.62 16.91
N GLY A 85 -1.71 -6.10 15.69
CA GLY A 85 -1.42 -7.49 15.38
C GLY A 85 0.08 -7.77 15.51
N SER A 86 0.42 -8.97 15.96
CA SER A 86 1.82 -9.36 16.12
C SER A 86 2.26 -10.25 14.99
N CYS A 87 3.38 -9.89 14.35
CA CYS A 87 3.91 -10.67 13.23
C CYS A 87 4.77 -11.81 13.75
N SER A 88 4.37 -13.05 13.42
CA SER A 88 5.13 -14.23 13.85
C SER A 88 5.14 -15.27 12.75
N ASP A 89 6.31 -15.87 12.53
CA ASP A 89 6.45 -16.90 11.49
C ASP A 89 5.66 -16.52 10.24
N ASP A 90 4.68 -17.34 9.88
CA ASP A 90 3.84 -17.09 8.71
C ASP A 90 2.41 -16.79 9.13
N HIS A 91 2.21 -16.55 10.42
CA HIS A 91 0.88 -16.25 10.94
C HIS A 91 0.92 -15.04 11.86
N CYS A 92 -0.20 -14.33 11.96
CA CYS A 92 -0.30 -13.14 12.80
C CYS A 92 -1.38 -13.33 13.86
N LEU A 93 -1.18 -12.70 15.02
CA LEU A 93 -2.13 -12.80 16.12
C LEU A 93 -2.92 -11.51 16.26
N CYS A 94 -4.23 -11.64 16.42
CA CYS A 94 -5.09 -10.47 16.55
C CYS A 94 -5.38 -10.20 18.03
N GLN A 95 -5.42 -8.93 18.41
CA GLN A 95 -5.68 -8.55 19.79
C GLN A 95 -7.15 -8.76 20.13
N LYS A 96 -7.48 -8.64 21.41
CA LYS A 96 -8.85 -8.82 21.85
C LYS A 96 -9.74 -7.71 21.30
N GLY A 97 -10.89 -8.09 20.76
CA GLY A 97 -11.83 -7.12 20.17
C GLY A 97 -11.78 -7.18 18.65
N TYR A 98 -10.69 -7.73 18.11
CA TYR A 98 -10.54 -7.83 16.66
C TYR A 98 -10.33 -9.30 16.26
N ILE A 99 -11.00 -9.71 15.19
CA ILE A 99 -10.90 -11.09 14.70
C ILE A 99 -10.56 -11.10 13.21
N GLY A 100 -10.25 -12.28 12.69
CA GLY A 100 -9.90 -12.43 11.28
C GLY A 100 -8.48 -12.95 11.13
N THR A 101 -8.16 -13.44 9.94
CA THR A 101 -6.83 -13.98 9.67
C THR A 101 -5.78 -12.87 9.80
N HIS A 102 -6.10 -11.69 9.28
CA HIS A 102 -5.19 -10.55 9.34
C HIS A 102 -5.68 -9.51 10.34
N CYS A 103 -6.80 -9.82 11.00
CA CYS A 103 -7.37 -8.91 11.98
C CYS A 103 -7.96 -7.70 11.28
N GLY A 104 -9.11 -7.25 11.77
CA GLY A 104 -9.76 -6.08 11.18
C GLY A 104 -11.24 -6.07 11.54
N GLN A 105 -11.80 -7.25 11.78
CA GLN A 105 -13.21 -7.34 12.10
C GLN A 105 -13.44 -7.10 13.61
N PRO A 106 -14.14 -6.06 13.98
CA PRO A 106 -14.41 -5.74 15.41
C PRO A 106 -15.46 -6.66 16.02
N VAL A 107 -15.39 -6.85 17.33
CA VAL A 107 -16.35 -7.70 18.03
C VAL A 107 -17.21 -6.86 18.98
N CYS A 108 -18.52 -7.01 18.86
CA CYS A 108 -19.46 -6.28 19.72
C CYS A 108 -19.97 -7.17 20.82
N GLU A 109 -19.40 -7.03 22.01
CA GLU A 109 -19.80 -7.84 23.15
C GLU A 109 -21.25 -7.54 23.53
N SER A 110 -21.62 -6.27 23.41
CA SER A 110 -22.98 -5.85 23.74
C SER A 110 -23.92 -6.10 22.56
N GLY A 111 -23.33 -6.48 21.42
CA GLY A 111 -24.13 -6.75 20.22
C GLY A 111 -24.87 -5.50 19.78
N CYS A 112 -25.80 -5.67 18.84
CA CYS A 112 -26.58 -4.54 18.34
C CYS A 112 -28.04 -4.96 18.12
N LEU A 113 -28.94 -4.35 18.88
CA LEU A 113 -30.35 -4.69 18.78
C LEU A 113 -30.89 -4.36 17.39
N ASN A 114 -30.49 -3.20 16.87
CA ASN A 114 -30.93 -2.78 15.55
C ASN A 114 -29.93 -3.21 14.48
N GLY A 115 -30.29 -3.00 13.22
CA GLY A 115 -29.42 -3.36 12.11
C GLY A 115 -28.19 -2.46 12.07
N GLY A 116 -27.71 -2.06 13.25
CA GLY A 116 -26.54 -1.19 13.33
C GLY A 116 -25.30 -1.93 12.85
N ARG A 117 -24.18 -1.20 12.76
CA ARG A 117 -22.91 -1.78 12.31
C ARG A 117 -21.82 -1.58 13.36
N CYS A 118 -21.01 -2.61 13.57
CA CYS A 118 -19.94 -2.54 14.57
C CYS A 118 -18.73 -1.82 13.98
N VAL A 119 -18.51 -0.59 14.42
CA VAL A 119 -17.38 0.20 13.93
C VAL A 119 -16.11 -0.16 14.70
N ALA A 120 -16.28 -0.56 15.96
CA ALA A 120 -15.13 -0.93 16.78
C ALA A 120 -15.58 -1.82 17.95
N PRO A 121 -14.64 -2.35 18.69
CA PRO A 121 -14.96 -3.23 19.86
C PRO A 121 -15.93 -2.55 20.83
N ASN A 122 -16.98 -3.27 21.19
CA ASN A 122 -17.98 -2.75 22.10
C ASN A 122 -18.50 -1.41 21.62
N ARG A 123 -18.59 -1.25 20.30
CA ARG A 123 -19.08 0.00 19.71
C ARG A 123 -19.99 -0.31 18.52
N CYS A 124 -21.20 0.23 18.58
CA CYS A 124 -22.18 0.04 17.50
C CYS A 124 -22.74 1.37 17.03
N ALA A 125 -23.04 1.45 15.73
CA ALA A 125 -23.59 2.67 15.14
C ALA A 125 -24.96 2.40 14.56
N CYS A 126 -25.84 3.40 14.63
CA CYS A 126 -27.19 3.25 14.12
C CYS A 126 -27.23 3.49 12.62
N THR A 127 -27.94 2.63 11.91
CA THR A 127 -28.04 2.75 10.46
C THR A 127 -28.74 4.04 10.07
N TYR A 128 -29.85 4.35 10.75
CA TYR A 128 -30.61 5.56 10.46
C TYR A 128 -30.28 6.65 11.47
N GLY A 129 -29.11 6.53 12.08
CA GLY A 129 -28.67 7.52 13.07
C GLY A 129 -29.61 7.51 14.27
N PHE A 130 -30.18 6.36 14.57
CA PHE A 130 -31.10 6.23 15.69
C PHE A 130 -30.46 6.74 16.97
N THR A 131 -31.29 7.12 17.93
CA THR A 131 -30.79 7.64 19.20
C THR A 131 -30.41 6.49 20.12
N GLY A 132 -29.31 6.66 20.84
CA GLY A 132 -28.83 5.63 21.77
C GLY A 132 -27.66 4.85 21.15
N PRO A 133 -26.73 4.41 21.96
CA PRO A 133 -25.55 3.64 21.48
C PRO A 133 -25.94 2.27 20.92
N GLN A 134 -27.00 1.69 21.48
CA GLN A 134 -27.45 0.36 21.04
C GLN A 134 -28.43 0.50 19.87
N CYS A 135 -28.84 1.73 19.60
CA CYS A 135 -29.77 1.98 18.51
C CYS A 135 -31.06 1.21 18.74
N GLU A 136 -32.17 1.94 18.86
CA GLU A 136 -33.48 1.31 19.08
C GLU A 136 -34.46 1.73 17.98
N SER A 1 -40.10 4.86 -2.80
CA SER A 1 -39.83 5.01 -1.34
C SER A 1 -39.61 3.63 -0.73
N ALA A 2 -38.49 3.00 -1.08
CA ALA A 2 -38.17 1.67 -0.56
C ALA A 2 -37.10 1.77 0.53
N ARG A 3 -37.40 2.55 1.56
CA ARG A 3 -36.46 2.73 2.67
C ARG A 3 -35.03 2.88 2.15
N GLY A 4 -34.66 4.10 1.79
CA GLY A 4 -33.33 4.38 1.27
C GLY A 4 -33.28 4.18 -0.23
N GLY A 5 -34.44 3.87 -0.81
CA GLY A 5 -34.54 3.65 -2.25
C GLY A 5 -34.25 4.94 -3.02
N GLY A 6 -34.51 6.07 -2.39
CA GLY A 6 -34.28 7.36 -3.03
C GLY A 6 -32.84 7.48 -3.50
N GLY A 7 -31.90 7.00 -2.69
CA GLY A 7 -30.49 7.07 -3.04
C GLY A 7 -29.61 6.80 -1.84
N HIS A 8 -28.33 7.10 -1.97
CA HIS A 8 -27.38 6.87 -0.88
C HIS A 8 -27.66 7.85 0.25
N ASP A 9 -27.64 7.34 1.48
CA ASP A 9 -27.89 8.16 2.66
C ASP A 9 -26.84 9.25 2.79
N ALA A 10 -25.58 8.88 2.57
CA ALA A 10 -24.48 9.83 2.67
C ALA A 10 -23.15 9.13 2.39
N LEU A 11 -22.05 9.82 2.70
CA LEU A 11 -20.72 9.27 2.49
C LEU A 11 -20.42 8.20 3.52
N LYS A 12 -19.58 7.25 3.13
CA LYS A 12 -19.20 6.16 4.02
C LYS A 12 -17.71 5.89 3.93
N GLY A 13 -17.20 5.18 4.92
CA GLY A 13 -15.78 4.83 4.98
C GLY A 13 -15.05 5.68 6.03
N PRO A 14 -13.90 5.24 6.47
CA PRO A 14 -13.08 5.97 7.49
C PRO A 14 -12.36 7.19 6.88
N ASN A 15 -12.49 7.36 5.57
CA ASN A 15 -11.85 8.47 4.87
C ASN A 15 -12.90 9.46 4.33
N VAL A 16 -13.48 10.24 5.24
CA VAL A 16 -14.50 11.23 4.86
C VAL A 16 -13.99 12.64 5.16
N CYS A 17 -14.10 13.52 4.18
CA CYS A 17 -13.64 14.90 4.33
C CYS A 17 -14.63 15.86 3.68
N GLY A 18 -14.34 17.15 3.79
CA GLY A 18 -15.21 18.16 3.20
C GLY A 18 -16.39 18.45 4.11
N SER A 19 -17.04 19.59 3.89
CA SER A 19 -18.19 19.98 4.69
C SER A 19 -19.45 19.31 4.16
N ARG A 20 -20.55 19.43 4.89
CA ARG A 20 -21.81 18.84 4.49
C ARG A 20 -22.24 19.38 3.13
N TYR A 21 -22.05 20.68 2.93
CA TYR A 21 -22.42 21.31 1.67
C TYR A 21 -21.67 20.68 0.50
N ASN A 22 -20.39 20.37 0.71
CA ASN A 22 -19.57 19.77 -0.33
C ASN A 22 -18.73 18.63 0.23
N ALA A 23 -19.38 17.69 0.92
CA ALA A 23 -18.68 16.55 1.50
C ALA A 23 -18.19 15.60 0.41
N TYR A 24 -17.00 15.04 0.60
CA TYR A 24 -16.44 14.10 -0.37
C TYR A 24 -15.38 13.22 0.28
N CYS A 25 -14.92 12.23 -0.46
CA CYS A 25 -13.89 11.34 0.07
C CYS A 25 -12.57 12.08 0.22
N CYS A 26 -11.86 11.80 1.30
CA CYS A 26 -10.58 12.45 1.56
C CYS A 26 -9.60 12.19 0.42
N PRO A 27 -8.69 13.11 0.15
CA PRO A 27 -7.70 12.93 -0.96
C PRO A 27 -6.88 11.65 -0.81
N GLY A 28 -6.81 10.88 -1.90
CA GLY A 28 -6.07 9.61 -1.91
C GLY A 28 -7.04 8.42 -1.93
N TRP A 29 -8.30 8.68 -1.58
CA TRP A 29 -9.32 7.63 -1.57
C TRP A 29 -10.44 7.96 -2.56
N LYS A 30 -10.84 6.98 -3.35
CA LYS A 30 -11.92 7.16 -4.35
C LYS A 30 -13.12 6.30 -3.99
N THR A 31 -14.13 6.33 -4.84
CA THR A 31 -15.37 5.56 -4.62
C THR A 31 -15.74 4.81 -5.89
N LEU A 32 -16.75 3.94 -5.78
CA LEU A 32 -17.20 3.16 -6.92
C LEU A 32 -18.34 3.89 -7.66
N PRO A 33 -18.60 3.55 -8.91
CA PRO A 33 -19.71 4.21 -9.68
C PRO A 33 -21.05 4.16 -8.94
N GLY A 34 -21.72 5.30 -8.87
CA GLY A 34 -23.01 5.38 -8.20
C GLY A 34 -22.88 5.18 -6.70
N GLY A 35 -21.68 4.79 -6.27
CA GLY A 35 -21.41 4.56 -4.85
C GLY A 35 -20.85 5.80 -4.18
N ASN A 36 -20.60 5.70 -2.87
CA ASN A 36 -20.06 6.82 -2.11
C ASN A 36 -19.13 6.33 -0.99
N GLN A 37 -18.70 5.08 -1.11
CA GLN A 37 -17.81 4.49 -0.11
C GLN A 37 -16.37 4.85 -0.41
N CYS A 38 -15.70 5.51 0.53
CA CYS A 38 -14.30 5.91 0.35
C CYS A 38 -13.38 4.78 0.82
N ILE A 39 -13.77 3.54 0.53
CA ILE A 39 -12.99 2.38 0.93
C ILE A 39 -12.07 1.94 -0.19
N VAL A 40 -12.14 2.62 -1.33
CA VAL A 40 -11.32 2.27 -2.48
C VAL A 40 -10.07 3.17 -2.55
N PRO A 41 -8.87 2.63 -2.37
CA PRO A 41 -7.63 3.44 -2.43
C PRO A 41 -7.24 3.84 -3.86
N ILE A 42 -6.49 4.93 -3.97
CA ILE A 42 -6.05 5.41 -5.28
C ILE A 42 -4.56 5.12 -5.48
N CYS A 43 -4.23 4.43 -6.56
CA CYS A 43 -2.84 4.08 -6.86
C CYS A 43 -2.34 4.96 -8.01
N ARG A 44 -1.35 5.80 -7.75
CA ARG A 44 -0.80 6.67 -8.79
C ARG A 44 -0.13 5.83 -9.88
N HIS A 45 0.58 4.78 -9.47
CA HIS A 45 1.27 3.91 -10.41
C HIS A 45 0.71 2.50 -10.35
N SER A 46 0.76 1.79 -11.48
CA SER A 46 0.24 0.43 -11.53
C SER A 46 1.09 -0.49 -10.66
N CYS A 47 0.42 -1.37 -9.92
CA CYS A 47 1.12 -2.32 -9.06
C CYS A 47 1.67 -3.49 -9.87
N GLY A 48 1.04 -3.78 -11.00
CA GLY A 48 1.48 -4.87 -11.86
C GLY A 48 1.00 -6.21 -11.32
N ASP A 49 1.92 -6.97 -10.72
CA ASP A 49 1.58 -8.28 -10.17
C ASP A 49 0.87 -8.14 -8.83
N GLY A 50 0.75 -6.91 -8.35
CA GLY A 50 0.08 -6.64 -7.07
C GLY A 50 -1.20 -5.85 -7.29
N PHE A 51 -1.63 -5.13 -6.25
CA PHE A 51 -2.86 -4.34 -6.34
C PHE A 51 -2.81 -3.15 -5.38
N CYS A 52 -3.60 -2.13 -5.68
CA CYS A 52 -3.62 -0.94 -4.83
C CYS A 52 -4.15 -1.28 -3.45
N SER A 53 -3.28 -1.18 -2.46
CA SER A 53 -3.67 -1.49 -1.07
C SER A 53 -3.89 -0.22 -0.29
N ARG A 54 -3.24 0.87 -0.70
CA ARG A 54 -3.40 2.14 -0.01
C ARG A 54 -3.04 3.30 -0.93
N PRO A 55 -3.49 4.50 -0.63
CA PRO A 55 -3.19 5.70 -1.45
C PRO A 55 -1.71 5.75 -1.85
N ASN A 56 -1.45 5.73 -3.14
CA ASN A 56 -0.08 5.79 -3.64
C ASN A 56 0.76 4.69 -2.98
N MET A 57 0.18 3.51 -2.86
CA MET A 57 0.87 2.37 -2.25
C MET A 57 0.42 1.06 -2.89
N CYS A 58 1.38 0.34 -3.49
CA CYS A 58 1.11 -0.94 -4.13
C CYS A 58 1.56 -2.08 -3.22
N THR A 59 0.82 -3.18 -3.27
CA THR A 59 1.14 -4.36 -2.46
C THR A 59 1.35 -5.56 -3.36
N CYS A 60 2.51 -6.18 -3.24
CA CYS A 60 2.84 -7.34 -4.05
C CYS A 60 2.34 -8.62 -3.36
N PRO A 61 2.12 -9.68 -4.11
CA PRO A 61 1.64 -10.98 -3.54
C PRO A 61 2.65 -11.56 -2.55
N SER A 62 3.90 -11.11 -2.63
CA SER A 62 4.95 -11.58 -1.73
C SER A 62 4.66 -11.13 -0.30
N GLY A 63 3.78 -10.14 -0.16
CA GLY A 63 3.41 -9.60 1.15
C GLY A 63 4.02 -8.22 1.37
N GLN A 64 5.06 -7.89 0.59
CA GLN A 64 5.70 -6.60 0.72
C GLN A 64 4.76 -5.48 0.29
N ILE A 65 4.93 -4.31 0.89
CA ILE A 65 4.10 -3.14 0.57
C ILE A 65 4.97 -1.92 0.28
N ALA A 66 4.69 -1.25 -0.84
CA ALA A 66 5.46 -0.08 -1.20
C ALA A 66 4.78 0.66 -2.37
N PRO A 67 5.34 1.77 -2.80
CA PRO A 67 4.79 2.57 -3.95
C PRO A 67 4.70 1.74 -5.22
N SER A 68 5.55 0.72 -5.31
CA SER A 68 5.56 -0.15 -6.49
C SER A 68 5.99 -1.57 -6.10
N CYS A 69 5.71 -2.52 -6.98
CA CYS A 69 6.07 -3.91 -6.73
C CYS A 69 7.55 -4.15 -7.00
N GLY A 70 8.13 -3.33 -7.88
CA GLY A 70 9.55 -3.47 -8.23
C GLY A 70 10.28 -2.15 -8.00
N SER A 71 10.60 -1.87 -6.73
CA SER A 71 11.31 -0.64 -6.39
C SER A 71 12.68 -0.62 -7.05
N ARG A 72 13.35 -1.77 -7.06
CA ARG A 72 14.68 -1.88 -7.64
C ARG A 72 14.74 -3.05 -8.64
N SER A 73 15.51 -2.87 -9.71
CA SER A 73 15.65 -3.89 -10.75
C SER A 73 16.94 -4.69 -10.57
N ILE A 74 17.72 -4.33 -9.55
CA ILE A 74 18.99 -5.03 -9.29
C ILE A 74 18.79 -6.08 -8.21
N GLN A 75 19.04 -7.34 -8.56
CA GLN A 75 18.87 -8.45 -7.62
C GLN A 75 19.98 -9.48 -7.82
N HIS A 76 21.20 -9.00 -8.03
CA HIS A 76 22.33 -9.89 -8.24
C HIS A 76 22.68 -10.62 -6.95
N CYS A 77 23.64 -11.52 -7.03
CA CYS A 77 24.05 -12.30 -5.86
C CYS A 77 24.85 -11.41 -4.90
N ASN A 78 24.42 -11.40 -3.64
CA ASN A 78 25.08 -10.59 -2.60
C ASN A 78 26.05 -11.44 -1.78
N ILE A 79 26.34 -12.65 -2.29
CA ILE A 79 27.25 -13.57 -1.60
C ILE A 79 28.45 -13.86 -2.48
N ARG A 80 29.48 -14.44 -1.87
CA ARG A 80 30.72 -14.79 -2.57
C ARG A 80 30.96 -16.29 -2.51
N CYS A 81 30.66 -16.98 -3.61
CA CYS A 81 30.84 -18.43 -3.70
C CYS A 81 32.04 -18.74 -4.59
N MET A 82 32.75 -19.82 -4.27
CA MET A 82 33.93 -20.21 -5.03
C MET A 82 34.00 -21.73 -5.13
N ASN A 83 34.97 -22.23 -5.89
CA ASN A 83 35.14 -23.67 -6.06
C ASN A 83 33.88 -24.30 -6.64
N GLY A 84 33.23 -23.58 -7.56
CA GLY A 84 32.02 -24.09 -8.19
C GLY A 84 30.84 -24.03 -7.22
N GLY A 85 30.96 -23.17 -6.22
CA GLY A 85 29.89 -23.02 -5.24
C GLY A 85 28.72 -22.24 -5.82
N SER A 86 27.50 -22.74 -5.58
CA SER A 86 26.31 -22.08 -6.09
C SER A 86 25.84 -21.01 -5.11
N CYS A 87 25.59 -19.81 -5.63
CA CYS A 87 25.14 -18.71 -4.80
C CYS A 87 23.62 -18.72 -4.68
N SER A 88 23.12 -19.50 -3.73
CA SER A 88 21.68 -19.59 -3.50
C SER A 88 21.16 -18.34 -2.80
N ASP A 89 19.86 -18.12 -2.86
CA ASP A 89 19.26 -16.95 -2.24
C ASP A 89 19.71 -16.79 -0.80
N ASP A 90 20.51 -15.76 -0.54
CA ASP A 90 21.01 -15.50 0.81
C ASP A 90 21.66 -16.74 1.39
N HIS A 91 22.20 -17.58 0.52
CA HIS A 91 22.86 -18.81 0.95
C HIS A 91 23.75 -19.37 -0.17
N CYS A 92 24.79 -20.10 0.23
CA CYS A 92 25.71 -20.70 -0.73
C CYS A 92 25.84 -22.20 -0.47
N LEU A 93 25.71 -22.99 -1.53
CA LEU A 93 25.80 -24.45 -1.43
C LEU A 93 27.17 -24.92 -1.92
N CYS A 94 27.82 -25.75 -1.12
CA CYS A 94 29.15 -26.26 -1.48
C CYS A 94 29.02 -27.57 -2.23
N GLN A 95 29.69 -27.66 -3.37
CA GLN A 95 29.65 -28.87 -4.18
C GLN A 95 30.57 -29.94 -3.60
N LYS A 96 30.51 -31.14 -4.16
CA LYS A 96 31.35 -32.23 -3.69
C LYS A 96 32.82 -31.90 -3.91
N GLY A 97 33.64 -32.14 -2.88
CA GLY A 97 35.07 -31.87 -2.96
C GLY A 97 35.42 -30.60 -2.18
N TYR A 98 34.43 -29.74 -1.97
CA TYR A 98 34.63 -28.49 -1.23
C TYR A 98 33.59 -28.35 -0.12
N ILE A 99 34.04 -27.87 1.04
CA ILE A 99 33.14 -27.68 2.19
C ILE A 99 33.38 -26.31 2.82
N GLY A 100 32.59 -25.97 3.84
CA GLY A 100 32.73 -24.69 4.53
C GLY A 100 31.58 -23.76 4.18
N THR A 101 31.48 -22.67 4.91
CA THR A 101 30.41 -21.70 4.67
C THR A 101 30.52 -21.12 3.26
N HIS A 102 31.74 -20.74 2.87
CA HIS A 102 31.98 -20.16 1.55
C HIS A 102 32.51 -21.22 0.58
N CYS A 103 32.53 -22.46 1.05
CA CYS A 103 33.02 -23.56 0.23
C CYS A 103 34.45 -23.32 -0.21
N GLY A 104 35.24 -22.72 0.68
CA GLY A 104 36.64 -22.41 0.38
C GLY A 104 37.57 -23.40 1.07
N GLN A 105 37.03 -24.55 1.49
CA GLN A 105 37.82 -25.58 2.16
C GLN A 105 37.81 -26.89 1.36
N PRO A 106 38.82 -27.14 0.55
CA PRO A 106 38.92 -28.41 -0.25
C PRO A 106 38.90 -29.66 0.64
N VAL A 107 38.43 -30.77 0.09
CA VAL A 107 38.35 -32.02 0.84
C VAL A 107 39.64 -32.82 0.67
N CYS A 108 40.20 -33.25 1.79
CA CYS A 108 41.43 -34.04 1.76
C CYS A 108 41.09 -35.50 2.00
N GLU A 109 40.76 -36.21 0.93
CA GLU A 109 40.38 -37.61 1.06
C GLU A 109 41.54 -38.42 1.61
N SER A 110 42.73 -38.20 1.05
CA SER A 110 43.95 -38.90 1.48
C SER A 110 44.91 -37.93 2.16
N GLY A 111 44.75 -36.65 1.85
CA GLY A 111 45.61 -35.62 2.43
C GLY A 111 47.09 -35.98 2.28
N CYS A 112 47.97 -35.10 2.72
CA CYS A 112 49.41 -35.33 2.65
C CYS A 112 49.94 -35.84 3.99
N LEU A 113 50.84 -36.81 3.93
CA LEU A 113 51.43 -37.38 5.13
C LEU A 113 52.20 -36.33 5.91
N ASN A 114 52.93 -35.49 5.19
CA ASN A 114 53.72 -34.44 5.82
C ASN A 114 52.84 -33.22 6.12
N GLY A 115 53.45 -32.20 6.72
CA GLY A 115 52.72 -30.99 7.07
C GLY A 115 52.32 -30.22 5.82
N GLY A 116 51.86 -30.95 4.80
CA GLY A 116 51.44 -30.34 3.56
C GLY A 116 50.15 -29.55 3.75
N ARG A 117 49.63 -29.00 2.64
CA ARG A 117 48.38 -28.23 2.70
C ARG A 117 47.42 -28.70 1.64
N CYS A 118 46.13 -28.72 1.98
CA CYS A 118 45.09 -29.17 1.04
C CYS A 118 44.79 -28.09 0.01
N VAL A 119 45.31 -28.26 -1.19
CA VAL A 119 45.08 -27.30 -2.26
C VAL A 119 43.76 -27.56 -2.96
N ALA A 120 43.53 -28.80 -3.37
CA ALA A 120 42.30 -29.17 -4.07
C ALA A 120 41.74 -30.48 -3.52
N PRO A 121 40.60 -30.94 -4.00
CA PRO A 121 39.99 -32.22 -3.52
C PRO A 121 40.98 -33.37 -3.61
N ASN A 122 41.08 -34.16 -2.54
CA ASN A 122 41.99 -35.30 -2.51
C ASN A 122 43.38 -34.90 -3.01
N ARG A 123 43.68 -33.60 -2.92
CA ARG A 123 44.98 -33.09 -3.37
C ARG A 123 45.59 -32.16 -2.32
N CYS A 124 46.89 -32.25 -2.15
CA CYS A 124 47.60 -31.42 -1.19
C CYS A 124 49.02 -31.15 -1.66
N ALA A 125 49.59 -30.05 -1.19
CA ALA A 125 50.96 -29.68 -1.56
C ALA A 125 51.94 -30.29 -0.57
N CYS A 126 53.10 -30.70 -1.06
CA CYS A 126 54.11 -31.32 -0.20
C CYS A 126 54.97 -30.26 0.47
N THR A 127 55.55 -30.60 1.61
CA THR A 127 56.38 -29.66 2.34
C THR A 127 57.60 -29.25 1.51
N TYR A 128 58.26 -30.23 0.90
CA TYR A 128 59.45 -29.97 0.08
C TYR A 128 59.16 -30.17 -1.40
N GLY A 129 57.89 -30.08 -1.75
CA GLY A 129 57.49 -30.25 -3.14
C GLY A 129 57.76 -31.67 -3.62
N PHE A 130 57.59 -32.63 -2.72
CA PHE A 130 57.83 -34.03 -3.05
C PHE A 130 56.76 -34.54 -4.03
N THR A 131 57.18 -35.45 -4.90
CA THR A 131 56.27 -36.01 -5.90
C THR A 131 55.44 -37.12 -5.29
N GLY A 132 54.39 -37.52 -6.00
CA GLY A 132 53.50 -38.57 -5.53
C GLY A 132 52.33 -37.97 -4.74
N PRO A 133 51.21 -38.66 -4.68
CA PRO A 133 50.01 -38.18 -3.95
C PRO A 133 50.22 -38.15 -2.43
N GLN A 134 51.20 -38.92 -1.95
CA GLN A 134 51.51 -39.00 -0.51
C GLN A 134 52.85 -38.35 -0.21
N CYS A 135 53.32 -37.51 -1.14
CA CYS A 135 54.60 -36.83 -0.98
C CYS A 135 55.69 -37.84 -0.60
N GLU A 136 55.36 -39.13 -0.73
CA GLU A 136 56.33 -40.18 -0.40
C GLU A 136 57.32 -40.37 -1.53
N SER A 1 -48.75 19.21 1.09
CA SER A 1 -47.39 19.47 1.66
C SER A 1 -46.36 18.62 0.93
N ALA A 2 -46.05 19.00 -0.31
CA ALA A 2 -45.08 18.26 -1.11
C ALA A 2 -43.69 18.36 -0.48
N ARG A 3 -42.95 17.26 -0.53
CA ARG A 3 -41.60 17.24 0.03
C ARG A 3 -40.64 18.01 -0.86
N GLY A 4 -39.85 18.90 -0.26
CA GLY A 4 -38.88 19.69 -1.01
C GLY A 4 -37.50 19.05 -0.95
N GLY A 5 -36.61 19.49 -1.84
CA GLY A 5 -35.26 18.95 -1.89
C GLY A 5 -35.28 17.44 -2.07
N GLY A 6 -34.42 16.75 -1.33
CA GLY A 6 -34.35 15.30 -1.40
C GLY A 6 -33.33 14.75 -0.41
N GLY A 7 -33.35 13.43 -0.22
CA GLY A 7 -32.42 12.79 0.70
C GLY A 7 -31.08 12.53 0.03
N HIS A 8 -30.07 12.18 0.84
CA HIS A 8 -28.73 11.91 0.31
C HIS A 8 -28.17 10.64 0.93
N ASP A 9 -27.47 9.85 0.12
CA ASP A 9 -26.89 8.60 0.61
C ASP A 9 -25.72 8.90 1.54
N ALA A 10 -25.19 10.11 1.46
CA ALA A 10 -24.06 10.51 2.31
C ALA A 10 -22.88 9.55 2.12
N LEU A 11 -21.68 10.04 2.42
CA LEU A 11 -20.49 9.23 2.27
C LEU A 11 -20.40 8.21 3.41
N LYS A 12 -19.77 7.07 3.13
CA LYS A 12 -19.62 6.01 4.12
C LYS A 12 -18.17 5.54 4.18
N GLY A 13 -17.82 4.90 5.28
CA GLY A 13 -16.46 4.40 5.47
C GLY A 13 -15.51 5.55 5.81
N PRO A 14 -14.28 5.23 6.11
CA PRO A 14 -13.24 6.24 6.47
C PRO A 14 -12.77 7.03 5.24
N ASN A 15 -11.74 7.85 5.42
CA ASN A 15 -11.21 8.64 4.32
C ASN A 15 -12.27 9.57 3.74
N VAL A 16 -13.11 10.13 4.63
CA VAL A 16 -14.17 11.04 4.21
C VAL A 16 -13.74 12.50 4.38
N CYS A 17 -13.94 13.30 3.34
CA CYS A 17 -13.54 14.70 3.38
C CYS A 17 -14.59 15.56 2.66
N GLY A 18 -14.33 16.87 2.60
CA GLY A 18 -15.24 17.78 1.94
C GLY A 18 -16.40 18.15 2.87
N SER A 19 -17.09 19.24 2.54
CA SER A 19 -18.22 19.70 3.34
C SER A 19 -19.48 18.92 2.97
N ARG A 20 -20.55 19.14 3.72
CA ARG A 20 -21.81 18.47 3.45
C ARG A 20 -22.32 18.82 2.07
N TYR A 21 -22.23 20.11 1.72
CA TYR A 21 -22.70 20.57 0.42
C TYR A 21 -21.92 19.90 -0.71
N ASN A 22 -20.61 19.75 -0.50
CA ASN A 22 -19.74 19.14 -1.50
C ASN A 22 -18.83 18.10 -0.87
N ALA A 23 -19.44 17.13 -0.18
CA ALA A 23 -18.67 16.08 0.48
C ALA A 23 -18.06 15.15 -0.58
N TYR A 24 -16.84 14.68 -0.32
CA TYR A 24 -16.15 13.78 -1.24
C TYR A 24 -15.11 12.95 -0.50
N CYS A 25 -14.57 11.95 -1.20
CA CYS A 25 -13.57 11.09 -0.58
C CYS A 25 -12.24 11.82 -0.47
N CYS A 26 -11.55 11.62 0.64
CA CYS A 26 -10.27 12.30 0.87
C CYS A 26 -9.28 11.97 -0.24
N PRO A 27 -8.31 12.84 -0.50
CA PRO A 27 -7.30 12.58 -1.56
C PRO A 27 -6.66 11.20 -1.44
N GLY A 28 -6.61 10.48 -2.55
CA GLY A 28 -6.03 9.13 -2.58
C GLY A 28 -7.12 8.07 -2.58
N TRP A 29 -8.32 8.48 -2.18
CA TRP A 29 -9.47 7.56 -2.14
C TRP A 29 -10.59 8.06 -3.05
N LYS A 30 -11.23 7.13 -3.76
CA LYS A 30 -12.32 7.46 -4.68
C LYS A 30 -13.59 6.73 -4.27
N THR A 31 -14.65 6.88 -5.07
CA THR A 31 -15.92 6.22 -4.79
C THR A 31 -16.15 5.09 -5.80
N LEU A 32 -16.94 4.11 -5.38
CA LEU A 32 -17.22 2.97 -6.25
C LEU A 32 -18.37 3.30 -7.21
N PRO A 33 -18.40 2.67 -8.36
CA PRO A 33 -19.49 2.91 -9.36
C PRO A 33 -20.87 3.01 -8.69
N GLY A 34 -21.44 4.21 -8.71
CA GLY A 34 -22.75 4.43 -8.11
C GLY A 34 -22.69 4.33 -6.59
N GLY A 35 -21.52 3.97 -6.09
CA GLY A 35 -21.31 3.83 -4.65
C GLY A 35 -20.86 5.15 -4.03
N ASN A 36 -20.77 5.17 -2.70
CA ASN A 36 -20.35 6.38 -1.99
C ASN A 36 -19.35 6.04 -0.89
N GLN A 37 -18.83 4.81 -0.91
CA GLN A 37 -17.87 4.37 0.08
C GLN A 37 -16.45 4.69 -0.38
N CYS A 38 -15.69 5.38 0.48
CA CYS A 38 -14.31 5.73 0.13
C CYS A 38 -13.37 4.62 0.60
N ILE A 39 -13.44 3.45 -0.05
CA ILE A 39 -12.59 2.31 0.31
C ILE A 39 -11.76 1.86 -0.88
N VAL A 40 -11.57 2.76 -1.84
CA VAL A 40 -10.78 2.45 -3.04
C VAL A 40 -9.56 3.37 -3.14
N PRO A 41 -8.46 3.00 -2.51
CA PRO A 41 -7.20 3.80 -2.54
C PRO A 41 -6.66 3.95 -3.97
N ILE A 42 -5.96 5.06 -4.21
CA ILE A 42 -5.37 5.33 -5.52
C ILE A 42 -3.86 5.14 -5.47
N CYS A 43 -3.34 4.34 -6.41
CA CYS A 43 -1.90 4.08 -6.49
C CYS A 43 -1.24 5.13 -7.37
N ARG A 44 -0.10 5.66 -6.93
CA ARG A 44 0.59 6.68 -7.69
C ARG A 44 1.03 6.10 -9.05
N HIS A 45 1.60 4.90 -9.02
CA HIS A 45 2.06 4.22 -10.24
C HIS A 45 1.32 2.92 -10.46
N SER A 46 1.47 2.35 -11.64
CA SER A 46 0.79 1.10 -11.97
C SER A 46 1.17 0.01 -10.96
N CYS A 47 0.18 -0.76 -10.54
CA CYS A 47 0.40 -1.84 -9.59
C CYS A 47 0.83 -3.13 -10.31
N GLY A 48 0.30 -3.31 -11.51
CA GLY A 48 0.63 -4.51 -12.29
C GLY A 48 -0.17 -5.71 -11.79
N ASP A 49 0.51 -6.64 -11.14
CA ASP A 49 -0.14 -7.85 -10.62
C ASP A 49 -0.55 -7.66 -9.16
N GLY A 50 -0.29 -6.47 -8.62
CA GLY A 50 -0.64 -6.17 -7.23
C GLY A 50 -1.94 -5.36 -7.17
N PHE A 51 -2.31 -4.96 -5.95
CA PHE A 51 -3.54 -4.17 -5.76
C PHE A 51 -3.28 -3.00 -4.81
N CYS A 52 -3.97 -1.89 -5.07
CA CYS A 52 -3.80 -0.70 -4.26
C CYS A 52 -4.40 -0.90 -2.87
N SER A 53 -3.53 -0.92 -1.86
CA SER A 53 -3.98 -1.13 -0.48
C SER A 53 -4.07 0.19 0.25
N ARG A 54 -3.35 1.20 -0.25
CA ARG A 54 -3.37 2.50 0.38
C ARG A 54 -2.90 3.58 -0.60
N PRO A 55 -3.14 4.84 -0.29
CA PRO A 55 -2.70 5.96 -1.17
C PRO A 55 -1.21 5.86 -1.51
N ASN A 56 -0.90 5.91 -2.79
CA ASN A 56 0.48 5.82 -3.25
C ASN A 56 1.16 4.62 -2.60
N MET A 57 0.40 3.54 -2.42
CA MET A 57 0.93 2.33 -1.81
C MET A 57 0.20 1.09 -2.35
N CYS A 58 0.98 0.18 -2.93
CA CYS A 58 0.43 -1.06 -3.49
C CYS A 58 1.06 -2.26 -2.80
N THR A 59 0.40 -3.40 -2.93
CA THR A 59 0.89 -4.64 -2.34
C THR A 59 0.94 -5.74 -3.39
N CYS A 60 2.09 -6.38 -3.52
CA CYS A 60 2.26 -7.43 -4.51
C CYS A 60 2.02 -8.80 -3.87
N PRO A 61 1.67 -9.81 -4.65
CA PRO A 61 1.45 -11.19 -4.12
C PRO A 61 2.65 -11.67 -3.28
N SER A 62 3.83 -11.13 -3.56
CA SER A 62 5.04 -11.50 -2.82
C SER A 62 4.93 -11.07 -1.36
N GLY A 63 4.01 -10.14 -1.09
CA GLY A 63 3.80 -9.63 0.27
C GLY A 63 4.44 -8.26 0.42
N GLN A 64 5.31 -7.89 -0.50
CA GLN A 64 5.97 -6.59 -0.44
C GLN A 64 4.95 -5.48 -0.59
N ILE A 65 5.23 -4.34 0.02
CA ILE A 65 4.34 -3.18 -0.05
C ILE A 65 5.10 -1.93 -0.46
N ALA A 66 4.56 -1.21 -1.45
CA ALA A 66 5.21 0.02 -1.89
C ALA A 66 4.40 0.67 -3.03
N PRO A 67 4.78 1.85 -3.46
CA PRO A 67 4.08 2.56 -4.57
C PRO A 67 4.03 1.73 -5.85
N SER A 68 4.95 0.76 -5.96
CA SER A 68 5.01 -0.10 -7.13
C SER A 68 5.30 -1.55 -6.73
N CYS A 69 4.98 -2.48 -7.62
CA CYS A 69 5.23 -3.90 -7.34
C CYS A 69 6.70 -4.24 -7.56
N GLY A 70 7.33 -3.55 -8.50
CA GLY A 70 8.74 -3.79 -8.80
C GLY A 70 9.25 -2.80 -9.84
N SER A 71 10.51 -2.95 -10.21
CA SER A 71 11.12 -2.08 -11.20
C SER A 71 10.77 -2.53 -12.61
N ARG A 72 10.11 -3.68 -12.71
CA ARG A 72 9.73 -4.21 -14.02
C ARG A 72 8.71 -3.29 -14.67
N SER A 73 9.03 -2.81 -15.87
CA SER A 73 8.13 -1.91 -16.60
C SER A 73 7.46 -0.92 -15.64
N ILE A 74 8.07 0.25 -15.49
CA ILE A 74 7.53 1.28 -14.60
C ILE A 74 6.72 2.30 -15.40
N GLN A 75 6.70 2.14 -16.71
CA GLN A 75 5.96 3.05 -17.57
C GLN A 75 4.46 2.84 -17.39
N HIS A 76 3.74 3.93 -17.18
CA HIS A 76 2.30 3.86 -16.99
C HIS A 76 1.60 3.37 -18.26
N CYS A 77 2.02 3.92 -19.40
CA CYS A 77 1.46 3.54 -20.70
C CYS A 77 2.55 3.41 -21.76
N ASN A 78 2.43 2.37 -22.59
CA ASN A 78 3.40 2.15 -23.66
C ASN A 78 3.34 3.28 -24.67
N ILE A 79 2.12 3.72 -24.97
CA ILE A 79 1.91 4.81 -25.93
C ILE A 79 1.83 6.14 -25.20
N ARG A 80 1.44 7.18 -25.93
CA ARG A 80 1.33 8.53 -25.37
C ARG A 80 -0.13 8.95 -25.21
N CYS A 81 -0.56 9.00 -23.96
CA CYS A 81 -1.92 9.41 -23.63
C CYS A 81 -1.90 10.72 -22.85
N MET A 82 -2.83 11.61 -23.18
CA MET A 82 -2.91 12.91 -22.52
C MET A 82 -4.37 13.27 -22.23
N ASN A 83 -4.57 14.31 -21.42
CA ASN A 83 -5.92 14.75 -21.08
C ASN A 83 -6.71 13.64 -20.39
N GLY A 84 -6.03 12.92 -19.49
CA GLY A 84 -6.69 11.85 -18.75
C GLY A 84 -6.88 10.62 -19.64
N GLY A 85 -6.10 10.55 -20.71
CA GLY A 85 -6.20 9.43 -21.63
C GLY A 85 -5.60 8.17 -20.99
N SER A 86 -6.04 7.01 -21.47
CA SER A 86 -5.52 5.74 -20.96
C SER A 86 -5.16 4.81 -22.10
N CYS A 87 -4.13 3.99 -21.90
CA CYS A 87 -3.69 3.05 -22.93
C CYS A 87 -4.39 1.71 -22.76
N SER A 88 -4.96 1.20 -23.85
CA SER A 88 -5.63 -0.10 -23.82
C SER A 88 -5.49 -0.80 -25.16
N ASP A 89 -5.24 -2.09 -25.12
CA ASP A 89 -5.09 -2.87 -26.35
C ASP A 89 -4.21 -2.14 -27.36
N ASP A 90 -3.13 -1.52 -26.87
CA ASP A 90 -2.22 -0.78 -27.75
C ASP A 90 -2.94 0.38 -28.41
N HIS A 91 -3.84 1.01 -27.67
CA HIS A 91 -4.60 2.15 -28.20
C HIS A 91 -4.97 3.11 -27.07
N CYS A 92 -4.90 4.41 -27.35
CA CYS A 92 -5.23 5.41 -26.34
C CYS A 92 -6.72 5.74 -26.40
N LEU A 93 -7.36 5.73 -25.24
CA LEU A 93 -8.79 6.03 -25.14
C LEU A 93 -8.99 7.42 -24.56
N CYS A 94 -9.81 8.22 -25.22
CA CYS A 94 -10.08 9.59 -24.77
C CYS A 94 -11.42 9.67 -24.07
N GLN A 95 -11.50 10.52 -23.04
CA GLN A 95 -12.74 10.68 -22.29
C GLN A 95 -13.73 11.53 -23.07
N LYS A 96 -14.93 11.68 -22.53
CA LYS A 96 -15.97 12.46 -23.18
C LYS A 96 -15.57 13.93 -23.22
N GLY A 97 -15.66 14.54 -24.41
CA GLY A 97 -15.31 15.95 -24.58
C GLY A 97 -13.94 16.10 -25.23
N TYR A 98 -13.13 15.04 -25.16
CA TYR A 98 -11.78 15.06 -25.76
C TYR A 98 -11.67 13.96 -26.81
N ILE A 99 -11.10 14.31 -27.97
CA ILE A 99 -10.93 13.36 -29.07
C ILE A 99 -9.51 13.45 -29.62
N GLY A 100 -9.18 12.54 -30.54
CA GLY A 100 -7.86 12.53 -31.16
C GLY A 100 -7.03 11.36 -30.63
N THR A 101 -5.96 11.04 -31.34
CA THR A 101 -5.09 9.94 -30.94
C THR A 101 -4.49 10.20 -29.56
N HIS A 102 -4.02 11.43 -29.34
CA HIS A 102 -3.43 11.82 -28.06
C HIS A 102 -4.44 12.57 -27.21
N CYS A 103 -5.71 12.47 -27.60
CA CYS A 103 -6.79 13.14 -26.88
C CYS A 103 -6.38 14.58 -26.56
N GLY A 104 -5.80 15.25 -27.54
CA GLY A 104 -5.37 16.63 -27.37
C GLY A 104 -6.28 17.60 -28.11
N GLN A 105 -7.43 17.09 -28.57
CA GLN A 105 -8.40 17.92 -29.31
C GLN A 105 -9.77 17.94 -28.60
N PRO A 106 -10.25 19.10 -28.17
CA PRO A 106 -11.57 19.22 -27.48
C PRO A 106 -12.75 19.13 -28.46
N VAL A 107 -13.92 18.76 -27.94
CA VAL A 107 -15.12 18.63 -28.76
C VAL A 107 -15.99 19.87 -28.64
N CYS A 108 -16.07 20.64 -29.71
CA CYS A 108 -16.88 21.84 -29.73
C CYS A 108 -18.29 21.50 -30.22
N GLU A 109 -19.16 21.18 -29.27
CA GLU A 109 -20.53 20.81 -29.60
C GLU A 109 -21.31 22.03 -30.08
N SER A 110 -21.06 23.18 -29.44
CA SER A 110 -21.75 24.42 -29.82
C SER A 110 -20.99 25.16 -30.91
N GLY A 111 -19.75 24.75 -31.17
CA GLY A 111 -18.94 25.40 -32.20
C GLY A 111 -18.82 26.89 -31.92
N CYS A 112 -17.82 27.52 -32.53
CA CYS A 112 -17.58 28.95 -32.35
C CYS A 112 -18.00 29.70 -33.61
N LEU A 113 -18.25 31.00 -33.46
CA LEU A 113 -18.71 31.80 -34.58
C LEU A 113 -17.66 31.85 -35.68
N ASN A 114 -16.39 32.00 -35.28
CA ASN A 114 -15.28 32.06 -36.23
C ASN A 114 -14.04 32.69 -35.58
N GLY A 115 -14.20 33.93 -35.12
CA GLY A 115 -13.09 34.64 -34.49
C GLY A 115 -12.59 33.91 -33.26
N GLY A 116 -13.53 33.42 -32.45
CA GLY A 116 -13.17 32.69 -31.24
C GLY A 116 -12.58 31.34 -31.59
N ARG A 117 -12.00 30.67 -30.59
CA ARG A 117 -11.38 29.36 -30.79
C ARG A 117 -11.89 28.37 -29.74
N CYS A 118 -11.96 27.11 -30.12
CA CYS A 118 -12.43 26.07 -29.21
C CYS A 118 -11.32 25.63 -28.28
N VAL A 119 -11.27 26.21 -27.09
CA VAL A 119 -10.24 25.87 -26.12
C VAL A 119 -10.59 24.56 -25.41
N ALA A 120 -11.82 24.46 -24.94
CA ALA A 120 -12.27 23.26 -24.22
C ALA A 120 -13.61 22.77 -24.78
N PRO A 121 -14.12 21.68 -24.27
CA PRO A 121 -15.42 21.12 -24.75
C PRO A 121 -16.55 22.16 -24.67
N ASN A 122 -17.34 22.26 -25.73
CA ASN A 122 -18.46 23.22 -25.75
C ASN A 122 -18.05 24.55 -25.12
N ARG A 123 -16.79 24.93 -25.30
CA ARG A 123 -16.29 26.18 -24.74
C ARG A 123 -15.49 26.99 -25.77
N CYS A 124 -16.13 28.04 -26.29
CA CYS A 124 -15.50 28.91 -27.28
C CYS A 124 -14.82 30.08 -26.59
N ALA A 125 -13.57 30.34 -26.98
CA ALA A 125 -12.81 31.43 -26.40
C ALA A 125 -12.98 32.69 -27.23
N CYS A 126 -13.07 33.83 -26.56
CA CYS A 126 -13.25 35.10 -27.26
C CYS A 126 -11.90 35.73 -27.55
N THR A 127 -11.74 36.20 -28.80
CA THR A 127 -10.50 36.81 -29.22
C THR A 127 -10.22 38.10 -28.45
N TYR A 128 -11.24 38.95 -28.33
CA TYR A 128 -11.12 40.23 -27.63
C TYR A 128 -11.76 40.18 -26.26
N GLY A 129 -11.87 38.98 -25.72
CA GLY A 129 -12.46 38.80 -24.40
C GLY A 129 -13.91 39.25 -24.39
N PHE A 130 -14.57 39.12 -25.55
CA PHE A 130 -15.97 39.53 -25.67
C PHE A 130 -16.81 38.84 -24.61
N THR A 131 -18.05 39.32 -24.46
CA THR A 131 -18.96 38.76 -23.47
C THR A 131 -19.62 37.51 -24.02
N GLY A 132 -20.22 36.73 -23.13
CA GLY A 132 -20.89 35.49 -23.53
C GLY A 132 -19.88 34.47 -24.06
N PRO A 133 -20.17 33.19 -23.92
CA PRO A 133 -19.25 32.11 -24.40
C PRO A 133 -19.14 32.07 -25.92
N GLN A 134 -20.17 32.57 -26.60
CA GLN A 134 -20.19 32.59 -28.06
C GLN A 134 -19.43 33.81 -28.59
N CYS A 135 -19.12 34.73 -27.69
CA CYS A 135 -18.40 35.94 -28.08
C CYS A 135 -19.20 36.72 -29.12
N GLU A 136 -19.46 37.99 -28.82
CA GLU A 136 -20.21 38.83 -29.75
C GLU A 136 -19.89 40.30 -29.51
N SER A 1 -30.70 10.65 21.63
CA SER A 1 -29.41 11.38 21.46
C SER A 1 -29.68 12.87 21.27
N ALA A 2 -30.41 13.44 22.21
CA ALA A 2 -30.74 14.86 22.14
C ALA A 2 -31.26 15.23 20.75
N ARG A 3 -32.18 14.42 20.25
CA ARG A 3 -32.76 14.66 18.93
C ARG A 3 -31.65 14.86 17.89
N GLY A 4 -31.09 13.75 17.41
CA GLY A 4 -30.02 13.82 16.42
C GLY A 4 -29.64 12.42 15.95
N GLY A 5 -28.54 12.33 15.20
CA GLY A 5 -28.06 11.04 14.70
C GLY A 5 -27.48 11.20 13.29
N GLY A 6 -27.69 12.37 12.70
CA GLY A 6 -27.16 12.63 11.36
C GLY A 6 -27.78 11.68 10.34
N GLY A 7 -26.92 11.03 9.55
CA GLY A 7 -27.38 10.09 8.53
C GLY A 7 -27.72 10.82 7.24
N HIS A 8 -27.45 12.12 7.20
CA HIS A 8 -27.72 12.92 6.02
C HIS A 8 -26.55 12.87 5.05
N ASP A 9 -25.44 12.30 5.50
CA ASP A 9 -24.25 12.19 4.66
C ASP A 9 -24.32 10.94 3.79
N ALA A 10 -24.44 11.16 2.48
CA ALA A 10 -24.52 10.07 1.53
C ALA A 10 -23.23 9.24 1.56
N LEU A 11 -22.13 9.89 1.91
CA LEU A 11 -20.85 9.21 1.98
C LEU A 11 -20.82 8.22 3.13
N LYS A 12 -20.17 7.09 2.91
CA LYS A 12 -20.06 6.03 3.91
C LYS A 12 -18.62 5.58 4.07
N GLY A 13 -18.37 4.92 5.19
CA GLY A 13 -17.03 4.42 5.49
C GLY A 13 -16.10 5.57 5.86
N PRO A 14 -14.90 5.26 6.29
CA PRO A 14 -13.89 6.27 6.68
C PRO A 14 -13.37 7.06 5.47
N ASN A 15 -12.29 7.81 5.68
CA ASN A 15 -11.71 8.59 4.61
C ASN A 15 -12.73 9.58 4.04
N VAL A 16 -13.55 10.13 4.92
CA VAL A 16 -14.58 11.09 4.52
C VAL A 16 -14.11 12.51 4.81
N CYS A 17 -14.30 13.41 3.84
CA CYS A 17 -13.88 14.80 3.98
C CYS A 17 -14.88 15.73 3.32
N GLY A 18 -14.64 17.03 3.42
CA GLY A 18 -15.52 18.01 2.82
C GLY A 18 -16.72 18.29 3.73
N SER A 19 -17.40 19.41 3.47
CA SER A 19 -18.57 19.78 4.26
C SER A 19 -19.80 19.02 3.79
N ARG A 20 -20.90 19.17 4.51
CA ARG A 20 -22.13 18.48 4.14
C ARG A 20 -22.59 18.91 2.74
N TYR A 21 -22.54 20.21 2.47
CA TYR A 21 -22.95 20.72 1.17
C TYR A 21 -22.03 20.21 0.07
N ASN A 22 -20.73 20.14 0.37
CA ASN A 22 -19.73 19.69 -0.59
C ASN A 22 -18.92 18.54 -0.02
N ALA A 23 -19.61 17.54 0.49
CA ALA A 23 -18.93 16.37 1.06
C ALA A 23 -18.29 15.53 -0.05
N TYR A 24 -17.11 14.98 0.24
CA TYR A 24 -16.40 14.14 -0.73
C TYR A 24 -15.36 13.27 -0.04
N CYS A 25 -14.84 12.29 -0.78
CA CYS A 25 -13.85 11.40 -0.21
C CYS A 25 -12.53 12.13 0.00
N CYS A 26 -11.86 11.83 1.10
CA CYS A 26 -10.59 12.47 1.41
C CYS A 26 -9.56 12.22 0.31
N PRO A 27 -8.62 13.12 0.10
CA PRO A 27 -7.58 12.96 -0.96
C PRO A 27 -6.80 11.64 -0.80
N GLY A 28 -6.72 10.87 -1.88
CA GLY A 28 -6.01 9.59 -1.86
C GLY A 28 -6.99 8.42 -1.85
N TRP A 29 -8.28 8.73 -1.65
CA TRP A 29 -9.32 7.70 -1.63
C TRP A 29 -10.42 8.04 -2.63
N LYS A 30 -10.85 7.04 -3.38
CA LYS A 30 -11.90 7.20 -4.37
C LYS A 30 -13.09 6.28 -4.06
N THR A 31 -14.10 6.31 -4.92
CA THR A 31 -15.30 5.48 -4.72
C THR A 31 -15.60 4.69 -5.98
N LEU A 32 -16.48 3.70 -5.85
CA LEU A 32 -16.85 2.87 -6.99
C LEU A 32 -17.96 3.52 -7.81
N PRO A 33 -18.02 3.29 -9.10
CA PRO A 33 -19.09 3.88 -9.95
C PRO A 33 -20.47 3.81 -9.30
N GLY A 34 -21.07 4.97 -9.10
CA GLY A 34 -22.40 5.05 -8.50
C GLY A 34 -22.33 4.78 -7.00
N GLY A 35 -21.13 4.53 -6.51
CA GLY A 35 -20.91 4.26 -5.09
C GLY A 35 -20.63 5.56 -4.33
N ASN A 36 -20.59 5.47 -3.00
CA ASN A 36 -20.33 6.63 -2.16
C ASN A 36 -19.36 6.29 -1.04
N GLN A 37 -18.88 5.05 -1.04
CA GLN A 37 -17.93 4.60 -0.02
C GLN A 37 -16.52 5.02 -0.39
N CYS A 38 -15.80 5.61 0.56
CA CYS A 38 -14.43 6.05 0.31
C CYS A 38 -13.44 5.02 0.84
N ILE A 39 -13.73 3.75 0.60
CA ILE A 39 -12.87 2.66 1.06
C ILE A 39 -11.95 2.19 -0.06
N VAL A 40 -12.03 2.85 -1.21
CA VAL A 40 -11.21 2.47 -2.35
C VAL A 40 -9.99 3.41 -2.47
N PRO A 41 -8.79 2.94 -2.21
CA PRO A 41 -7.56 3.80 -2.30
C PRO A 41 -7.17 4.09 -3.76
N ILE A 42 -6.41 5.16 -3.96
CA ILE A 42 -5.96 5.55 -5.30
C ILE A 42 -4.49 5.18 -5.48
N CYS A 43 -4.21 4.40 -6.54
CA CYS A 43 -2.84 3.98 -6.84
C CYS A 43 -2.18 4.99 -7.76
N ARG A 44 -1.01 5.47 -7.37
CA ARG A 44 -0.30 6.43 -8.18
C ARG A 44 0.07 5.80 -9.54
N HIS A 45 0.58 4.57 -9.48
CA HIS A 45 0.97 3.83 -10.69
C HIS A 45 0.52 2.39 -10.61
N SER A 46 0.34 1.76 -11.76
CA SER A 46 -0.10 0.38 -11.80
C SER A 46 0.89 -0.52 -11.09
N CYS A 47 0.37 -1.45 -10.28
CA CYS A 47 1.21 -2.38 -9.54
C CYS A 47 1.37 -3.69 -10.32
N GLY A 48 0.82 -3.72 -11.53
CA GLY A 48 0.92 -4.91 -12.36
C GLY A 48 0.25 -6.10 -11.70
N ASP A 49 1.05 -6.97 -11.08
CA ASP A 49 0.53 -8.15 -10.41
C ASP A 49 0.23 -7.86 -8.95
N GLY A 50 0.30 -6.58 -8.57
CA GLY A 50 0.02 -6.17 -7.20
C GLY A 50 -1.38 -5.60 -7.09
N PHE A 51 -1.71 -5.07 -5.92
CA PHE A 51 -3.03 -4.47 -5.68
C PHE A 51 -2.92 -3.23 -4.80
N CYS A 52 -3.88 -2.32 -4.95
CA CYS A 52 -3.89 -1.09 -4.17
C CYS A 52 -4.23 -1.36 -2.73
N SER A 53 -3.22 -1.27 -1.87
CA SER A 53 -3.42 -1.52 -0.44
C SER A 53 -3.63 -0.23 0.31
N ARG A 54 -3.13 0.87 -0.26
CA ARG A 54 -3.27 2.17 0.38
C ARG A 54 -3.07 3.30 -0.64
N PRO A 55 -3.42 4.52 -0.27
CA PRO A 55 -3.24 5.69 -1.18
C PRO A 55 -1.80 5.76 -1.71
N ASN A 56 -1.69 5.81 -3.04
CA ASN A 56 -0.38 5.88 -3.68
C ASN A 56 0.53 4.80 -3.12
N MET A 57 -0.06 3.64 -2.80
CA MET A 57 0.70 2.53 -2.24
C MET A 57 0.07 1.19 -2.66
N CYS A 58 0.88 0.33 -3.28
CA CYS A 58 0.42 -0.98 -3.72
C CYS A 58 1.32 -2.06 -3.11
N THR A 59 0.83 -3.29 -3.15
CA THR A 59 1.57 -4.42 -2.58
C THR A 59 1.72 -5.50 -3.64
N CYS A 60 2.93 -5.99 -3.81
CA CYS A 60 3.20 -7.01 -4.79
C CYS A 60 3.15 -8.41 -4.14
N PRO A 61 2.87 -9.45 -4.90
CA PRO A 61 2.85 -10.85 -4.37
C PRO A 61 4.08 -11.17 -3.52
N SER A 62 5.21 -10.52 -3.84
CA SER A 62 6.44 -10.75 -3.09
C SER A 62 6.27 -10.33 -1.64
N GLY A 63 5.27 -9.50 -1.37
CA GLY A 63 4.99 -9.01 -0.03
C GLY A 63 5.52 -7.59 0.17
N GLN A 64 6.27 -7.10 -0.82
CA GLN A 64 6.83 -5.76 -0.74
C GLN A 64 5.72 -4.73 -0.88
N ILE A 65 5.94 -3.56 -0.27
CA ILE A 65 4.96 -2.46 -0.33
C ILE A 65 5.63 -1.18 -0.78
N ALA A 66 5.01 -0.51 -1.74
CA ALA A 66 5.56 0.75 -2.24
C ALA A 66 4.60 1.40 -3.25
N PRO A 67 4.95 2.57 -3.76
CA PRO A 67 4.11 3.29 -4.77
C PRO A 67 3.93 2.45 -6.05
N SER A 68 4.80 1.46 -6.23
CA SER A 68 4.73 0.61 -7.42
C SER A 68 5.24 -0.79 -7.09
N CYS A 69 4.94 -1.74 -7.97
CA CYS A 69 5.36 -3.12 -7.76
C CYS A 69 6.83 -3.29 -8.15
N GLY A 70 7.59 -3.94 -7.28
CA GLY A 70 9.00 -4.18 -7.54
C GLY A 70 9.70 -2.90 -7.94
N SER A 71 10.98 -3.01 -8.27
CA SER A 71 11.76 -1.84 -8.67
C SER A 71 11.76 -0.78 -7.58
N ARG A 72 12.95 -0.25 -7.26
CA ARG A 72 13.08 0.76 -6.23
C ARG A 72 13.15 2.15 -6.85
N SER A 73 12.42 3.10 -6.29
CA SER A 73 12.41 4.46 -6.81
C SER A 73 13.74 5.15 -6.50
N ILE A 74 14.21 5.97 -7.43
CA ILE A 74 15.46 6.69 -7.24
C ILE A 74 15.36 7.66 -6.07
N GLN A 75 14.25 8.39 -6.01
CA GLN A 75 14.05 9.36 -4.93
C GLN A 75 12.62 9.87 -4.93
N HIS A 76 12.08 10.14 -3.73
CA HIS A 76 10.72 10.63 -3.61
C HIS A 76 10.60 12.02 -4.22
N CYS A 77 11.56 12.89 -3.92
CA CYS A 77 11.55 14.25 -4.44
C CYS A 77 12.08 14.26 -5.87
N ASN A 78 11.16 14.25 -6.84
CA ASN A 78 11.55 14.26 -8.24
C ASN A 78 12.28 15.56 -8.58
N ILE A 79 11.79 16.66 -8.04
CA ILE A 79 12.40 17.96 -8.29
C ILE A 79 13.62 18.15 -7.40
N ARG A 80 14.50 19.06 -7.78
CA ARG A 80 15.71 19.33 -7.02
C ARG A 80 15.39 20.26 -5.85
N CYS A 81 15.21 19.67 -4.67
CA CYS A 81 14.92 20.44 -3.46
C CYS A 81 16.16 20.48 -2.59
N MET A 82 16.62 21.69 -2.28
CA MET A 82 17.80 21.87 -1.45
C MET A 82 17.61 23.07 -0.52
N ASN A 83 18.49 23.20 0.47
CA ASN A 83 18.41 24.30 1.42
C ASN A 83 17.08 24.29 2.16
N GLY A 84 16.59 23.09 2.48
CA GLY A 84 15.32 22.95 3.19
C GLY A 84 14.15 23.08 2.24
N GLY A 85 14.40 22.81 0.95
CA GLY A 85 13.34 22.91 -0.05
C GLY A 85 12.31 21.80 0.14
N SER A 86 11.08 22.17 0.41
CA SER A 86 10.02 21.19 0.59
C SER A 86 9.51 20.68 -0.75
N CYS A 87 9.27 19.37 -0.84
CA CYS A 87 8.78 18.77 -2.08
C CYS A 87 7.27 18.75 -2.09
N SER A 88 6.66 19.25 -3.16
CA SER A 88 5.22 19.28 -3.30
C SER A 88 4.82 18.98 -4.74
N ASP A 89 3.76 18.19 -4.91
CA ASP A 89 3.28 17.83 -6.24
C ASP A 89 4.44 17.64 -7.21
N ASP A 90 4.74 18.68 -7.99
CA ASP A 90 5.84 18.62 -8.95
C ASP A 90 6.66 19.92 -8.91
N HIS A 91 6.60 20.63 -7.78
CA HIS A 91 7.33 21.88 -7.61
C HIS A 91 8.06 21.89 -6.27
N CYS A 92 9.23 22.54 -6.24
CA CYS A 92 10.01 22.64 -5.02
C CYS A 92 9.77 23.99 -4.34
N LEU A 93 9.39 23.95 -3.07
CA LEU A 93 9.13 25.17 -2.32
C LEU A 93 10.29 25.43 -1.37
N CYS A 94 10.78 26.67 -1.38
CA CYS A 94 11.90 27.05 -0.52
C CYS A 94 11.41 27.77 0.72
N GLN A 95 12.07 27.53 1.84
CA GLN A 95 11.70 28.16 3.10
C GLN A 95 11.98 29.66 3.04
N LYS A 96 11.77 30.33 4.16
CA LYS A 96 12.00 31.77 4.21
C LYS A 96 13.49 32.07 4.09
N GLY A 97 13.84 33.01 3.22
CA GLY A 97 15.24 33.40 3.03
C GLY A 97 15.84 32.69 1.83
N TYR A 98 15.09 31.72 1.28
CA TYR A 98 15.55 30.96 0.11
C TYR A 98 14.61 31.17 -1.06
N ILE A 99 15.20 31.37 -2.24
CA ILE A 99 14.42 31.57 -3.47
C ILE A 99 15.00 30.73 -4.60
N GLY A 100 14.29 30.72 -5.73
CA GLY A 100 14.72 29.96 -6.90
C GLY A 100 13.89 28.69 -7.06
N THR A 101 13.91 28.14 -8.26
CA THR A 101 13.17 26.93 -8.54
C THR A 101 13.72 25.75 -7.73
N HIS A 102 15.05 25.66 -7.68
CA HIS A 102 15.71 24.57 -6.95
C HIS A 102 16.11 25.04 -5.55
N CYS A 103 15.72 26.25 -5.22
CA CYS A 103 16.04 26.82 -3.92
C CYS A 103 17.55 26.86 -3.71
N GLY A 104 18.28 27.14 -4.79
CA GLY A 104 19.73 27.22 -4.73
C GLY A 104 20.20 28.66 -4.66
N GLN A 105 19.25 29.60 -4.55
CA GLN A 105 19.60 31.02 -4.47
C GLN A 105 19.09 31.63 -3.15
N PRO A 106 19.96 31.94 -2.20
CA PRO A 106 19.55 32.54 -0.90
C PRO A 106 19.26 34.04 -1.03
N VAL A 107 18.51 34.59 -0.06
CA VAL A 107 18.17 36.00 -0.07
C VAL A 107 19.12 36.78 0.83
N CYS A 108 20.05 37.51 0.22
CA CYS A 108 21.02 38.29 0.99
C CYS A 108 20.45 39.66 1.33
N GLU A 109 19.97 39.81 2.56
CA GLU A 109 19.39 41.09 2.98
C GLU A 109 20.45 42.18 3.04
N SER A 110 21.60 41.86 3.62
CA SER A 110 22.69 42.82 3.74
C SER A 110 23.61 42.76 2.52
N GLY A 111 23.51 41.67 1.76
CA GLY A 111 24.33 41.50 0.57
C GLY A 111 25.81 41.59 0.92
N CYS A 112 26.66 40.99 0.10
CA CYS A 112 28.10 41.03 0.32
C CYS A 112 28.71 42.18 -0.45
N LEU A 113 29.56 42.95 0.22
CA LEU A 113 30.19 44.11 -0.43
C LEU A 113 31.05 43.67 -1.61
N ASN A 114 31.83 42.61 -1.40
CA ASN A 114 32.70 42.09 -2.46
C ASN A 114 33.52 40.90 -1.93
N GLY A 115 34.33 41.15 -0.91
CA GLY A 115 35.15 40.10 -0.33
C GLY A 115 34.31 39.12 0.48
N GLY A 116 33.25 38.63 -0.15
CA GLY A 116 32.37 37.67 0.53
C GLY A 116 31.42 37.00 -0.48
N ARG A 117 30.96 35.80 -0.15
CA ARG A 117 30.05 35.06 -1.04
C ARG A 117 28.77 34.72 -0.30
N CYS A 118 27.64 35.04 -0.91
CA CYS A 118 26.34 34.75 -0.30
C CYS A 118 26.02 33.26 -0.39
N VAL A 119 26.19 32.55 0.73
CA VAL A 119 25.91 31.12 0.77
C VAL A 119 24.65 30.85 1.55
N ALA A 120 24.05 31.90 2.10
CA ALA A 120 22.83 31.73 2.87
C ALA A 120 22.16 33.08 3.12
N PRO A 121 20.96 33.08 3.64
CA PRO A 121 20.23 34.35 3.94
C PRO A 121 21.09 35.29 4.79
N ASN A 122 21.21 36.54 4.33
CA ASN A 122 22.00 37.54 5.05
C ASN A 122 23.29 36.93 5.58
N ARG A 123 23.87 36.01 4.80
CA ARG A 123 25.11 35.35 5.21
C ARG A 123 26.16 35.47 4.10
N CYS A 124 27.19 36.25 4.39
CA CYS A 124 28.31 36.46 3.46
C CYS A 124 29.52 35.69 3.93
N ALA A 125 30.05 34.84 3.06
CA ALA A 125 31.23 34.04 3.39
C ALA A 125 32.49 34.86 3.12
N CYS A 126 32.97 35.58 4.13
CA CYS A 126 34.17 36.41 4.00
C CYS A 126 35.32 35.77 4.76
N THR A 127 36.37 35.40 4.04
CA THR A 127 37.56 34.77 4.64
C THR A 127 38.75 35.70 4.59
N TYR A 128 38.49 36.96 4.25
CA TYR A 128 39.56 37.96 4.14
C TYR A 128 39.46 38.98 5.27
N GLY A 129 38.98 38.53 6.43
CA GLY A 129 38.84 39.40 7.59
C GLY A 129 37.39 39.76 7.83
N PHE A 130 36.56 38.74 8.04
CA PHE A 130 35.14 38.98 8.26
C PHE A 130 34.93 39.98 9.39
N THR A 131 34.18 41.04 9.09
CA THR A 131 33.89 42.08 10.08
C THR A 131 32.52 42.70 9.83
N GLY A 132 31.89 43.16 10.90
CA GLY A 132 30.58 43.78 10.77
C GLY A 132 29.60 42.86 10.04
N PRO A 133 28.33 43.15 10.12
CA PRO A 133 27.26 42.33 9.45
C PRO A 133 27.33 42.42 7.93
N GLN A 134 28.01 43.46 7.44
CA GLN A 134 28.13 43.68 5.99
C GLN A 134 29.39 43.01 5.43
N CYS A 135 29.61 41.75 5.80
CA CYS A 135 30.78 41.01 5.34
C CYS A 135 32.07 41.74 5.73
N GLU A 136 32.53 42.63 4.86
CA GLU A 136 33.74 43.39 5.14
C GLU A 136 33.41 44.71 5.82
N SER A 1 -43.79 22.23 14.38
CA SER A 1 -42.35 21.90 14.23
C SER A 1 -42.02 21.64 12.77
N ALA A 2 -40.90 22.17 12.31
CA ALA A 2 -40.50 22.00 10.92
C ALA A 2 -40.20 20.53 10.65
N ARG A 3 -40.58 20.06 9.46
CA ARG A 3 -40.36 18.66 9.08
C ARG A 3 -39.68 18.59 7.71
N GLY A 4 -38.58 17.85 7.66
CA GLY A 4 -37.84 17.69 6.40
C GLY A 4 -38.20 16.38 5.73
N GLY A 5 -37.63 16.14 4.55
CA GLY A 5 -37.90 14.92 3.80
C GLY A 5 -37.03 13.78 4.31
N GLY A 6 -36.63 12.90 3.40
CA GLY A 6 -35.79 11.76 3.77
C GLY A 6 -35.26 11.05 2.53
N GLY A 7 -34.31 10.15 2.73
CA GLY A 7 -33.72 9.40 1.63
C GLY A 7 -32.58 10.19 0.99
N HIS A 8 -31.35 9.78 1.28
CA HIS A 8 -30.18 10.45 0.72
C HIS A 8 -28.98 9.50 0.67
N ASP A 9 -28.00 9.83 -0.16
CA ASP A 9 -26.81 8.99 -0.28
C ASP A 9 -25.72 9.48 0.67
N ALA A 10 -25.47 8.69 1.71
CA ALA A 10 -24.44 9.04 2.71
C ALA A 10 -23.18 8.23 2.48
N LEU A 11 -22.06 8.76 2.95
CA LEU A 11 -20.78 8.07 2.79
C LEU A 11 -20.69 6.88 3.74
N LYS A 12 -20.11 5.79 3.26
CA LYS A 12 -19.95 4.57 4.05
C LYS A 12 -18.49 4.15 4.07
N GLY A 13 -18.16 3.32 5.05
CA GLY A 13 -16.80 2.84 5.21
C GLY A 13 -15.90 3.91 5.82
N PRO A 14 -14.68 3.58 6.11
CA PRO A 14 -13.69 4.54 6.70
C PRO A 14 -13.19 5.55 5.67
N ASN A 15 -12.16 6.30 6.03
CA ASN A 15 -11.60 7.30 5.12
C ASN A 15 -12.66 8.31 4.70
N VAL A 16 -13.54 8.68 5.64
CA VAL A 16 -14.59 9.65 5.35
C VAL A 16 -14.18 11.02 5.86
N CYS A 17 -14.31 12.03 5.00
CA CYS A 17 -13.93 13.40 5.35
C CYS A 17 -14.87 14.40 4.69
N GLY A 18 -14.68 15.68 5.01
CA GLY A 18 -15.52 16.73 4.44
C GLY A 18 -16.72 17.01 5.33
N SER A 19 -17.41 18.12 5.05
CA SER A 19 -18.58 18.51 5.82
C SER A 19 -19.77 17.64 5.44
N ARG A 20 -20.81 17.67 6.26
CA ARG A 20 -22.00 16.88 5.99
C ARG A 20 -22.63 17.29 4.67
N TYR A 21 -22.72 18.60 4.44
CA TYR A 21 -23.30 19.12 3.20
C TYR A 21 -22.44 18.76 2.00
N ASN A 22 -21.11 18.84 2.19
CA ASN A 22 -20.17 18.53 1.13
C ASN A 22 -19.19 17.44 1.57
N ALA A 23 -19.74 16.36 2.09
CA ALA A 23 -18.92 15.24 2.56
C ALA A 23 -18.29 14.51 1.37
N TYR A 24 -17.06 14.04 1.55
CA TYR A 24 -16.36 13.31 0.51
C TYR A 24 -15.23 12.47 1.09
N CYS A 25 -14.70 11.56 0.28
CA CYS A 25 -13.62 10.70 0.73
C CYS A 25 -12.33 11.51 0.84
N CYS A 26 -11.62 11.36 1.95
CA CYS A 26 -10.36 12.10 2.16
C CYS A 26 -9.49 12.04 0.89
N PRO A 27 -8.53 12.92 0.77
CA PRO A 27 -7.62 12.96 -0.42
C PRO A 27 -6.94 11.60 -0.66
N GLY A 28 -6.93 11.17 -1.90
CA GLY A 28 -6.32 9.89 -2.27
C GLY A 28 -7.37 8.78 -2.32
N TRP A 29 -8.55 9.07 -1.76
CA TRP A 29 -9.65 8.10 -1.74
C TRP A 29 -10.83 8.63 -2.54
N LYS A 30 -11.50 7.74 -3.26
CA LYS A 30 -12.66 8.11 -4.07
C LYS A 30 -13.85 7.24 -3.71
N THR A 31 -14.81 7.13 -4.63
CA THR A 31 -16.00 6.32 -4.41
C THR A 31 -16.20 5.35 -5.55
N LEU A 32 -17.05 4.34 -5.34
CA LEU A 32 -17.29 3.34 -6.37
C LEU A 32 -18.41 3.78 -7.32
N PRO A 33 -18.38 3.34 -8.55
CA PRO A 33 -19.42 3.69 -9.54
C PRO A 33 -20.82 3.71 -8.92
N GLY A 34 -21.36 4.90 -8.71
CA GLY A 34 -22.70 5.04 -8.13
C GLY A 34 -22.67 4.74 -6.63
N GLY A 35 -21.57 4.17 -6.17
CA GLY A 35 -21.41 3.83 -4.76
C GLY A 35 -20.98 5.05 -3.95
N ASN A 36 -20.89 4.88 -2.63
CA ASN A 36 -20.48 5.98 -1.75
C ASN A 36 -19.43 5.51 -0.74
N GLN A 37 -18.90 4.31 -0.97
CA GLN A 37 -17.90 3.76 -0.06
C GLN A 37 -16.52 4.31 -0.41
N CYS A 38 -15.80 4.78 0.60
CA CYS A 38 -14.46 5.33 0.39
C CYS A 38 -13.41 4.24 0.55
N ILE A 39 -13.64 3.09 -0.09
CA ILE A 39 -12.71 1.96 -0.02
C ILE A 39 -11.96 1.79 -1.32
N VAL A 40 -11.84 2.88 -2.09
CA VAL A 40 -11.15 2.83 -3.39
C VAL A 40 -9.95 3.81 -3.38
N PRO A 41 -8.78 3.35 -3.05
CA PRO A 41 -7.56 4.20 -3.03
C PRO A 41 -6.99 4.42 -4.42
N ILE A 42 -6.23 5.51 -4.58
CA ILE A 42 -5.62 5.83 -5.87
C ILE A 42 -4.14 5.45 -5.85
N CYS A 43 -3.73 4.65 -6.82
CA CYS A 43 -2.32 4.21 -6.91
C CYS A 43 -1.61 5.03 -7.97
N ARG A 44 -0.57 5.76 -7.56
CA ARG A 44 0.18 6.58 -8.48
C ARG A 44 0.82 5.70 -9.57
N HIS A 45 1.41 4.59 -9.15
CA HIS A 45 2.05 3.66 -10.08
C HIS A 45 1.31 2.32 -10.10
N SER A 46 1.25 1.71 -11.27
CA SER A 46 0.57 0.43 -11.41
C SER A 46 1.25 -0.63 -10.54
N CYS A 47 0.44 -1.40 -9.83
CA CYS A 47 0.96 -2.45 -8.96
C CYS A 47 1.37 -3.66 -9.80
N GLY A 48 0.68 -3.88 -10.90
CA GLY A 48 0.98 -5.02 -11.76
C GLY A 48 0.44 -6.32 -11.18
N ASP A 49 1.35 -7.15 -10.68
CA ASP A 49 0.97 -8.43 -10.09
C ASP A 49 0.28 -8.21 -8.75
N GLY A 50 0.30 -6.97 -8.26
CA GLY A 50 -0.32 -6.63 -6.98
C GLY A 50 -1.56 -5.79 -7.20
N PHE A 51 -1.99 -5.11 -6.14
CA PHE A 51 -3.17 -4.25 -6.21
C PHE A 51 -3.02 -3.04 -5.30
N CYS A 52 -3.69 -1.94 -5.66
CA CYS A 52 -3.62 -0.72 -4.86
C CYS A 52 -4.26 -0.94 -3.50
N SER A 53 -3.44 -0.88 -2.45
CA SER A 53 -3.94 -1.06 -1.10
C SER A 53 -4.02 0.26 -0.37
N ARG A 54 -3.25 1.24 -0.84
CA ARG A 54 -3.26 2.55 -0.20
C ARG A 54 -2.79 3.64 -1.18
N PRO A 55 -3.11 4.89 -0.91
CA PRO A 55 -2.69 6.02 -1.79
C PRO A 55 -1.20 5.92 -2.16
N ASN A 56 -0.93 5.80 -3.46
CA ASN A 56 0.45 5.69 -3.92
C ASN A 56 1.18 4.56 -3.21
N MET A 57 0.48 3.44 -3.03
CA MET A 57 1.06 2.28 -2.35
C MET A 57 0.49 1.00 -2.93
N CYS A 58 1.38 0.16 -3.47
CA CYS A 58 0.98 -1.13 -4.05
C CYS A 58 1.34 -2.28 -3.11
N THR A 59 0.54 -3.34 -3.15
CA THR A 59 0.77 -4.52 -2.32
C THR A 59 1.02 -5.72 -3.20
N CYS A 60 2.17 -6.36 -3.01
CA CYS A 60 2.52 -7.52 -3.81
C CYS A 60 2.07 -8.82 -3.11
N PRO A 61 1.70 -9.84 -3.85
CA PRO A 61 1.29 -11.16 -3.27
C PRO A 61 2.26 -11.66 -2.20
N SER A 62 3.50 -11.19 -2.27
CA SER A 62 4.53 -11.58 -1.31
C SER A 62 4.17 -11.11 0.09
N GLY A 63 3.25 -10.15 0.16
CA GLY A 63 2.81 -9.59 1.45
C GLY A 63 3.46 -8.24 1.70
N GLN A 64 4.49 -7.92 0.92
CA GLN A 64 5.18 -6.65 1.08
C GLN A 64 4.31 -5.52 0.53
N ILE A 65 4.50 -4.33 1.07
CA ILE A 65 3.76 -3.15 0.63
C ILE A 65 4.69 -2.02 0.26
N ALA A 66 4.46 -1.41 -0.89
CA ALA A 66 5.29 -0.30 -1.34
C ALA A 66 4.73 0.31 -2.62
N PRO A 67 5.30 1.41 -3.07
CA PRO A 67 4.85 2.10 -4.32
C PRO A 67 4.84 1.16 -5.53
N SER A 68 5.72 0.15 -5.51
CA SER A 68 5.83 -0.80 -6.59
C SER A 68 5.96 -2.22 -6.05
N CYS A 69 5.73 -3.20 -6.93
CA CYS A 69 5.82 -4.60 -6.54
C CYS A 69 7.28 -5.06 -6.47
N GLY A 70 7.57 -5.95 -5.53
CA GLY A 70 8.92 -6.47 -5.36
C GLY A 70 8.87 -7.97 -5.06
N SER A 71 8.30 -8.74 -5.98
CA SER A 71 8.21 -10.18 -5.81
C SER A 71 9.60 -10.80 -5.84
N ARG A 72 10.58 -10.05 -6.34
CA ARG A 72 11.95 -10.54 -6.42
C ARG A 72 12.34 -11.25 -5.12
N SER A 73 12.79 -12.48 -5.26
CA SER A 73 13.20 -13.27 -4.09
C SER A 73 14.57 -12.82 -3.60
N ILE A 74 14.89 -13.16 -2.36
CA ILE A 74 16.18 -12.79 -1.77
C ILE A 74 16.95 -14.05 -1.37
N GLN A 75 18.16 -14.18 -1.90
CA GLN A 75 19.00 -15.33 -1.60
C GLN A 75 20.40 -15.13 -2.16
N HIS A 76 21.28 -14.55 -1.36
CA HIS A 76 22.66 -14.31 -1.80
C HIS A 76 22.69 -13.80 -3.23
N CYS A 77 23.86 -13.89 -3.87
CA CYS A 77 24.02 -13.44 -5.25
C CYS A 77 23.85 -14.61 -6.21
N ASN A 78 23.08 -14.39 -7.27
CA ASN A 78 22.83 -15.42 -8.26
C ASN A 78 22.31 -14.81 -9.56
N ILE A 79 22.72 -13.57 -9.83
CA ILE A 79 22.29 -12.86 -11.04
C ILE A 79 23.48 -12.48 -11.89
N ARG A 80 23.20 -11.99 -13.10
CA ARG A 80 24.26 -11.58 -14.02
C ARG A 80 24.49 -10.08 -13.91
N CYS A 81 25.75 -9.71 -13.69
CA CYS A 81 26.12 -8.30 -13.58
C CYS A 81 27.08 -7.92 -14.69
N MET A 82 26.83 -6.78 -15.32
CA MET A 82 27.68 -6.32 -16.43
C MET A 82 27.93 -4.81 -16.30
N ASN A 83 29.03 -4.35 -16.90
CA ASN A 83 29.38 -2.93 -16.85
C ASN A 83 29.56 -2.47 -15.40
N GLY A 84 30.38 -3.21 -14.65
CA GLY A 84 30.64 -2.85 -13.27
C GLY A 84 29.38 -3.01 -12.43
N GLY A 85 28.50 -3.90 -12.85
CA GLY A 85 27.25 -4.13 -12.14
C GLY A 85 27.53 -4.78 -10.78
N SER A 86 26.81 -4.33 -9.76
CA SER A 86 26.98 -4.87 -8.41
C SER A 86 25.77 -5.70 -8.01
N CYS A 87 25.99 -6.80 -7.31
CA CYS A 87 24.90 -7.66 -6.87
C CYS A 87 24.32 -7.16 -5.55
N SER A 88 22.99 -6.95 -5.54
CA SER A 88 22.32 -6.48 -4.33
C SER A 88 20.89 -7.03 -4.27
N ASP A 89 20.56 -7.64 -3.13
CA ASP A 89 19.22 -8.18 -2.95
C ASP A 89 18.83 -9.05 -4.13
N ASP A 90 19.77 -9.88 -4.60
CA ASP A 90 19.52 -10.77 -5.73
C ASP A 90 19.58 -10.00 -7.05
N HIS A 91 19.05 -8.79 -7.06
CA HIS A 91 19.06 -7.98 -8.27
C HIS A 91 20.36 -7.20 -8.38
N CYS A 92 20.81 -6.99 -9.62
CA CYS A 92 22.04 -6.24 -9.86
C CYS A 92 21.75 -4.80 -10.24
N LEU A 93 22.66 -3.90 -9.87
CA LEU A 93 22.50 -2.48 -10.18
C LEU A 93 23.54 -2.06 -11.20
N CYS A 94 23.11 -1.26 -12.18
CA CYS A 94 24.00 -0.79 -13.23
C CYS A 94 24.49 0.62 -12.92
N GLN A 95 25.74 0.90 -13.29
CA GLN A 95 26.32 2.21 -13.04
C GLN A 95 25.51 3.29 -13.75
N LYS A 96 25.90 4.54 -13.54
CA LYS A 96 25.20 5.66 -14.17
C LYS A 96 25.40 5.64 -15.68
N GLY A 97 24.29 5.77 -16.42
CA GLY A 97 24.36 5.76 -17.88
C GLY A 97 24.00 4.39 -18.44
N TYR A 98 24.02 3.37 -17.59
CA TYR A 98 23.69 2.01 -17.99
C TYR A 98 22.37 1.58 -17.37
N ILE A 99 21.53 0.93 -18.18
CA ILE A 99 20.23 0.46 -17.71
C ILE A 99 20.00 -0.98 -18.17
N GLY A 100 18.93 -1.59 -17.66
CA GLY A 100 18.59 -2.97 -18.02
C GLY A 100 18.58 -3.86 -16.79
N THR A 101 17.89 -4.98 -16.89
CA THR A 101 17.81 -5.91 -15.77
C THR A 101 19.19 -6.46 -15.43
N HIS A 102 19.92 -6.88 -16.46
CA HIS A 102 21.27 -7.42 -16.26
C HIS A 102 22.33 -6.42 -16.68
N CYS A 103 21.90 -5.18 -16.91
CA CYS A 103 22.80 -4.12 -17.33
C CYS A 103 23.45 -4.49 -18.66
N GLY A 104 23.57 -3.50 -19.54
CA GLY A 104 24.17 -3.74 -20.84
C GLY A 104 23.64 -2.75 -21.87
N GLN A 105 22.72 -1.88 -21.43
CA GLN A 105 22.14 -0.88 -22.33
C GLN A 105 22.58 0.54 -21.91
N PRO A 106 23.43 1.20 -22.67
CA PRO A 106 23.90 2.58 -22.35
C PRO A 106 22.86 3.62 -22.72
N VAL A 107 22.97 4.81 -22.11
CA VAL A 107 22.03 5.90 -22.38
C VAL A 107 22.80 7.11 -22.91
N CYS A 108 22.45 7.55 -24.12
CA CYS A 108 23.09 8.70 -24.73
C CYS A 108 22.34 9.98 -24.40
N GLU A 109 22.98 10.87 -23.65
CA GLU A 109 22.35 12.12 -23.25
C GLU A 109 22.06 12.98 -24.48
N SER A 110 23.02 13.03 -25.40
CA SER A 110 22.86 13.82 -26.62
C SER A 110 22.16 13.01 -27.69
N GLY A 111 21.92 11.73 -27.41
CA GLY A 111 21.25 10.86 -28.36
C GLY A 111 22.01 10.82 -29.68
N CYS A 112 21.66 9.85 -30.53
CA CYS A 112 22.31 9.70 -31.84
C CYS A 112 21.43 10.30 -32.93
N LEU A 113 21.80 11.50 -33.38
CA LEU A 113 21.04 12.19 -34.42
C LEU A 113 21.05 11.39 -35.72
N ASN A 114 22.22 10.86 -36.05
CA ASN A 114 22.39 10.07 -37.27
C ASN A 114 22.19 8.59 -36.97
N GLY A 115 22.38 7.75 -37.99
CA GLY A 115 22.23 6.31 -37.83
C GLY A 115 23.36 5.73 -36.97
N GLY A 116 23.97 6.59 -36.16
CA GLY A 116 25.06 6.16 -35.29
C GLY A 116 24.55 5.20 -34.21
N ARG A 117 25.48 4.67 -33.42
CA ARG A 117 25.11 3.72 -32.36
C ARG A 117 25.69 4.17 -31.03
N CYS A 118 24.97 3.89 -29.95
CA CYS A 118 25.42 4.27 -28.62
C CYS A 118 26.35 3.20 -28.05
N VAL A 119 27.62 3.54 -27.90
CA VAL A 119 28.61 2.60 -27.38
C VAL A 119 28.82 2.83 -25.89
N ALA A 120 28.38 3.99 -25.41
CA ALA A 120 28.53 4.30 -24.00
C ALA A 120 27.70 5.53 -23.63
N PRO A 121 27.64 5.86 -22.36
CA PRO A 121 26.87 7.06 -21.88
C PRO A 121 27.35 8.34 -22.55
N ASN A 122 26.42 9.17 -22.98
CA ASN A 122 26.76 10.45 -23.62
C ASN A 122 27.88 10.25 -24.63
N ARG A 123 27.92 9.09 -25.27
CA ARG A 123 28.94 8.79 -26.28
C ARG A 123 28.35 7.97 -27.44
N CYS A 124 28.06 8.66 -28.54
CA CYS A 124 27.50 8.01 -29.72
C CYS A 124 28.59 7.81 -30.77
N ALA A 125 28.46 6.73 -31.55
CA ALA A 125 29.42 6.42 -32.59
C ALA A 125 28.87 6.84 -33.95
N CYS A 126 29.73 7.44 -34.77
CA CYS A 126 29.31 7.90 -36.09
C CYS A 126 29.33 6.76 -37.09
N THR A 127 28.45 6.83 -38.08
CA THR A 127 28.36 5.78 -39.09
C THR A 127 29.68 5.66 -39.86
N TYR A 128 30.23 6.81 -40.27
CA TYR A 128 31.49 6.82 -41.03
C TYR A 128 32.61 7.41 -40.18
N GLY A 129 32.47 7.30 -38.87
CA GLY A 129 33.48 7.82 -37.95
C GLY A 129 33.54 9.34 -38.03
N PHE A 130 32.41 9.96 -38.31
CA PHE A 130 32.35 11.42 -38.41
C PHE A 130 32.78 12.05 -37.10
N THR A 131 33.18 13.32 -37.18
CA THR A 131 33.63 14.04 -35.99
C THR A 131 32.44 14.57 -35.21
N GLY A 132 32.70 15.01 -33.98
CA GLY A 132 31.66 15.55 -33.12
C GLY A 132 31.26 14.54 -32.04
N PRO A 133 30.98 15.00 -30.83
CA PRO A 133 30.59 14.10 -29.70
C PRO A 133 29.20 13.48 -29.90
N GLN A 134 28.31 14.24 -30.54
CA GLN A 134 26.94 13.78 -30.80
C GLN A 134 26.74 13.45 -32.27
N CYS A 135 27.81 13.61 -33.05
CA CYS A 135 27.73 13.33 -34.47
C CYS A 135 26.65 14.17 -35.12
N GLU A 136 26.74 14.34 -36.45
CA GLU A 136 25.75 15.13 -37.19
C GLU A 136 25.31 14.38 -38.43
N SER A 1 -24.14 -5.39 7.92
CA SER A 1 -23.27 -4.37 7.28
C SER A 1 -22.91 -4.83 5.86
N ALA A 2 -22.37 -6.04 5.76
CA ALA A 2 -21.98 -6.58 4.47
C ALA A 2 -23.21 -6.83 3.59
N ARG A 3 -23.04 -6.65 2.29
CA ARG A 3 -24.15 -6.85 1.35
C ARG A 3 -25.42 -6.20 1.88
N GLY A 4 -25.26 -5.10 2.60
CA GLY A 4 -26.41 -4.38 3.16
C GLY A 4 -26.08 -2.91 3.34
N GLY A 5 -26.38 -2.10 2.32
CA GLY A 5 -26.12 -0.67 2.39
C GLY A 5 -27.31 0.06 2.99
N GLY A 6 -27.01 1.00 3.91
CA GLY A 6 -28.07 1.77 4.57
C GLY A 6 -28.13 3.19 4.00
N GLY A 7 -29.26 3.55 3.42
CA GLY A 7 -29.44 4.87 2.84
C GLY A 7 -28.78 4.96 1.47
N HIS A 8 -29.11 6.01 0.72
CA HIS A 8 -28.55 6.21 -0.61
C HIS A 8 -27.46 7.28 -0.59
N ASP A 9 -27.81 8.46 -0.09
CA ASP A 9 -26.86 9.56 0.00
C ASP A 9 -26.16 9.57 1.37
N ALA A 10 -25.00 8.93 1.42
CA ALA A 10 -24.24 8.86 2.66
C ALA A 10 -22.93 8.11 2.45
N LEU A 11 -21.85 8.62 3.05
CA LEU A 11 -20.55 7.99 2.93
C LEU A 11 -20.43 6.80 3.86
N LYS A 12 -19.65 5.81 3.43
CA LYS A 12 -19.44 4.61 4.22
C LYS A 12 -17.98 4.18 4.18
N GLY A 13 -17.60 3.38 5.16
CA GLY A 13 -16.23 2.90 5.27
C GLY A 13 -15.31 4.00 5.81
N PRO A 14 -14.09 3.64 6.16
CA PRO A 14 -13.09 4.62 6.69
C PRO A 14 -12.61 5.59 5.62
N ASN A 15 -11.56 6.33 5.94
CA ASN A 15 -11.01 7.31 5.00
C ASN A 15 -12.05 8.34 4.62
N VAL A 16 -12.84 8.79 5.60
CA VAL A 16 -13.88 9.80 5.36
C VAL A 16 -13.43 11.15 5.91
N CYS A 17 -13.57 12.19 5.08
CA CYS A 17 -13.18 13.53 5.48
C CYS A 17 -14.17 14.55 4.94
N GLY A 18 -13.87 15.83 5.15
CA GLY A 18 -14.75 16.90 4.69
C GLY A 18 -15.84 17.18 5.70
N SER A 19 -16.62 18.23 5.45
CA SER A 19 -17.70 18.61 6.35
C SER A 19 -18.86 17.62 6.22
N ARG A 20 -19.67 17.52 7.27
CA ARG A 20 -20.79 16.61 7.25
C ARG A 20 -21.73 16.93 6.10
N TYR A 21 -22.01 18.22 5.91
CA TYR A 21 -22.90 18.64 4.84
C TYR A 21 -22.35 18.25 3.47
N ASN A 22 -21.03 18.43 3.28
CA ASN A 22 -20.38 18.11 2.02
C ASN A 22 -19.18 17.20 2.26
N ALA A 23 -19.40 16.12 3.00
CA ALA A 23 -18.33 15.18 3.29
C ALA A 23 -17.91 14.44 2.03
N TYR A 24 -16.65 14.03 1.99
CA TYR A 24 -16.12 13.30 0.84
C TYR A 24 -14.94 12.41 1.23
N CYS A 25 -14.59 11.48 0.35
CA CYS A 25 -13.47 10.59 0.64
C CYS A 25 -12.18 11.39 0.75
N CYS A 26 -11.45 11.18 1.83
CA CYS A 26 -10.21 11.91 2.06
C CYS A 26 -9.32 11.89 0.82
N PRO A 27 -8.50 12.90 0.61
CA PRO A 27 -7.59 12.95 -0.58
C PRO A 27 -6.78 11.66 -0.73
N GLY A 28 -6.73 11.14 -1.96
CA GLY A 28 -5.99 9.91 -2.24
C GLY A 28 -6.94 8.71 -2.25
N TRP A 29 -8.18 8.94 -1.83
CA TRP A 29 -9.19 7.87 -1.78
C TRP A 29 -10.36 8.20 -2.70
N LYS A 30 -10.85 7.18 -3.41
CA LYS A 30 -11.98 7.35 -4.31
C LYS A 30 -13.05 6.30 -4.02
N THR A 31 -14.10 6.30 -4.84
CA THR A 31 -15.22 5.36 -4.66
C THR A 31 -15.58 4.72 -5.98
N LEU A 32 -16.56 3.82 -5.95
CA LEU A 32 -17.01 3.13 -7.15
C LEU A 32 -18.13 3.91 -7.84
N PRO A 33 -18.24 3.84 -9.14
CA PRO A 33 -19.31 4.56 -9.89
C PRO A 33 -20.67 4.47 -9.18
N GLY A 34 -21.18 5.62 -8.76
CA GLY A 34 -22.48 5.67 -8.10
C GLY A 34 -22.37 5.21 -6.64
N GLY A 35 -21.18 4.76 -6.25
CA GLY A 35 -20.95 4.28 -4.90
C GLY A 35 -20.58 5.43 -3.98
N ASN A 36 -20.52 5.14 -2.67
CA ASN A 36 -20.17 6.18 -1.68
C ASN A 36 -19.13 5.63 -0.69
N GLN A 37 -18.59 4.46 -0.98
CA GLN A 37 -17.60 3.84 -0.12
C GLN A 37 -16.20 4.32 -0.49
N CYS A 38 -15.42 4.72 0.52
CA CYS A 38 -14.05 5.20 0.28
C CYS A 38 -13.05 4.07 0.53
N ILE A 39 -13.41 2.86 0.11
CA ILE A 39 -12.56 1.69 0.30
C ILE A 39 -11.74 1.41 -0.95
N VAL A 40 -11.72 2.37 -1.86
CA VAL A 40 -10.97 2.22 -3.12
C VAL A 40 -9.85 3.25 -3.20
N PRO A 41 -8.68 2.93 -2.68
CA PRO A 41 -7.51 3.86 -2.71
C PRO A 41 -7.09 4.20 -4.14
N ILE A 42 -6.55 5.40 -4.33
CA ILE A 42 -6.10 5.83 -5.65
C ILE A 42 -4.64 5.42 -5.84
N CYS A 43 -4.39 4.66 -6.91
CA CYS A 43 -3.03 4.20 -7.21
C CYS A 43 -2.39 5.09 -8.28
N ARG A 44 -1.40 5.88 -7.87
CA ARG A 44 -0.70 6.75 -8.81
C ARG A 44 0.05 5.92 -9.84
N HIS A 45 0.65 4.82 -9.39
CA HIS A 45 1.40 3.92 -10.27
C HIS A 45 0.78 2.53 -10.28
N SER A 46 0.79 1.89 -11.43
CA SER A 46 0.21 0.56 -11.57
C SER A 46 0.92 -0.42 -10.65
N CYS A 47 0.14 -1.23 -9.94
CA CYS A 47 0.69 -2.21 -9.02
C CYS A 47 1.21 -3.42 -9.79
N GLY A 48 0.61 -3.69 -10.94
CA GLY A 48 1.02 -4.82 -11.77
C GLY A 48 0.47 -6.13 -11.21
N ASP A 49 1.34 -6.88 -10.53
CA ASP A 49 0.94 -8.16 -9.96
C ASP A 49 0.41 -7.97 -8.54
N GLY A 50 0.35 -6.71 -8.10
CA GLY A 50 -0.14 -6.39 -6.76
C GLY A 50 -1.53 -5.77 -6.84
N PHE A 51 -1.98 -5.23 -5.70
CA PHE A 51 -3.30 -4.58 -5.63
C PHE A 51 -3.22 -3.30 -4.81
N CYS A 52 -4.10 -2.35 -5.14
CA CYS A 52 -4.12 -1.08 -4.44
C CYS A 52 -4.54 -1.26 -3.00
N SER A 53 -3.61 -1.02 -2.10
CA SER A 53 -3.89 -1.18 -0.67
C SER A 53 -4.01 0.18 0.01
N ARG A 54 -3.35 1.17 -0.57
CA ARG A 54 -3.41 2.51 0.00
C ARG A 54 -3.08 3.57 -1.05
N PRO A 55 -3.39 4.82 -0.78
CA PRO A 55 -3.09 5.93 -1.73
C PRO A 55 -1.64 5.91 -2.17
N ASN A 56 -1.42 5.80 -3.48
CA ASN A 56 -0.08 5.76 -4.02
C ASN A 56 0.73 4.68 -3.32
N MET A 57 0.09 3.54 -3.07
CA MET A 57 0.74 2.42 -2.39
C MET A 57 0.21 1.10 -2.90
N CYS A 58 1.10 0.34 -3.54
CA CYS A 58 0.77 -0.98 -4.08
C CYS A 58 1.26 -2.07 -3.14
N THR A 59 0.52 -3.17 -3.10
CA THR A 59 0.88 -4.30 -2.25
C THR A 59 1.19 -5.50 -3.11
N CYS A 60 2.40 -6.02 -2.97
CA CYS A 60 2.82 -7.17 -3.76
C CYS A 60 2.54 -8.48 -3.01
N PRO A 61 2.26 -9.56 -3.71
CA PRO A 61 2.03 -10.89 -3.07
C PRO A 61 3.11 -11.22 -2.04
N SER A 62 4.27 -10.58 -2.16
CA SER A 62 5.37 -10.82 -1.24
C SER A 62 5.03 -10.30 0.16
N GLY A 63 4.03 -9.43 0.23
CA GLY A 63 3.60 -8.84 1.50
C GLY A 63 4.14 -7.42 1.65
N GLN A 64 5.11 -7.05 0.82
CA GLN A 64 5.69 -5.72 0.87
C GLN A 64 4.67 -4.68 0.42
N ILE A 65 4.84 -3.46 0.91
CA ILE A 65 3.94 -2.36 0.55
C ILE A 65 4.73 -1.14 0.10
N ALA A 66 4.32 -0.55 -1.01
CA ALA A 66 4.99 0.64 -1.53
C ALA A 66 4.31 1.11 -2.82
N PRO A 67 4.65 2.29 -3.28
CA PRO A 67 4.08 2.86 -4.55
C PRO A 67 4.13 1.86 -5.70
N SER A 68 5.18 1.03 -5.72
CA SER A 68 5.35 0.03 -6.77
C SER A 68 5.71 -1.33 -6.17
N CYS A 69 5.60 -2.37 -6.97
CA CYS A 69 5.91 -3.71 -6.50
C CYS A 69 7.42 -3.91 -6.47
N GLY A 70 7.94 -4.28 -5.30
CA GLY A 70 9.37 -4.50 -5.15
C GLY A 70 10.11 -3.18 -5.03
N SER A 71 10.37 -2.76 -3.78
CA SER A 71 11.08 -1.51 -3.53
C SER A 71 11.82 -1.59 -2.20
N ARG A 72 12.18 -0.42 -1.67
CA ARG A 72 12.89 -0.36 -0.40
C ARG A 72 11.98 -0.73 0.75
N SER A 73 12.55 -1.33 1.79
CA SER A 73 11.78 -1.74 2.97
C SER A 73 12.45 -1.21 4.23
N ILE A 74 11.63 -0.91 5.24
CA ILE A 74 12.12 -0.39 6.51
C ILE A 74 11.48 -1.13 7.68
N GLN A 75 12.06 -0.96 8.86
CA GLN A 75 11.52 -1.61 10.05
C GLN A 75 10.18 -1.01 10.43
N HIS A 76 9.24 -1.86 10.83
CA HIS A 76 7.89 -1.41 11.21
C HIS A 76 7.68 -1.61 12.70
N CYS A 77 6.79 -0.79 13.27
CA CYS A 77 6.49 -0.88 14.69
C CYS A 77 5.89 -2.25 15.04
N ASN A 78 5.83 -3.12 14.04
CA ASN A 78 5.27 -4.46 14.24
C ASN A 78 3.81 -4.38 14.66
N ILE A 79 3.29 -3.16 14.72
CA ILE A 79 1.90 -2.93 15.10
C ILE A 79 1.29 -1.78 14.30
N ARG A 80 -0.02 -1.59 14.43
CA ARG A 80 -0.73 -0.53 13.73
C ARG A 80 -1.43 0.40 14.72
N CYS A 81 -0.83 1.54 15.00
CA CYS A 81 -1.40 2.51 15.91
C CYS A 81 -2.28 3.48 15.14
N MET A 82 -3.35 3.95 15.78
CA MET A 82 -4.28 4.87 15.15
C MET A 82 -4.73 5.94 16.13
N ASN A 83 -5.43 6.96 15.63
CA ASN A 83 -5.91 8.05 16.47
C ASN A 83 -4.73 8.87 17.00
N GLY A 84 -3.73 9.08 16.15
CA GLY A 84 -2.57 9.87 16.55
C GLY A 84 -1.83 9.19 17.70
N GLY A 85 -1.86 7.87 17.72
CA GLY A 85 -1.21 7.11 18.77
C GLY A 85 0.31 7.20 18.63
N SER A 86 1.03 6.45 19.47
CA SER A 86 2.49 6.46 19.43
C SER A 86 3.02 5.02 19.41
N CYS A 87 4.02 4.79 18.57
CA CYS A 87 4.61 3.46 18.45
C CYS A 87 5.48 3.16 19.67
N SER A 88 5.04 2.20 20.48
CA SER A 88 5.78 1.80 21.68
C SER A 88 5.97 0.29 21.69
N ASP A 89 7.22 -0.14 21.70
CA ASP A 89 7.54 -1.57 21.72
C ASP A 89 6.63 -2.33 20.75
N ASP A 90 5.70 -3.10 21.30
CA ASP A 90 4.75 -3.89 20.49
C ASP A 90 3.32 -3.50 20.81
N HIS A 91 3.14 -2.32 21.41
CA HIS A 91 1.81 -1.84 21.78
C HIS A 91 1.61 -0.40 21.31
N CYS A 92 0.35 -0.02 21.13
CA CYS A 92 0.02 1.34 20.68
C CYS A 92 -0.56 2.15 21.84
N LEU A 93 -0.04 3.35 22.02
CA LEU A 93 -0.50 4.24 23.09
C LEU A 93 -1.48 5.26 22.51
N CYS A 94 -2.63 5.41 23.17
CA CYS A 94 -3.65 6.34 22.73
C CYS A 94 -3.59 7.63 23.54
N GLN A 95 -3.84 8.75 22.87
CA GLN A 95 -3.82 10.05 23.53
C GLN A 95 -5.09 10.25 24.36
N LYS A 96 -5.20 11.41 25.00
CA LYS A 96 -6.35 11.72 25.82
C LYS A 96 -7.60 11.85 24.94
N GLY A 97 -8.68 11.19 25.37
CA GLY A 97 -9.94 11.23 24.63
C GLY A 97 -10.15 9.92 23.85
N TYR A 98 -9.07 9.18 23.64
CA TYR A 98 -9.15 7.90 22.92
C TYR A 98 -8.71 6.76 23.82
N ILE A 99 -9.45 5.65 23.77
CA ILE A 99 -9.15 4.47 24.58
C ILE A 99 -9.15 3.22 23.70
N GLY A 100 -8.73 2.11 24.28
CA GLY A 100 -8.68 0.84 23.56
C GLY A 100 -7.25 0.31 23.50
N THR A 101 -7.12 -1.00 23.29
CA THR A 101 -5.80 -1.62 23.22
C THR A 101 -5.03 -1.09 22.02
N HIS A 102 -5.72 -0.97 20.88
CA HIS A 102 -5.10 -0.48 19.65
C HIS A 102 -5.55 0.95 19.35
N CYS A 103 -6.29 1.54 20.28
CA CYS A 103 -6.80 2.89 20.12
C CYS A 103 -7.76 2.94 18.95
N GLY A 104 -8.83 3.71 19.11
CA GLY A 104 -9.85 3.84 18.07
C GLY A 104 -11.21 4.17 18.67
N GLN A 105 -11.31 4.05 20.00
CA GLN A 105 -12.57 4.34 20.67
C GLN A 105 -12.51 5.73 21.36
N PRO A 106 -13.24 6.71 20.86
CA PRO A 106 -13.24 8.08 21.46
C PRO A 106 -14.10 8.16 22.72
N VAL A 107 -13.81 9.14 23.57
CA VAL A 107 -14.56 9.34 24.81
C VAL A 107 -15.49 10.53 24.69
N CYS A 108 -16.79 10.26 24.77
CA CYS A 108 -17.80 11.33 24.70
C CYS A 108 -18.05 11.85 26.11
N GLU A 109 -17.36 12.94 26.45
CA GLU A 109 -17.50 13.52 27.78
C GLU A 109 -18.90 14.07 27.98
N SER A 110 -19.46 14.67 26.93
CA SER A 110 -20.81 15.23 27.01
C SER A 110 -21.86 14.15 26.80
N GLY A 111 -21.42 12.96 26.44
CA GLY A 111 -22.33 11.84 26.21
C GLY A 111 -23.34 12.20 25.12
N CYS A 112 -23.99 11.17 24.56
CA CYS A 112 -24.98 11.38 23.50
C CYS A 112 -26.38 11.19 24.06
N LEU A 113 -27.16 12.27 24.07
CA LEU A 113 -28.52 12.21 24.60
C LEU A 113 -29.39 11.28 23.76
N ASN A 114 -29.23 11.37 22.44
CA ASN A 114 -30.01 10.53 21.52
C ASN A 114 -29.17 9.36 21.05
N GLY A 115 -29.75 8.54 20.17
CA GLY A 115 -29.06 7.38 19.63
C GLY A 115 -27.93 7.80 18.69
N GLY A 116 -27.31 8.94 18.99
CA GLY A 116 -26.22 9.44 18.17
C GLY A 116 -25.00 8.55 18.28
N ARG A 117 -23.96 8.85 17.51
CA ARG A 117 -22.72 8.06 17.53
C ARG A 117 -21.53 8.96 17.80
N CYS A 118 -20.58 8.44 18.58
CA CYS A 118 -19.37 9.21 18.91
C CYS A 118 -18.30 9.01 17.84
N VAL A 119 -17.86 10.10 17.23
CA VAL A 119 -16.84 10.04 16.19
C VAL A 119 -15.53 10.65 16.69
N ALA A 120 -15.59 11.29 17.85
CA ALA A 120 -14.40 11.89 18.42
C ALA A 120 -14.67 12.39 19.84
N PRO A 121 -13.64 12.79 20.56
CA PRO A 121 -13.80 13.32 21.94
C PRO A 121 -14.83 14.44 22.00
N ASN A 122 -15.78 14.32 22.91
CA ASN A 122 -16.82 15.33 23.06
C ASN A 122 -17.48 15.61 21.73
N ARG A 123 -17.57 14.58 20.88
CA ARG A 123 -18.19 14.72 19.57
C ARG A 123 -19.20 13.59 19.34
N CYS A 124 -20.41 13.97 18.96
CA CYS A 124 -21.48 13.01 18.69
C CYS A 124 -22.28 13.42 17.47
N ALA A 125 -22.80 12.43 16.75
CA ALA A 125 -23.61 12.67 15.55
C ALA A 125 -25.08 12.50 15.90
N CYS A 126 -25.88 13.51 15.55
CA CYS A 126 -27.31 13.46 15.83
C CYS A 126 -28.01 12.50 14.89
N THR A 127 -29.11 11.91 15.36
CA THR A 127 -29.85 10.95 14.55
C THR A 127 -30.40 11.60 13.29
N TYR A 128 -31.01 12.78 13.45
CA TYR A 128 -31.59 13.50 12.33
C TYR A 128 -30.68 14.63 11.89
N GLY A 129 -29.42 14.55 12.28
CA GLY A 129 -28.46 15.57 11.91
C GLY A 129 -28.76 16.88 12.63
N PHE A 130 -29.40 16.77 13.79
CA PHE A 130 -29.76 17.95 14.56
C PHE A 130 -28.52 18.79 14.86
N THR A 131 -28.71 20.10 14.97
CA THR A 131 -27.59 20.99 15.23
C THR A 131 -27.26 21.03 16.71
N GLY A 132 -26.09 21.57 17.03
CA GLY A 132 -25.66 21.66 18.42
C GLY A 132 -24.92 20.38 18.86
N PRO A 133 -24.00 20.49 19.78
CA PRO A 133 -23.22 19.31 20.28
C PRO A 133 -24.09 18.33 21.07
N GLN A 134 -25.19 18.83 21.61
CA GLN A 134 -26.11 18.00 22.41
C GLN A 134 -27.31 17.58 21.57
N CYS A 135 -27.28 17.89 20.29
CA CYS A 135 -28.38 17.54 19.39
C CYS A 135 -29.70 18.09 19.95
N GLU A 136 -30.40 17.25 20.72
CA GLU A 136 -31.68 17.66 21.30
C GLU A 136 -31.53 19.03 21.97
N SER A 1 -27.63 12.28 27.48
CA SER A 1 -27.00 11.23 26.64
C SER A 1 -27.04 11.67 25.18
N ALA A 2 -27.02 10.69 24.27
CA ALA A 2 -27.05 10.99 22.84
C ALA A 2 -26.02 12.05 22.48
N ARG A 3 -24.88 12.02 23.17
CA ARG A 3 -23.83 12.99 22.92
C ARG A 3 -23.26 12.81 21.51
N GLY A 4 -23.13 11.56 21.10
CA GLY A 4 -22.60 11.26 19.76
C GLY A 4 -23.43 11.94 18.68
N GLY A 5 -24.26 11.17 18.00
CA GLY A 5 -25.11 11.70 16.93
C GLY A 5 -24.42 11.59 15.58
N GLY A 6 -23.15 11.19 15.60
CA GLY A 6 -22.40 11.05 14.36
C GLY A 6 -22.84 9.82 13.60
N GLY A 7 -22.47 9.75 12.32
CA GLY A 7 -22.84 8.61 11.48
C GLY A 7 -22.10 8.66 10.15
N HIS A 8 -22.30 7.63 9.34
CA HIS A 8 -21.65 7.55 8.04
C HIS A 8 -22.19 8.64 7.12
N ASP A 9 -23.50 8.86 7.16
CA ASP A 9 -24.12 9.88 6.33
C ASP A 9 -23.74 9.68 4.86
N ALA A 10 -24.45 8.80 4.18
CA ALA A 10 -24.19 8.53 2.77
C ALA A 10 -22.79 7.96 2.59
N LEU A 11 -21.78 8.79 2.83
CA LEU A 11 -20.39 8.36 2.68
C LEU A 11 -20.07 7.28 3.69
N LYS A 12 -19.34 6.28 3.24
CA LYS A 12 -18.96 5.16 4.08
C LYS A 12 -17.48 4.85 3.92
N GLY A 13 -16.94 4.10 4.87
CA GLY A 13 -15.54 3.71 4.85
C GLY A 13 -14.73 4.51 5.87
N PRO A 14 -13.57 4.02 6.25
CA PRO A 14 -12.69 4.71 7.24
C PRO A 14 -11.94 5.91 6.63
N ASN A 15 -12.22 6.18 5.35
CA ASN A 15 -11.59 7.30 4.65
C ASN A 15 -12.63 8.36 4.28
N VAL A 16 -13.15 9.05 5.29
CA VAL A 16 -14.16 10.10 5.07
C VAL A 16 -13.63 11.43 5.60
N CYS A 17 -13.72 12.47 4.78
CA CYS A 17 -13.24 13.79 5.17
C CYS A 17 -14.20 14.86 4.65
N GLY A 18 -13.91 16.11 4.99
CA GLY A 18 -14.76 17.22 4.55
C GLY A 18 -15.91 17.45 5.53
N SER A 19 -16.61 18.57 5.36
CA SER A 19 -17.73 18.90 6.22
C SER A 19 -18.93 18.03 5.89
N ARG A 20 -19.89 17.98 6.79
CA ARG A 20 -21.08 17.17 6.57
C ARG A 20 -21.81 17.64 5.30
N TYR A 21 -21.94 18.95 5.15
CA TYR A 21 -22.61 19.51 3.98
C TYR A 21 -21.84 19.18 2.70
N ASN A 22 -20.51 19.24 2.78
CA ASN A 22 -19.65 18.96 1.63
C ASN A 22 -18.66 17.84 1.95
N ALA A 23 -19.18 16.77 2.54
CA ALA A 23 -18.34 15.62 2.89
C ALA A 23 -17.92 14.86 1.63
N TYR A 24 -16.71 14.33 1.65
CA TYR A 24 -16.18 13.57 0.52
C TYR A 24 -15.10 12.60 0.96
N CYS A 25 -14.72 11.70 0.07
CA CYS A 25 -13.69 10.73 0.39
C CYS A 25 -12.34 11.43 0.56
N CYS A 26 -11.66 11.15 1.67
CA CYS A 26 -10.37 11.78 1.94
C CYS A 26 -9.43 11.68 0.73
N PRO A 27 -8.49 12.59 0.58
CA PRO A 27 -7.54 12.56 -0.57
C PRO A 27 -6.87 11.19 -0.73
N GLY A 28 -6.87 10.68 -1.97
CA GLY A 28 -6.26 9.39 -2.27
C GLY A 28 -7.32 8.30 -2.37
N TRP A 29 -8.51 8.59 -1.85
CA TRP A 29 -9.63 7.64 -1.88
C TRP A 29 -10.77 8.19 -2.74
N LYS A 30 -11.39 7.31 -3.53
CA LYS A 30 -12.51 7.72 -4.40
C LYS A 30 -13.76 6.92 -4.04
N THR A 31 -14.79 7.01 -4.89
CA THR A 31 -16.04 6.29 -4.66
C THR A 31 -16.28 5.30 -5.79
N LEU A 32 -17.14 4.32 -5.53
CA LEU A 32 -17.44 3.31 -6.53
C LEU A 32 -18.59 3.77 -7.43
N PRO A 33 -18.65 3.30 -8.66
CA PRO A 33 -19.75 3.68 -9.61
C PRO A 33 -21.11 3.71 -8.92
N GLY A 34 -21.63 4.92 -8.72
CA GLY A 34 -22.94 5.09 -8.09
C GLY A 34 -22.85 4.87 -6.57
N GLY A 35 -21.72 4.34 -6.13
CA GLY A 35 -21.49 4.09 -4.71
C GLY A 35 -20.91 5.31 -4.02
N ASN A 36 -20.74 5.22 -2.70
CA ASN A 36 -20.18 6.32 -1.91
C ASN A 36 -19.15 5.79 -0.92
N GLN A 37 -18.70 4.56 -1.13
CA GLN A 37 -17.71 3.95 -0.25
C GLN A 37 -16.31 4.46 -0.59
N CYS A 38 -15.59 4.93 0.43
CA CYS A 38 -14.23 5.43 0.22
C CYS A 38 -13.22 4.35 0.55
N ILE A 39 -13.35 3.20 -0.10
CA ILE A 39 -12.45 2.05 0.14
C ILE A 39 -11.64 1.73 -1.11
N VAL A 40 -11.53 2.70 -2.02
CA VAL A 40 -10.78 2.51 -3.26
C VAL A 40 -9.61 3.50 -3.35
N PRO A 41 -8.49 3.16 -2.77
CA PRO A 41 -7.27 4.03 -2.81
C PRO A 41 -6.77 4.28 -4.22
N ILE A 42 -6.19 5.45 -4.46
CA ILE A 42 -5.67 5.80 -5.78
C ILE A 42 -4.21 5.38 -5.88
N CYS A 43 -3.87 4.63 -6.94
CA CYS A 43 -2.50 4.16 -7.15
C CYS A 43 -1.78 5.06 -8.16
N ARG A 44 -0.82 5.86 -7.68
CA ARG A 44 -0.06 6.73 -8.56
C ARG A 44 0.78 5.90 -9.52
N HIS A 45 1.34 4.82 -9.00
CA HIS A 45 2.18 3.92 -9.80
C HIS A 45 1.46 2.59 -10.02
N SER A 46 1.62 2.03 -11.21
CA SER A 46 0.97 0.77 -11.52
C SER A 46 1.41 -0.33 -10.57
N CYS A 47 0.45 -1.04 -9.99
CA CYS A 47 0.76 -2.13 -9.06
C CYS A 47 1.13 -3.40 -9.81
N GLY A 48 0.56 -3.57 -10.99
CA GLY A 48 0.85 -4.75 -11.79
C GLY A 48 0.17 -5.99 -11.22
N ASP A 49 0.97 -6.91 -10.71
CA ASP A 49 0.43 -8.14 -10.13
C ASP A 49 -0.04 -7.93 -8.70
N GLY A 50 0.11 -6.69 -8.22
CA GLY A 50 -0.31 -6.35 -6.86
C GLY A 50 -1.66 -5.64 -6.88
N PHE A 51 -2.11 -5.20 -5.71
CA PHE A 51 -3.39 -4.50 -5.60
C PHE A 51 -3.23 -3.22 -4.77
N CYS A 52 -4.04 -2.21 -5.11
CA CYS A 52 -3.98 -0.93 -4.41
C CYS A 52 -4.39 -1.09 -2.97
N SER A 53 -3.41 -0.93 -2.07
CA SER A 53 -3.69 -1.09 -0.64
C SER A 53 -3.79 0.28 0.02
N ARG A 54 -3.10 1.26 -0.55
CA ARG A 54 -3.15 2.61 0.01
C ARG A 54 -2.78 3.65 -1.05
N PRO A 55 -3.07 4.90 -0.80
CA PRO A 55 -2.73 5.99 -1.78
C PRO A 55 -1.26 5.93 -2.18
N ASN A 56 -1.02 5.80 -3.48
CA ASN A 56 0.35 5.73 -3.99
C ASN A 56 1.11 4.62 -3.29
N MET A 57 0.45 3.48 -3.08
CA MET A 57 1.07 2.34 -2.41
C MET A 57 0.47 1.03 -2.93
N CYS A 58 1.30 0.23 -3.59
CA CYS A 58 0.89 -1.06 -4.14
C CYS A 58 1.35 -2.19 -3.21
N THR A 59 0.60 -3.29 -3.21
CA THR A 59 0.92 -4.43 -2.39
C THR A 59 1.10 -5.66 -3.26
N CYS A 60 2.23 -6.32 -3.12
CA CYS A 60 2.51 -7.50 -3.93
C CYS A 60 2.09 -8.78 -3.19
N PRO A 61 1.73 -9.83 -3.91
CA PRO A 61 1.35 -11.14 -3.29
C PRO A 61 2.39 -11.60 -2.27
N SER A 62 3.62 -11.11 -2.41
CA SER A 62 4.70 -11.49 -1.50
C SER A 62 4.43 -10.96 -0.09
N GLY A 63 3.52 -9.99 0.00
CA GLY A 63 3.17 -9.38 1.29
C GLY A 63 3.83 -8.03 1.44
N GLN A 64 4.85 -7.76 0.65
CA GLN A 64 5.55 -6.48 0.71
C GLN A 64 4.64 -5.36 0.22
N ILE A 65 4.89 -4.15 0.72
CA ILE A 65 4.09 -2.97 0.33
C ILE A 65 5.00 -1.87 -0.19
N ALA A 66 4.66 -1.33 -1.34
CA ALA A 66 5.45 -0.26 -1.94
C ALA A 66 4.74 0.29 -3.18
N PRO A 67 5.16 1.44 -3.67
CA PRO A 67 4.56 2.07 -4.89
C PRO A 67 4.64 1.14 -6.10
N SER A 68 5.57 0.20 -6.07
CA SER A 68 5.75 -0.74 -7.18
C SER A 68 5.92 -2.16 -6.65
N CYS A 69 5.57 -3.14 -7.46
CA CYS A 69 5.68 -4.54 -7.07
C CYS A 69 7.11 -5.05 -7.29
N GLY A 70 7.57 -5.92 -6.39
CA GLY A 70 8.91 -6.48 -6.52
C GLY A 70 9.96 -5.39 -6.60
N SER A 71 9.87 -4.40 -5.71
CA SER A 71 10.81 -3.30 -5.72
C SER A 71 12.23 -3.81 -5.49
N ARG A 72 12.39 -4.71 -4.53
CA ARG A 72 13.70 -5.26 -4.24
C ARG A 72 13.57 -6.47 -3.32
N SER A 73 12.43 -6.60 -2.65
CA SER A 73 12.18 -7.72 -1.74
C SER A 73 12.79 -7.43 -0.38
N ILE A 74 12.07 -6.66 0.45
CA ILE A 74 12.54 -6.32 1.79
C ILE A 74 11.56 -6.81 2.85
N GLN A 75 12.07 -7.53 3.83
CA GLN A 75 11.23 -8.06 4.90
C GLN A 75 10.97 -6.99 5.95
N HIS A 76 9.72 -6.53 6.02
CA HIS A 76 9.35 -5.50 7.00
C HIS A 76 8.76 -6.13 8.25
N CYS A 77 7.78 -7.02 8.06
CA CYS A 77 7.13 -7.72 9.17
C CYS A 77 7.38 -9.22 9.07
N ASN A 78 7.74 -9.83 10.20
CA ASN A 78 7.99 -11.26 10.24
C ASN A 78 6.73 -12.04 9.89
N ILE A 79 5.60 -11.57 10.40
CA ILE A 79 4.31 -12.23 10.16
C ILE A 79 3.41 -11.31 9.32
N ARG A 80 2.11 -11.53 9.41
CA ARG A 80 1.13 -10.74 8.66
C ARG A 80 0.16 -10.06 9.61
N CYS A 81 0.11 -8.72 9.53
CA CYS A 81 -0.77 -7.93 10.39
C CYS A 81 -1.67 -7.05 9.55
N MET A 82 -2.88 -6.82 10.03
CA MET A 82 -3.84 -5.99 9.31
C MET A 82 -4.70 -5.20 10.30
N ASN A 83 -5.54 -4.31 9.77
CA ASN A 83 -6.41 -3.49 10.60
C ASN A 83 -5.61 -2.64 11.57
N GLY A 84 -4.46 -2.14 11.11
CA GLY A 84 -3.62 -1.30 11.96
C GLY A 84 -2.81 -2.15 12.92
N GLY A 85 -2.73 -3.44 12.64
CA GLY A 85 -1.98 -4.34 13.51
C GLY A 85 -0.48 -4.12 13.37
N SER A 86 0.17 -3.83 14.50
CA SER A 86 1.61 -3.60 14.51
C SER A 86 2.37 -4.92 14.58
N CYS A 87 3.48 -5.00 13.85
CA CYS A 87 4.30 -6.21 13.84
C CYS A 87 5.25 -6.22 15.03
N SER A 88 5.26 -7.33 15.77
CA SER A 88 6.11 -7.47 16.94
C SER A 88 6.95 -8.74 16.82
N ASP A 89 8.06 -8.78 17.56
CA ASP A 89 8.96 -9.93 17.51
C ASP A 89 8.19 -11.23 17.66
N ASP A 90 8.10 -11.98 16.57
CA ASP A 90 7.39 -13.25 16.58
C ASP A 90 6.00 -13.09 17.18
N HIS A 91 5.43 -11.90 17.00
CA HIS A 91 4.11 -11.63 17.54
C HIS A 91 3.47 -10.44 16.82
N CYS A 92 2.15 -10.40 16.81
CA CYS A 92 1.42 -9.30 16.16
C CYS A 92 0.38 -8.71 17.11
N LEU A 93 0.35 -7.39 17.22
CA LEU A 93 -0.61 -6.71 18.09
C LEU A 93 -1.76 -6.17 17.25
N CYS A 94 -2.99 -6.49 17.65
CA CYS A 94 -4.16 -6.03 16.91
C CYS A 94 -4.56 -4.64 17.37
N GLN A 95 -4.80 -3.74 16.41
CA GLN A 95 -5.18 -2.39 16.73
C GLN A 95 -6.41 -2.36 17.63
N LYS A 96 -6.64 -1.25 18.30
CA LYS A 96 -7.78 -1.13 19.19
C LYS A 96 -9.08 -1.33 18.43
N GLY A 97 -9.95 -2.19 18.96
CA GLY A 97 -11.23 -2.49 18.34
C GLY A 97 -11.15 -3.73 17.46
N TYR A 98 -9.93 -4.24 17.29
CA TYR A 98 -9.71 -5.44 16.48
C TYR A 98 -9.09 -6.55 17.32
N ILE A 99 -9.58 -7.78 17.14
CA ILE A 99 -9.09 -8.92 17.89
C ILE A 99 -8.74 -10.06 16.94
N GLY A 100 -8.09 -11.09 17.45
CA GLY A 100 -7.72 -12.25 16.64
C GLY A 100 -6.20 -12.46 16.67
N THR A 101 -5.77 -13.67 16.35
CA THR A 101 -4.35 -13.98 16.34
C THR A 101 -3.62 -13.13 15.31
N HIS A 102 -4.18 -13.03 14.12
CA HIS A 102 -3.58 -12.25 13.04
C HIS A 102 -4.32 -10.92 12.89
N CYS A 103 -5.28 -10.68 13.77
CA CYS A 103 -6.05 -9.45 13.73
C CYS A 103 -6.87 -9.39 12.46
N GLY A 104 -8.08 -8.86 12.57
CA GLY A 104 -8.96 -8.75 11.41
C GLY A 104 -10.42 -8.85 11.84
N GLN A 105 -10.66 -9.17 13.11
CA GLN A 105 -12.03 -9.28 13.63
C GLN A 105 -12.39 -8.02 14.44
N PRO A 106 -13.28 -7.16 13.93
CA PRO A 106 -13.68 -5.92 14.65
C PRO A 106 -14.60 -6.19 15.83
N VAL A 107 -14.65 -5.26 16.78
CA VAL A 107 -15.50 -5.42 17.96
C VAL A 107 -16.43 -4.21 18.12
N CYS A 108 -17.73 -4.48 18.23
CA CYS A 108 -18.71 -3.40 18.39
C CYS A 108 -18.99 -3.18 19.85
N GLU A 109 -18.52 -2.05 20.38
CA GLU A 109 -18.73 -1.72 21.78
C GLU A 109 -20.20 -1.47 22.05
N SER A 110 -20.87 -0.80 21.11
CA SER A 110 -22.29 -0.49 21.24
C SER A 110 -23.15 -1.62 20.68
N GLY A 111 -22.50 -2.57 20.00
CA GLY A 111 -23.21 -3.70 19.42
C GLY A 111 -24.24 -3.21 18.41
N CYS A 112 -24.93 -4.16 17.76
CA CYS A 112 -25.94 -3.81 16.76
C CYS A 112 -27.32 -4.28 17.24
N LEU A 113 -28.24 -3.32 17.38
CA LEU A 113 -29.59 -3.64 17.85
C LEU A 113 -30.32 -4.55 16.86
N ASN A 114 -30.17 -4.24 15.58
CA ASN A 114 -30.82 -5.03 14.53
C ASN A 114 -29.87 -6.12 14.01
N GLY A 115 -30.34 -6.88 13.03
CA GLY A 115 -29.53 -7.95 12.46
C GLY A 115 -28.41 -7.39 11.60
N GLY A 116 -27.94 -6.19 11.95
CA GLY A 116 -26.87 -5.55 11.21
C GLY A 116 -25.57 -6.32 11.38
N ARG A 117 -24.50 -5.84 10.74
CA ARG A 117 -23.20 -6.49 10.82
C ARG A 117 -22.13 -5.50 11.25
N CYS A 118 -21.12 -5.99 11.95
CA CYS A 118 -20.04 -5.14 12.43
C CYS A 118 -18.95 -5.03 11.37
N VAL A 119 -18.89 -3.88 10.70
CA VAL A 119 -17.89 -3.65 9.67
C VAL A 119 -16.62 -3.08 10.27
N ALA A 120 -16.74 -2.52 11.45
CA ALA A 120 -15.58 -1.94 12.12
C ALA A 120 -15.88 -1.66 13.59
N PRO A 121 -14.91 -1.24 14.36
CA PRO A 121 -15.10 -0.94 15.81
C PRO A 121 -16.25 0.03 16.02
N ASN A 122 -17.12 -0.28 16.98
CA ASN A 122 -18.25 0.57 17.29
C ASN A 122 -18.94 1.00 16.01
N ARG A 123 -19.00 0.10 15.02
CA ARG A 123 -19.64 0.40 13.74
C ARG A 123 -20.63 -0.70 13.34
N CYS A 124 -21.91 -0.40 13.52
CA CYS A 124 -22.99 -1.33 13.19
C CYS A 124 -23.64 -0.94 11.87
N ALA A 125 -23.87 -1.94 11.02
CA ALA A 125 -24.52 -1.71 9.73
C ALA A 125 -25.89 -2.37 9.74
N CYS A 126 -26.92 -1.60 10.11
CA CYS A 126 -28.29 -2.11 10.17
C CYS A 126 -29.07 -1.65 8.96
N THR A 127 -29.93 -2.52 8.42
CA THR A 127 -30.73 -2.20 7.24
C THR A 127 -32.20 -2.10 7.60
N TYR A 128 -32.47 -2.03 8.90
CA TYR A 128 -33.83 -1.93 9.41
C TYR A 128 -34.17 -0.50 9.82
N GLY A 129 -33.55 0.46 9.15
CA GLY A 129 -33.79 1.87 9.46
C GLY A 129 -32.67 2.44 10.32
N PHE A 130 -31.45 2.40 9.80
CA PHE A 130 -30.30 2.91 10.54
C PHE A 130 -30.63 4.24 11.19
N THR A 131 -30.56 4.27 12.52
CA THR A 131 -30.83 5.50 13.26
C THR A 131 -30.08 5.49 14.60
N GLY A 132 -29.38 6.57 14.89
CA GLY A 132 -28.63 6.68 16.14
C GLY A 132 -27.32 5.90 16.05
N PRO A 133 -26.42 6.15 16.97
CA PRO A 133 -25.08 5.46 17.00
C PRO A 133 -25.21 3.96 17.32
N GLN A 134 -26.32 3.58 17.94
CA GLN A 134 -26.55 2.19 18.30
C GLN A 134 -27.26 1.44 17.17
N CYS A 135 -27.28 2.05 15.99
CA CYS A 135 -27.93 1.44 14.85
C CYS A 135 -29.43 1.32 15.08
N GLU A 136 -30.19 2.10 14.33
CA GLU A 136 -31.64 2.10 14.46
C GLU A 136 -32.07 2.75 15.77
N SER A 1 -9.06 -0.71 17.59
CA SER A 1 -10.40 -0.10 17.81
C SER A 1 -10.42 1.31 17.22
N ALA A 2 -11.36 1.56 16.33
CA ALA A 2 -11.48 2.87 15.70
C ALA A 2 -11.82 3.92 16.73
N ARG A 3 -11.27 5.12 16.56
CA ARG A 3 -11.51 6.22 17.49
C ARG A 3 -11.95 7.47 16.73
N GLY A 4 -13.00 8.11 17.23
CA GLY A 4 -13.53 9.32 16.60
C GLY A 4 -14.44 8.98 15.43
N GLY A 5 -14.96 7.76 15.43
CA GLY A 5 -15.85 7.32 14.36
C GLY A 5 -17.19 8.04 14.45
N GLY A 6 -17.62 8.62 13.33
CA GLY A 6 -18.89 9.34 13.26
C GLY A 6 -19.96 8.50 12.57
N GLY A 7 -21.15 9.09 12.43
CA GLY A 7 -22.25 8.41 11.77
C GLY A 7 -21.93 8.15 10.30
N HIS A 8 -21.12 9.02 9.72
CA HIS A 8 -20.74 8.90 8.33
C HIS A 8 -21.98 8.84 7.44
N ASP A 9 -22.69 9.96 7.36
CA ASP A 9 -23.90 10.03 6.55
C ASP A 9 -23.55 9.99 5.07
N ALA A 10 -24.30 9.20 4.31
CA ALA A 10 -24.07 9.07 2.87
C ALA A 10 -22.72 8.41 2.60
N LEU A 11 -21.64 9.08 2.97
CA LEU A 11 -20.31 8.54 2.77
C LEU A 11 -20.04 7.41 3.75
N LYS A 12 -19.24 6.45 3.32
CA LYS A 12 -18.92 5.31 4.15
C LYS A 12 -17.42 5.01 4.07
N GLY A 13 -16.94 4.26 5.05
CA GLY A 13 -15.53 3.88 5.11
C GLY A 13 -14.77 4.73 6.12
N PRO A 14 -13.59 4.30 6.51
CA PRO A 14 -12.74 5.04 7.49
C PRO A 14 -12.07 6.27 6.87
N ASN A 15 -12.21 6.42 5.55
CA ASN A 15 -11.60 7.54 4.84
C ASN A 15 -12.67 8.57 4.46
N VAL A 16 -13.20 9.26 5.46
CA VAL A 16 -14.22 10.29 5.23
C VAL A 16 -13.74 11.64 5.76
N CYS A 17 -13.84 12.67 4.93
CA CYS A 17 -13.40 14.01 5.31
C CYS A 17 -14.33 15.06 4.69
N GLY A 18 -13.97 16.33 4.85
CA GLY A 18 -14.78 17.40 4.31
C GLY A 18 -15.93 17.74 5.25
N SER A 19 -16.63 18.83 4.94
CA SER A 19 -17.77 19.26 5.75
C SER A 19 -19.02 18.52 5.34
N ARG A 20 -20.07 18.63 6.15
CA ARG A 20 -21.33 17.96 5.84
C ARG A 20 -21.88 18.45 4.50
N TYR A 21 -21.83 19.75 4.28
CA TYR A 21 -22.32 20.33 3.04
C TYR A 21 -21.50 19.84 1.85
N ASN A 22 -20.20 19.69 2.07
CA ASN A 22 -19.29 19.24 1.00
C ASN A 22 -18.43 18.08 1.47
N ALA A 23 -19.07 17.07 2.04
CA ALA A 23 -18.36 15.90 2.51
C ALA A 23 -17.88 15.04 1.34
N TYR A 24 -16.68 14.47 1.47
CA TYR A 24 -16.13 13.61 0.42
C TYR A 24 -15.03 12.71 0.97
N CYS A 25 -14.63 11.72 0.18
CA CYS A 25 -13.59 10.80 0.62
C CYS A 25 -12.27 11.54 0.80
N CYS A 26 -11.64 11.32 1.94
CA CYS A 26 -10.38 11.99 2.23
C CYS A 26 -9.42 11.90 1.04
N PRO A 27 -8.53 12.87 0.86
CA PRO A 27 -7.55 12.84 -0.27
C PRO A 27 -6.82 11.49 -0.36
N GLY A 28 -6.81 10.93 -1.56
CA GLY A 28 -6.16 9.64 -1.80
C GLY A 28 -7.19 8.51 -1.92
N TRP A 29 -8.41 8.77 -1.43
CA TRP A 29 -9.49 7.79 -1.48
C TRP A 29 -10.58 8.28 -2.44
N LYS A 30 -11.06 7.37 -3.29
CA LYS A 30 -12.10 7.69 -4.26
C LYS A 30 -13.40 6.97 -3.90
N THR A 31 -14.34 6.97 -4.82
CA THR A 31 -15.63 6.32 -4.60
C THR A 31 -15.97 5.41 -5.76
N LEU A 32 -16.95 4.53 -5.57
CA LEU A 32 -17.33 3.60 -6.61
C LEU A 32 -18.46 4.19 -7.48
N PRO A 33 -18.53 3.82 -8.74
CA PRO A 33 -19.59 4.33 -9.65
C PRO A 33 -20.97 4.32 -8.98
N GLY A 34 -21.54 5.49 -8.79
CA GLY A 34 -22.85 5.61 -8.18
C GLY A 34 -22.79 5.32 -6.68
N GLY A 35 -21.64 4.85 -6.22
CA GLY A 35 -21.45 4.53 -4.81
C GLY A 35 -20.91 5.73 -4.05
N ASN A 36 -20.75 5.57 -2.74
CA ASN A 36 -20.23 6.65 -1.88
C ASN A 36 -19.24 6.09 -0.85
N GLN A 37 -18.82 4.85 -1.05
CA GLN A 37 -17.88 4.22 -0.12
C GLN A 37 -16.45 4.61 -0.46
N CYS A 38 -15.69 5.02 0.56
CA CYS A 38 -14.30 5.42 0.36
C CYS A 38 -13.38 4.25 0.66
N ILE A 39 -13.75 3.06 0.18
CA ILE A 39 -12.96 1.86 0.40
C ILE A 39 -12.09 1.55 -0.80
N VAL A 40 -12.07 2.47 -1.77
CA VAL A 40 -11.28 2.28 -2.98
C VAL A 40 -10.06 3.22 -2.99
N PRO A 41 -8.85 2.71 -2.88
CA PRO A 41 -7.63 3.55 -2.90
C PRO A 41 -7.25 3.99 -4.32
N ILE A 42 -6.51 5.09 -4.41
CA ILE A 42 -6.08 5.60 -5.72
C ILE A 42 -4.63 5.19 -5.98
N CYS A 43 -4.40 4.42 -7.03
CA CYS A 43 -3.04 3.96 -7.37
C CYS A 43 -2.37 4.98 -8.30
N ARG A 44 -1.31 5.60 -7.81
CA ARG A 44 -0.59 6.57 -8.63
C ARG A 44 0.04 5.88 -9.84
N HIS A 45 0.67 4.73 -9.60
CA HIS A 45 1.32 3.96 -10.67
C HIS A 45 0.69 2.57 -10.78
N SER A 46 1.36 1.69 -11.53
CA SER A 46 0.86 0.34 -11.74
C SER A 46 1.53 -0.63 -10.78
N CYS A 47 0.71 -1.36 -10.03
CA CYS A 47 1.23 -2.33 -9.08
C CYS A 47 1.75 -3.56 -9.79
N GLY A 48 1.13 -3.91 -10.91
CA GLY A 48 1.55 -5.08 -11.68
C GLY A 48 1.03 -6.36 -11.04
N ASP A 49 1.94 -7.11 -10.41
CA ASP A 49 1.57 -8.36 -9.76
C ASP A 49 0.98 -8.09 -8.38
N GLY A 50 0.96 -6.83 -7.98
CA GLY A 50 0.41 -6.43 -6.68
C GLY A 50 -0.98 -5.84 -6.83
N PHE A 51 -1.54 -5.38 -5.73
CA PHE A 51 -2.87 -4.77 -5.72
C PHE A 51 -2.87 -3.47 -4.92
N CYS A 52 -3.69 -2.51 -5.37
CA CYS A 52 -3.77 -1.21 -4.71
C CYS A 52 -4.34 -1.39 -3.31
N SER A 53 -3.50 -1.17 -2.31
CA SER A 53 -3.93 -1.32 -0.92
C SER A 53 -4.11 0.02 -0.26
N ARG A 54 -3.40 1.03 -0.77
CA ARG A 54 -3.51 2.36 -0.21
C ARG A 54 -3.18 3.40 -1.26
N PRO A 55 -3.62 4.63 -1.07
CA PRO A 55 -3.36 5.74 -2.03
C PRO A 55 -1.88 5.81 -2.41
N ASN A 56 -1.61 5.65 -3.71
CA ASN A 56 -0.24 5.70 -4.20
C ASN A 56 0.62 4.68 -3.45
N MET A 57 0.07 3.49 -3.25
CA MET A 57 0.77 2.43 -2.55
C MET A 57 0.34 1.07 -3.08
N CYS A 58 1.30 0.32 -3.62
CA CYS A 58 1.06 -1.00 -4.17
C CYS A 58 1.51 -2.07 -3.19
N THR A 59 0.82 -3.21 -3.21
CA THR A 59 1.15 -4.33 -2.35
C THR A 59 1.50 -5.54 -3.19
N CYS A 60 2.73 -5.98 -3.09
CA CYS A 60 3.18 -7.13 -3.87
C CYS A 60 2.78 -8.44 -3.18
N PRO A 61 2.62 -9.52 -3.93
CA PRO A 61 2.28 -10.86 -3.35
C PRO A 61 3.22 -11.25 -2.19
N SER A 62 4.43 -10.70 -2.21
CA SER A 62 5.41 -10.99 -1.17
C SER A 62 4.96 -10.44 0.18
N GLY A 63 3.98 -9.54 0.14
CA GLY A 63 3.45 -8.93 1.36
C GLY A 63 4.03 -7.53 1.55
N GLN A 64 5.09 -7.23 0.82
CA GLN A 64 5.72 -5.92 0.93
C GLN A 64 4.77 -4.84 0.41
N ILE A 65 4.89 -3.65 0.97
CA ILE A 65 4.03 -2.52 0.58
C ILE A 65 4.87 -1.29 0.25
N ALA A 66 4.59 -0.69 -0.90
CA ALA A 66 5.33 0.50 -1.30
C ALA A 66 4.68 1.14 -2.53
N PRO A 67 5.21 2.24 -3.01
CA PRO A 67 4.67 2.96 -4.22
C PRO A 67 4.66 2.06 -5.45
N SER A 68 5.49 1.02 -5.44
CA SER A 68 5.57 0.10 -6.56
C SER A 68 6.02 -1.28 -6.09
N CYS A 69 5.81 -2.29 -6.94
CA CYS A 69 6.20 -3.65 -6.61
C CYS A 69 7.72 -3.82 -6.78
N GLY A 70 8.30 -3.03 -7.67
CA GLY A 70 9.74 -3.12 -7.92
C GLY A 70 10.53 -2.66 -6.70
N SER A 71 10.98 -3.61 -5.89
CA SER A 71 11.76 -3.29 -4.69
C SER A 71 12.93 -4.26 -4.54
N ARG A 72 12.80 -5.43 -5.14
CA ARG A 72 13.87 -6.44 -5.08
C ARG A 72 14.68 -6.44 -6.36
N SER A 73 16.00 -6.57 -6.22
CA SER A 73 16.89 -6.58 -7.38
C SER A 73 16.51 -7.70 -8.33
N ILE A 74 16.17 -8.87 -7.77
CA ILE A 74 15.81 -10.02 -8.58
C ILE A 74 14.30 -10.23 -8.54
N GLN A 75 13.67 -10.24 -9.71
CA GLN A 75 12.23 -10.43 -9.81
C GLN A 75 11.88 -11.91 -9.86
N HIS A 76 10.79 -12.28 -9.20
CA HIS A 76 10.35 -13.67 -9.18
C HIS A 76 9.64 -14.02 -10.48
N CYS A 77 9.72 -15.29 -10.87
CA CYS A 77 9.08 -15.73 -12.10
C CYS A 77 7.62 -15.33 -12.14
N ASN A 78 7.36 -14.09 -12.53
CA ASN A 78 5.99 -13.59 -12.61
C ASN A 78 5.20 -14.36 -13.67
N ILE A 79 5.85 -14.65 -14.80
CA ILE A 79 5.17 -15.37 -15.87
C ILE A 79 4.81 -16.77 -15.42
N ARG A 80 4.15 -17.51 -16.30
CA ARG A 80 3.74 -18.89 -16.00
C ARG A 80 4.42 -19.87 -16.95
N CYS A 81 5.50 -20.48 -16.49
CA CYS A 81 6.23 -21.44 -17.29
C CYS A 81 5.73 -22.85 -16.96
N MET A 82 5.51 -23.64 -17.99
CA MET A 82 5.00 -25.01 -17.82
C MET A 82 5.86 -26.00 -18.60
N ASN A 83 5.64 -27.29 -18.36
CA ASN A 83 6.40 -28.33 -19.05
C ASN A 83 7.89 -28.25 -18.69
N GLY A 84 8.16 -28.01 -17.41
CA GLY A 84 9.54 -27.92 -16.95
C GLY A 84 10.24 -26.72 -17.56
N GLY A 85 9.45 -25.73 -17.96
CA GLY A 85 10.01 -24.53 -18.57
C GLY A 85 10.57 -23.60 -17.51
N SER A 86 11.70 -22.96 -17.82
CA SER A 86 12.34 -22.03 -16.89
C SER A 86 11.99 -20.59 -17.26
N CYS A 87 11.83 -19.74 -16.24
CA CYS A 87 11.50 -18.34 -16.48
C CYS A 87 12.77 -17.49 -16.52
N SER A 88 12.90 -16.67 -17.55
CA SER A 88 14.05 -15.79 -17.69
C SER A 88 13.68 -14.52 -18.43
N ASP A 89 14.11 -13.37 -17.91
CA ASP A 89 13.82 -12.10 -18.55
C ASP A 89 12.33 -11.96 -18.83
N ASP A 90 11.50 -12.30 -17.84
CA ASP A 90 10.06 -12.21 -17.99
C ASP A 90 9.60 -13.05 -19.18
N HIS A 91 10.28 -14.16 -19.42
CA HIS A 91 9.93 -15.04 -20.53
C HIS A 91 10.16 -16.51 -20.14
N CYS A 92 9.23 -17.37 -20.53
CA CYS A 92 9.34 -18.80 -20.23
C CYS A 92 10.05 -19.54 -21.35
N LEU A 93 11.03 -20.35 -20.97
CA LEU A 93 11.80 -21.14 -21.92
C LEU A 93 11.30 -22.57 -21.91
N CYS A 94 10.97 -23.09 -23.09
CA CYS A 94 10.47 -24.44 -23.22
C CYS A 94 11.61 -25.43 -23.39
N GLN A 95 11.54 -26.55 -22.68
CA GLN A 95 12.58 -27.56 -22.77
C GLN A 95 12.48 -28.31 -24.09
N LYS A 96 13.47 -29.17 -24.36
CA LYS A 96 13.48 -29.92 -25.59
C LYS A 96 12.26 -30.85 -25.67
N GLY A 97 11.49 -30.74 -26.74
CA GLY A 97 10.29 -31.56 -26.92
C GLY A 97 9.02 -30.71 -26.75
N TYR A 98 9.12 -29.63 -25.99
CA TYR A 98 7.99 -28.73 -25.77
C TYR A 98 8.26 -27.39 -26.42
N ILE A 99 7.26 -26.87 -27.13
CA ILE A 99 7.37 -25.59 -27.83
C ILE A 99 6.22 -24.68 -27.44
N GLY A 100 6.32 -23.42 -27.82
CA GLY A 100 5.27 -22.43 -27.53
C GLY A 100 5.81 -21.30 -26.65
N THR A 101 5.13 -20.18 -26.66
CA THR A 101 5.55 -19.03 -25.87
C THR A 101 5.54 -19.38 -24.38
N HIS A 102 4.46 -20.02 -23.94
CA HIS A 102 4.32 -20.40 -22.53
C HIS A 102 4.64 -21.88 -22.35
N CYS A 103 5.01 -22.53 -23.45
CA CYS A 103 5.35 -23.95 -23.42
C CYS A 103 4.11 -24.76 -23.01
N GLY A 104 3.84 -25.81 -23.76
CA GLY A 104 2.69 -26.65 -23.48
C GLY A 104 2.39 -27.55 -24.67
N GLN A 105 3.01 -27.26 -25.81
CA GLN A 105 2.79 -28.07 -27.01
C GLN A 105 3.94 -29.08 -27.21
N PRO A 106 3.69 -30.37 -27.07
CA PRO A 106 4.74 -31.41 -27.24
C PRO A 106 5.08 -31.65 -28.72
N VAL A 107 6.28 -32.18 -28.97
CA VAL A 107 6.71 -32.46 -30.34
C VAL A 107 7.02 -33.95 -30.49
N CYS A 108 6.46 -34.55 -31.53
CA CYS A 108 6.68 -35.97 -31.79
C CYS A 108 7.90 -36.18 -32.67
N GLU A 109 9.03 -36.50 -32.06
CA GLU A 109 10.26 -36.71 -32.80
C GLU A 109 10.11 -37.88 -33.76
N SER A 110 9.42 -38.92 -33.31
CA SER A 110 9.20 -40.10 -34.14
C SER A 110 8.03 -39.88 -35.10
N GLY A 111 7.34 -38.76 -34.92
CA GLY A 111 6.20 -38.43 -35.76
C GLY A 111 5.08 -39.44 -35.56
N CYS A 112 3.87 -39.07 -35.95
CA CYS A 112 2.70 -39.95 -35.81
C CYS A 112 2.18 -40.36 -37.18
N LEU A 113 2.45 -41.59 -37.58
CA LEU A 113 2.01 -42.10 -38.87
C LEU A 113 0.48 -42.14 -38.94
N ASN A 114 -0.14 -42.59 -37.86
CA ASN A 114 -1.60 -42.67 -37.81
C ASN A 114 -2.18 -41.38 -37.25
N GLY A 115 -3.50 -41.28 -37.28
CA GLY A 115 -4.19 -40.09 -36.77
C GLY A 115 -4.04 -39.99 -35.25
N GLY A 116 -2.90 -40.45 -34.74
CA GLY A 116 -2.65 -40.40 -33.30
C GLY A 116 -2.43 -38.97 -32.84
N ARG A 117 -2.16 -38.79 -31.55
CA ARG A 117 -1.94 -37.47 -30.99
C ARG A 117 -0.65 -37.46 -30.15
N CYS A 118 0.02 -36.31 -30.14
CA CYS A 118 1.26 -36.17 -29.39
C CYS A 118 0.97 -35.84 -27.94
N VAL A 119 1.23 -36.79 -27.05
CA VAL A 119 0.99 -36.58 -25.62
C VAL A 119 2.25 -36.12 -24.93
N ALA A 120 3.39 -36.36 -25.56
CA ALA A 120 4.67 -35.96 -24.98
C ALA A 120 5.80 -36.07 -26.01
N PRO A 121 6.98 -35.63 -25.68
CA PRO A 121 8.16 -35.71 -26.59
C PRO A 121 8.39 -37.13 -27.09
N ASN A 122 8.55 -37.26 -28.40
CA ASN A 122 8.79 -38.57 -29.01
C ASN A 122 7.77 -39.57 -28.50
N ARG A 123 6.56 -39.09 -28.22
CA ARG A 123 5.48 -39.96 -27.73
C ARG A 123 4.17 -39.62 -28.44
N CYS A 124 3.52 -40.64 -28.98
CA CYS A 124 2.25 -40.48 -29.67
C CYS A 124 1.21 -41.48 -29.18
N ALA A 125 -0.04 -41.06 -29.16
CA ALA A 125 -1.14 -41.93 -28.72
C ALA A 125 -1.82 -42.52 -29.94
N CYS A 126 -2.12 -43.81 -29.86
CA CYS A 126 -2.79 -44.50 -30.97
C CYS A 126 -4.28 -44.24 -30.94
N THR A 127 -4.86 -44.10 -32.13
CA THR A 127 -6.29 -43.86 -32.25
C THR A 127 -7.09 -45.05 -31.71
N TYR A 128 -6.69 -46.26 -32.08
CA TYR A 128 -7.38 -47.47 -31.65
C TYR A 128 -6.67 -48.11 -30.46
N GLY A 129 -5.83 -47.32 -29.82
CA GLY A 129 -5.09 -47.79 -28.66
C GLY A 129 -4.01 -48.79 -29.06
N PHE A 130 -3.57 -48.70 -30.31
CA PHE A 130 -2.54 -49.60 -30.82
C PHE A 130 -1.22 -49.36 -30.11
N THR A 131 -0.41 -50.40 -30.03
CA THR A 131 0.88 -50.31 -29.36
C THR A 131 1.94 -49.84 -30.35
N GLY A 132 3.09 -49.44 -29.81
CA GLY A 132 4.21 -48.98 -30.64
C GLY A 132 4.43 -47.47 -30.46
N PRO A 133 5.66 -47.02 -30.59
CA PRO A 133 6.00 -45.57 -30.42
C PRO A 133 5.41 -44.70 -31.54
N GLN A 134 5.25 -45.30 -32.72
CA GLN A 134 4.71 -44.59 -33.89
C GLN A 134 3.36 -45.18 -34.30
N CYS A 135 2.91 -46.18 -33.57
CA CYS A 135 1.65 -46.83 -33.87
C CYS A 135 1.76 -47.70 -35.12
N GLU A 136 1.85 -47.06 -36.28
CA GLU A 136 1.97 -47.78 -37.55
C GLU A 136 3.39 -47.63 -38.12
N SER A 1 -43.17 5.92 5.88
CA SER A 1 -42.17 4.82 5.80
C SER A 1 -42.04 4.34 4.36
N ALA A 2 -40.83 4.30 3.85
CA ALA A 2 -40.59 3.86 2.48
C ALA A 2 -41.50 4.61 1.51
N ARG A 3 -41.64 5.91 1.72
CA ARG A 3 -42.48 6.73 0.87
C ARG A 3 -41.92 6.75 -0.56
N GLY A 4 -40.60 6.82 -0.67
CA GLY A 4 -39.96 6.84 -1.98
C GLY A 4 -38.47 7.14 -1.84
N GLY A 5 -37.64 6.13 -2.13
CA GLY A 5 -36.20 6.29 -2.04
C GLY A 5 -35.79 6.75 -0.65
N GLY A 6 -34.89 7.72 -0.59
CA GLY A 6 -34.42 8.24 0.68
C GLY A 6 -33.55 7.21 1.40
N GLY A 7 -33.52 7.31 2.74
CA GLY A 7 -32.74 6.38 3.55
C GLY A 7 -31.38 6.95 3.88
N HIS A 8 -31.03 8.06 3.23
CA HIS A 8 -29.74 8.72 3.46
C HIS A 8 -28.63 7.69 3.63
N ASP A 9 -28.16 7.15 2.50
CA ASP A 9 -27.09 6.15 2.53
C ASP A 9 -25.80 6.77 3.07
N ALA A 10 -25.57 8.04 2.78
CA ALA A 10 -24.38 8.72 3.24
C ALA A 10 -23.13 7.93 2.87
N LEU A 11 -21.97 8.44 3.25
CA LEU A 11 -20.71 7.78 2.95
C LEU A 11 -20.52 6.57 3.84
N LYS A 12 -19.80 5.58 3.33
CA LYS A 12 -19.55 4.34 4.08
C LYS A 12 -18.06 4.02 4.09
N GLY A 13 -17.68 3.12 4.98
CA GLY A 13 -16.28 2.71 5.10
C GLY A 13 -15.44 3.85 5.69
N PRO A 14 -14.20 3.57 6.01
CA PRO A 14 -13.27 4.58 6.59
C PRO A 14 -12.81 5.60 5.55
N ASN A 15 -11.84 6.42 5.93
CA ASN A 15 -11.31 7.43 5.02
C ASN A 15 -12.41 8.38 4.55
N VAL A 16 -13.31 8.73 5.45
CA VAL A 16 -14.42 9.64 5.12
C VAL A 16 -14.06 11.06 5.51
N CYS A 17 -14.32 12.00 4.61
CA CYS A 17 -14.00 13.40 4.86
C CYS A 17 -14.96 14.31 4.09
N GLY A 18 -14.71 15.61 4.15
CA GLY A 18 -15.55 16.58 3.46
C GLY A 18 -16.68 17.05 4.36
N SER A 19 -17.45 18.02 3.87
CA SER A 19 -18.57 18.58 4.63
C SER A 19 -19.80 17.69 4.49
N ARG A 20 -20.73 17.84 5.41
CA ARG A 20 -21.96 17.05 5.36
C ARG A 20 -22.72 17.33 4.06
N TYR A 21 -22.81 18.59 3.68
CA TYR A 21 -23.52 18.97 2.47
C TYR A 21 -22.88 18.35 1.23
N ASN A 22 -21.55 18.34 1.20
CA ASN A 22 -20.81 17.78 0.08
C ASN A 22 -19.68 16.87 0.58
N ALA A 23 -20.04 15.90 1.40
CA ALA A 23 -19.05 14.97 1.94
C ALA A 23 -18.44 14.14 0.83
N TYR A 24 -17.16 13.78 1.00
CA TYR A 24 -16.45 12.98 0.00
C TYR A 24 -15.33 12.19 0.64
N CYS A 25 -14.75 11.27 -0.13
CA CYS A 25 -13.66 10.45 0.38
C CYS A 25 -12.39 11.29 0.49
N CYS A 26 -11.68 11.16 1.61
CA CYS A 26 -10.46 11.94 1.82
C CYS A 26 -9.52 11.86 0.60
N PRO A 27 -8.51 12.71 0.56
CA PRO A 27 -7.53 12.70 -0.56
C PRO A 27 -6.86 11.31 -0.72
N GLY A 28 -6.81 10.83 -1.96
CA GLY A 28 -6.19 9.53 -2.23
C GLY A 28 -7.26 8.43 -2.31
N TRP A 29 -8.44 8.73 -1.77
CA TRP A 29 -9.55 7.78 -1.76
C TRP A 29 -10.68 8.29 -2.65
N LYS A 30 -11.31 7.38 -3.40
CA LYS A 30 -12.42 7.74 -4.29
C LYS A 30 -13.64 6.86 -3.98
N THR A 31 -14.67 7.01 -4.79
CA THR A 31 -15.90 6.24 -4.61
C THR A 31 -16.12 5.31 -5.80
N LEU A 32 -16.96 4.30 -5.60
CA LEU A 32 -17.26 3.34 -6.65
C LEU A 32 -18.40 3.82 -7.53
N PRO A 33 -18.43 3.42 -8.78
CA PRO A 33 -19.51 3.82 -9.72
C PRO A 33 -20.89 3.83 -9.04
N GLY A 34 -21.41 5.02 -8.79
CA GLY A 34 -22.72 5.17 -8.15
C GLY A 34 -22.64 4.81 -6.68
N GLY A 35 -21.52 4.22 -6.27
CA GLY A 35 -21.33 3.82 -4.89
C GLY A 35 -20.88 5.02 -4.05
N ASN A 36 -20.77 4.81 -2.73
CA ASN A 36 -20.34 5.87 -1.81
C ASN A 36 -19.32 5.34 -0.81
N GLN A 37 -18.77 4.17 -1.09
CA GLN A 37 -17.77 3.56 -0.21
C GLN A 37 -16.39 4.10 -0.54
N CYS A 38 -15.67 4.56 0.49
CA CYS A 38 -14.32 5.10 0.30
C CYS A 38 -13.28 4.00 0.57
N ILE A 39 -13.35 2.92 -0.21
CA ILE A 39 -12.41 1.80 -0.06
C ILE A 39 -11.60 1.59 -1.33
N VAL A 40 -11.42 2.66 -2.10
CA VAL A 40 -10.66 2.58 -3.35
C VAL A 40 -9.50 3.57 -3.35
N PRO A 41 -8.37 3.19 -2.78
CA PRO A 41 -7.16 4.06 -2.72
C PRO A 41 -6.62 4.36 -4.13
N ILE A 42 -5.99 5.52 -4.28
CA ILE A 42 -5.41 5.91 -5.56
C ILE A 42 -3.94 5.51 -5.60
N CYS A 43 -3.58 4.69 -6.59
CA CYS A 43 -2.20 4.23 -6.75
C CYS A 43 -1.50 5.07 -7.82
N ARG A 44 -0.32 5.58 -7.49
CA ARG A 44 0.43 6.40 -8.43
C ARG A 44 0.82 5.56 -9.66
N HIS A 45 1.32 4.35 -9.41
CA HIS A 45 1.73 3.44 -10.48
C HIS A 45 0.97 2.12 -10.38
N SER A 46 0.68 1.52 -11.53
CA SER A 46 -0.04 0.27 -11.56
C SER A 46 0.63 -0.75 -10.65
N CYS A 47 -0.16 -1.30 -9.72
CA CYS A 47 0.36 -2.30 -8.79
C CYS A 47 0.74 -3.57 -9.53
N GLY A 48 0.52 -3.59 -10.84
CA GLY A 48 0.86 -4.76 -11.63
C GLY A 48 0.20 -6.02 -11.09
N ASP A 49 1.02 -6.96 -10.63
CA ASP A 49 0.52 -8.22 -10.09
C ASP A 49 -0.06 -8.00 -8.70
N GLY A 50 0.00 -6.76 -8.21
CA GLY A 50 -0.53 -6.43 -6.88
C GLY A 50 -1.78 -5.57 -7.00
N PHE A 51 -2.17 -4.94 -5.89
CA PHE A 51 -3.35 -4.09 -5.87
C PHE A 51 -3.13 -2.88 -4.99
N CYS A 52 -3.79 -1.78 -5.30
CA CYS A 52 -3.65 -0.54 -4.53
C CYS A 52 -4.29 -0.73 -3.17
N SER A 53 -3.47 -0.68 -2.13
CA SER A 53 -3.96 -0.83 -0.76
C SER A 53 -3.98 0.50 -0.05
N ARG A 54 -3.22 1.47 -0.56
CA ARG A 54 -3.19 2.78 0.05
C ARG A 54 -2.75 3.84 -0.95
N PRO A 55 -2.99 5.10 -0.67
CA PRO A 55 -2.58 6.21 -1.58
C PRO A 55 -1.11 6.09 -1.99
N ASN A 56 -0.87 6.02 -3.29
CA ASN A 56 0.49 5.90 -3.80
C ASN A 56 1.20 4.73 -3.12
N MET A 57 0.46 3.65 -2.91
CA MET A 57 1.02 2.45 -2.27
C MET A 57 0.38 1.19 -2.83
N CYS A 58 1.22 0.35 -3.44
CA CYS A 58 0.79 -0.91 -4.02
C CYS A 58 1.22 -2.09 -3.16
N THR A 59 0.42 -3.15 -3.20
CA THR A 59 0.70 -4.36 -2.43
C THR A 59 0.88 -5.54 -3.37
N CYS A 60 2.09 -6.06 -3.42
CA CYS A 60 2.40 -7.19 -4.29
C CYS A 60 1.95 -8.50 -3.64
N PRO A 61 1.73 -9.52 -4.43
CA PRO A 61 1.31 -10.86 -3.92
C PRO A 61 2.38 -11.49 -3.04
N SER A 62 3.62 -11.02 -3.20
CA SER A 62 4.73 -11.53 -2.39
C SER A 62 4.56 -11.13 -0.93
N GLY A 63 3.69 -10.15 -0.68
CA GLY A 63 3.44 -9.65 0.67
C GLY A 63 4.09 -8.30 0.89
N GLN A 64 5.09 -7.98 0.06
CA GLN A 64 5.78 -6.71 0.18
C GLN A 64 4.87 -5.56 -0.20
N ILE A 65 5.12 -4.39 0.39
CA ILE A 65 4.30 -3.20 0.11
C ILE A 65 5.19 -2.01 -0.19
N ALA A 66 4.85 -1.26 -1.23
CA ALA A 66 5.64 -0.08 -1.58
C ALA A 66 4.87 0.79 -2.59
N PRO A 67 5.46 1.87 -3.03
CA PRO A 67 4.83 2.80 -4.03
C PRO A 67 4.54 2.09 -5.35
N SER A 68 5.16 0.94 -5.55
CA SER A 68 4.95 0.16 -6.77
C SER A 68 5.35 -1.29 -6.57
N CYS A 69 4.84 -2.16 -7.43
CA CYS A 69 5.15 -3.58 -7.35
C CYS A 69 6.49 -3.87 -8.03
N GLY A 70 7.03 -5.06 -7.80
CA GLY A 70 8.29 -5.45 -8.41
C GLY A 70 8.19 -5.45 -9.93
N SER A 71 9.33 -5.35 -10.59
CA SER A 71 9.36 -5.33 -12.05
C SER A 71 8.79 -6.62 -12.63
N ARG A 72 9.16 -7.74 -12.02
CA ARG A 72 8.70 -9.06 -12.48
C ARG A 72 8.03 -9.82 -11.32
N SER A 73 7.05 -10.64 -11.66
CA SER A 73 6.33 -11.43 -10.67
C SER A 73 7.20 -12.57 -10.16
N ILE A 74 6.89 -13.07 -8.96
CA ILE A 74 7.65 -14.16 -8.38
C ILE A 74 7.36 -15.46 -9.12
N GLN A 75 8.42 -16.18 -9.48
CA GLN A 75 8.27 -17.43 -10.20
C GLN A 75 9.22 -18.48 -9.64
N HIS A 76 8.94 -19.75 -9.95
CA HIS A 76 9.77 -20.85 -9.46
C HIS A 76 10.10 -20.66 -7.98
N CYS A 77 11.39 -20.52 -7.68
CA CYS A 77 11.83 -20.34 -6.30
C CYS A 77 12.26 -18.88 -6.08
N ASN A 78 12.64 -18.57 -4.84
CA ASN A 78 13.08 -17.23 -4.50
C ASN A 78 14.33 -16.86 -5.29
N ILE A 79 15.23 -17.83 -5.42
CA ILE A 79 16.47 -17.59 -6.16
C ILE A 79 16.20 -17.56 -7.66
N ARG A 80 17.24 -17.31 -8.43
CA ARG A 80 17.13 -17.27 -9.89
C ARG A 80 18.16 -18.19 -10.52
N CYS A 81 17.71 -18.97 -11.51
CA CYS A 81 18.61 -19.90 -12.21
C CYS A 81 18.65 -19.52 -13.69
N MET A 82 19.82 -19.69 -14.30
CA MET A 82 20.00 -19.34 -15.70
C MET A 82 20.94 -20.34 -16.37
N ASN A 83 21.02 -20.27 -17.70
CA ASN A 83 21.90 -21.16 -18.45
C ASN A 83 21.55 -22.63 -18.20
N GLY A 84 20.25 -22.93 -18.15
CA GLY A 84 19.82 -24.30 -17.92
C GLY A 84 19.95 -24.68 -16.46
N GLY A 85 19.95 -23.67 -15.60
CA GLY A 85 20.10 -23.92 -14.18
C GLY A 85 18.77 -24.36 -13.56
N SER A 86 18.75 -25.56 -13.00
CA SER A 86 17.53 -26.09 -12.39
C SER A 86 17.33 -25.49 -11.00
N CYS A 87 16.06 -25.27 -10.63
CA CYS A 87 15.73 -24.70 -9.34
C CYS A 87 15.37 -25.80 -8.34
N SER A 88 16.15 -25.90 -7.26
CA SER A 88 15.89 -26.90 -6.24
C SER A 88 16.32 -26.39 -4.87
N ASP A 89 15.51 -26.68 -3.85
CA ASP A 89 15.82 -26.26 -2.50
C ASP A 89 16.34 -24.82 -2.46
N ASP A 90 15.68 -23.93 -3.18
CA ASP A 90 16.11 -22.53 -3.22
C ASP A 90 17.56 -22.42 -3.66
N HIS A 91 17.96 -23.29 -4.60
CA HIS A 91 19.33 -23.28 -5.10
C HIS A 91 19.34 -23.59 -6.59
N CYS A 92 20.23 -22.92 -7.32
CA CYS A 92 20.34 -23.13 -8.77
C CYS A 92 21.51 -24.05 -9.08
N LEU A 93 21.22 -25.18 -9.71
CA LEU A 93 22.26 -26.15 -10.07
C LEU A 93 22.64 -25.95 -11.53
N CYS A 94 23.94 -25.80 -11.78
CA CYS A 94 24.43 -25.59 -13.13
C CYS A 94 24.73 -26.91 -13.82
N GLN A 95 24.29 -27.06 -15.06
CA GLN A 95 24.53 -28.28 -15.82
C GLN A 95 26.00 -28.38 -16.22
N LYS A 96 26.32 -29.38 -17.02
CA LYS A 96 27.69 -29.58 -17.46
C LYS A 96 28.13 -28.46 -18.40
N GLY A 97 29.28 -27.85 -18.10
CA GLY A 97 29.80 -26.76 -18.92
C GLY A 97 29.56 -25.40 -18.26
N TYR A 98 28.77 -25.40 -17.18
CA TYR A 98 28.47 -24.17 -16.45
C TYR A 98 28.82 -24.33 -14.97
N ILE A 99 29.35 -23.27 -14.37
CA ILE A 99 29.73 -23.28 -12.96
C ILE A 99 29.21 -22.02 -12.27
N GLY A 100 29.37 -21.97 -10.95
CA GLY A 100 28.94 -20.83 -10.16
C GLY A 100 27.78 -21.21 -9.24
N THR A 101 27.65 -20.50 -8.13
CA THR A 101 26.58 -20.77 -7.18
C THR A 101 25.22 -20.55 -7.83
N HIS A 102 25.08 -19.43 -8.54
CA HIS A 102 23.81 -19.10 -9.21
C HIS A 102 23.87 -19.50 -10.68
N CYS A 103 25.00 -20.09 -11.08
CA CYS A 103 25.19 -20.50 -12.46
C CYS A 103 25.15 -19.28 -13.37
N GLY A 104 26.12 -19.21 -14.27
CA GLY A 104 26.19 -18.09 -15.20
C GLY A 104 27.57 -17.97 -15.80
N GLN A 105 28.51 -18.80 -15.30
CA GLN A 105 29.88 -18.76 -15.83
C GLN A 105 30.18 -20.04 -16.64
N PRO A 106 30.35 -19.94 -17.95
CA PRO A 106 30.65 -21.12 -18.81
C PRO A 106 32.09 -21.59 -18.68
N VAL A 107 32.32 -22.87 -19.01
CA VAL A 107 33.67 -23.44 -18.93
C VAL A 107 34.28 -23.52 -20.31
N CYS A 108 35.35 -22.76 -20.53
CA CYS A 108 36.01 -22.73 -21.83
C CYS A 108 37.12 -23.78 -21.88
N GLU A 109 36.83 -24.92 -22.47
CA GLU A 109 37.81 -26.00 -22.57
C GLU A 109 38.97 -25.58 -23.46
N SER A 110 38.66 -24.88 -24.54
CA SER A 110 39.69 -24.45 -25.47
C SER A 110 40.39 -23.19 -24.95
N GLY A 111 39.87 -22.64 -23.86
CA GLY A 111 40.47 -21.44 -23.27
C GLY A 111 40.51 -20.31 -24.28
N CYS A 112 40.66 -19.08 -23.80
CA CYS A 112 40.71 -17.91 -24.67
C CYS A 112 42.15 -17.39 -24.76
N LEU A 113 42.75 -17.54 -25.93
CA LEU A 113 44.12 -17.09 -26.14
C LEU A 113 44.24 -15.59 -25.97
N ASN A 114 43.26 -14.87 -26.52
CA ASN A 114 43.24 -13.41 -26.44
C ASN A 114 42.37 -12.96 -25.28
N GLY A 115 42.38 -11.66 -25.01
CA GLY A 115 41.59 -11.10 -23.92
C GLY A 115 40.11 -11.15 -24.25
N GLY A 116 39.70 -12.24 -24.90
CA GLY A 116 38.30 -12.41 -25.27
C GLY A 116 37.46 -12.81 -24.06
N ARG A 117 36.20 -13.16 -24.30
CA ARG A 117 35.30 -13.57 -23.23
C ARG A 117 34.57 -14.85 -23.59
N CYS A 118 34.36 -15.71 -22.61
CA CYS A 118 33.66 -16.97 -22.84
C CYS A 118 32.16 -16.76 -22.85
N VAL A 119 31.55 -16.95 -24.01
CA VAL A 119 30.10 -16.78 -24.14
C VAL A 119 29.38 -18.08 -23.82
N ALA A 120 30.08 -19.19 -23.96
CA ALA A 120 29.48 -20.49 -23.68
C ALA A 120 30.55 -21.57 -23.61
N PRO A 121 30.19 -22.76 -23.21
CA PRO A 121 31.16 -23.89 -23.14
C PRO A 121 31.95 -24.06 -24.44
N ASN A 122 33.27 -24.10 -24.32
CA ASN A 122 34.14 -24.26 -25.47
C ASN A 122 33.83 -23.19 -26.53
N ARG A 123 33.51 -21.97 -26.06
CA ARG A 123 33.22 -20.86 -26.97
C ARG A 123 33.80 -19.56 -26.42
N CYS A 124 34.47 -18.81 -27.28
CA CYS A 124 35.07 -17.54 -26.90
C CYS A 124 34.94 -16.51 -28.01
N ALA A 125 34.86 -15.24 -27.63
CA ALA A 125 34.74 -14.14 -28.60
C ALA A 125 35.87 -13.15 -28.38
N CYS A 126 36.48 -12.71 -29.48
CA CYS A 126 37.59 -11.77 -29.42
C CYS A 126 37.06 -10.35 -29.53
N THR A 127 37.60 -9.45 -28.71
CA THR A 127 37.16 -8.05 -28.72
C THR A 127 38.28 -7.13 -29.21
N TYR A 128 39.24 -7.72 -29.90
CA TYR A 128 40.38 -6.97 -30.43
C TYR A 128 40.37 -6.96 -31.96
N GLY A 129 39.18 -7.01 -32.53
CA GLY A 129 39.04 -7.01 -33.98
C GLY A 129 39.29 -8.41 -34.55
N PHE A 130 39.27 -9.40 -33.66
CA PHE A 130 39.50 -10.79 -34.03
C PHE A 130 38.20 -11.60 -33.96
N THR A 131 38.21 -12.76 -34.60
CA THR A 131 37.05 -13.64 -34.61
C THR A 131 37.49 -15.09 -34.65
N GLY A 132 36.65 -15.97 -34.10
CA GLY A 132 36.95 -17.40 -34.06
C GLY A 132 36.77 -17.97 -32.66
N PRO A 133 36.66 -19.27 -32.54
CA PRO A 133 36.46 -19.95 -31.23
C PRO A 133 37.72 -19.87 -30.34
N GLN A 134 38.87 -19.67 -30.98
CA GLN A 134 40.15 -19.58 -30.25
C GLN A 134 40.86 -18.27 -30.57
N CYS A 135 40.18 -17.39 -31.28
CA CYS A 135 40.75 -16.10 -31.65
C CYS A 135 42.15 -16.29 -32.23
N GLU A 136 42.24 -17.00 -33.35
CA GLU A 136 43.52 -17.25 -34.01
C GLU A 136 43.56 -16.59 -35.39
N SER A 1 -33.61 -5.18 -12.19
CA SER A 1 -33.55 -3.69 -12.29
C SER A 1 -34.67 -3.09 -11.45
N ALA A 2 -35.89 -3.57 -11.65
CA ALA A 2 -37.03 -3.06 -10.90
C ALA A 2 -36.85 -3.32 -9.40
N ARG A 3 -36.33 -4.49 -9.07
CA ARG A 3 -36.10 -4.85 -7.69
C ARG A 3 -34.96 -4.00 -7.10
N GLY A 4 -33.94 -3.76 -7.92
CA GLY A 4 -32.80 -2.97 -7.48
C GLY A 4 -33.16 -1.49 -7.37
N GLY A 5 -32.33 -0.74 -6.66
CA GLY A 5 -32.59 0.69 -6.47
C GLY A 5 -31.37 1.38 -5.86
N GLY A 6 -31.42 2.71 -5.82
CA GLY A 6 -30.31 3.48 -5.25
C GLY A 6 -30.63 4.96 -5.26
N GLY A 7 -29.73 5.76 -4.70
CA GLY A 7 -29.92 7.21 -4.66
C GLY A 7 -28.75 7.89 -3.96
N HIS A 8 -28.83 9.21 -3.81
CA HIS A 8 -27.77 9.97 -3.16
C HIS A 8 -27.91 9.88 -1.64
N ASP A 9 -26.77 9.70 -0.97
CA ASP A 9 -26.78 9.59 0.49
C ASP A 9 -25.41 9.96 1.05
N ALA A 10 -25.31 10.00 2.38
CA ALA A 10 -24.06 10.34 3.04
C ALA A 10 -23.00 9.27 2.76
N LEU A 11 -21.75 9.69 2.72
CA LEU A 11 -20.65 8.77 2.45
C LEU A 11 -20.51 7.77 3.57
N LYS A 12 -20.01 6.58 3.24
CA LYS A 12 -19.83 5.52 4.23
C LYS A 12 -18.40 5.00 4.20
N GLY A 13 -18.02 4.34 5.27
CA GLY A 13 -16.67 3.79 5.40
C GLY A 13 -15.69 4.87 5.85
N PRO A 14 -14.49 4.48 6.20
CA PRO A 14 -13.44 5.43 6.67
C PRO A 14 -12.90 6.29 5.53
N ASN A 15 -11.89 7.11 5.84
CA ASN A 15 -11.29 7.98 4.83
C ASN A 15 -12.34 8.92 4.23
N VAL A 16 -13.21 9.46 5.08
CA VAL A 16 -14.26 10.39 4.64
C VAL A 16 -13.91 11.81 5.08
N CYS A 17 -14.05 12.76 4.15
CA CYS A 17 -13.74 14.16 4.43
C CYS A 17 -14.74 15.06 3.71
N GLY A 18 -14.56 16.37 3.87
CA GLY A 18 -15.44 17.34 3.24
C GLY A 18 -16.65 17.63 4.12
N SER A 19 -17.35 18.71 3.81
CA SER A 19 -18.53 19.11 4.58
C SER A 19 -19.73 18.28 4.14
N ARG A 20 -20.81 18.36 4.92
CA ARG A 20 -22.01 17.62 4.61
C ARG A 20 -22.57 18.05 3.26
N TYR A 21 -22.58 19.35 3.01
CA TYR A 21 -23.09 19.88 1.76
C TYR A 21 -22.27 19.37 0.57
N ASN A 22 -20.95 19.33 0.76
CA ASN A 22 -20.04 18.88 -0.29
C ASN A 22 -19.09 17.82 0.26
N ALA A 23 -19.65 16.79 0.86
CA ALA A 23 -18.84 15.71 1.42
C ALA A 23 -18.17 14.91 0.30
N TYR A 24 -16.94 14.48 0.53
CA TYR A 24 -16.19 13.69 -0.45
C TYR A 24 -15.14 12.83 0.23
N CYS A 25 -14.62 11.86 -0.50
CA CYS A 25 -13.60 10.98 0.07
C CYS A 25 -12.29 11.74 0.25
N CYS A 26 -11.64 11.52 1.38
CA CYS A 26 -10.39 12.22 1.67
C CYS A 26 -9.39 12.06 0.51
N PRO A 27 -8.50 13.00 0.32
CA PRO A 27 -7.49 12.91 -0.79
C PRO A 27 -6.74 11.58 -0.80
N GLY A 28 -6.68 10.96 -1.98
CA GLY A 28 -6.01 9.68 -2.14
C GLY A 28 -7.00 8.52 -2.11
N TRP A 29 -8.26 8.83 -1.80
CA TRP A 29 -9.31 7.82 -1.73
C TRP A 29 -10.42 8.12 -2.74
N LYS A 30 -10.88 7.08 -3.42
CA LYS A 30 -11.95 7.22 -4.42
C LYS A 30 -13.12 6.31 -4.08
N THR A 31 -14.13 6.30 -4.95
CA THR A 31 -15.31 5.46 -4.73
C THR A 31 -15.64 4.68 -5.99
N LEU A 32 -16.60 3.76 -5.88
CA LEU A 32 -16.99 2.95 -7.02
C LEU A 32 -18.13 3.62 -7.80
N PRO A 33 -18.19 3.41 -9.11
CA PRO A 33 -19.27 4.01 -9.95
C PRO A 33 -20.64 3.98 -9.25
N GLY A 34 -21.13 5.16 -8.89
CA GLY A 34 -22.44 5.27 -8.23
C GLY A 34 -22.33 4.97 -6.74
N GLY A 35 -21.22 4.37 -6.34
CA GLY A 35 -21.00 4.05 -4.94
C GLY A 35 -20.64 5.30 -4.15
N ASN A 36 -20.71 5.20 -2.82
CA ASN A 36 -20.38 6.34 -1.95
C ASN A 36 -19.40 5.92 -0.86
N GLN A 37 -18.87 4.71 -0.98
CA GLN A 37 -17.91 4.19 0.00
C GLN A 37 -16.49 4.60 -0.37
N CYS A 38 -15.77 5.17 0.60
CA CYS A 38 -14.38 5.59 0.35
C CYS A 38 -13.41 4.49 0.75
N ILE A 39 -13.78 3.25 0.43
CA ILE A 39 -12.95 2.09 0.75
C ILE A 39 -12.05 1.73 -0.42
N VAL A 40 -11.99 2.61 -1.41
CA VAL A 40 -11.16 2.36 -2.59
C VAL A 40 -10.00 3.36 -2.65
N PRO A 41 -8.78 2.94 -2.39
CA PRO A 41 -7.59 3.83 -2.43
C PRO A 41 -7.14 4.14 -3.85
N ILE A 42 -6.41 5.24 -4.02
CA ILE A 42 -5.92 5.64 -5.34
C ILE A 42 -4.43 5.33 -5.45
N CYS A 43 -4.07 4.59 -6.51
CA CYS A 43 -2.66 4.21 -6.72
C CYS A 43 -2.05 5.14 -7.77
N ARG A 44 -0.92 5.75 -7.44
CA ARG A 44 -0.26 6.65 -8.35
C ARG A 44 0.16 5.89 -9.62
N HIS A 45 0.74 4.71 -9.43
CA HIS A 45 1.20 3.88 -10.55
C HIS A 45 0.61 2.48 -10.44
N SER A 46 0.55 1.79 -11.58
CA SER A 46 0.00 0.45 -11.60
C SER A 46 0.81 -0.47 -10.71
N CYS A 47 0.11 -1.30 -9.94
CA CYS A 47 0.78 -2.25 -9.04
C CYS A 47 1.27 -3.46 -9.80
N GLY A 48 0.62 -3.75 -10.93
CA GLY A 48 1.02 -4.90 -11.74
C GLY A 48 0.41 -6.20 -11.22
N ASP A 49 1.26 -7.05 -10.65
CA ASP A 49 0.80 -8.33 -10.12
C ASP A 49 0.15 -8.13 -8.75
N GLY A 50 0.16 -6.90 -8.26
CA GLY A 50 -0.44 -6.58 -6.97
C GLY A 50 -1.68 -5.73 -7.13
N PHE A 51 -2.07 -5.05 -6.05
CA PHE A 51 -3.25 -4.18 -6.08
C PHE A 51 -3.06 -2.99 -5.14
N CYS A 52 -3.75 -1.90 -5.45
CA CYS A 52 -3.65 -0.69 -4.63
C CYS A 52 -4.19 -0.97 -3.23
N SER A 53 -3.31 -0.94 -2.25
CA SER A 53 -3.70 -1.19 -0.87
C SER A 53 -3.85 0.13 -0.12
N ARG A 54 -3.17 1.17 -0.59
CA ARG A 54 -3.25 2.46 0.07
C ARG A 54 -2.87 3.59 -0.91
N PRO A 55 -3.24 4.81 -0.61
CA PRO A 55 -2.91 5.98 -1.46
C PRO A 55 -1.44 5.96 -1.89
N ASN A 56 -1.20 5.90 -3.20
CA ASN A 56 0.16 5.88 -3.72
C ASN A 56 0.95 4.74 -3.08
N MET A 57 0.30 3.60 -2.91
CA MET A 57 0.95 2.43 -2.31
C MET A 57 0.41 1.15 -2.94
N CYS A 58 1.31 0.36 -3.52
CA CYS A 58 0.97 -0.92 -4.14
C CYS A 58 1.41 -2.08 -3.25
N THR A 59 0.66 -3.17 -3.30
CA THR A 59 0.96 -4.35 -2.51
C THR A 59 1.12 -5.55 -3.43
N CYS A 60 2.33 -6.08 -3.51
CA CYS A 60 2.61 -7.23 -4.36
C CYS A 60 2.08 -8.50 -3.69
N PRO A 61 1.83 -9.54 -4.46
CA PRO A 61 1.35 -10.84 -3.94
C PRO A 61 2.36 -11.48 -2.99
N SER A 62 3.61 -11.07 -3.12
CA SER A 62 4.67 -11.59 -2.25
C SER A 62 4.41 -11.20 -0.79
N GLY A 63 3.83 -10.02 -0.61
CA GLY A 63 3.53 -9.51 0.74
C GLY A 63 4.18 -8.16 0.96
N GLN A 64 5.16 -7.81 0.12
CA GLN A 64 5.83 -6.53 0.25
C GLN A 64 4.89 -5.38 -0.12
N ILE A 65 5.05 -4.26 0.57
CA ILE A 65 4.22 -3.08 0.32
C ILE A 65 5.09 -1.86 0.02
N ALA A 66 4.77 -1.16 -1.05
CA ALA A 66 5.53 0.03 -1.42
C ALA A 66 4.82 0.79 -2.55
N PRO A 67 5.38 1.88 -2.99
CA PRO A 67 4.80 2.71 -4.10
C PRO A 67 4.66 1.90 -5.39
N SER A 68 5.44 0.82 -5.50
CA SER A 68 5.40 -0.02 -6.70
C SER A 68 5.78 -1.46 -6.33
N CYS A 69 5.47 -2.38 -7.24
CA CYS A 69 5.77 -3.78 -7.00
C CYS A 69 7.26 -4.07 -7.27
N GLY A 70 7.82 -4.97 -6.49
CA GLY A 70 9.22 -5.35 -6.65
C GLY A 70 9.59 -6.51 -5.74
N SER A 71 10.38 -7.44 -6.26
CA SER A 71 10.79 -8.61 -5.48
C SER A 71 12.01 -8.26 -4.63
N ARG A 72 12.63 -7.12 -4.92
CA ARG A 72 13.81 -6.70 -4.17
C ARG A 72 13.40 -6.06 -2.84
N SER A 73 14.19 -6.31 -1.81
CA SER A 73 13.91 -5.77 -0.50
C SER A 73 12.54 -6.25 -0.01
N ILE A 74 12.54 -7.26 0.85
CA ILE A 74 11.31 -7.81 1.40
C ILE A 74 11.19 -7.48 2.89
N GLN A 75 10.05 -6.92 3.27
CA GLN A 75 9.81 -6.56 4.68
C GLN A 75 8.59 -7.29 5.21
N HIS A 76 8.63 -7.67 6.48
CA HIS A 76 7.52 -8.37 7.12
C HIS A 76 6.65 -7.39 7.89
N CYS A 77 5.54 -7.88 8.44
CA CYS A 77 4.62 -7.03 9.19
C CYS A 77 4.12 -5.87 8.32
N ASN A 78 2.87 -5.48 8.55
CA ASN A 78 2.28 -4.38 7.80
C ASN A 78 3.03 -3.08 8.09
N ILE A 79 3.41 -2.89 9.36
CA ILE A 79 4.14 -1.69 9.78
C ILE A 79 5.56 -2.07 10.20
N ARG A 80 6.38 -1.05 10.40
CA ARG A 80 7.76 -1.24 10.80
C ARG A 80 7.84 -1.42 12.31
N CYS A 81 8.33 -2.59 12.73
CA CYS A 81 8.49 -2.91 14.15
C CYS A 81 9.94 -3.28 14.45
N MET A 82 10.41 -2.87 15.62
CA MET A 82 11.78 -3.15 16.04
C MET A 82 11.82 -3.48 17.53
N ASN A 83 12.90 -4.11 17.97
CA ASN A 83 13.05 -4.47 19.37
C ASN A 83 11.90 -5.35 19.85
N GLY A 84 11.65 -6.43 19.10
CA GLY A 84 10.59 -7.36 19.46
C GLY A 84 9.23 -6.73 19.22
N GLY A 85 9.20 -5.69 18.38
CA GLY A 85 7.95 -5.02 18.07
C GLY A 85 7.05 -5.93 17.24
N SER A 86 5.75 -5.85 17.50
CA SER A 86 4.77 -6.67 16.76
C SER A 86 3.77 -5.77 16.06
N CYS A 87 3.39 -6.15 14.84
CA CYS A 87 2.42 -5.37 14.09
C CYS A 87 1.01 -5.89 14.31
N SER A 88 0.08 -4.97 14.60
CA SER A 88 -1.32 -5.33 14.82
C SER A 88 -2.24 -4.33 14.15
N ASP A 89 -3.21 -4.84 13.41
CA ASP A 89 -4.15 -3.98 12.70
C ASP A 89 -3.42 -2.99 11.81
N ASP A 90 -2.92 -1.91 12.42
CA ASP A 90 -2.18 -0.89 11.67
C ASP A 90 -1.23 -0.14 12.59
N HIS A 91 -0.86 -0.76 13.70
CA HIS A 91 0.06 -0.13 14.67
C HIS A 91 1.02 -1.16 15.23
N CYS A 92 2.15 -0.68 15.75
CA CYS A 92 3.17 -1.55 16.32
C CYS A 92 3.01 -1.62 17.84
N LEU A 93 3.02 -2.83 18.38
CA LEU A 93 2.87 -3.03 19.82
C LEU A 93 4.24 -3.09 20.47
N CYS A 94 4.42 -2.29 21.52
CA CYS A 94 5.68 -2.22 22.25
C CYS A 94 5.57 -2.93 23.60
N GLN A 95 6.55 -3.77 23.91
CA GLN A 95 6.54 -4.50 25.17
C GLN A 95 7.05 -3.60 26.30
N LYS A 96 6.97 -4.10 27.52
CA LYS A 96 7.42 -3.33 28.67
C LYS A 96 8.91 -3.05 28.58
N GLY A 97 9.30 -1.81 28.83
CA GLY A 97 10.70 -1.42 28.76
C GLY A 97 10.98 -0.62 27.48
N TYR A 98 10.15 -0.85 26.45
CA TYR A 98 10.30 -0.14 25.18
C TYR A 98 9.06 0.73 24.93
N ILE A 99 9.30 1.99 24.57
CA ILE A 99 8.20 2.93 24.31
C ILE A 99 8.43 3.63 22.98
N GLY A 100 7.48 4.50 22.60
CA GLY A 100 7.58 5.24 21.35
C GLY A 100 6.46 4.86 20.41
N THR A 101 6.18 5.73 19.45
CA THR A 101 5.13 5.47 18.48
C THR A 101 5.48 4.29 17.60
N HIS A 102 6.78 4.13 17.31
CA HIS A 102 7.26 3.02 16.48
C HIS A 102 7.91 1.94 17.33
N CYS A 103 7.91 2.15 18.64
CA CYS A 103 8.51 1.18 19.55
C CYS A 103 9.99 0.99 19.25
N GLY A 104 10.82 1.23 20.25
CA GLY A 104 12.26 1.07 20.07
C GLY A 104 13.02 1.86 21.13
N GLN A 105 12.38 2.87 21.70
CA GLN A 105 13.03 3.67 22.72
C GLN A 105 13.04 2.93 24.08
N PRO A 106 14.20 2.61 24.63
CA PRO A 106 14.31 1.89 25.93
C PRO A 106 14.01 2.79 27.12
N VAL A 107 13.62 2.17 28.24
CA VAL A 107 13.30 2.92 29.47
C VAL A 107 14.20 2.48 30.61
N CYS A 108 14.81 3.45 31.28
CA CYS A 108 15.67 3.16 32.42
C CYS A 108 14.84 3.22 33.70
N GLU A 109 14.42 2.06 34.19
CA GLU A 109 13.60 2.00 35.39
C GLU A 109 14.41 2.45 36.60
N SER A 110 15.70 2.09 36.62
CA SER A 110 16.57 2.45 37.74
C SER A 110 17.17 3.84 37.52
N GLY A 111 16.92 4.42 36.36
CA GLY A 111 17.44 5.75 36.05
C GLY A 111 18.96 5.71 35.92
N CYS A 112 19.57 6.88 35.81
CA CYS A 112 21.04 6.97 35.68
C CYS A 112 21.55 8.15 36.50
N LEU A 113 22.19 7.85 37.62
CA LEU A 113 22.74 8.90 38.49
C LEU A 113 23.81 9.69 37.78
N ASN A 114 24.67 8.99 37.06
CA ASN A 114 25.75 9.62 36.32
C ASN A 114 25.30 9.97 34.91
N GLY A 115 26.13 10.74 34.21
CA GLY A 115 25.81 11.14 32.84
C GLY A 115 25.86 9.94 31.90
N GLY A 116 25.45 8.78 32.40
CA GLY A 116 25.45 7.56 31.62
C GLY A 116 24.35 7.61 30.56
N ARG A 117 24.18 6.50 29.84
CA ARG A 117 23.15 6.41 28.80
C ARG A 117 22.33 5.13 28.95
N CYS A 118 21.05 5.20 28.60
CA CYS A 118 20.17 4.04 28.70
C CYS A 118 20.23 3.20 27.43
N VAL A 119 20.77 2.00 27.54
CA VAL A 119 20.88 1.11 26.38
C VAL A 119 19.64 0.23 26.27
N ALA A 120 19.33 -0.49 27.34
CA ALA A 120 18.17 -1.39 27.34
C ALA A 120 17.32 -1.15 28.59
N PRO A 121 16.19 -1.82 28.70
CA PRO A 121 15.31 -1.68 29.89
C PRO A 121 16.06 -1.89 31.20
N ASN A 122 15.89 -0.96 32.13
CA ASN A 122 16.55 -1.06 33.43
C ASN A 122 18.04 -1.31 33.25
N ARG A 123 18.62 -0.70 32.21
CA ARG A 123 20.05 -0.85 31.92
C ARG A 123 20.66 0.49 31.54
N CYS A 124 21.71 0.89 32.27
CA CYS A 124 22.40 2.15 32.01
C CYS A 124 23.91 1.92 31.92
N ALA A 125 24.55 2.58 30.96
CA ALA A 125 25.99 2.46 30.78
C ALA A 125 26.70 3.59 31.50
N CYS A 126 27.83 3.29 32.12
CA CYS A 126 28.59 4.30 32.85
C CYS A 126 29.44 5.11 31.89
N THR A 127 29.55 6.41 32.18
CA THR A 127 30.33 7.30 31.33
C THR A 127 31.81 6.90 31.31
N TYR A 128 32.35 6.62 32.50
CA TYR A 128 33.75 6.23 32.62
C TYR A 128 33.89 4.72 32.72
N GLY A 129 32.91 4.02 32.19
CA GLY A 129 32.92 2.57 32.21
C GLY A 129 32.83 2.05 33.64
N PHE A 130 32.29 2.86 34.52
CA PHE A 130 32.15 2.49 35.92
C PHE A 130 31.39 1.17 36.06
N THR A 131 31.56 0.51 37.19
CA THR A 131 30.88 -0.76 37.43
C THR A 131 29.46 -0.54 37.91
N GLY A 132 28.64 -1.59 37.81
CA GLY A 132 27.26 -1.52 38.25
C GLY A 132 26.44 -0.56 37.36
N PRO A 133 25.15 -0.81 37.25
CA PRO A 133 24.25 0.05 36.41
C PRO A 133 24.10 1.47 36.99
N GLN A 134 24.24 1.58 38.31
CA GLN A 134 24.11 2.87 38.96
C GLN A 134 25.40 3.68 38.81
N CYS A 135 26.46 3.00 38.42
CA CYS A 135 27.76 3.64 38.22
C CYS A 135 28.17 4.40 39.49
N GLU A 136 28.15 3.71 40.62
CA GLU A 136 28.52 4.32 41.91
C GLU A 136 29.68 3.57 42.54
N SER A 1 -44.02 9.02 14.64
CA SER A 1 -43.38 8.20 13.58
C SER A 1 -43.95 8.60 12.22
N ALA A 2 -43.15 9.30 11.42
CA ALA A 2 -43.58 9.74 10.11
C ALA A 2 -43.77 8.55 9.19
N ARG A 3 -44.81 8.59 8.36
CA ARG A 3 -45.10 7.51 7.42
C ARG A 3 -44.46 7.79 6.07
N GLY A 4 -43.90 6.75 5.46
CA GLY A 4 -43.24 6.88 4.16
C GLY A 4 -41.74 6.68 4.28
N GLY A 5 -41.11 6.28 3.18
CA GLY A 5 -39.66 6.05 3.17
C GLY A 5 -38.93 7.21 2.50
N GLY A 6 -38.04 7.84 3.24
CA GLY A 6 -37.26 8.96 2.72
C GLY A 6 -35.92 8.48 2.18
N GLY A 7 -35.14 9.41 1.61
CA GLY A 7 -33.83 9.07 1.07
C GLY A 7 -32.82 10.17 1.39
N HIS A 8 -31.73 9.79 2.04
CA HIS A 8 -30.67 10.75 2.40
C HIS A 8 -29.30 10.19 2.07
N ASP A 9 -28.48 11.00 1.40
CA ASP A 9 -27.15 10.58 1.01
C ASP A 9 -26.22 10.57 2.22
N ALA A 10 -25.34 9.58 2.29
CA ALA A 10 -24.40 9.49 3.40
C ALA A 10 -23.11 8.80 2.96
N LEU A 11 -21.98 9.41 3.29
CA LEU A 11 -20.69 8.85 2.93
C LEU A 11 -20.34 7.69 3.85
N LYS A 12 -19.65 6.70 3.30
CA LYS A 12 -19.25 5.51 4.05
C LYS A 12 -17.77 5.24 3.89
N GLY A 13 -17.23 4.46 4.82
CA GLY A 13 -15.82 4.11 4.82
C GLY A 13 -15.05 4.91 5.86
N PRO A 14 -13.87 4.48 6.22
CA PRO A 14 -13.01 5.19 7.23
C PRO A 14 -12.32 6.41 6.63
N ASN A 15 -12.60 6.70 5.35
CA ASN A 15 -11.98 7.85 4.67
C ASN A 15 -13.03 8.92 4.36
N VAL A 16 -13.66 9.46 5.41
CA VAL A 16 -14.68 10.51 5.24
C VAL A 16 -14.13 11.83 5.74
N CYS A 17 -14.27 12.86 4.90
CA CYS A 17 -13.77 14.19 5.24
C CYS A 17 -14.73 15.26 4.73
N GLY A 18 -14.42 16.51 5.03
CA GLY A 18 -15.27 17.62 4.62
C GLY A 18 -16.33 17.91 5.67
N SER A 19 -17.05 19.02 5.49
CA SER A 19 -18.10 19.40 6.41
C SER A 19 -19.39 18.66 6.11
N ARG A 20 -20.32 18.68 7.05
CA ARG A 20 -21.60 18.01 6.87
C ARG A 20 -22.33 18.56 5.65
N TYR A 21 -22.32 19.88 5.50
CA TYR A 21 -22.99 20.51 4.37
C TYR A 21 -22.41 20.05 3.05
N ASN A 22 -21.08 19.94 2.99
CA ASN A 22 -20.39 19.51 1.79
C ASN A 22 -19.36 18.44 2.13
N ALA A 23 -19.82 17.38 2.77
CA ALA A 23 -18.92 16.28 3.12
C ALA A 23 -18.42 15.56 1.87
N TYR A 24 -17.16 15.13 1.89
CA TYR A 24 -16.57 14.43 0.76
C TYR A 24 -15.46 13.49 1.22
N CYS A 25 -15.06 12.59 0.33
CA CYS A 25 -14.01 11.65 0.66
C CYS A 25 -12.65 12.35 0.68
N CYS A 26 -11.83 12.01 1.66
CA CYS A 26 -10.51 12.62 1.79
C CYS A 26 -9.69 12.38 0.52
N PRO A 27 -8.69 13.18 0.26
CA PRO A 27 -7.83 13.02 -0.95
C PRO A 27 -7.13 11.67 -0.96
N GLY A 28 -7.10 11.04 -2.13
CA GLY A 28 -6.46 9.73 -2.29
C GLY A 28 -7.50 8.61 -2.28
N TRP A 29 -8.70 8.89 -1.77
CA TRP A 29 -9.76 7.89 -1.72
C TRP A 29 -10.89 8.29 -2.65
N LYS A 30 -11.40 7.33 -3.43
CA LYS A 30 -12.49 7.60 -4.37
C LYS A 30 -13.74 6.84 -3.94
N THR A 31 -14.79 6.90 -4.76
CA THR A 31 -16.04 6.21 -4.47
C THR A 31 -16.43 5.33 -5.65
N LEU A 32 -17.37 4.41 -5.43
CA LEU A 32 -17.81 3.51 -6.48
C LEU A 32 -18.93 4.14 -7.31
N PRO A 33 -19.04 3.83 -8.59
CA PRO A 33 -20.12 4.40 -9.45
C PRO A 33 -21.48 4.38 -8.76
N GLY A 34 -22.10 5.56 -8.64
CA GLY A 34 -23.40 5.67 -8.02
C GLY A 34 -23.33 5.32 -6.53
N GLY A 35 -22.17 4.82 -6.10
CA GLY A 35 -21.98 4.43 -4.72
C GLY A 35 -21.36 5.57 -3.91
N ASN A 36 -21.14 5.32 -2.62
CA ASN A 36 -20.56 6.32 -1.73
C ASN A 36 -19.53 5.68 -0.80
N GLN A 37 -19.15 4.44 -1.09
CA GLN A 37 -18.18 3.73 -0.28
C GLN A 37 -16.76 4.11 -0.67
N CYS A 38 -15.95 4.47 0.32
CA CYS A 38 -14.56 4.85 0.08
C CYS A 38 -13.61 3.75 0.54
N ILE A 39 -13.45 2.73 -0.30
CA ILE A 39 -12.57 1.61 0.02
C ILE A 39 -11.61 1.33 -1.14
N VAL A 40 -11.48 2.29 -2.06
CA VAL A 40 -10.60 2.12 -3.21
C VAL A 40 -9.63 3.32 -3.30
N PRO A 41 -8.40 3.18 -2.84
CA PRO A 41 -7.40 4.29 -2.88
C PRO A 41 -6.80 4.47 -4.28
N ILE A 42 -6.18 5.62 -4.52
CA ILE A 42 -5.58 5.90 -5.83
C ILE A 42 -4.10 5.53 -5.81
N CYS A 43 -3.70 4.65 -6.72
CA CYS A 43 -2.30 4.22 -6.80
C CYS A 43 -1.59 5.05 -7.86
N ARG A 44 -0.53 5.74 -7.45
CA ARG A 44 0.23 6.57 -8.38
C ARG A 44 0.85 5.68 -9.47
N HIS A 45 1.45 4.57 -9.04
CA HIS A 45 2.07 3.63 -9.97
C HIS A 45 1.31 2.31 -9.97
N SER A 46 1.11 1.75 -11.17
CA SER A 46 0.37 0.49 -11.29
C SER A 46 1.08 -0.60 -10.50
N CYS A 47 0.31 -1.36 -9.75
CA CYS A 47 0.86 -2.44 -8.94
C CYS A 47 1.19 -3.64 -9.84
N GLY A 48 0.40 -3.81 -10.90
CA GLY A 48 0.62 -4.91 -11.82
C GLY A 48 0.36 -6.26 -11.16
N ASP A 49 1.43 -6.95 -10.78
CA ASP A 49 1.31 -8.26 -10.16
C ASP A 49 0.68 -8.14 -8.77
N GLY A 50 0.68 -6.94 -8.22
CA GLY A 50 0.09 -6.69 -6.91
C GLY A 50 -1.22 -5.92 -7.02
N PHE A 51 -1.65 -5.32 -5.92
CA PHE A 51 -2.91 -4.54 -5.92
C PHE A 51 -2.79 -3.30 -5.04
N CYS A 52 -3.56 -2.27 -5.39
CA CYS A 52 -3.53 -1.04 -4.62
C CYS A 52 -4.03 -1.25 -3.21
N SER A 53 -3.14 -1.09 -2.24
CA SER A 53 -3.50 -1.26 -0.84
C SER A 53 -3.66 0.08 -0.14
N ARG A 54 -3.02 1.11 -0.70
CA ARG A 54 -3.13 2.45 -0.10
C ARG A 54 -2.69 3.52 -1.10
N PRO A 55 -3.00 4.77 -0.84
CA PRO A 55 -2.60 5.88 -1.76
C PRO A 55 -1.12 5.81 -2.11
N ASN A 56 -0.83 5.75 -3.41
CA ASN A 56 0.56 5.69 -3.86
C ASN A 56 1.30 4.57 -3.13
N MET A 57 0.62 3.44 -2.95
CA MET A 57 1.21 2.29 -2.27
C MET A 57 0.67 0.98 -2.84
N CYS A 58 1.56 0.21 -3.47
CA CYS A 58 1.19 -1.08 -4.06
C CYS A 58 1.63 -2.22 -3.15
N THR A 59 0.88 -3.31 -3.19
CA THR A 59 1.18 -4.49 -2.38
C THR A 59 1.39 -5.69 -3.28
N CYS A 60 2.58 -6.27 -3.21
CA CYS A 60 2.91 -7.42 -4.04
C CYS A 60 2.44 -8.71 -3.35
N PRO A 61 2.24 -9.75 -4.11
CA PRO A 61 1.80 -11.07 -3.56
C PRO A 61 2.83 -11.66 -2.59
N SER A 62 4.07 -11.18 -2.68
CA SER A 62 5.13 -11.66 -1.82
C SER A 62 4.90 -11.19 -0.37
N GLY A 63 4.00 -10.23 -0.21
CA GLY A 63 3.67 -9.69 1.10
C GLY A 63 4.29 -8.31 1.30
N GLN A 64 5.32 -8.01 0.50
CA GLN A 64 5.99 -6.71 0.62
C GLN A 64 5.05 -5.60 0.13
N ILE A 65 5.22 -4.42 0.71
CA ILE A 65 4.40 -3.25 0.34
C ILE A 65 5.28 -2.05 0.05
N ALA A 66 5.00 -1.37 -1.06
CA ALA A 66 5.78 -0.19 -1.42
C ALA A 66 5.06 0.61 -2.52
N PRO A 67 5.64 1.69 -2.96
CA PRO A 67 5.04 2.55 -4.05
C PRO A 67 4.83 1.78 -5.35
N SER A 68 5.55 0.67 -5.48
CA SER A 68 5.45 -0.16 -6.69
C SER A 68 5.85 -1.59 -6.38
N CYS A 69 5.48 -2.51 -7.27
CA CYS A 69 5.81 -3.92 -7.09
C CYS A 69 7.18 -4.22 -7.67
N GLY A 70 7.95 -5.07 -6.98
CA GLY A 70 9.28 -5.44 -7.43
C GLY A 70 10.16 -5.83 -6.25
N SER A 71 11.47 -5.93 -6.50
CA SER A 71 12.41 -6.29 -5.45
C SER A 71 13.77 -5.65 -5.73
N ARG A 72 14.57 -5.50 -4.69
CA ARG A 72 15.89 -4.88 -4.83
C ARG A 72 16.94 -5.95 -5.11
N SER A 73 17.82 -5.66 -6.06
CA SER A 73 18.88 -6.59 -6.41
C SER A 73 20.07 -5.83 -7.00
N ILE A 74 21.26 -6.41 -6.85
CA ILE A 74 22.48 -5.79 -7.38
C ILE A 74 23.56 -6.83 -7.58
N GLN A 75 24.30 -6.73 -8.69
CA GLN A 75 25.37 -7.67 -9.01
C GLN A 75 26.72 -6.96 -8.95
N HIS A 76 27.76 -7.69 -8.52
CA HIS A 76 29.10 -7.12 -8.43
C HIS A 76 30.14 -8.21 -8.55
N CYS A 77 31.37 -7.90 -8.16
CA CYS A 77 32.46 -8.88 -8.22
C CYS A 77 32.23 -9.98 -7.19
N ASN A 78 32.24 -11.23 -7.65
CA ASN A 78 32.02 -12.37 -6.77
C ASN A 78 33.35 -12.90 -6.25
N ILE A 79 34.42 -12.14 -6.51
CA ILE A 79 35.77 -12.52 -6.07
C ILE A 79 36.47 -11.33 -5.44
N ARG A 80 37.61 -11.60 -4.81
CA ARG A 80 38.40 -10.56 -4.17
C ARG A 80 39.58 -10.18 -5.07
N CYS A 81 39.47 -9.00 -5.67
CA CYS A 81 40.51 -8.49 -6.56
C CYS A 81 41.39 -7.49 -5.82
N MET A 82 42.69 -7.60 -6.05
CA MET A 82 43.66 -6.70 -5.40
C MET A 82 44.79 -6.36 -6.36
N ASN A 83 45.50 -5.27 -6.07
CA ASN A 83 46.61 -4.84 -6.91
C ASN A 83 46.13 -4.54 -8.33
N GLY A 84 44.96 -3.93 -8.44
CA GLY A 84 44.40 -3.58 -9.74
C GLY A 84 43.86 -4.82 -10.45
N GLY A 85 43.42 -5.80 -9.67
CA GLY A 85 42.88 -7.02 -10.24
C GLY A 85 41.56 -6.76 -10.93
N SER A 86 41.44 -7.20 -12.18
CA SER A 86 40.21 -7.01 -12.95
C SER A 86 39.25 -8.18 -12.72
N CYS A 87 37.97 -7.86 -12.54
CA CYS A 87 36.98 -8.91 -12.33
C CYS A 87 36.63 -9.60 -13.64
N SER A 88 36.68 -10.93 -13.64
CA SER A 88 36.37 -11.71 -14.84
C SER A 88 35.64 -12.99 -14.45
N ASP A 89 34.59 -13.32 -15.19
CA ASP A 89 33.80 -14.53 -14.92
C ASP A 89 33.75 -14.83 -13.41
N ASP A 90 34.58 -15.76 -12.96
CA ASP A 90 34.63 -16.13 -11.55
C ASP A 90 36.05 -16.00 -11.01
N HIS A 91 36.96 -15.50 -11.85
CA HIS A 91 38.36 -15.32 -11.47
C HIS A 91 38.83 -13.90 -11.79
N CYS A 92 39.85 -13.45 -11.05
CA CYS A 92 40.41 -12.11 -11.26
C CYS A 92 41.73 -12.19 -12.02
N LEU A 93 41.99 -11.18 -12.85
CA LEU A 93 43.21 -11.15 -13.64
C LEU A 93 44.25 -10.26 -12.96
N CYS A 94 45.47 -10.77 -12.84
CA CYS A 94 46.56 -10.04 -12.20
C CYS A 94 47.45 -9.36 -13.26
N GLN A 95 47.78 -8.10 -13.02
CA GLN A 95 48.61 -7.35 -13.96
C GLN A 95 50.08 -7.69 -13.74
N LYS A 96 50.95 -7.09 -14.56
CA LYS A 96 52.37 -7.34 -14.45
C LYS A 96 52.91 -6.79 -13.14
N GLY A 97 53.71 -7.60 -12.44
CA GLY A 97 54.28 -7.19 -11.15
C GLY A 97 53.54 -7.88 -10.01
N TYR A 98 52.30 -8.30 -10.27
CA TYR A 98 51.49 -8.98 -9.26
C TYR A 98 51.08 -10.36 -9.76
N ILE A 99 51.21 -11.36 -8.88
CA ILE A 99 50.86 -12.74 -9.20
C ILE A 99 49.81 -13.26 -8.22
N GLY A 100 49.65 -14.58 -8.19
CA GLY A 100 48.68 -15.21 -7.29
C GLY A 100 47.39 -15.51 -8.04
N THR A 101 46.67 -16.53 -7.56
CA THR A 101 45.41 -16.91 -8.19
C THR A 101 44.39 -15.78 -8.09
N HIS A 102 44.29 -15.19 -6.90
CA HIS A 102 43.34 -14.09 -6.67
C HIS A 102 44.02 -12.75 -6.85
N CYS A 103 45.29 -12.76 -7.25
CA CYS A 103 46.04 -11.54 -7.46
C CYS A 103 46.14 -10.75 -6.16
N GLY A 104 47.36 -10.57 -5.69
CA GLY A 104 47.59 -9.84 -4.44
C GLY A 104 49.06 -9.91 -4.02
N GLN A 105 49.78 -10.91 -4.52
CA GLN A 105 51.21 -11.05 -4.16
C GLN A 105 52.10 -10.36 -5.22
N PRO A 106 53.02 -9.50 -4.83
CA PRO A 106 53.95 -8.81 -5.77
C PRO A 106 55.07 -9.73 -6.25
N VAL A 107 55.72 -9.37 -7.36
CA VAL A 107 56.80 -10.18 -7.90
C VAL A 107 58.16 -9.62 -7.49
N CYS A 108 59.00 -10.47 -6.92
CA CYS A 108 60.33 -10.05 -6.51
C CYS A 108 61.36 -10.50 -7.54
N GLU A 109 61.62 -9.64 -8.52
CA GLU A 109 62.56 -9.99 -9.58
C GLU A 109 63.97 -10.14 -9.01
N SER A 110 64.35 -9.22 -8.13
CA SER A 110 65.68 -9.25 -7.51
C SER A 110 65.64 -10.08 -6.23
N GLY A 111 64.44 -10.46 -5.81
CA GLY A 111 64.28 -11.26 -4.59
C GLY A 111 64.92 -10.54 -3.41
N CYS A 112 64.86 -11.18 -2.24
CA CYS A 112 65.45 -10.61 -1.02
C CYS A 112 66.56 -11.52 -0.50
N LEU A 113 67.78 -10.98 -0.45
CA LEU A 113 68.92 -11.76 0.01
C LEU A 113 68.76 -12.18 1.47
N ASN A 114 68.27 -11.25 2.29
CA ASN A 114 68.06 -11.51 3.71
C ASN A 114 66.63 -11.98 3.96
N GLY A 115 66.31 -12.25 5.21
CA GLY A 115 64.96 -12.71 5.56
C GLY A 115 63.94 -11.59 5.39
N GLY A 116 64.18 -10.71 4.40
CA GLY A 116 63.27 -9.61 4.14
C GLY A 116 61.94 -10.11 3.62
N ARG A 117 61.01 -9.19 3.39
CA ARG A 117 59.69 -9.54 2.88
C ARG A 117 59.35 -8.68 1.67
N CYS A 118 58.67 -9.28 0.70
CA CYS A 118 58.28 -8.57 -0.51
C CYS A 118 57.00 -7.77 -0.26
N VAL A 119 57.11 -6.45 -0.30
CA VAL A 119 55.93 -5.59 -0.07
C VAL A 119 55.41 -5.05 -1.39
N ALA A 120 56.24 -5.10 -2.43
CA ALA A 120 55.84 -4.61 -3.74
C ALA A 120 56.77 -5.15 -4.82
N PRO A 121 56.45 -4.95 -6.08
CA PRO A 121 57.30 -5.43 -7.19
C PRO A 121 58.75 -4.98 -7.04
N ASN A 122 59.68 -5.93 -7.14
CA ASN A 122 61.10 -5.63 -7.03
C ASN A 122 61.38 -4.82 -5.77
N ARG A 123 60.62 -5.10 -4.70
CA ARG A 123 60.80 -4.38 -3.43
C ARG A 123 60.98 -5.37 -2.29
N CYS A 124 62.14 -5.29 -1.63
CA CYS A 124 62.47 -6.16 -0.50
C CYS A 124 62.51 -5.35 0.79
N ALA A 125 61.69 -5.76 1.76
CA ALA A 125 61.64 -5.07 3.04
C ALA A 125 62.68 -5.65 3.98
N CYS A 126 63.41 -4.79 4.68
CA CYS A 126 64.44 -5.24 5.60
C CYS A 126 63.83 -5.60 6.94
N THR A 127 64.34 -6.67 7.55
CA THR A 127 63.83 -7.13 8.83
C THR A 127 64.06 -6.08 9.92
N TYR A 128 65.28 -5.52 9.95
CA TYR A 128 65.63 -4.52 10.96
C TYR A 128 65.65 -3.13 10.34
N GLY A 129 65.02 -3.00 9.20
CA GLY A 129 64.97 -1.71 8.50
C GLY A 129 66.33 -1.38 7.89
N PHE A 130 67.12 -2.41 7.63
CA PHE A 130 68.44 -2.22 7.04
C PHE A 130 68.34 -1.40 5.75
N THR A 131 69.33 -0.55 5.52
CA THR A 131 69.34 0.29 4.32
C THR A 131 70.33 -0.25 3.30
N GLY A 132 69.86 -0.49 2.08
CA GLY A 132 70.72 -1.02 1.02
C GLY A 132 69.93 -1.18 -0.28
N PRO A 133 70.63 -1.29 -1.39
CA PRO A 133 69.98 -1.45 -2.73
C PRO A 133 69.17 -2.75 -2.84
N GLN A 134 69.63 -3.79 -2.13
CA GLN A 134 68.96 -5.09 -2.14
C GLN A 134 68.29 -5.36 -0.79
N CYS A 135 68.35 -4.37 0.10
CA CYS A 135 67.75 -4.53 1.41
C CYS A 135 68.19 -5.84 2.06
N GLU A 136 69.45 -5.89 2.48
CA GLU A 136 69.99 -7.09 3.11
C GLU A 136 69.59 -7.14 4.58
N SER A 1 -13.34 18.88 -12.65
CA SER A 1 -13.39 17.60 -11.89
C SER A 1 -14.26 16.60 -12.63
N ALA A 2 -13.96 16.41 -13.92
CA ALA A 2 -14.72 15.47 -14.74
C ALA A 2 -14.37 14.04 -14.36
N ARG A 3 -13.34 13.87 -13.55
CA ARG A 3 -12.92 12.54 -13.13
C ARG A 3 -13.96 11.91 -12.22
N GLY A 4 -14.19 10.61 -12.41
CA GLY A 4 -15.17 9.90 -11.58
C GLY A 4 -16.59 10.35 -11.92
N GLY A 5 -17.56 9.85 -11.16
CA GLY A 5 -18.95 10.20 -11.37
C GLY A 5 -19.81 9.82 -10.18
N GLY A 6 -20.42 10.82 -9.55
CA GLY A 6 -21.26 10.57 -8.38
C GLY A 6 -21.55 11.88 -7.64
N GLY A 7 -22.18 11.76 -6.47
CA GLY A 7 -22.51 12.94 -5.66
C GLY A 7 -23.89 12.78 -5.01
N HIS A 8 -24.10 11.64 -4.36
CA HIS A 8 -25.37 11.38 -3.70
C HIS A 8 -25.60 12.39 -2.58
N ASP A 9 -26.59 12.11 -1.74
CA ASP A 9 -26.90 13.00 -0.62
C ASP A 9 -25.72 13.09 0.34
N ALA A 10 -25.08 11.96 0.58
CA ALA A 10 -23.93 11.92 1.48
C ALA A 10 -23.07 10.70 1.21
N LEU A 11 -21.78 10.80 1.51
CA LEU A 11 -20.86 9.70 1.30
C LEU A 11 -20.93 8.71 2.45
N LYS A 12 -20.42 7.50 2.21
CA LYS A 12 -20.43 6.45 3.22
C LYS A 12 -19.01 5.95 3.48
N GLY A 13 -18.87 5.20 4.57
CA GLY A 13 -17.57 4.66 4.94
C GLY A 13 -16.62 5.76 5.40
N PRO A 14 -15.53 5.40 6.02
CA PRO A 14 -14.52 6.38 6.51
C PRO A 14 -13.78 7.06 5.36
N ASN A 15 -12.67 7.72 5.69
CA ASN A 15 -11.88 8.41 4.68
C ASN A 15 -12.72 9.46 3.95
N VAL A 16 -13.61 10.10 4.70
CA VAL A 16 -14.49 11.13 4.13
C VAL A 16 -13.96 12.51 4.46
N CYS A 17 -13.97 13.39 3.47
CA CYS A 17 -13.48 14.76 3.66
C CYS A 17 -14.37 15.75 2.91
N GLY A 18 -14.06 17.03 3.05
CA GLY A 18 -14.83 18.08 2.38
C GLY A 18 -16.08 18.43 3.18
N SER A 19 -16.66 19.58 2.88
CA SER A 19 -17.87 20.03 3.56
C SER A 19 -19.08 19.31 3.01
N ARG A 20 -20.22 19.48 3.66
CA ARG A 20 -21.46 18.84 3.22
C ARG A 20 -21.80 19.30 1.81
N TYR A 21 -21.66 20.59 1.56
CA TYR A 21 -21.97 21.14 0.24
C TYR A 21 -21.04 20.55 -0.83
N ASN A 22 -19.76 20.39 -0.48
CA ASN A 22 -18.77 19.84 -1.40
C ASN A 22 -18.06 18.66 -0.76
N ALA A 23 -18.83 17.72 -0.25
CA ALA A 23 -18.26 16.53 0.38
C ALA A 23 -17.64 15.61 -0.67
N TYR A 24 -16.47 15.07 -0.34
CA TYR A 24 -15.76 14.16 -1.25
C TYR A 24 -14.77 13.28 -0.49
N CYS A 25 -14.30 12.25 -1.14
CA CYS A 25 -13.35 11.35 -0.51
C CYS A 25 -12.01 12.04 -0.32
N CYS A 26 -11.39 11.81 0.84
CA CYS A 26 -10.11 12.45 1.14
C CYS A 26 -9.09 12.17 0.03
N PRO A 27 -8.20 13.11 -0.24
CA PRO A 27 -7.16 12.91 -1.29
C PRO A 27 -6.46 11.56 -1.17
N GLY A 28 -6.47 10.81 -2.27
CA GLY A 28 -5.84 9.50 -2.31
C GLY A 28 -6.87 8.37 -2.17
N TRP A 29 -8.09 8.74 -1.78
CA TRP A 29 -9.17 7.77 -1.62
C TRP A 29 -10.27 8.05 -2.64
N LYS A 30 -10.75 6.98 -3.29
CA LYS A 30 -11.82 7.09 -4.28
C LYS A 30 -12.97 6.16 -3.93
N THR A 31 -13.91 6.02 -4.86
CA THR A 31 -15.08 5.16 -4.67
C THR A 31 -15.27 4.24 -5.86
N LEU A 32 -16.16 3.27 -5.69
CA LEU A 32 -16.43 2.30 -6.75
C LEU A 32 -17.52 2.83 -7.68
N PRO A 33 -17.66 2.24 -8.85
CA PRO A 33 -18.70 2.68 -9.83
C PRO A 33 -20.10 2.72 -9.20
N GLY A 34 -20.74 3.88 -9.31
CA GLY A 34 -22.09 4.05 -8.76
C GLY A 34 -22.07 4.00 -7.24
N GLY A 35 -20.89 3.82 -6.66
CA GLY A 35 -20.73 3.76 -5.22
C GLY A 35 -20.40 5.12 -4.65
N ASN A 36 -20.35 5.22 -3.32
CA ASN A 36 -20.04 6.48 -2.66
C ASN A 36 -19.13 6.25 -1.45
N GLN A 37 -18.65 5.01 -1.31
CA GLN A 37 -17.78 4.66 -0.19
C GLN A 37 -16.34 5.04 -0.52
N CYS A 38 -15.68 5.72 0.42
CA CYS A 38 -14.29 6.12 0.21
C CYS A 38 -13.35 5.08 0.83
N ILE A 39 -13.70 3.81 0.69
CA ILE A 39 -12.90 2.72 1.24
C ILE A 39 -11.95 2.18 0.19
N VAL A 40 -11.90 2.86 -0.97
CA VAL A 40 -11.02 2.41 -2.05
C VAL A 40 -9.82 3.37 -2.19
N PRO A 41 -8.61 2.90 -1.99
CA PRO A 41 -7.38 3.75 -2.10
C PRO A 41 -7.03 4.03 -3.56
N ILE A 42 -6.30 5.13 -3.78
CA ILE A 42 -5.89 5.51 -5.12
C ILE A 42 -4.40 5.28 -5.30
N CYS A 43 -4.04 4.42 -6.25
CA CYS A 43 -2.64 4.11 -6.52
C CYS A 43 -2.11 5.05 -7.61
N ARG A 44 -1.18 5.92 -7.25
CA ARG A 44 -0.61 6.86 -8.21
C ARG A 44 0.10 6.11 -9.33
N HIS A 45 0.80 5.05 -8.97
CA HIS A 45 1.53 4.25 -9.96
C HIS A 45 0.85 2.89 -10.12
N SER A 46 0.55 2.53 -11.37
CA SER A 46 -0.11 1.27 -11.65
C SER A 46 0.62 0.13 -10.95
N CYS A 47 -0.12 -0.59 -10.11
CA CYS A 47 0.46 -1.70 -9.37
C CYS A 47 0.66 -2.91 -10.26
N GLY A 48 -0.12 -2.98 -11.33
CA GLY A 48 -0.02 -4.10 -12.27
C GLY A 48 -0.71 -5.33 -11.70
N ASP A 49 0.07 -6.38 -11.44
CA ASP A 49 -0.48 -7.62 -10.90
C ASP A 49 -0.77 -7.47 -9.41
N GLY A 50 -0.39 -6.32 -8.85
CA GLY A 50 -0.61 -6.06 -7.42
C GLY A 50 -1.93 -5.34 -7.21
N PHE A 51 -2.28 -5.12 -5.95
CA PHE A 51 -3.53 -4.44 -5.60
C PHE A 51 -3.25 -3.21 -4.72
N CYS A 52 -3.87 -2.09 -5.08
CA CYS A 52 -3.70 -0.86 -4.32
C CYS A 52 -4.30 -1.03 -2.93
N SER A 53 -3.45 -0.94 -1.91
CA SER A 53 -3.90 -1.09 -0.52
C SER A 53 -3.96 0.26 0.17
N ARG A 54 -3.22 1.24 -0.37
CA ARG A 54 -3.21 2.57 0.23
C ARG A 54 -2.75 3.60 -0.79
N PRO A 55 -3.02 4.87 -0.52
CA PRO A 55 -2.60 5.97 -1.43
C PRO A 55 -1.12 5.85 -1.82
N ASN A 56 -0.87 5.72 -3.11
CA ASN A 56 0.50 5.59 -3.61
C ASN A 56 1.19 4.42 -2.92
N MET A 57 0.45 3.33 -2.76
CA MET A 57 1.00 2.13 -2.11
C MET A 57 0.39 0.88 -2.73
N CYS A 58 1.24 0.08 -3.37
CA CYS A 58 0.81 -1.15 -4.02
C CYS A 58 1.10 -2.36 -3.13
N THR A 59 0.24 -3.37 -3.21
CA THR A 59 0.40 -4.59 -2.43
C THR A 59 0.55 -5.77 -3.37
N CYS A 60 1.72 -6.37 -3.35
CA CYS A 60 1.98 -7.50 -4.22
C CYS A 60 1.44 -8.80 -3.62
N PRO A 61 1.22 -9.81 -4.44
CA PRO A 61 0.73 -11.14 -3.97
C PRO A 61 1.65 -11.74 -2.89
N SER A 62 2.92 -11.37 -2.94
CA SER A 62 3.90 -11.88 -1.98
C SER A 62 3.56 -11.40 -0.57
N GLY A 63 2.70 -10.38 -0.49
CA GLY A 63 2.28 -9.83 0.81
C GLY A 63 3.04 -8.54 1.11
N GLN A 64 4.11 -8.29 0.36
CA GLN A 64 4.90 -7.10 0.56
C GLN A 64 4.11 -5.87 0.14
N ILE A 65 4.39 -4.74 0.79
CA ILE A 65 3.71 -3.48 0.48
C ILE A 65 4.71 -2.38 0.17
N ALA A 66 4.50 -1.70 -0.96
CA ALA A 66 5.40 -0.62 -1.35
C ALA A 66 4.76 0.25 -2.43
N PRO A 67 5.44 1.27 -2.87
CA PRO A 67 4.93 2.19 -3.94
C PRO A 67 4.64 1.44 -5.25
N SER A 68 5.28 0.29 -5.42
CA SER A 68 5.08 -0.51 -6.63
C SER A 68 5.40 -1.98 -6.36
N CYS A 69 4.94 -2.85 -7.25
CA CYS A 69 5.20 -4.27 -7.10
C CYS A 69 6.62 -4.61 -7.55
N GLY A 70 7.07 -3.95 -8.61
CA GLY A 70 8.41 -4.19 -9.15
C GLY A 70 9.48 -3.77 -8.14
N SER A 71 9.23 -2.65 -7.47
CA SER A 71 10.18 -2.15 -6.47
C SER A 71 10.21 -3.08 -5.26
N ARG A 72 11.42 -3.33 -4.75
CA ARG A 72 11.59 -4.20 -3.57
C ARG A 72 12.35 -3.47 -2.48
N SER A 73 11.94 -2.24 -2.19
CA SER A 73 12.59 -1.45 -1.15
C SER A 73 12.31 -2.04 0.23
N ILE A 74 13.26 -1.88 1.15
CA ILE A 74 13.10 -2.39 2.49
C ILE A 74 12.01 -1.62 3.24
N GLN A 75 11.08 -2.36 3.84
CA GLN A 75 9.99 -1.73 4.58
C GLN A 75 9.30 -0.68 3.71
N HIS A 76 9.37 0.57 4.14
CA HIS A 76 8.74 1.66 3.40
C HIS A 76 9.37 3.00 3.79
N CYS A 77 9.65 3.16 5.07
CA CYS A 77 10.25 4.41 5.57
C CYS A 77 11.77 4.27 5.68
N ASN A 78 12.44 4.36 4.54
CA ASN A 78 13.90 4.26 4.52
C ASN A 78 14.53 5.40 5.29
N ILE A 79 13.96 6.59 5.15
CA ILE A 79 14.47 7.77 5.85
C ILE A 79 14.02 7.76 7.30
N ARG A 80 14.64 8.61 8.11
CA ARG A 80 14.31 8.70 9.53
C ARG A 80 13.26 9.80 9.76
N CYS A 81 12.13 9.41 10.34
CA CYS A 81 11.05 10.35 10.62
C CYS A 81 10.70 10.33 12.10
N MET A 82 10.40 11.51 12.65
CA MET A 82 10.06 11.64 14.06
C MET A 82 9.03 12.75 14.25
N ASN A 83 8.39 12.74 15.42
CA ASN A 83 7.38 13.75 15.72
C ASN A 83 6.20 13.67 14.76
N GLY A 84 5.74 12.44 14.49
CA GLY A 84 4.62 12.25 13.59
C GLY A 84 5.01 12.52 12.14
N GLY A 85 6.30 12.41 11.85
CA GLY A 85 6.80 12.65 10.51
C GLY A 85 6.24 11.61 9.54
N SER A 86 6.31 11.90 8.26
CA SER A 86 5.81 10.99 7.23
C SER A 86 6.83 10.83 6.11
N CYS A 87 6.96 9.61 5.60
CA CYS A 87 7.90 9.33 4.51
C CYS A 87 7.22 9.45 3.16
N SER A 88 7.77 10.31 2.31
CA SER A 88 7.22 10.50 0.97
C SER A 88 8.32 10.86 -0.03
N ASP A 89 8.31 10.21 -1.19
CA ASP A 89 9.31 10.47 -2.21
C ASP A 89 10.71 10.47 -1.62
N ASP A 90 11.00 9.45 -0.82
CA ASP A 90 12.31 9.33 -0.19
C ASP A 90 12.63 10.58 0.60
N HIS A 91 11.60 11.26 1.07
CA HIS A 91 11.78 12.49 1.86
C HIS A 91 10.83 12.50 3.04
N CYS A 92 11.35 12.93 4.20
CA CYS A 92 10.54 12.98 5.42
C CYS A 92 9.91 14.35 5.59
N LEU A 93 8.60 14.37 5.83
CA LEU A 93 7.86 15.61 6.02
C LEU A 93 7.35 15.72 7.45
N CYS A 94 7.36 16.94 7.99
CA CYS A 94 6.91 17.17 9.35
C CYS A 94 5.53 17.81 9.37
N GLN A 95 4.72 17.44 10.35
CA GLN A 95 3.37 17.98 10.45
C GLN A 95 3.42 19.46 10.81
N LYS A 96 2.26 20.11 10.83
CA LYS A 96 2.18 21.52 11.15
C LYS A 96 2.58 21.77 12.60
N GLY A 97 3.47 22.74 12.80
CA GLY A 97 3.96 23.07 14.15
C GLY A 97 5.36 22.50 14.38
N TYR A 98 5.78 21.58 13.51
CA TYR A 98 7.11 20.98 13.63
C TYR A 98 7.95 21.32 12.40
N ILE A 99 9.20 21.72 12.63
CA ILE A 99 10.11 22.08 11.54
C ILE A 99 11.39 21.25 11.64
N GLY A 100 12.17 21.24 10.56
CA GLY A 100 13.43 20.51 10.52
C GLY A 100 13.42 19.49 9.38
N THR A 101 14.61 19.17 8.89
CA THR A 101 14.74 18.22 7.80
C THR A 101 14.21 16.86 8.21
N HIS A 102 14.62 16.39 9.39
CA HIS A 102 14.18 15.09 9.90
C HIS A 102 13.05 15.26 10.91
N CYS A 103 12.61 16.51 11.10
CA CYS A 103 11.54 16.80 12.04
C CYS A 103 11.99 16.49 13.46
N GLY A 104 11.65 17.39 14.37
CA GLY A 104 12.02 17.21 15.77
C GLY A 104 12.10 18.55 16.48
N GLN A 105 12.04 19.64 15.71
CA GLN A 105 12.12 20.97 16.30
C GLN A 105 10.71 21.62 16.35
N PRO A 106 10.12 21.75 17.51
CA PRO A 106 8.76 22.36 17.66
C PRO A 106 8.80 23.87 17.52
N VAL A 107 7.64 24.47 17.28
CA VAL A 107 7.54 25.92 17.12
C VAL A 107 6.66 26.50 18.22
N CYS A 108 7.17 27.53 18.90
CA CYS A 108 6.41 28.18 19.97
C CYS A 108 5.72 29.44 19.44
N GLU A 109 4.41 29.37 19.29
CA GLU A 109 3.65 30.50 18.79
C GLU A 109 3.68 31.65 19.79
N SER A 110 3.58 31.32 21.07
CA SER A 110 3.61 32.34 22.11
C SER A 110 5.04 32.67 22.51
N GLY A 111 5.98 31.85 22.04
CA GLY A 111 7.39 32.07 22.36
C GLY A 111 7.65 31.81 23.84
N CYS A 112 8.89 32.03 24.26
CA CYS A 112 9.27 31.82 25.66
C CYS A 112 9.99 33.06 26.21
N LEU A 113 9.36 33.72 27.17
CA LEU A 113 9.93 34.93 27.75
C LEU A 113 11.24 34.61 28.47
N ASN A 114 11.26 33.49 29.19
CA ASN A 114 12.44 33.08 29.93
C ASN A 114 13.24 32.07 29.11
N GLY A 115 14.26 31.50 29.74
CA GLY A 115 15.10 30.51 29.07
C GLY A 115 14.40 29.17 28.96
N GLY A 116 13.10 29.22 28.70
CA GLY A 116 12.32 27.99 28.57
C GLY A 116 12.64 27.28 27.26
N ARG A 117 12.04 26.10 27.06
CA ARG A 117 12.27 25.32 25.85
C ARG A 117 10.94 24.90 25.23
N CYS A 118 10.92 24.79 23.91
CA CYS A 118 9.71 24.39 23.20
C CYS A 118 9.60 22.87 23.16
N VAL A 119 8.52 22.35 23.74
CA VAL A 119 8.30 20.90 23.78
C VAL A 119 7.25 20.50 22.75
N ALA A 120 6.57 21.49 22.20
CA ALA A 120 5.54 21.22 21.20
C ALA A 120 4.94 22.52 20.65
N PRO A 121 4.08 22.43 19.67
CA PRO A 121 3.42 23.64 19.08
C PRO A 121 2.72 24.47 20.15
N ASN A 122 3.07 25.74 20.22
CA ASN A 122 2.46 26.65 21.20
C ASN A 122 2.65 26.09 22.62
N ARG A 123 3.79 25.45 22.86
CA ARG A 123 4.09 24.89 24.17
C ARG A 123 5.53 25.20 24.56
N CYS A 124 5.69 25.69 25.79
CA CYS A 124 7.00 26.04 26.32
C CYS A 124 7.09 25.69 27.80
N ALA A 125 8.29 25.30 28.23
CA ALA A 125 8.52 24.96 29.64
C ALA A 125 9.60 25.86 30.22
N CYS A 126 9.25 26.57 31.29
CA CYS A 126 10.19 27.48 31.95
C CYS A 126 10.58 26.92 33.31
N THR A 127 11.76 27.32 33.79
CA THR A 127 12.26 26.83 35.08
C THR A 127 12.18 27.92 36.14
N TYR A 128 11.42 28.96 35.84
CA TYR A 128 11.25 30.09 36.75
C TYR A 128 9.78 30.26 37.15
N GLY A 129 9.06 29.15 37.23
CA GLY A 129 7.65 29.18 37.60
C GLY A 129 6.77 29.31 36.35
N PHE A 130 6.92 28.36 35.44
CA PHE A 130 6.14 28.38 34.21
C PHE A 130 4.66 28.65 34.50
N THR A 131 4.20 29.84 34.12
CA THR A 131 2.81 30.21 34.33
C THR A 131 2.20 30.73 33.03
N GLY A 132 1.08 30.15 32.65
CA GLY A 132 0.40 30.54 31.43
C GLY A 132 1.24 30.26 30.20
N PRO A 133 0.66 30.31 29.03
CA PRO A 133 1.39 30.05 27.75
C PRO A 133 2.60 30.96 27.57
N GLN A 134 2.47 32.20 28.01
CA GLN A 134 3.56 33.18 27.89
C GLN A 134 4.64 32.90 28.91
N CYS A 135 5.04 31.64 29.02
CA CYS A 135 6.06 31.25 29.97
C CYS A 135 5.70 31.71 31.37
N GLU A 136 6.18 32.89 31.75
CA GLU A 136 5.91 33.43 33.07
C GLU A 136 4.59 34.20 33.06
N SER A 1 -5.32 15.35 10.19
CA SER A 1 -4.92 14.91 11.55
C SER A 1 -6.15 14.94 12.47
N ALA A 2 -7.33 15.00 11.86
CA ALA A 2 -8.58 15.04 12.63
C ALA A 2 -9.62 14.12 12.00
N ARG A 3 -10.37 13.42 12.84
CA ARG A 3 -11.39 12.50 12.36
C ARG A 3 -12.62 13.27 11.88
N GLY A 4 -13.30 12.73 10.88
CA GLY A 4 -14.49 13.38 10.34
C GLY A 4 -15.59 13.48 11.40
N GLY A 5 -15.78 12.41 12.16
CA GLY A 5 -16.79 12.40 13.20
C GLY A 5 -18.19 12.58 12.61
N GLY A 6 -18.37 12.10 11.38
CA GLY A 6 -19.66 12.22 10.71
C GLY A 6 -20.74 11.45 11.47
N GLY A 7 -20.38 10.29 11.99
CA GLY A 7 -21.33 9.46 12.72
C GLY A 7 -22.56 9.16 11.88
N HIS A 8 -22.56 8.00 11.23
CA HIS A 8 -23.67 7.60 10.39
C HIS A 8 -23.97 8.69 9.36
N ASP A 9 -23.41 8.51 8.15
CA ASP A 9 -23.62 9.47 7.07
C ASP A 9 -23.73 8.75 5.74
N ALA A 10 -23.98 9.52 4.67
CA ALA A 10 -24.12 8.94 3.35
C ALA A 10 -22.84 8.21 2.93
N LEU A 11 -21.69 8.85 3.18
CA LEU A 11 -20.42 8.27 2.85
C LEU A 11 -20.04 7.18 3.86
N LYS A 12 -19.24 6.21 3.42
CA LYS A 12 -18.80 5.13 4.30
C LYS A 12 -17.33 4.82 4.07
N GLY A 13 -16.72 4.18 5.06
CA GLY A 13 -15.31 3.81 5.00
C GLY A 13 -14.48 4.63 5.98
N PRO A 14 -13.27 4.21 6.23
CA PRO A 14 -12.34 4.92 7.17
C PRO A 14 -11.73 6.18 6.54
N ASN A 15 -12.08 6.44 5.28
CA ASN A 15 -11.55 7.61 4.56
C ASN A 15 -12.70 8.56 4.17
N VAL A 16 -13.27 9.24 5.17
CA VAL A 16 -14.36 10.19 4.94
C VAL A 16 -13.95 11.57 5.44
N CYS A 17 -14.13 12.58 4.59
CA CYS A 17 -13.76 13.94 4.94
C CYS A 17 -14.77 14.93 4.37
N GLY A 18 -14.50 16.21 4.52
CA GLY A 18 -15.39 17.24 4.00
C GLY A 18 -16.54 17.50 4.96
N SER A 19 -17.31 18.53 4.69
CA SER A 19 -18.45 18.87 5.52
C SER A 19 -19.62 17.97 5.20
N ARG A 20 -20.61 17.93 6.09
CA ARG A 20 -21.78 17.10 5.87
C ARG A 20 -22.50 17.52 4.59
N TYR A 21 -22.63 18.82 4.39
CA TYR A 21 -23.30 19.33 3.20
C TYR A 21 -22.58 18.90 1.93
N ASN A 22 -21.26 18.97 1.95
CA ASN A 22 -20.44 18.61 0.81
C ASN A 22 -19.38 17.59 1.20
N ALA A 23 -19.79 16.54 1.89
CA ALA A 23 -18.85 15.51 2.32
C ALA A 23 -18.28 14.75 1.12
N TYR A 24 -17.04 14.31 1.23
CA TYR A 24 -16.38 13.56 0.16
C TYR A 24 -15.30 12.64 0.71
N CYS A 25 -14.79 11.75 -0.14
CA CYS A 25 -13.75 10.83 0.30
C CYS A 25 -12.44 11.58 0.51
N CYS A 26 -11.81 11.34 1.65
CA CYS A 26 -10.55 12.00 1.99
C CYS A 26 -9.55 11.91 0.84
N PRO A 27 -8.64 12.85 0.70
CA PRO A 27 -7.63 12.82 -0.39
C PRO A 27 -6.90 11.47 -0.47
N GLY A 28 -6.82 10.93 -1.68
CA GLY A 28 -6.16 9.64 -1.91
C GLY A 28 -7.19 8.52 -2.05
N TRP A 29 -8.45 8.86 -1.84
CA TRP A 29 -9.54 7.88 -1.96
C TRP A 29 -10.69 8.45 -2.80
N LYS A 30 -11.28 7.59 -3.64
CA LYS A 30 -12.39 8.00 -4.50
C LYS A 30 -13.66 7.25 -4.11
N THR A 31 -14.68 7.30 -4.96
CA THR A 31 -15.94 6.61 -4.70
C THR A 31 -16.17 5.53 -5.75
N LEU A 32 -17.00 4.54 -5.42
CA LEU A 32 -17.28 3.44 -6.34
C LEU A 32 -18.48 3.77 -7.25
N PRO A 33 -18.52 3.24 -8.44
CA PRO A 33 -19.65 3.50 -9.38
C PRO A 33 -21.00 3.51 -8.67
N GLY A 34 -21.56 4.70 -8.52
CA GLY A 34 -22.86 4.85 -7.86
C GLY A 34 -22.75 4.58 -6.37
N GLY A 35 -21.60 4.05 -5.94
CA GLY A 35 -21.39 3.75 -4.53
C GLY A 35 -20.97 5.00 -3.77
N ASN A 36 -20.90 4.89 -2.44
CA ASN A 36 -20.53 6.02 -1.59
C ASN A 36 -19.39 5.63 -0.63
N GLN A 37 -18.80 4.46 -0.87
CA GLN A 37 -17.72 3.98 -0.01
C GLN A 37 -16.36 4.46 -0.52
N CYS A 38 -15.48 4.86 0.40
CA CYS A 38 -14.16 5.36 0.04
C CYS A 38 -13.12 4.25 0.21
N ILE A 39 -13.47 3.03 -0.22
CA ILE A 39 -12.58 1.88 -0.10
C ILE A 39 -11.77 1.67 -1.38
N VAL A 40 -11.66 2.72 -2.19
CA VAL A 40 -10.90 2.64 -3.45
C VAL A 40 -9.77 3.69 -3.44
N PRO A 41 -8.56 3.30 -3.05
CA PRO A 41 -7.40 4.25 -3.01
C PRO A 41 -6.82 4.52 -4.40
N ILE A 42 -6.09 5.63 -4.53
CA ILE A 42 -5.49 6.00 -5.81
C ILE A 42 -4.02 5.58 -5.85
N CYS A 43 -3.67 4.74 -6.82
CA CYS A 43 -2.29 4.29 -6.97
C CYS A 43 -1.63 4.99 -8.16
N ARG A 44 -0.69 5.89 -7.87
CA ARG A 44 0.00 6.61 -8.93
C ARG A 44 0.83 5.64 -9.78
N HIS A 45 1.46 4.67 -9.12
CA HIS A 45 2.28 3.68 -9.82
C HIS A 45 1.54 2.36 -9.93
N SER A 46 1.54 1.77 -11.12
CA SER A 46 0.85 0.51 -11.33
C SER A 46 1.45 -0.57 -10.45
N CYS A 47 0.58 -1.34 -9.80
CA CYS A 47 1.01 -2.42 -8.92
C CYS A 47 1.43 -3.63 -9.74
N GLY A 48 0.82 -3.80 -10.91
CA GLY A 48 1.14 -4.92 -11.78
C GLY A 48 0.50 -6.21 -11.27
N ASP A 49 1.33 -7.08 -10.69
CA ASP A 49 0.83 -8.35 -10.17
C ASP A 49 0.17 -8.18 -8.82
N GLY A 50 0.19 -6.95 -8.29
CA GLY A 50 -0.43 -6.66 -7.00
C GLY A 50 -1.71 -5.84 -7.18
N PHE A 51 -2.14 -5.16 -6.12
CA PHE A 51 -3.36 -4.34 -6.20
C PHE A 51 -3.24 -3.12 -5.29
N CYS A 52 -3.96 -2.05 -5.66
CA CYS A 52 -3.93 -0.82 -4.87
C CYS A 52 -4.53 -1.05 -3.49
N SER A 53 -3.69 -0.90 -2.47
CA SER A 53 -4.15 -1.10 -1.09
C SER A 53 -4.20 0.21 -0.34
N ARG A 54 -3.40 1.18 -0.79
CA ARG A 54 -3.36 2.48 -0.14
C ARG A 54 -2.88 3.55 -1.12
N PRO A 55 -3.19 4.80 -0.86
CA PRO A 55 -2.79 5.92 -1.76
C PRO A 55 -1.29 5.88 -2.04
N ASN A 56 -0.95 5.87 -3.32
CA ASN A 56 0.46 5.84 -3.71
C ASN A 56 1.15 4.67 -3.02
N MET A 57 0.44 3.55 -2.88
CA MET A 57 0.99 2.37 -2.21
C MET A 57 0.41 1.09 -2.81
N CYS A 58 1.29 0.31 -3.45
CA CYS A 58 0.91 -0.96 -4.06
C CYS A 58 1.22 -2.12 -3.11
N THR A 59 0.40 -3.16 -3.18
CA THR A 59 0.59 -4.33 -2.34
C THR A 59 0.79 -5.56 -3.21
N CYS A 60 1.91 -6.24 -3.00
CA CYS A 60 2.23 -7.43 -3.77
C CYS A 60 1.67 -8.68 -3.09
N PRO A 61 1.42 -9.73 -3.82
CA PRO A 61 0.88 -11.01 -3.24
C PRO A 61 1.86 -11.61 -2.21
N SER A 62 3.13 -11.22 -2.30
CA SER A 62 4.14 -11.71 -1.37
C SER A 62 3.85 -11.22 0.05
N GLY A 63 3.00 -10.19 0.15
CA GLY A 63 2.64 -9.61 1.44
C GLY A 63 3.32 -8.26 1.65
N GLN A 64 4.39 -8.01 0.91
CA GLN A 64 5.11 -6.75 1.04
C GLN A 64 4.25 -5.60 0.50
N ILE A 65 4.46 -4.41 1.06
CA ILE A 65 3.71 -3.21 0.65
C ILE A 65 4.66 -2.05 0.37
N ALA A 66 4.46 -1.38 -0.75
CA ALA A 66 5.30 -0.25 -1.11
C ALA A 66 4.71 0.51 -2.31
N PRO A 67 5.34 1.58 -2.72
CA PRO A 67 4.87 2.39 -3.88
C PRO A 67 4.73 1.55 -5.15
N SER A 68 5.48 0.45 -5.21
CA SER A 68 5.43 -0.43 -6.36
C SER A 68 5.76 -1.87 -5.94
N CYS A 69 5.41 -2.82 -6.80
CA CYS A 69 5.68 -4.22 -6.52
C CYS A 69 7.14 -4.55 -6.79
N GLY A 70 7.75 -3.80 -7.70
CA GLY A 70 9.15 -4.02 -8.05
C GLY A 70 10.07 -3.48 -6.96
N SER A 71 9.71 -3.75 -5.71
CA SER A 71 10.52 -3.28 -4.59
C SER A 71 11.91 -3.91 -4.61
N ARG A 72 12.92 -3.10 -4.30
CA ARG A 72 14.30 -3.57 -4.29
C ARG A 72 14.58 -4.36 -3.01
N SER A 73 13.69 -4.25 -2.04
CA SER A 73 13.85 -4.95 -0.78
C SER A 73 13.59 -6.45 -0.97
N ILE A 74 14.66 -7.23 -1.05
CA ILE A 74 14.56 -8.67 -1.24
C ILE A 74 15.62 -9.40 -0.43
N GLN A 75 15.91 -10.64 -0.81
CA GLN A 75 16.91 -11.43 -0.11
C GLN A 75 18.24 -10.69 -0.09
N HIS A 76 18.89 -10.66 1.07
CA HIS A 76 20.16 -9.97 1.19
C HIS A 76 21.18 -10.57 0.24
N CYS A 77 21.19 -11.90 0.15
CA CYS A 77 22.12 -12.60 -0.73
C CYS A 77 21.80 -14.08 -0.78
N ASN A 78 22.52 -14.81 -1.64
CA ASN A 78 22.31 -16.25 -1.78
C ASN A 78 23.30 -17.03 -0.92
N ILE A 79 24.01 -16.32 -0.05
CA ILE A 79 24.99 -16.94 0.84
C ILE A 79 24.91 -16.32 2.23
N ARG A 80 25.52 -16.99 3.19
CA ARG A 80 25.53 -16.51 4.57
C ARG A 80 26.53 -15.38 4.74
N CYS A 81 26.02 -14.15 4.72
CA CYS A 81 26.86 -12.96 4.89
C CYS A 81 26.55 -12.31 6.23
N MET A 82 27.55 -12.23 7.10
CA MET A 82 27.37 -11.65 8.43
C MET A 82 28.59 -10.81 8.81
N ASN A 83 28.44 -9.98 9.85
CA ASN A 83 29.53 -9.12 10.29
C ASN A 83 29.98 -8.19 9.17
N GLY A 84 29.01 -7.66 8.43
CA GLY A 84 29.33 -6.73 7.35
C GLY A 84 29.90 -7.48 6.14
N GLY A 85 29.56 -8.75 6.02
CA GLY A 85 30.05 -9.55 4.91
C GLY A 85 29.46 -9.05 3.60
N SER A 86 30.32 -8.75 2.63
CA SER A 86 29.86 -8.27 1.34
C SER A 86 29.44 -9.44 0.45
N CYS A 87 28.28 -9.31 -0.17
CA CYS A 87 27.78 -10.37 -1.06
C CYS A 87 28.15 -10.08 -2.50
N SER A 88 28.96 -10.97 -3.08
CA SER A 88 29.39 -10.80 -4.47
C SER A 88 29.37 -12.14 -5.20
N ASP A 89 29.01 -12.12 -6.47
CA ASP A 89 28.95 -13.33 -7.27
C ASP A 89 28.33 -14.48 -6.47
N ASP A 90 29.13 -15.53 -6.23
CA ASP A 90 28.66 -16.70 -5.47
C ASP A 90 29.51 -16.89 -4.22
N HIS A 91 30.16 -15.82 -3.78
CA HIS A 91 31.01 -15.88 -2.59
C HIS A 91 30.89 -14.58 -1.79
N CYS A 92 30.97 -14.70 -0.47
CA CYS A 92 30.89 -13.53 0.41
C CYS A 92 32.28 -13.18 0.95
N LEU A 93 32.57 -11.89 1.05
CA LEU A 93 33.85 -11.41 1.55
C LEU A 93 33.71 -10.94 2.98
N CYS A 94 34.62 -11.38 3.84
CA CYS A 94 34.58 -10.99 5.25
C CYS A 94 35.44 -9.76 5.49
N GLN A 95 34.90 -8.80 6.23
CA GLN A 95 35.63 -7.58 6.53
C GLN A 95 36.91 -7.91 7.30
N LYS A 96 37.72 -6.89 7.52
CA LYS A 96 38.96 -7.06 8.26
C LYS A 96 38.70 -7.48 9.71
N GLY A 97 39.48 -8.45 10.18
CA GLY A 97 39.34 -8.93 11.54
C GLY A 97 38.32 -10.06 11.63
N TYR A 98 37.62 -10.30 10.52
CA TYR A 98 36.62 -11.37 10.46
C TYR A 98 37.00 -12.39 9.39
N ILE A 99 36.87 -13.66 9.75
CA ILE A 99 37.21 -14.75 8.82
C ILE A 99 36.11 -15.81 8.84
N GLY A 100 36.21 -16.79 7.94
CA GLY A 100 35.23 -17.86 7.85
C GLY A 100 34.29 -17.65 6.67
N THR A 101 33.59 -18.71 6.30
CA THR A 101 32.65 -18.63 5.17
C THR A 101 31.49 -17.69 5.49
N HIS A 102 31.01 -17.75 6.73
CA HIS A 102 29.90 -16.89 7.15
C HIS A 102 30.43 -15.65 7.86
N CYS A 103 31.74 -15.44 7.77
CA CYS A 103 32.37 -14.29 8.41
C CYS A 103 31.85 -14.14 9.84
N GLY A 104 31.71 -15.26 10.53
CA GLY A 104 31.21 -15.25 11.91
C GLY A 104 32.32 -15.59 12.88
N GLN A 105 33.56 -15.73 12.37
CA GLN A 105 34.71 -16.06 13.22
C GLN A 105 35.68 -14.87 13.31
N PRO A 106 35.81 -14.22 14.44
CA PRO A 106 36.74 -13.05 14.60
C PRO A 106 38.18 -13.50 14.78
N VAL A 107 39.13 -12.57 14.56
CA VAL A 107 40.55 -12.87 14.71
C VAL A 107 41.13 -12.11 15.90
N CYS A 108 41.82 -12.83 16.77
CA CYS A 108 42.43 -12.22 17.96
C CYS A 108 43.90 -11.97 17.68
N GLU A 109 44.20 -10.77 17.21
CA GLU A 109 45.58 -10.42 16.88
C GLU A 109 46.42 -10.34 18.16
N SER A 110 45.86 -9.73 19.21
CA SER A 110 46.56 -9.59 20.48
C SER A 110 46.14 -10.68 21.46
N GLY A 111 45.10 -11.43 21.10
CA GLY A 111 44.60 -12.50 21.96
C GLY A 111 44.03 -11.94 23.26
N CYS A 112 43.54 -12.83 24.12
CA CYS A 112 42.97 -12.42 25.40
C CYS A 112 44.00 -12.59 26.52
N LEU A 113 43.62 -12.23 27.74
CA LEU A 113 44.52 -12.35 28.88
C LEU A 113 44.41 -13.73 29.51
N ASN A 114 43.50 -14.54 28.99
CA ASN A 114 43.32 -15.90 29.50
C ASN A 114 42.39 -16.69 28.57
N GLY A 115 41.61 -17.58 29.17
CA GLY A 115 40.67 -18.40 28.41
C GLY A 115 39.47 -17.57 27.96
N GLY A 116 39.70 -16.27 27.74
CA GLY A 116 38.63 -15.38 27.31
C GLY A 116 38.06 -15.82 25.97
N ARG A 117 36.98 -15.16 25.53
CA ARG A 117 36.33 -15.50 24.27
C ARG A 117 36.47 -14.37 23.27
N CYS A 118 37.05 -14.66 22.12
CA CYS A 118 37.22 -13.66 21.08
C CYS A 118 35.86 -13.27 20.52
N VAL A 119 35.26 -12.25 21.11
CA VAL A 119 33.95 -11.78 20.67
C VAL A 119 34.05 -10.94 19.41
N ALA A 120 35.20 -10.30 19.21
CA ALA A 120 35.40 -9.46 18.03
C ALA A 120 36.90 -9.31 17.76
N PRO A 121 37.27 -8.70 16.66
CA PRO A 121 38.71 -8.49 16.32
C PRO A 121 39.48 -7.84 17.48
N ASN A 122 40.68 -8.37 17.74
CA ASN A 122 41.51 -7.84 18.81
C ASN A 122 40.67 -7.53 20.04
N ARG A 123 39.54 -8.23 20.18
CA ARG A 123 38.65 -8.05 21.32
C ARG A 123 38.21 -9.38 21.90
N CYS A 124 38.14 -9.43 23.23
CA CYS A 124 37.73 -10.65 23.91
C CYS A 124 37.03 -10.32 25.22
N ALA A 125 36.28 -11.27 25.74
CA ALA A 125 35.56 -11.10 27.00
C ALA A 125 36.19 -11.97 28.09
N CYS A 126 36.31 -11.41 29.29
CA CYS A 126 36.90 -12.14 30.38
C CYS A 126 35.98 -13.26 30.83
N THR A 127 36.58 -14.42 31.10
CA THR A 127 35.80 -15.58 31.52
C THR A 127 35.05 -15.34 32.82
N TYR A 128 35.74 -14.77 33.82
CA TYR A 128 35.15 -14.51 35.13
C TYR A 128 35.12 -13.02 35.44
N GLY A 129 35.06 -12.20 34.41
CA GLY A 129 35.02 -10.76 34.61
C GLY A 129 36.27 -10.30 35.35
N PHE A 130 37.36 -11.02 35.14
CA PHE A 130 38.62 -10.69 35.80
C PHE A 130 39.17 -9.37 35.28
N THR A 131 39.93 -8.68 36.13
CA THR A 131 40.51 -7.39 35.75
C THR A 131 41.77 -7.58 34.92
N GLY A 132 41.96 -6.69 33.93
CA GLY A 132 43.13 -6.78 33.07
C GLY A 132 43.14 -5.64 32.05
N PRO A 133 44.28 -5.31 31.50
CA PRO A 133 44.42 -4.20 30.50
C PRO A 133 43.65 -4.47 29.20
N GLN A 134 43.88 -5.65 28.62
CA GLN A 134 43.23 -6.03 27.37
C GLN A 134 41.81 -6.54 27.64
N CYS A 135 41.72 -7.48 28.59
CA CYS A 135 40.44 -8.06 28.98
C CYS A 135 40.16 -7.72 30.44
N GLU A 136 39.12 -6.94 30.68
CA GLU A 136 38.78 -6.56 32.05
C GLU A 136 37.47 -7.24 32.47
N SER A 1 -32.46 4.83 18.94
CA SER A 1 -31.70 5.71 18.02
C SER A 1 -30.23 5.71 18.43
N ALA A 2 -29.34 5.60 17.45
CA ALA A 2 -27.92 5.60 17.71
C ALA A 2 -27.44 7.00 18.05
N ARG A 3 -27.29 7.27 19.34
CA ARG A 3 -26.84 8.58 19.80
C ARG A 3 -25.42 8.86 19.29
N GLY A 4 -24.59 7.82 19.30
CA GLY A 4 -23.21 7.97 18.83
C GLY A 4 -23.15 7.92 17.30
N GLY A 5 -22.00 8.28 16.75
CA GLY A 5 -21.82 8.28 15.31
C GLY A 5 -22.33 9.57 14.69
N GLY A 6 -21.81 9.92 13.51
CA GLY A 6 -22.22 11.14 12.83
C GLY A 6 -23.32 10.84 11.81
N GLY A 7 -23.89 11.90 11.23
CA GLY A 7 -24.94 11.75 10.23
C GLY A 7 -24.34 11.75 8.83
N HIS A 8 -24.42 10.61 8.15
CA HIS A 8 -23.88 10.47 6.80
C HIS A 8 -25.02 10.30 5.80
N ASP A 9 -25.06 11.17 4.79
CA ASP A 9 -26.09 11.10 3.77
C ASP A 9 -25.95 9.82 2.95
N ALA A 10 -24.70 9.41 2.72
CA ALA A 10 -24.43 8.19 1.95
C ALA A 10 -22.94 7.87 1.98
N LEU A 11 -22.13 8.83 2.40
CA LEU A 11 -20.70 8.64 2.47
C LEU A 11 -20.33 7.66 3.58
N LYS A 12 -19.41 6.75 3.25
CA LYS A 12 -18.95 5.75 4.21
C LYS A 12 -17.47 5.50 4.05
N GLY A 13 -16.89 4.87 5.06
CA GLY A 13 -15.47 4.55 5.06
C GLY A 13 -14.69 5.48 6.00
N PRO A 14 -13.52 5.07 6.43
CA PRO A 14 -12.65 5.87 7.34
C PRO A 14 -11.96 7.02 6.61
N ASN A 15 -12.34 7.24 5.35
CA ASN A 15 -11.74 8.32 4.55
C ASN A 15 -12.82 9.26 4.02
N VAL A 16 -13.41 10.05 4.92
CA VAL A 16 -14.45 11.01 4.55
C VAL A 16 -13.95 12.42 4.81
N CYS A 17 -14.10 13.28 3.81
CA CYS A 17 -13.66 14.67 3.92
C CYS A 17 -14.51 15.58 3.05
N GLY A 18 -14.23 16.87 3.08
CA GLY A 18 -14.98 17.84 2.30
C GLY A 18 -16.13 18.43 3.11
N SER A 19 -16.79 19.43 2.55
CA SER A 19 -17.90 20.09 3.22
C SER A 19 -19.17 19.27 3.04
N ARG A 20 -20.18 19.56 3.86
CA ARG A 20 -21.45 18.85 3.77
C ARG A 20 -22.07 19.02 2.39
N TYR A 21 -22.04 20.25 1.89
CA TYR A 21 -22.60 20.53 0.58
C TYR A 21 -21.87 19.75 -0.51
N ASN A 22 -20.55 19.61 -0.36
CA ASN A 22 -19.73 18.90 -1.33
C ASN A 22 -18.79 17.91 -0.64
N ALA A 23 -19.37 17.04 0.19
CA ALA A 23 -18.58 16.05 0.89
C ALA A 23 -18.11 14.96 -0.07
N TYR A 24 -16.89 14.48 0.13
CA TYR A 24 -16.32 13.44 -0.72
C TYR A 24 -15.18 12.72 -0.02
N CYS A 25 -14.70 11.63 -0.63
CA CYS A 25 -13.63 10.85 -0.05
C CYS A 25 -12.32 11.66 -0.07
N CYS A 26 -11.60 11.63 1.05
CA CYS A 26 -10.35 12.39 1.15
C CYS A 26 -9.47 12.16 -0.07
N PRO A 27 -8.43 12.95 -0.23
CA PRO A 27 -7.48 12.79 -1.37
C PRO A 27 -6.85 11.39 -1.41
N GLY A 28 -6.83 10.80 -2.60
CA GLY A 28 -6.26 9.47 -2.78
C GLY A 28 -7.34 8.40 -2.69
N TRP A 29 -8.49 8.76 -2.15
CA TRP A 29 -9.61 7.83 -2.01
C TRP A 29 -10.76 8.26 -2.92
N LYS A 30 -11.38 7.29 -3.58
CA LYS A 30 -12.51 7.56 -4.48
C LYS A 30 -13.74 6.79 -4.03
N THR A 31 -14.73 6.71 -4.91
CA THR A 31 -15.97 5.99 -4.61
C THR A 31 -16.25 4.95 -5.69
N LEU A 32 -17.16 4.03 -5.38
CA LEU A 32 -17.50 2.98 -6.34
C LEU A 32 -18.64 3.42 -7.26
N PRO A 33 -18.69 2.90 -8.46
CA PRO A 33 -19.76 3.25 -9.43
C PRO A 33 -21.14 3.36 -8.76
N GLY A 34 -21.61 4.60 -8.62
CA GLY A 34 -22.91 4.83 -8.01
C GLY A 34 -22.83 4.72 -6.49
N GLY A 35 -21.73 4.13 -6.00
CA GLY A 35 -21.53 3.96 -4.58
C GLY A 35 -20.95 5.22 -3.96
N ASN A 36 -20.74 5.21 -2.64
CA ASN A 36 -20.18 6.35 -1.93
C ASN A 36 -19.18 5.90 -0.87
N GLN A 37 -18.75 4.65 -0.97
CA GLN A 37 -17.78 4.11 -0.02
C GLN A 37 -16.38 4.55 -0.38
N CYS A 38 -15.63 5.04 0.61
CA CYS A 38 -14.26 5.51 0.38
C CYS A 38 -13.26 4.40 0.71
N ILE A 39 -13.52 3.20 0.21
CA ILE A 39 -12.63 2.05 0.44
C ILE A 39 -11.83 1.73 -0.80
N VAL A 40 -11.67 2.72 -1.68
CA VAL A 40 -10.89 2.53 -2.91
C VAL A 40 -9.77 3.57 -3.00
N PRO A 41 -8.57 3.22 -2.63
CA PRO A 41 -7.40 4.14 -2.68
C PRO A 41 -6.83 4.28 -4.09
N ILE A 42 -6.14 5.38 -4.35
CA ILE A 42 -5.53 5.64 -5.65
C ILE A 42 -4.02 5.52 -5.56
N CYS A 43 -3.45 4.58 -6.29
CA CYS A 43 -2.00 4.37 -6.29
C CYS A 43 -1.35 5.22 -7.40
N ARG A 44 -0.32 5.97 -7.03
CA ARG A 44 0.36 6.81 -8.00
C ARG A 44 0.97 5.95 -9.12
N HIS A 45 1.62 4.86 -8.73
CA HIS A 45 2.25 3.96 -9.71
C HIS A 45 1.46 2.67 -9.82
N SER A 46 1.37 2.14 -11.03
CA SER A 46 0.62 0.90 -11.25
C SER A 46 1.23 -0.23 -10.44
N CYS A 47 0.37 -0.99 -9.77
CA CYS A 47 0.83 -2.11 -8.97
C CYS A 47 1.19 -3.30 -9.86
N GLY A 48 0.55 -3.38 -11.02
CA GLY A 48 0.82 -4.46 -11.94
C GLY A 48 0.18 -5.76 -11.46
N ASP A 49 1.01 -6.73 -11.11
CA ASP A 49 0.50 -8.01 -10.64
C ASP A 49 -0.08 -7.89 -9.23
N GLY A 50 0.12 -6.72 -8.62
CA GLY A 50 -0.39 -6.47 -7.28
C GLY A 50 -1.67 -5.65 -7.34
N PHE A 51 -2.09 -5.12 -6.19
CA PHE A 51 -3.30 -4.31 -6.11
C PHE A 51 -3.11 -3.12 -5.20
N CYS A 52 -3.77 -2.01 -5.54
CA CYS A 52 -3.66 -0.79 -4.74
C CYS A 52 -4.33 -0.97 -3.40
N SER A 53 -3.54 -0.90 -2.33
CA SER A 53 -4.09 -1.07 -0.98
C SER A 53 -4.17 0.27 -0.28
N ARG A 54 -3.37 1.22 -0.74
CA ARG A 54 -3.38 2.55 -0.12
C ARG A 54 -2.83 3.60 -1.09
N PRO A 55 -3.04 4.86 -0.79
CA PRO A 55 -2.51 5.97 -1.63
C PRO A 55 -1.02 5.81 -1.89
N ASN A 56 -0.65 5.76 -3.17
CA ASN A 56 0.74 5.61 -3.55
C ASN A 56 1.35 4.42 -2.82
N MET A 57 0.58 3.34 -2.72
CA MET A 57 1.04 2.13 -2.05
C MET A 57 0.43 0.89 -2.71
N CYS A 58 1.30 0.06 -3.27
CA CYS A 58 0.89 -1.18 -3.94
C CYS A 58 1.20 -2.39 -3.08
N THR A 59 0.37 -3.42 -3.22
CA THR A 59 0.56 -4.65 -2.46
C THR A 59 0.74 -5.81 -3.40
N CYS A 60 1.86 -6.52 -3.25
CA CYS A 60 2.16 -7.66 -4.11
C CYS A 60 1.62 -8.95 -3.48
N PRO A 61 1.35 -9.96 -4.30
CA PRO A 61 0.88 -11.28 -3.81
C PRO A 61 1.78 -11.85 -2.70
N SER A 62 3.05 -11.46 -2.74
CA SER A 62 4.02 -11.94 -1.74
C SER A 62 3.67 -11.41 -0.36
N GLY A 63 2.82 -10.38 -0.32
CA GLY A 63 2.42 -9.77 0.95
C GLY A 63 3.15 -8.45 1.19
N GLN A 64 4.23 -8.24 0.44
CA GLN A 64 4.99 -7.01 0.58
C GLN A 64 4.18 -5.81 0.11
N ILE A 65 4.34 -4.70 0.81
CA ILE A 65 3.62 -3.47 0.48
C ILE A 65 4.60 -2.33 0.19
N ALA A 66 4.39 -1.65 -0.92
CA ALA A 66 5.26 -0.53 -1.28
C ALA A 66 4.72 0.18 -2.52
N PRO A 67 5.31 1.29 -2.88
CA PRO A 67 4.89 2.09 -4.08
C PRO A 67 4.84 1.22 -5.35
N SER A 68 5.70 0.21 -5.41
CA SER A 68 5.76 -0.68 -6.57
C SER A 68 5.89 -2.14 -6.12
N CYS A 69 5.53 -3.06 -7.01
CA CYS A 69 5.61 -4.47 -6.70
C CYS A 69 7.05 -4.96 -6.82
N GLY A 70 7.41 -5.90 -5.97
CA GLY A 70 8.76 -6.46 -5.99
C GLY A 70 9.05 -7.24 -4.71
N SER A 71 9.28 -8.54 -4.84
CA SER A 71 9.56 -9.39 -3.69
C SER A 71 10.51 -10.53 -4.08
N ARG A 72 11.43 -10.85 -3.19
CA ARG A 72 12.39 -11.92 -3.45
C ARG A 72 11.70 -13.28 -3.45
N SER A 73 11.90 -14.04 -2.39
CA SER A 73 11.29 -15.35 -2.26
C SER A 73 11.52 -15.92 -0.87
N ILE A 74 10.90 -15.30 0.13
CA ILE A 74 11.05 -15.74 1.52
C ILE A 74 9.68 -15.94 2.16
N GLN A 75 9.49 -17.07 2.82
CA GLN A 75 8.22 -17.38 3.49
C GLN A 75 8.48 -17.90 4.90
N HIS A 76 8.36 -17.02 5.88
CA HIS A 76 8.56 -17.39 7.28
C HIS A 76 7.68 -16.55 8.19
N CYS A 77 7.33 -17.12 9.34
CA CYS A 77 6.48 -16.42 10.32
C CYS A 77 7.22 -16.23 11.63
N ASN A 78 8.10 -15.23 11.65
CA ASN A 78 8.89 -14.93 12.85
C ASN A 78 8.25 -13.79 13.63
N ILE A 79 6.98 -13.50 13.32
CA ILE A 79 6.24 -12.42 14.00
C ILE A 79 5.04 -12.99 14.72
N ARG A 80 4.46 -12.18 15.61
CA ARG A 80 3.31 -12.60 16.38
C ARG A 80 2.02 -12.28 15.65
N CYS A 81 1.46 -13.29 14.99
CA CYS A 81 0.21 -13.13 14.26
C CYS A 81 -0.94 -13.73 15.04
N MET A 82 -2.01 -12.94 15.22
CA MET A 82 -3.18 -13.41 15.97
C MET A 82 -4.45 -12.95 15.28
N ASN A 83 -5.57 -13.53 15.67
CA ASN A 83 -6.86 -13.17 15.08
C ASN A 83 -6.88 -13.44 13.58
N GLY A 84 -6.44 -14.64 13.20
CA GLY A 84 -6.41 -15.00 11.79
C GLY A 84 -5.45 -14.12 11.00
N GLY A 85 -4.37 -13.71 11.66
CA GLY A 85 -3.38 -12.86 11.01
C GLY A 85 -2.41 -13.69 10.18
N SER A 86 -2.19 -13.28 8.93
CA SER A 86 -1.28 -13.99 8.04
C SER A 86 0.12 -13.40 8.14
N CYS A 87 1.14 -14.26 8.09
CA CYS A 87 2.53 -13.81 8.16
C CYS A 87 3.17 -13.86 6.78
N SER A 88 3.69 -12.73 6.34
CA SER A 88 4.35 -12.65 5.03
C SER A 88 5.46 -11.60 5.05
N ASP A 89 6.56 -11.90 4.36
CA ASP A 89 7.68 -10.96 4.30
C ASP A 89 8.02 -10.43 5.69
N ASP A 90 8.09 -11.33 6.66
CA ASP A 90 8.42 -10.93 8.04
C ASP A 90 7.46 -9.86 8.53
N HIS A 91 6.24 -9.89 8.01
CA HIS A 91 5.22 -8.92 8.41
C HIS A 91 3.87 -9.62 8.56
N CYS A 92 3.08 -9.13 9.52
CA CYS A 92 1.75 -9.70 9.77
C CYS A 92 0.65 -8.86 9.12
N LEU A 93 -0.10 -9.47 8.21
CA LEU A 93 -1.18 -8.78 7.53
C LEU A 93 -2.51 -9.16 8.14
N CYS A 94 -3.32 -8.15 8.47
CA CYS A 94 -4.62 -8.39 9.08
C CYS A 94 -5.74 -8.29 8.03
N GLN A 95 -6.70 -9.21 8.12
CA GLN A 95 -7.81 -9.22 7.19
C GLN A 95 -8.65 -7.95 7.34
N LYS A 96 -9.66 -7.82 6.50
CA LYS A 96 -10.55 -6.66 6.54
C LYS A 96 -11.21 -6.54 7.92
N GLY A 97 -11.23 -5.33 8.46
CA GLY A 97 -11.85 -5.10 9.76
C GLY A 97 -10.82 -5.21 10.88
N TYR A 98 -9.57 -5.52 10.51
CA TYR A 98 -8.48 -5.65 11.49
C TYR A 98 -7.31 -4.77 11.08
N ILE A 99 -6.70 -4.11 12.07
CA ILE A 99 -5.56 -3.24 11.82
C ILE A 99 -4.48 -3.49 12.86
N GLY A 100 -3.33 -2.84 12.68
CA GLY A 100 -2.21 -2.98 13.60
C GLY A 100 -1.03 -3.66 12.93
N THR A 101 0.17 -3.36 13.40
CA THR A 101 1.37 -3.96 12.83
C THR A 101 1.36 -5.47 13.04
N HIS A 102 1.01 -5.90 14.24
CA HIS A 102 0.96 -7.33 14.57
C HIS A 102 -0.47 -7.85 14.53
N CYS A 103 -1.40 -6.98 14.10
CA CYS A 103 -2.80 -7.36 14.02
C CYS A 103 -3.32 -7.74 15.40
N GLY A 104 -4.53 -7.29 15.71
CA GLY A 104 -5.14 -7.59 16.99
C GLY A 104 -6.04 -6.46 17.44
N GLN A 105 -6.20 -5.44 16.58
CA GLN A 105 -7.04 -4.30 16.91
C GLN A 105 -8.20 -4.18 15.90
N PRO A 106 -9.30 -4.83 16.17
CA PRO A 106 -10.50 -4.77 15.28
C PRO A 106 -11.02 -3.34 15.11
N VAL A 107 -11.81 -3.12 14.06
CA VAL A 107 -12.36 -1.79 13.79
C VAL A 107 -13.81 -1.72 14.25
N CYS A 108 -14.06 -0.94 15.30
CA CYS A 108 -15.41 -0.78 15.84
C CYS A 108 -16.09 0.42 15.20
N GLU A 109 -17.06 0.16 14.33
CA GLU A 109 -17.77 1.22 13.65
C GLU A 109 -18.59 2.03 14.66
N SER A 110 -19.21 1.36 15.61
CA SER A 110 -20.01 2.04 16.62
C SER A 110 -19.12 2.53 17.76
N GLY A 111 -17.89 2.04 17.80
CA GLY A 111 -16.95 2.44 18.84
C GLY A 111 -17.42 1.96 20.20
N CYS A 112 -16.60 2.17 21.23
CA CYS A 112 -16.94 1.76 22.59
C CYS A 112 -17.25 2.97 23.46
N LEU A 113 -18.44 2.99 24.05
CA LEU A 113 -18.85 4.11 24.89
C LEU A 113 -17.95 4.20 26.12
N ASN A 114 -17.64 3.06 26.71
CA ASN A 114 -16.79 3.01 27.89
C ASN A 114 -15.39 2.53 27.54
N GLY A 115 -14.57 2.30 28.55
CA GLY A 115 -13.21 1.83 28.34
C GLY A 115 -13.19 0.34 28.02
N GLY A 116 -14.18 -0.10 27.25
CA GLY A 116 -14.28 -1.51 26.88
C GLY A 116 -13.26 -1.85 25.79
N ARG A 117 -13.36 -3.07 25.26
CA ARG A 117 -12.44 -3.51 24.20
C ARG A 117 -13.22 -4.07 23.02
N CYS A 118 -12.65 -3.94 21.83
CA CYS A 118 -13.30 -4.45 20.62
C CYS A 118 -12.94 -5.91 20.40
N VAL A 119 -13.97 -6.77 20.40
CA VAL A 119 -13.75 -8.20 20.20
C VAL A 119 -13.64 -8.52 18.72
N ALA A 120 -14.28 -7.69 17.90
CA ALA A 120 -14.23 -7.90 16.46
C ALA A 120 -14.77 -6.66 15.72
N PRO A 121 -14.72 -6.68 14.40
CA PRO A 121 -15.23 -5.54 13.57
C PRO A 121 -16.70 -5.23 13.88
N ASN A 122 -17.01 -3.95 14.00
CA ASN A 122 -18.38 -3.53 14.28
C ASN A 122 -18.93 -4.30 15.47
N ARG A 123 -18.05 -4.68 16.39
CA ARG A 123 -18.47 -5.41 17.59
C ARG A 123 -17.67 -4.96 18.82
N CYS A 124 -18.28 -4.12 19.64
CA CYS A 124 -17.64 -3.62 20.85
C CYS A 124 -18.22 -4.31 22.07
N ALA A 125 -17.40 -4.44 23.11
CA ALA A 125 -17.83 -5.09 24.35
C ALA A 125 -17.43 -4.26 25.56
N CYS A 126 -18.41 -3.89 26.38
CA CYS A 126 -18.17 -3.08 27.57
C CYS A 126 -18.17 -3.98 28.80
N THR A 127 -17.17 -3.82 29.65
CA THR A 127 -17.05 -4.63 30.86
C THR A 127 -17.27 -3.79 32.10
N TYR A 128 -17.89 -2.63 31.90
CA TYR A 128 -18.17 -1.71 33.01
C TYR A 128 -19.56 -1.95 33.57
N GLY A 129 -20.00 -3.21 33.51
CA GLY A 129 -21.32 -3.57 34.02
C GLY A 129 -22.39 -3.40 32.95
N PHE A 130 -21.95 -3.02 31.74
CA PHE A 130 -22.87 -2.82 30.62
C PHE A 130 -22.74 -3.97 29.62
N THR A 131 -23.86 -4.28 28.95
CA THR A 131 -23.86 -5.35 27.96
C THR A 131 -24.67 -4.95 26.74
N GLY A 132 -24.36 -5.55 25.60
CA GLY A 132 -25.06 -5.23 24.36
C GLY A 132 -24.17 -5.47 23.15
N PRO A 133 -24.69 -5.26 21.97
CA PRO A 133 -23.93 -5.46 20.69
C PRO A 133 -22.78 -4.46 20.56
N GLN A 134 -22.91 -3.32 21.24
CA GLN A 134 -21.88 -2.29 21.20
C GLN A 134 -21.46 -1.88 22.60
N CYS A 135 -22.44 -1.70 23.48
CA CYS A 135 -22.18 -1.31 24.86
C CYS A 135 -23.47 -1.31 25.67
N GLU A 136 -24.30 -0.30 25.45
CA GLU A 136 -25.57 -0.18 26.19
C GLU A 136 -25.37 -0.52 27.66
N SER A 1 -21.97 11.89 19.20
CA SER A 1 -20.98 12.98 19.37
C SER A 1 -19.57 12.41 19.18
N ALA A 2 -18.81 13.03 18.28
CA ALA A 2 -17.46 12.57 18.00
C ALA A 2 -16.64 13.70 17.37
N ARG A 3 -15.32 13.50 17.30
CA ARG A 3 -14.44 14.50 16.71
C ARG A 3 -14.70 14.63 15.22
N GLY A 4 -14.53 15.85 14.70
CA GLY A 4 -14.76 16.10 13.29
C GLY A 4 -16.25 16.34 13.01
N GLY A 5 -17.01 16.63 14.06
CA GLY A 5 -18.44 16.88 13.92
C GLY A 5 -19.13 15.63 13.36
N GLY A 6 -19.91 15.83 12.30
CA GLY A 6 -20.63 14.71 11.68
C GLY A 6 -20.86 14.99 10.19
N GLY A 7 -20.95 13.93 9.40
CA GLY A 7 -21.19 14.04 7.96
C GLY A 7 -22.64 13.78 7.62
N HIS A 8 -22.96 13.87 6.34
CA HIS A 8 -24.33 13.65 5.89
C HIS A 8 -24.72 12.18 6.08
N ASP A 9 -23.78 11.39 6.59
CA ASP A 9 -24.01 9.96 6.81
C ASP A 9 -24.11 9.20 5.49
N ALA A 10 -24.25 9.95 4.40
CA ALA A 10 -24.33 9.34 3.08
C ALA A 10 -23.03 8.64 2.72
N LEU A 11 -21.91 9.23 3.13
CA LEU A 11 -20.61 8.67 2.86
C LEU A 11 -20.33 7.48 3.76
N LYS A 12 -19.56 6.53 3.24
CA LYS A 12 -19.21 5.34 3.99
C LYS A 12 -17.73 5.05 3.85
N GLY A 13 -17.23 4.22 4.76
CA GLY A 13 -15.83 3.83 4.77
C GLY A 13 -15.04 4.65 5.80
N PRO A 14 -13.90 4.16 6.22
CA PRO A 14 -13.03 4.86 7.23
C PRO A 14 -12.27 6.03 6.60
N ASN A 15 -12.44 6.23 5.31
CA ASN A 15 -11.76 7.33 4.60
C ASN A 15 -12.75 8.42 4.20
N VAL A 16 -13.27 9.14 5.19
CA VAL A 16 -14.23 10.23 4.94
C VAL A 16 -13.68 11.54 5.49
N CYS A 17 -13.71 12.57 4.66
CA CYS A 17 -13.20 13.89 5.04
C CYS A 17 -14.09 14.98 4.45
N GLY A 18 -13.65 16.22 4.59
CA GLY A 18 -14.41 17.35 4.07
C GLY A 18 -15.49 17.78 5.06
N SER A 19 -16.08 18.94 4.81
CA SER A 19 -17.13 19.47 5.67
C SER A 19 -18.44 18.74 5.40
N ARG A 20 -19.40 18.90 6.31
CA ARG A 20 -20.68 18.25 6.15
C ARG A 20 -21.36 18.70 4.85
N TYR A 21 -21.29 20.00 4.58
CA TYR A 21 -21.90 20.54 3.37
C TYR A 21 -21.26 19.96 2.11
N ASN A 22 -19.93 19.85 2.13
CA ASN A 22 -19.17 19.33 0.99
C ASN A 22 -18.32 18.14 1.40
N ALA A 23 -18.92 17.22 2.15
CA ALA A 23 -18.20 16.02 2.59
C ALA A 23 -17.88 15.12 1.40
N TYR A 24 -16.73 14.46 1.45
CA TYR A 24 -16.33 13.56 0.36
C TYR A 24 -15.29 12.57 0.85
N CYS A 25 -14.76 11.77 -0.07
CA CYS A 25 -13.76 10.78 0.29
C CYS A 25 -12.39 11.43 0.46
N CYS A 26 -11.74 11.16 1.58
CA CYS A 26 -10.44 11.75 1.85
C CYS A 26 -9.50 11.61 0.65
N PRO A 27 -8.52 12.49 0.49
CA PRO A 27 -7.57 12.39 -0.66
C PRO A 27 -6.93 11.01 -0.78
N GLY A 28 -6.93 10.48 -2.00
CA GLY A 28 -6.36 9.15 -2.26
C GLY A 28 -7.45 8.09 -2.39
N TRP A 29 -8.61 8.38 -1.81
CA TRP A 29 -9.74 7.46 -1.86
C TRP A 29 -10.86 8.06 -2.71
N LYS A 30 -11.50 7.21 -3.52
CA LYS A 30 -12.59 7.65 -4.39
C LYS A 30 -13.91 6.99 -3.99
N THR A 31 -14.92 7.08 -4.84
CA THR A 31 -16.21 6.47 -4.57
C THR A 31 -16.54 5.43 -5.62
N LEU A 32 -17.48 4.53 -5.30
CA LEU A 32 -17.84 3.48 -6.23
C LEU A 32 -18.91 3.97 -7.21
N PRO A 33 -18.95 3.42 -8.40
CA PRO A 33 -19.97 3.82 -9.41
C PRO A 33 -21.36 3.94 -8.80
N GLY A 34 -21.85 5.17 -8.67
CA GLY A 34 -23.17 5.41 -8.11
C GLY A 34 -23.17 5.24 -6.59
N GLY A 35 -22.05 4.76 -6.06
CA GLY A 35 -21.91 4.56 -4.63
C GLY A 35 -21.20 5.75 -3.97
N ASN A 36 -20.99 5.65 -2.66
CA ASN A 36 -20.31 6.72 -1.91
C ASN A 36 -19.32 6.14 -0.91
N GLN A 37 -18.95 4.88 -1.11
CA GLN A 37 -18.00 4.21 -0.22
C GLN A 37 -16.59 4.64 -0.55
N CYS A 38 -15.84 5.06 0.47
CA CYS A 38 -14.46 5.50 0.28
C CYS A 38 -13.52 4.37 0.68
N ILE A 39 -13.48 3.31 -0.12
CA ILE A 39 -12.63 2.15 0.16
C ILE A 39 -11.81 1.77 -1.08
N VAL A 40 -11.67 2.71 -2.01
CA VAL A 40 -10.91 2.46 -3.24
C VAL A 40 -9.72 3.41 -3.31
N PRO A 41 -8.60 3.02 -2.75
CA PRO A 41 -7.35 3.85 -2.78
C PRO A 41 -6.85 4.09 -4.21
N ILE A 42 -6.25 5.25 -4.43
CA ILE A 42 -5.71 5.60 -5.73
C ILE A 42 -4.20 5.34 -5.78
N CYS A 43 -3.79 4.46 -6.68
CA CYS A 43 -2.36 4.12 -6.82
C CYS A 43 -1.72 5.05 -7.84
N ARG A 44 -0.63 5.69 -7.45
CA ARG A 44 0.06 6.61 -8.35
C ARG A 44 0.58 5.84 -9.57
N HIS A 45 1.19 4.67 -9.32
CA HIS A 45 1.73 3.84 -10.39
C HIS A 45 1.13 2.45 -10.35
N SER A 46 1.07 1.79 -11.51
CA SER A 46 0.50 0.47 -11.58
C SER A 46 1.26 -0.50 -10.68
N CYS A 47 0.53 -1.31 -9.94
CA CYS A 47 1.13 -2.27 -9.04
C CYS A 47 1.62 -3.50 -9.80
N GLY A 48 0.99 -3.77 -10.94
CA GLY A 48 1.36 -4.92 -11.75
C GLY A 48 0.79 -6.21 -11.17
N ASP A 49 1.68 -7.07 -10.68
CA ASP A 49 1.25 -8.34 -10.10
C ASP A 49 0.60 -8.10 -8.74
N GLY A 50 0.69 -6.87 -8.24
CA GLY A 50 0.12 -6.51 -6.95
C GLY A 50 -1.17 -5.72 -7.14
N PHE A 51 -1.66 -5.14 -6.04
CA PHE A 51 -2.88 -4.34 -6.08
C PHE A 51 -2.78 -3.12 -5.17
N CYS A 52 -3.46 -2.05 -5.55
CA CYS A 52 -3.44 -0.82 -4.77
C CYS A 52 -4.08 -1.04 -3.42
N SER A 53 -3.27 -0.97 -2.36
CA SER A 53 -3.78 -1.18 -1.00
C SER A 53 -3.93 0.16 -0.30
N ARG A 54 -3.17 1.15 -0.75
CA ARG A 54 -3.25 2.47 -0.13
C ARG A 54 -2.85 3.56 -1.13
N PRO A 55 -3.15 4.79 -0.83
CA PRO A 55 -2.79 5.93 -1.74
C PRO A 55 -1.30 5.91 -2.09
N ASN A 56 -1.01 5.81 -3.39
CA ASN A 56 0.39 5.79 -3.83
C ASN A 56 1.15 4.68 -3.13
N MET A 57 0.49 3.53 -2.95
CA MET A 57 1.11 2.38 -2.29
C MET A 57 0.58 1.08 -2.86
N CYS A 58 1.48 0.28 -3.42
CA CYS A 58 1.14 -1.01 -4.00
C CYS A 58 1.52 -2.15 -3.05
N THR A 59 0.77 -3.23 -3.14
CA THR A 59 1.00 -4.41 -2.30
C THR A 59 1.26 -5.62 -3.18
N CYS A 60 2.40 -6.27 -2.97
CA CYS A 60 2.75 -7.44 -3.75
C CYS A 60 2.29 -8.73 -3.04
N PRO A 61 2.01 -9.79 -3.77
CA PRO A 61 1.62 -11.10 -3.17
C PRO A 61 2.59 -11.54 -2.07
N SER A 62 3.82 -11.05 -2.14
CA SER A 62 4.84 -11.40 -1.15
C SER A 62 4.44 -10.87 0.23
N GLY A 63 3.52 -9.92 0.24
CA GLY A 63 3.04 -9.32 1.50
C GLY A 63 3.68 -7.96 1.73
N GLN A 64 4.72 -7.66 0.96
CA GLN A 64 5.40 -6.37 1.10
C GLN A 64 4.53 -5.25 0.57
N ILE A 65 4.71 -4.05 1.12
CA ILE A 65 3.94 -2.88 0.69
C ILE A 65 4.87 -1.73 0.35
N ALA A 66 4.65 -1.12 -0.81
CA ALA A 66 5.48 0.01 -1.22
C ALA A 66 4.91 0.65 -2.49
N PRO A 67 5.51 1.71 -2.97
CA PRO A 67 5.06 2.42 -4.21
C PRO A 67 5.02 1.48 -5.42
N SER A 68 5.79 0.39 -5.36
CA SER A 68 5.83 -0.57 -6.45
C SER A 68 6.15 -1.97 -5.91
N CYS A 69 5.96 -2.97 -6.75
CA CYS A 69 6.22 -4.35 -6.35
C CYS A 69 7.72 -4.63 -6.30
N GLY A 70 8.49 -3.92 -7.13
CA GLY A 70 9.94 -4.10 -7.19
C GLY A 70 10.66 -2.80 -6.85
N SER A 71 10.92 -2.59 -5.57
CA SER A 71 11.61 -1.38 -5.12
C SER A 71 12.33 -1.65 -3.80
N ARG A 72 13.38 -0.87 -3.54
CA ARG A 72 14.15 -1.00 -2.32
C ARG A 72 13.59 -0.07 -1.24
N SER A 73 14.37 0.11 -0.18
CA SER A 73 13.94 0.98 0.92
C SER A 73 15.15 1.53 1.66
N ILE A 74 14.94 2.62 2.40
CA ILE A 74 16.01 3.25 3.16
C ILE A 74 16.24 2.52 4.48
N GLN A 75 16.26 1.19 4.42
CA GLN A 75 16.47 0.39 5.62
C GLN A 75 15.54 0.86 6.75
N HIS A 76 16.14 1.34 7.84
CA HIS A 76 15.35 1.81 8.98
C HIS A 76 14.17 0.88 9.24
N CYS A 77 14.42 -0.42 9.19
CA CYS A 77 13.37 -1.42 9.42
C CYS A 77 13.50 -2.01 10.81
N ASN A 78 12.55 -2.86 11.17
CA ASN A 78 12.56 -3.49 12.49
C ASN A 78 13.80 -4.37 12.65
N ILE A 79 14.15 -5.09 11.58
CA ILE A 79 15.32 -5.97 11.61
C ILE A 79 16.57 -5.17 11.23
N ARG A 80 17.73 -5.84 11.33
CA ARG A 80 19.01 -5.23 10.99
C ARG A 80 19.71 -6.03 9.92
N CYS A 81 19.96 -5.39 8.78
CA CYS A 81 20.64 -6.06 7.66
C CYS A 81 21.87 -5.26 7.26
N MET A 82 22.82 -5.92 6.62
CA MET A 82 24.06 -5.27 6.20
C MET A 82 24.42 -5.69 4.77
N ASN A 83 25.46 -5.06 4.22
CA ASN A 83 25.89 -5.37 2.86
C ASN A 83 24.80 -5.08 1.85
N GLY A 84 24.09 -3.98 2.05
CA GLY A 84 23.02 -3.59 1.13
C GLY A 84 21.84 -4.54 1.24
N GLY A 85 21.72 -5.18 2.40
CA GLY A 85 20.63 -6.12 2.59
C GLY A 85 19.29 -5.39 2.64
N SER A 86 18.30 -5.92 1.93
CA SER A 86 16.98 -5.31 1.91
C SER A 86 16.14 -5.81 3.08
N CYS A 87 15.45 -4.89 3.73
CA CYS A 87 14.62 -5.25 4.88
C CYS A 87 13.41 -6.05 4.43
N SER A 88 13.29 -7.28 4.92
CA SER A 88 12.17 -8.16 4.56
C SER A 88 11.56 -8.76 5.83
N ASP A 89 10.45 -8.19 6.27
CA ASP A 89 9.76 -8.68 7.46
C ASP A 89 10.75 -8.85 8.62
N ASP A 90 11.01 -10.10 9.00
CA ASP A 90 11.92 -10.41 10.09
C ASP A 90 13.19 -11.10 9.57
N HIS A 91 13.42 -10.99 8.27
CA HIS A 91 14.58 -11.62 7.64
C HIS A 91 15.30 -10.63 6.73
N CYS A 92 16.59 -10.84 6.54
CA CYS A 92 17.41 -9.97 5.69
C CYS A 92 17.72 -10.64 4.36
N LEU A 93 17.53 -9.92 3.27
CA LEU A 93 17.80 -10.46 1.94
C LEU A 93 19.17 -9.99 1.48
N CYS A 94 20.01 -10.95 1.08
CA CYS A 94 21.36 -10.63 0.64
C CYS A 94 21.39 -10.36 -0.85
N GLN A 95 22.08 -9.28 -1.23
CA GLN A 95 22.18 -8.92 -2.64
C GLN A 95 23.15 -9.86 -3.37
N LYS A 96 23.32 -9.67 -4.67
CA LYS A 96 24.21 -10.51 -5.44
C LYS A 96 25.65 -10.33 -4.96
N GLY A 97 26.30 -11.44 -4.62
CA GLY A 97 27.69 -11.40 -4.14
C GLY A 97 27.76 -11.58 -2.62
N TYR A 98 26.62 -11.36 -1.94
CA TYR A 98 26.55 -11.50 -0.49
C TYR A 98 25.55 -12.59 -0.11
N ILE A 99 25.93 -13.41 0.86
CA ILE A 99 25.07 -14.50 1.34
C ILE A 99 25.08 -14.56 2.86
N GLY A 100 24.26 -15.45 3.41
CA GLY A 100 24.19 -15.61 4.87
C GLY A 100 22.96 -14.90 5.43
N THR A 101 22.60 -15.25 6.65
CA THR A 101 21.44 -14.64 7.29
C THR A 101 21.65 -13.13 7.46
N HIS A 102 22.85 -12.75 7.88
CA HIS A 102 23.18 -11.34 8.07
C HIS A 102 23.76 -10.75 6.80
N CYS A 103 23.80 -11.56 5.75
CA CYS A 103 24.33 -11.13 4.47
C CYS A 103 25.68 -10.46 4.65
N GLY A 104 26.47 -11.00 5.58
CA GLY A 104 27.80 -10.46 5.86
C GLY A 104 28.88 -11.35 5.29
N GLN A 105 28.47 -12.36 4.50
CA GLN A 105 29.43 -13.28 3.90
C GLN A 105 29.51 -13.05 2.38
N PRO A 106 30.61 -12.51 1.87
CA PRO A 106 30.77 -12.26 0.41
C PRO A 106 31.12 -13.52 -0.36
N VAL A 107 30.90 -13.51 -1.67
CA VAL A 107 31.18 -14.67 -2.52
C VAL A 107 32.29 -14.30 -3.51
N CYS A 108 33.30 -15.18 -3.59
CA CYS A 108 34.43 -14.96 -4.51
C CYS A 108 34.23 -15.78 -5.78
N GLU A 109 33.80 -15.13 -6.84
CA GLU A 109 33.56 -15.81 -8.10
C GLU A 109 34.82 -16.56 -8.55
N SER A 110 35.89 -15.82 -8.77
CA SER A 110 37.17 -16.40 -9.18
C SER A 110 38.25 -16.15 -8.13
N GLY A 111 37.89 -15.38 -7.11
CA GLY A 111 38.84 -15.06 -6.05
C GLY A 111 38.98 -16.22 -5.07
N CYS A 112 39.80 -16.02 -4.05
CA CYS A 112 40.02 -17.06 -3.04
C CYS A 112 40.22 -18.42 -3.70
N LEU A 113 41.11 -18.45 -4.70
CA LEU A 113 41.40 -19.69 -5.41
C LEU A 113 41.99 -20.72 -4.48
N ASN A 114 42.90 -20.28 -3.62
CA ASN A 114 43.56 -21.18 -2.67
C ASN A 114 43.08 -20.89 -1.25
N GLY A 115 44.00 -20.40 -0.41
CA GLY A 115 43.68 -20.08 0.98
C GLY A 115 43.35 -18.59 1.13
N GLY A 116 43.18 -17.91 0.00
CA GLY A 116 42.88 -16.49 0.02
C GLY A 116 41.60 -16.22 0.81
N ARG A 117 41.51 -15.04 1.41
CA ARG A 117 40.32 -14.68 2.19
C ARG A 117 39.42 -13.75 1.40
N CYS A 118 38.12 -14.02 1.44
CA CYS A 118 37.15 -13.19 0.72
C CYS A 118 36.74 -11.97 1.53
N VAL A 119 36.98 -10.79 0.97
CA VAL A 119 36.64 -9.55 1.65
C VAL A 119 35.40 -8.93 1.05
N ALA A 120 35.17 -9.20 -0.24
CA ALA A 120 34.00 -8.66 -0.92
C ALA A 120 33.72 -9.45 -2.21
N PRO A 121 32.58 -9.23 -2.81
CA PRO A 121 32.22 -9.92 -4.08
C PRO A 121 33.33 -9.82 -5.12
N ASN A 122 33.72 -10.97 -5.65
CA ASN A 122 34.78 -11.04 -6.66
C ASN A 122 36.04 -10.37 -6.13
N ARG A 123 36.24 -10.46 -4.81
CA ARG A 123 37.42 -9.85 -4.19
C ARG A 123 37.99 -10.78 -3.12
N CYS A 124 39.30 -10.99 -3.18
CA CYS A 124 39.97 -11.86 -2.22
C CYS A 124 41.37 -11.34 -1.89
N ALA A 125 41.86 -11.69 -0.71
CA ALA A 125 43.20 -11.28 -0.28
C ALA A 125 44.19 -12.42 -0.52
N CYS A 126 45.38 -12.06 -1.00
CA CYS A 126 46.41 -13.05 -1.30
C CYS A 126 47.04 -13.54 0.00
N THR A 127 47.38 -14.82 0.03
CA THR A 127 47.99 -15.42 1.21
C THR A 127 49.34 -14.77 1.51
N TYR A 128 50.15 -14.60 0.48
CA TYR A 128 51.48 -14.00 0.62
C TYR A 128 51.49 -12.57 0.12
N GLY A 129 50.30 -11.98 0.02
CA GLY A 129 50.18 -10.61 -0.45
C GLY A 129 50.47 -10.53 -1.94
N PHE A 130 50.24 -11.62 -2.65
CA PHE A 130 50.49 -11.66 -4.09
C PHE A 130 49.71 -10.56 -4.79
N THR A 131 50.02 -10.35 -6.07
CA THR A 131 49.35 -9.33 -6.87
C THR A 131 48.24 -9.94 -7.70
N GLY A 132 47.37 -9.08 -8.20
CA GLY A 132 46.25 -9.52 -9.03
C GLY A 132 45.10 -10.08 -8.16
N PRO A 133 43.86 -9.86 -8.54
CA PRO A 133 42.69 -10.40 -7.78
C PRO A 133 42.78 -11.91 -7.55
N GLN A 134 43.26 -12.64 -8.55
CA GLN A 134 43.38 -14.09 -8.47
C GLN A 134 44.55 -14.47 -7.58
N CYS A 135 45.36 -13.48 -7.22
CA CYS A 135 46.53 -13.74 -6.38
C CYS A 135 47.43 -14.80 -6.99
N GLU A 136 47.06 -16.07 -6.81
CA GLU A 136 47.84 -17.16 -7.37
C GLU A 136 48.12 -16.93 -8.85
N SER A 1 -17.85 25.78 -9.92
CA SER A 1 -19.13 25.10 -10.23
C SER A 1 -20.27 26.11 -10.20
N ALA A 2 -20.64 26.62 -11.37
CA ALA A 2 -21.71 27.61 -11.45
C ALA A 2 -23.05 26.99 -11.06
N ARG A 3 -23.26 25.73 -11.45
CA ARG A 3 -24.50 25.04 -11.12
C ARG A 3 -24.69 24.94 -9.62
N GLY A 4 -23.61 24.59 -8.90
CA GLY A 4 -23.66 24.46 -7.46
C GLY A 4 -23.17 23.09 -7.03
N GLY A 5 -23.99 22.38 -6.26
CA GLY A 5 -23.62 21.05 -5.78
C GLY A 5 -24.74 20.45 -4.94
N GLY A 6 -24.51 19.25 -4.42
CA GLY A 6 -25.50 18.57 -3.60
C GLY A 6 -24.88 17.38 -2.87
N GLY A 7 -25.67 16.76 -2.00
CA GLY A 7 -25.19 15.60 -1.24
C GLY A 7 -26.34 14.90 -0.55
N HIS A 8 -27.35 14.52 -1.32
CA HIS A 8 -28.52 13.84 -0.76
C HIS A 8 -28.12 12.51 -0.14
N ASP A 9 -27.23 11.78 -0.82
CA ASP A 9 -26.77 10.49 -0.34
C ASP A 9 -25.55 10.67 0.56
N ALA A 10 -25.70 10.34 1.84
CA ALA A 10 -24.61 10.47 2.80
C ALA A 10 -23.48 9.49 2.45
N LEU A 11 -22.25 9.91 2.74
CA LEU A 11 -21.09 9.07 2.47
C LEU A 11 -21.04 7.90 3.43
N LYS A 12 -20.42 6.81 2.99
CA LYS A 12 -20.30 5.60 3.80
C LYS A 12 -18.84 5.16 3.89
N GLY A 13 -18.56 4.33 4.88
CA GLY A 13 -17.21 3.83 5.10
C GLY A 13 -16.31 4.93 5.68
N PRO A 14 -15.15 4.55 6.16
CA PRO A 14 -14.18 5.51 6.75
C PRO A 14 -13.53 6.39 5.69
N ASN A 15 -12.47 7.10 6.08
CA ASN A 15 -11.77 7.99 5.16
C ASN A 15 -12.72 9.01 4.57
N VAL A 16 -13.67 9.49 5.37
CA VAL A 16 -14.64 10.48 4.92
C VAL A 16 -14.21 11.87 5.33
N CYS A 17 -14.37 12.84 4.42
CA CYS A 17 -13.98 14.22 4.69
C CYS A 17 -15.03 15.18 4.12
N GLY A 18 -14.80 16.46 4.31
CA GLY A 18 -15.73 17.48 3.83
C GLY A 18 -16.92 17.64 4.77
N SER A 19 -17.65 18.74 4.61
CA SER A 19 -18.82 19.01 5.45
C SER A 19 -20.04 18.28 4.90
N ARG A 20 -21.14 18.34 5.64
CA ARG A 20 -22.37 17.69 5.22
C ARG A 20 -22.86 18.27 3.91
N TYR A 21 -22.80 19.60 3.79
CA TYR A 21 -23.25 20.28 2.59
C TYR A 21 -22.40 19.87 1.38
N ASN A 22 -21.10 19.71 1.62
CA ASN A 22 -20.17 19.33 0.56
C ASN A 22 -19.25 18.21 1.04
N ALA A 23 -19.85 17.12 1.49
CA ALA A 23 -19.08 15.97 1.96
C ALA A 23 -18.40 15.26 0.79
N TYR A 24 -17.20 14.74 1.04
CA TYR A 24 -16.45 14.02 0.01
C TYR A 24 -15.41 13.11 0.64
N CYS A 25 -14.86 12.20 -0.17
CA CYS A 25 -13.85 11.28 0.33
C CYS A 25 -12.55 12.01 0.59
N CYS A 26 -11.86 11.64 1.65
CA CYS A 26 -10.60 12.28 2.00
C CYS A 26 -9.59 12.14 0.87
N PRO A 27 -8.69 13.09 0.72
CA PRO A 27 -7.66 13.07 -0.37
C PRO A 27 -6.83 11.78 -0.34
N GLY A 28 -6.89 11.02 -1.43
CA GLY A 28 -6.14 9.76 -1.56
C GLY A 28 -7.09 8.57 -1.68
N TRP A 29 -8.36 8.79 -1.37
CA TRP A 29 -9.37 7.73 -1.46
C TRP A 29 -10.47 8.12 -2.45
N LYS A 30 -10.80 7.20 -3.34
CA LYS A 30 -11.84 7.42 -4.34
C LYS A 30 -13.05 6.54 -4.05
N THR A 31 -14.04 6.61 -4.92
CA THR A 31 -15.27 5.82 -4.76
C THR A 31 -15.62 5.09 -6.04
N LEU A 32 -16.53 4.14 -5.94
CA LEU A 32 -16.94 3.36 -7.11
C LEU A 32 -18.11 4.02 -7.83
N PRO A 33 -18.25 3.82 -9.13
CA PRO A 33 -19.39 4.42 -9.89
C PRO A 33 -20.73 4.18 -9.20
N GLY A 34 -21.48 5.27 -9.01
CA GLY A 34 -22.79 5.19 -8.37
C GLY A 34 -22.64 4.89 -6.88
N GLY A 35 -21.40 4.64 -6.45
CA GLY A 35 -21.13 4.35 -5.05
C GLY A 35 -20.78 5.61 -4.28
N ASN A 36 -20.67 5.49 -2.96
CA ASN A 36 -20.32 6.64 -2.10
C ASN A 36 -19.37 6.22 -1.00
N GLN A 37 -18.87 4.99 -1.08
CA GLN A 37 -17.94 4.48 -0.08
C GLN A 37 -16.51 4.87 -0.41
N CYS A 38 -15.81 5.44 0.56
CA CYS A 38 -14.43 5.85 0.35
C CYS A 38 -13.48 4.73 0.78
N ILE A 39 -13.79 3.51 0.36
CA ILE A 39 -12.97 2.35 0.70
C ILE A 39 -12.02 2.01 -0.43
N VAL A 40 -12.15 2.73 -1.54
CA VAL A 40 -11.28 2.46 -2.70
C VAL A 40 -10.10 3.44 -2.73
N PRO A 41 -8.88 2.97 -2.51
CA PRO A 41 -7.68 3.84 -2.53
C PRO A 41 -7.28 4.23 -3.96
N ILE A 42 -6.52 5.32 -4.09
CA ILE A 42 -6.06 5.78 -5.39
C ILE A 42 -4.63 5.30 -5.65
N CYS A 43 -4.44 4.54 -6.73
CA CYS A 43 -3.11 4.02 -7.08
C CYS A 43 -2.39 5.01 -8.01
N ARG A 44 -1.22 5.45 -7.59
CA ARG A 44 -0.45 6.38 -8.41
C ARG A 44 -0.03 5.69 -9.72
N HIS A 45 0.45 4.46 -9.59
CA HIS A 45 0.89 3.68 -10.76
C HIS A 45 0.41 2.24 -10.65
N SER A 46 0.17 1.62 -11.80
CA SER A 46 -0.30 0.25 -11.82
C SER A 46 0.61 -0.64 -10.99
N CYS A 47 0.01 -1.40 -10.09
CA CYS A 47 0.77 -2.29 -9.22
C CYS A 47 1.29 -3.49 -10.01
N GLY A 48 0.54 -3.90 -11.01
CA GLY A 48 0.94 -5.02 -11.85
C GLY A 48 0.65 -6.35 -11.14
N ASP A 49 1.71 -7.07 -10.79
CA ASP A 49 1.57 -8.36 -10.12
C ASP A 49 1.04 -8.17 -8.70
N GLY A 50 0.95 -6.92 -8.26
CA GLY A 50 0.45 -6.61 -6.92
C GLY A 50 -0.94 -6.00 -6.98
N PHE A 51 -1.35 -5.36 -5.89
CA PHE A 51 -2.67 -4.73 -5.82
C PHE A 51 -2.63 -3.47 -4.95
N CYS A 52 -3.54 -2.55 -5.24
CA CYS A 52 -3.61 -1.29 -4.49
C CYS A 52 -4.06 -1.57 -3.07
N SER A 53 -3.17 -1.33 -2.12
CA SER A 53 -3.47 -1.56 -0.70
C SER A 53 -3.68 -0.25 0.01
N ARG A 54 -3.12 0.82 -0.54
CA ARG A 54 -3.27 2.13 0.09
C ARG A 54 -3.06 3.24 -0.95
N PRO A 55 -3.51 4.44 -0.64
CA PRO A 55 -3.34 5.60 -1.57
C PRO A 55 -1.89 5.71 -2.06
N ASN A 56 -1.73 5.60 -3.38
CA ASN A 56 -0.41 5.71 -3.98
C ASN A 56 0.53 4.70 -3.34
N MET A 57 0.03 3.50 -3.08
CA MET A 57 0.83 2.45 -2.47
C MET A 57 0.40 1.08 -2.99
N CYS A 58 1.32 0.43 -3.70
CA CYS A 58 1.08 -0.92 -4.26
C CYS A 58 1.66 -1.98 -3.33
N THR A 59 0.98 -3.12 -3.28
CA THR A 59 1.41 -4.23 -2.43
C THR A 59 1.69 -5.45 -3.29
N CYS A 60 2.95 -5.86 -3.34
CA CYS A 60 3.34 -7.02 -4.13
C CYS A 60 3.00 -8.31 -3.37
N PRO A 61 2.85 -9.40 -4.07
CA PRO A 61 2.54 -10.74 -3.45
C PRO A 61 3.67 -11.20 -2.52
N SER A 62 4.86 -10.62 -2.70
CA SER A 62 6.00 -10.99 -1.87
C SER A 62 5.81 -10.50 -0.44
N GLY A 63 4.87 -9.57 -0.26
CA GLY A 63 4.58 -9.00 1.07
C GLY A 63 5.08 -7.57 1.18
N GLN A 64 6.04 -7.20 0.33
CA GLN A 64 6.58 -5.84 0.35
C GLN A 64 5.51 -4.85 -0.06
N ILE A 65 5.62 -3.63 0.46
CA ILE A 65 4.67 -2.56 0.16
C ILE A 65 5.40 -1.29 -0.24
N ALA A 66 4.96 -0.69 -1.34
CA ALA A 66 5.58 0.55 -1.80
C ALA A 66 4.75 1.19 -2.92
N PRO A 67 5.17 2.34 -3.41
CA PRO A 67 4.45 3.05 -4.52
C PRO A 67 4.33 2.17 -5.77
N SER A 68 5.22 1.18 -5.90
CA SER A 68 5.19 0.28 -7.04
C SER A 68 5.76 -1.08 -6.65
N CYS A 69 5.48 -2.09 -7.47
CA CYS A 69 5.95 -3.43 -7.21
C CYS A 69 7.42 -3.58 -7.62
N GLY A 70 8.19 -4.30 -6.82
CA GLY A 70 9.61 -4.52 -7.11
C GLY A 70 9.79 -5.69 -8.07
N SER A 71 11.04 -6.04 -8.33
CA SER A 71 11.35 -7.15 -9.22
C SER A 71 10.70 -8.44 -8.72
N ARG A 72 11.31 -9.57 -9.06
CA ARG A 72 10.78 -10.86 -8.63
C ARG A 72 9.33 -11.01 -9.08
N SER A 73 9.14 -11.37 -10.34
CA SER A 73 7.79 -11.54 -10.89
C SER A 73 7.81 -12.51 -12.06
N ILE A 74 6.63 -13.01 -12.43
CA ILE A 74 6.53 -13.96 -13.55
C ILE A 74 6.03 -13.23 -14.80
N GLN A 75 6.85 -13.27 -15.84
CA GLN A 75 6.51 -12.61 -17.11
C GLN A 75 6.96 -13.47 -18.29
N HIS A 76 7.68 -14.54 -17.99
CA HIS A 76 8.16 -15.44 -19.05
C HIS A 76 7.02 -16.30 -19.56
N CYS A 77 6.09 -15.68 -20.30
CA CYS A 77 4.94 -16.39 -20.85
C CYS A 77 4.79 -16.08 -22.34
N ASN A 78 4.72 -17.13 -23.15
CA ASN A 78 4.57 -16.96 -24.60
C ASN A 78 3.11 -17.01 -24.99
N ILE A 79 2.23 -17.11 -23.98
CA ILE A 79 0.78 -17.16 -24.20
C ILE A 79 0.07 -16.20 -23.27
N ARG A 80 -1.21 -15.97 -23.54
CA ARG A 80 -2.03 -15.07 -22.74
C ARG A 80 -2.89 -15.87 -21.77
N CYS A 81 -2.68 -15.65 -20.48
CA CYS A 81 -3.43 -16.35 -19.44
C CYS A 81 -4.25 -15.34 -18.64
N MET A 82 -5.49 -15.72 -18.33
CA MET A 82 -6.39 -14.85 -17.59
C MET A 82 -7.24 -15.67 -16.61
N ASN A 83 -7.88 -14.97 -15.68
CA ASN A 83 -8.72 -15.64 -14.69
C ASN A 83 -7.92 -16.64 -13.85
N GLY A 84 -6.80 -16.18 -13.31
CA GLY A 84 -5.96 -17.05 -12.49
C GLY A 84 -5.27 -18.09 -13.35
N GLY A 85 -5.07 -17.78 -14.62
CA GLY A 85 -4.43 -18.72 -15.52
C GLY A 85 -2.91 -18.70 -15.32
N SER A 86 -2.38 -19.83 -14.85
CA SER A 86 -0.94 -19.95 -14.61
C SER A 86 -0.19 -20.22 -15.91
N CYS A 87 1.04 -19.72 -16.00
CA CYS A 87 1.86 -19.91 -17.20
C CYS A 87 2.73 -21.18 -17.04
N SER A 88 2.32 -22.26 -17.69
CA SER A 88 3.07 -23.50 -17.62
C SER A 88 2.92 -24.29 -18.92
N ASP A 89 4.02 -24.88 -19.40
CA ASP A 89 3.98 -25.66 -20.63
C ASP A 89 3.33 -24.87 -21.77
N ASP A 90 3.60 -23.56 -21.79
CA ASP A 90 3.03 -22.71 -22.83
C ASP A 90 1.52 -22.86 -22.88
N HIS A 91 0.92 -23.20 -21.74
CA HIS A 91 -0.53 -23.36 -21.65
C HIS A 91 -1.05 -22.71 -20.38
N CYS A 92 -2.24 -22.10 -20.47
CA CYS A 92 -2.83 -21.43 -19.32
C CYS A 92 -3.70 -22.41 -18.53
N LEU A 93 -3.36 -22.61 -17.26
CA LEU A 93 -4.12 -23.53 -16.41
C LEU A 93 -5.11 -22.73 -15.57
N CYS A 94 -6.40 -23.03 -15.74
CA CYS A 94 -7.44 -22.30 -15.01
C CYS A 94 -7.75 -23.00 -13.69
N GLN A 95 -7.91 -22.21 -12.64
CA GLN A 95 -8.21 -22.76 -11.32
C GLN A 95 -9.62 -23.35 -11.30
N LYS A 96 -10.05 -23.78 -10.12
CA LYS A 96 -11.38 -24.36 -9.98
C LYS A 96 -12.46 -23.31 -10.20
N GLY A 97 -13.46 -23.65 -11.02
CA GLY A 97 -14.56 -22.74 -11.32
C GLY A 97 -14.32 -22.02 -12.65
N TYR A 98 -13.12 -22.19 -13.21
CA TYR A 98 -12.78 -21.56 -14.49
C TYR A 98 -12.39 -22.62 -15.52
N ILE A 99 -12.85 -22.43 -16.75
CA ILE A 99 -12.55 -23.36 -17.84
C ILE A 99 -12.25 -22.59 -19.12
N GLY A 100 -12.03 -23.33 -20.20
CA GLY A 100 -11.74 -22.73 -21.51
C GLY A 100 -10.34 -23.10 -21.97
N THR A 101 -10.09 -22.92 -23.26
CA THR A 101 -8.78 -23.26 -23.82
C THR A 101 -7.69 -22.42 -23.15
N HIS A 102 -7.95 -21.12 -23.00
CA HIS A 102 -7.00 -20.20 -22.38
C HIS A 102 -7.62 -19.55 -21.15
N CYS A 103 -8.56 -20.24 -20.53
CA CYS A 103 -9.23 -19.72 -19.34
C CYS A 103 -9.89 -18.38 -19.66
N GLY A 104 -11.21 -18.34 -19.52
CA GLY A 104 -11.94 -17.12 -19.81
C GLY A 104 -13.43 -17.36 -19.70
N GLN A 105 -13.81 -18.56 -19.27
CA GLN A 105 -15.23 -18.89 -19.11
C GLN A 105 -15.48 -19.56 -17.75
N PRO A 106 -16.24 -18.93 -16.86
CA PRO A 106 -16.55 -19.50 -15.51
C PRO A 106 -17.59 -20.62 -15.58
N VAL A 107 -17.61 -21.48 -14.56
CA VAL A 107 -18.54 -22.59 -14.51
C VAL A 107 -19.83 -22.17 -13.79
N CYS A 108 -20.98 -22.45 -14.39
CA CYS A 108 -22.26 -22.08 -13.81
C CYS A 108 -22.96 -23.34 -13.26
N GLU A 109 -22.67 -23.66 -12.01
CA GLU A 109 -23.26 -24.84 -11.39
C GLU A 109 -24.77 -24.75 -11.41
N SER A 110 -25.32 -23.73 -10.72
CA SER A 110 -26.76 -23.52 -10.67
C SER A 110 -27.12 -22.18 -11.29
N GLY A 111 -26.11 -21.42 -11.69
CA GLY A 111 -26.34 -20.11 -12.29
C GLY A 111 -27.19 -20.23 -13.54
N CYS A 112 -27.01 -19.29 -14.45
CA CYS A 112 -27.78 -19.28 -15.69
C CYS A 112 -27.37 -20.45 -16.57
N LEU A 113 -28.34 -21.24 -16.99
CA LEU A 113 -28.07 -22.40 -17.83
C LEU A 113 -27.48 -21.98 -19.17
N ASN A 114 -28.05 -20.93 -19.74
CA ASN A 114 -27.57 -20.44 -21.03
C ASN A 114 -28.21 -19.10 -21.35
N GLY A 115 -29.40 -18.86 -20.81
CA GLY A 115 -30.11 -17.61 -21.06
C GLY A 115 -29.29 -16.41 -20.61
N GLY A 116 -28.69 -16.51 -19.43
CA GLY A 116 -27.87 -15.42 -18.88
C GLY A 116 -26.40 -15.68 -19.16
N ARG A 117 -25.54 -14.73 -18.73
CA ARG A 117 -24.09 -14.86 -18.94
C ARG A 117 -23.39 -15.11 -17.61
N CYS A 118 -22.51 -16.10 -17.58
CA CYS A 118 -21.78 -16.43 -16.36
C CYS A 118 -20.57 -15.53 -16.23
N VAL A 119 -20.49 -14.82 -15.11
CA VAL A 119 -19.36 -13.90 -14.87
C VAL A 119 -18.40 -14.50 -13.87
N ALA A 120 -18.88 -15.49 -13.12
CA ALA A 120 -18.03 -16.15 -12.14
C ALA A 120 -18.63 -17.50 -11.72
N PRO A 121 -17.90 -18.27 -10.94
CA PRO A 121 -18.39 -19.59 -10.46
C PRO A 121 -19.76 -19.47 -9.76
N ASN A 122 -20.71 -20.28 -10.20
CA ASN A 122 -22.04 -20.26 -9.63
C ASN A 122 -22.60 -18.84 -9.61
N ARG A 123 -22.24 -18.04 -10.63
CA ARG A 123 -22.70 -16.66 -10.72
C ARG A 123 -23.03 -16.32 -12.17
N CYS A 124 -24.17 -15.66 -12.36
CA CYS A 124 -24.60 -15.26 -13.69
C CYS A 124 -25.53 -14.06 -13.63
N ALA A 125 -25.78 -13.44 -14.79
CA ALA A 125 -26.66 -12.28 -14.88
C ALA A 125 -27.80 -12.57 -15.86
N CYS A 126 -28.97 -12.07 -15.52
CA CYS A 126 -30.15 -12.27 -16.35
C CYS A 126 -30.11 -11.32 -17.55
N THR A 127 -30.19 -11.88 -18.75
CA THR A 127 -30.15 -11.08 -19.96
C THR A 127 -31.36 -10.15 -20.06
N TYR A 128 -32.55 -10.71 -19.81
CA TYR A 128 -33.82 -9.96 -19.85
C TYR A 128 -34.37 -9.71 -18.46
N GLY A 129 -33.53 -9.88 -17.47
CA GLY A 129 -33.95 -9.66 -16.10
C GLY A 129 -34.94 -10.74 -15.67
N PHE A 130 -34.83 -11.91 -16.27
CA PHE A 130 -35.73 -13.02 -15.95
C PHE A 130 -35.52 -13.44 -14.48
N THR A 131 -36.63 -13.73 -13.82
CA THR A 131 -36.58 -14.16 -12.43
C THR A 131 -36.28 -15.64 -12.34
N GLY A 132 -35.97 -16.10 -11.14
CA GLY A 132 -35.66 -17.51 -10.90
C GLY A 132 -34.17 -17.70 -10.58
N PRO A 133 -33.84 -18.71 -9.81
CA PRO A 133 -32.42 -18.99 -9.43
C PRO A 133 -31.57 -19.42 -10.64
N GLN A 134 -32.23 -19.96 -11.66
CA GLN A 134 -31.53 -20.41 -12.86
C GLN A 134 -31.73 -19.43 -14.00
N CYS A 135 -32.60 -18.45 -13.80
CA CYS A 135 -32.89 -17.45 -14.82
C CYS A 135 -32.94 -18.08 -16.22
N GLU A 136 -34.14 -18.42 -16.67
CA GLU A 136 -34.31 -19.04 -17.99
C GLU A 136 -35.59 -18.55 -18.65
N SER A 1 -15.62 10.71 -22.28
CA SER A 1 -16.49 9.80 -21.48
C SER A 1 -15.94 9.67 -20.06
N ALA A 2 -16.22 8.53 -19.43
CA ALA A 2 -15.74 8.29 -18.08
C ALA A 2 -16.19 9.41 -17.13
N ARG A 3 -16.04 9.17 -15.84
CA ARG A 3 -16.43 10.16 -14.84
C ARG A 3 -17.85 10.67 -15.12
N GLY A 4 -18.84 9.87 -14.73
CA GLY A 4 -20.24 10.24 -14.93
C GLY A 4 -20.76 11.08 -13.76
N GLY A 5 -19.97 11.16 -12.70
CA GLY A 5 -20.37 11.92 -11.53
C GLY A 5 -21.66 11.37 -10.94
N GLY A 6 -22.61 12.27 -10.68
CA GLY A 6 -23.91 11.87 -10.13
C GLY A 6 -24.00 12.23 -8.64
N GLY A 7 -25.22 12.26 -8.12
CA GLY A 7 -25.42 12.59 -6.71
C GLY A 7 -24.90 11.48 -5.82
N HIS A 8 -24.70 11.80 -4.53
CA HIS A 8 -24.21 10.82 -3.57
C HIS A 8 -25.08 10.82 -2.33
N ASP A 9 -25.61 9.64 -1.99
CA ASP A 9 -26.47 9.51 -0.81
C ASP A 9 -25.65 9.16 0.42
N ALA A 10 -25.35 10.16 1.22
CA ALA A 10 -24.55 9.96 2.44
C ALA A 10 -23.24 9.24 2.13
N LEU A 11 -22.13 9.95 2.31
CA LEU A 11 -20.83 9.37 2.05
C LEU A 11 -20.46 8.39 3.16
N LYS A 12 -19.76 7.34 2.77
CA LYS A 12 -19.33 6.31 3.72
C LYS A 12 -17.84 6.08 3.60
N GLY A 13 -17.26 5.53 4.65
CA GLY A 13 -15.83 5.23 4.69
C GLY A 13 -15.10 6.18 5.64
N PRO A 14 -13.99 5.77 6.21
CA PRO A 14 -13.19 6.62 7.14
C PRO A 14 -12.42 7.73 6.42
N ASN A 15 -12.73 7.94 5.13
CA ASN A 15 -12.06 8.95 4.33
C ASN A 15 -13.07 9.92 3.71
N VAL A 16 -13.94 10.48 4.55
CA VAL A 16 -14.96 11.44 4.08
C VAL A 16 -14.47 12.85 4.33
N CYS A 17 -14.60 13.71 3.33
CA CYS A 17 -14.13 15.08 3.44
C CYS A 17 -15.06 16.04 2.68
N GLY A 18 -14.78 17.33 2.79
CA GLY A 18 -15.59 18.34 2.11
C GLY A 18 -16.76 18.79 2.98
N SER A 19 -17.44 19.85 2.55
CA SER A 19 -18.59 20.37 3.28
C SER A 19 -19.78 19.47 3.10
N ARG A 20 -20.76 19.60 3.98
CA ARG A 20 -21.95 18.77 3.91
C ARG A 20 -22.66 18.97 2.57
N TYR A 21 -22.78 20.22 2.15
CA TYR A 21 -23.46 20.54 0.90
C TYR A 21 -22.75 19.90 -0.29
N ASN A 22 -21.42 19.99 -0.30
CA ASN A 22 -20.61 19.43 -1.37
C ASN A 22 -19.56 18.49 -0.82
N ALA A 23 -19.99 17.59 0.06
CA ALA A 23 -19.06 16.62 0.66
C ALA A 23 -18.51 15.68 -0.40
N TYR A 24 -17.23 15.32 -0.24
CA TYR A 24 -16.59 14.40 -1.20
C TYR A 24 -15.47 13.62 -0.52
N CYS A 25 -14.99 12.60 -1.20
CA CYS A 25 -13.92 11.78 -0.64
C CYS A 25 -12.59 12.54 -0.63
N CYS A 26 -11.85 12.37 0.46
CA CYS A 26 -10.54 13.04 0.60
C CYS A 26 -9.61 12.59 -0.54
N PRO A 27 -8.59 13.35 -0.85
CA PRO A 27 -7.62 12.98 -1.93
C PRO A 27 -6.93 11.64 -1.64
N GLY A 28 -6.84 10.80 -2.67
CA GLY A 28 -6.21 9.48 -2.53
C GLY A 28 -7.28 8.37 -2.42
N TRP A 29 -8.48 8.74 -1.99
CA TRP A 29 -9.57 7.78 -1.84
C TRP A 29 -10.69 8.10 -2.83
N LYS A 30 -11.23 7.06 -3.49
CA LYS A 30 -12.31 7.24 -4.46
C LYS A 30 -13.52 6.42 -4.02
N THR A 31 -14.54 6.39 -4.88
CA THR A 31 -15.76 5.64 -4.58
C THR A 31 -16.05 4.65 -5.71
N LEU A 32 -16.90 3.67 -5.42
CA LEU A 32 -17.24 2.65 -6.41
C LEU A 32 -18.34 3.16 -7.36
N PRO A 33 -18.36 2.71 -8.60
CA PRO A 33 -19.40 3.14 -9.58
C PRO A 33 -20.80 3.20 -8.95
N GLY A 34 -21.38 4.39 -8.92
CA GLY A 34 -22.72 4.58 -8.36
C GLY A 34 -22.73 4.37 -6.86
N GLY A 35 -21.57 3.98 -6.33
CA GLY A 35 -21.41 3.73 -4.90
C GLY A 35 -20.95 4.99 -4.18
N ASN A 36 -20.87 4.92 -2.84
CA ASN A 36 -20.43 6.07 -2.04
C ASN A 36 -19.42 5.64 -0.98
N GLN A 37 -18.98 4.38 -1.07
CA GLN A 37 -18.01 3.85 -0.11
C GLN A 37 -16.60 4.24 -0.50
N CYS A 38 -15.86 4.80 0.45
CA CYS A 38 -14.48 5.22 0.21
C CYS A 38 -13.49 4.22 0.81
N ILE A 39 -13.29 3.10 0.12
CA ILE A 39 -12.36 2.06 0.59
C ILE A 39 -11.41 1.65 -0.52
N VAL A 40 -11.27 2.49 -1.54
CA VAL A 40 -10.38 2.19 -2.67
C VAL A 40 -9.29 3.26 -2.81
N PRO A 41 -8.08 2.99 -2.38
CA PRO A 41 -6.96 3.97 -2.46
C PRO A 41 -6.38 4.07 -3.87
N ILE A 42 -5.68 5.18 -4.15
CA ILE A 42 -5.07 5.40 -5.46
C ILE A 42 -3.56 5.21 -5.37
N CYS A 43 -3.04 4.36 -6.27
CA CYS A 43 -1.60 4.10 -6.29
C CYS A 43 -0.92 5.07 -7.26
N ARG A 44 0.22 5.61 -6.84
CA ARG A 44 0.96 6.56 -7.66
C ARG A 44 1.40 5.89 -8.97
N HIS A 45 1.93 4.66 -8.85
CA HIS A 45 2.39 3.91 -10.01
C HIS A 45 1.48 2.72 -10.27
N SER A 46 1.42 2.29 -11.52
CA SER A 46 0.56 1.17 -11.88
C SER A 46 0.89 -0.05 -11.01
N CYS A 47 -0.15 -0.66 -10.44
CA CYS A 47 0.03 -1.82 -9.58
C CYS A 47 0.29 -3.06 -10.42
N GLY A 48 -0.32 -3.10 -11.60
CA GLY A 48 -0.16 -4.24 -12.49
C GLY A 48 -0.92 -5.44 -11.94
N ASP A 49 -0.18 -6.42 -11.41
CA ASP A 49 -0.78 -7.62 -10.84
C ASP A 49 -1.02 -7.44 -9.35
N GLY A 50 -0.68 -6.26 -8.82
CA GLY A 50 -0.86 -5.97 -7.41
C GLY A 50 -2.13 -5.17 -7.17
N PHE A 51 -2.47 -4.99 -5.90
CA PHE A 51 -3.68 -4.25 -5.52
C PHE A 51 -3.34 -3.07 -4.62
N CYS A 52 -3.86 -1.89 -4.96
CA CYS A 52 -3.62 -0.70 -4.17
C CYS A 52 -4.23 -0.87 -2.78
N SER A 53 -3.38 -0.83 -1.76
CA SER A 53 -3.84 -0.97 -0.37
C SER A 53 -3.85 0.37 0.33
N ARG A 54 -3.11 1.35 -0.21
CA ARG A 54 -3.07 2.67 0.38
C ARG A 54 -2.54 3.71 -0.61
N PRO A 55 -2.73 4.98 -0.33
CA PRO A 55 -2.24 6.07 -1.23
C PRO A 55 -0.74 5.88 -1.52
N ASN A 56 -0.39 5.89 -2.80
CA ASN A 56 1.00 5.73 -3.19
C ASN A 56 1.58 4.49 -2.52
N MET A 57 0.77 3.44 -2.42
CA MET A 57 1.21 2.20 -1.79
C MET A 57 0.53 1.00 -2.44
N CYS A 58 1.31 0.24 -3.20
CA CYS A 58 0.81 -0.96 -3.89
C CYS A 58 1.12 -2.19 -3.06
N THR A 59 0.26 -3.20 -3.16
CA THR A 59 0.42 -4.45 -2.43
C THR A 59 0.52 -5.59 -3.42
N CYS A 60 1.60 -6.34 -3.36
CA CYS A 60 1.81 -7.45 -4.29
C CYS A 60 1.29 -8.77 -3.67
N PRO A 61 1.01 -9.76 -4.47
CA PRO A 61 0.55 -11.10 -3.96
C PRO A 61 1.54 -11.71 -2.96
N SER A 62 2.80 -11.34 -3.09
CA SER A 62 3.84 -11.87 -2.21
C SER A 62 3.59 -11.42 -0.76
N GLY A 63 2.76 -10.40 -0.60
CA GLY A 63 2.43 -9.87 0.72
C GLY A 63 3.19 -8.57 0.97
N GLN A 64 4.23 -8.32 0.19
CA GLN A 64 5.01 -7.09 0.36
C GLN A 64 4.17 -5.89 -0.02
N ILE A 65 4.51 -4.74 0.55
CA ILE A 65 3.80 -3.49 0.29
C ILE A 65 4.78 -2.39 -0.13
N ALA A 66 4.49 -1.75 -1.25
CA ALA A 66 5.35 -0.69 -1.75
C ALA A 66 4.62 0.11 -2.83
N PRO A 67 5.10 1.29 -3.14
CA PRO A 67 4.48 2.16 -4.19
C PRO A 67 4.30 1.42 -5.52
N SER A 68 4.97 0.29 -5.67
CA SER A 68 4.85 -0.51 -6.89
C SER A 68 5.20 -1.97 -6.60
N CYS A 69 4.75 -2.86 -7.47
CA CYS A 69 5.02 -4.28 -7.31
C CYS A 69 6.44 -4.60 -7.77
N GLY A 70 7.00 -3.72 -8.60
CA GLY A 70 8.36 -3.93 -9.11
C GLY A 70 9.33 -4.24 -7.97
N SER A 71 9.90 -5.44 -8.02
CA SER A 71 10.86 -5.88 -7.00
C SER A 71 12.30 -5.64 -7.47
N ARG A 72 12.44 -5.05 -8.66
CA ARG A 72 13.76 -4.78 -9.22
C ARG A 72 14.45 -3.66 -8.44
N SER A 73 13.71 -3.04 -7.53
CA SER A 73 14.26 -1.95 -6.73
C SER A 73 15.49 -2.41 -5.96
N ILE A 74 15.47 -3.66 -5.51
CA ILE A 74 16.61 -4.21 -4.76
C ILE A 74 17.85 -4.24 -5.64
N GLN A 75 19.02 -4.20 -5.00
CA GLN A 75 20.30 -4.22 -5.73
C GLN A 75 21.04 -5.52 -5.47
N HIS A 76 20.65 -6.23 -4.42
CA HIS A 76 21.29 -7.50 -4.05
C HIS A 76 20.24 -8.52 -3.61
N CYS A 77 20.52 -9.80 -3.89
CA CYS A 77 19.61 -10.89 -3.50
C CYS A 77 20.33 -11.87 -2.58
N ASN A 78 19.74 -12.10 -1.40
CA ASN A 78 20.30 -13.02 -0.42
C ASN A 78 19.65 -14.39 -0.54
N ILE A 79 18.88 -14.58 -1.60
CA ILE A 79 18.19 -15.85 -1.85
C ILE A 79 18.54 -16.37 -3.24
N ARG A 80 18.38 -17.68 -3.41
CA ARG A 80 18.68 -18.35 -4.67
C ARG A 80 17.40 -18.75 -5.39
N CYS A 81 17.21 -18.23 -6.59
CA CYS A 81 16.02 -18.54 -7.38
C CYS A 81 16.46 -19.15 -8.71
N MET A 82 15.70 -20.13 -9.18
CA MET A 82 16.03 -20.81 -10.44
C MET A 82 14.74 -21.15 -11.20
N ASN A 83 14.90 -21.58 -12.45
CA ASN A 83 13.74 -21.94 -13.28
C ASN A 83 12.78 -20.78 -13.44
N GLY A 84 13.33 -19.59 -13.64
CA GLY A 84 12.49 -18.41 -13.82
C GLY A 84 11.98 -17.91 -12.48
N GLY A 85 12.64 -18.33 -11.41
CA GLY A 85 12.23 -17.91 -10.08
C GLY A 85 12.66 -16.48 -9.81
N SER A 86 11.70 -15.62 -9.51
CA SER A 86 11.99 -14.22 -9.24
C SER A 86 12.50 -14.04 -7.81
N CYS A 87 13.49 -13.17 -7.63
CA CYS A 87 14.05 -12.92 -6.31
C CYS A 87 13.32 -11.74 -5.66
N SER A 88 12.78 -11.97 -4.46
CA SER A 88 12.07 -10.92 -3.73
C SER A 88 12.37 -11.03 -2.25
N ASP A 89 12.48 -9.88 -1.59
CA ASP A 89 12.76 -9.85 -0.15
C ASP A 89 13.81 -10.90 0.21
N ASP A 90 13.34 -12.09 0.60
CA ASP A 90 14.25 -13.17 0.97
C ASP A 90 13.66 -14.52 0.57
N HIS A 91 12.76 -14.51 -0.42
CA HIS A 91 12.12 -15.74 -0.89
C HIS A 91 12.03 -15.74 -2.42
N CYS A 92 12.10 -16.93 -3.01
CA CYS A 92 12.02 -17.07 -4.47
C CYS A 92 10.60 -17.42 -4.88
N LEU A 93 10.07 -16.66 -5.83
CA LEU A 93 8.71 -16.90 -6.31
C LEU A 93 8.76 -17.82 -7.52
N CYS A 94 8.00 -18.91 -7.44
CA CYS A 94 7.97 -19.87 -8.54
C CYS A 94 6.88 -19.51 -9.53
N GLN A 95 7.26 -19.43 -10.81
CA GLN A 95 6.30 -19.09 -11.85
C GLN A 95 5.32 -20.24 -12.07
N LYS A 96 4.33 -20.01 -12.92
CA LYS A 96 3.33 -21.03 -13.19
C LYS A 96 3.99 -22.25 -13.83
N GLY A 97 3.76 -23.43 -13.25
CA GLY A 97 4.34 -24.67 -13.77
C GLY A 97 5.52 -25.12 -12.91
N TYR A 98 6.01 -24.23 -12.05
CA TYR A 98 7.13 -24.53 -11.17
C TYR A 98 6.74 -24.35 -9.71
N ILE A 99 7.14 -25.30 -8.87
CA ILE A 99 6.82 -25.26 -7.43
C ILE A 99 8.06 -25.56 -6.61
N GLY A 100 7.96 -25.42 -5.30
CA GLY A 100 9.08 -25.69 -4.39
C GLY A 100 9.73 -24.39 -3.94
N THR A 101 10.52 -24.47 -2.87
CA THR A 101 11.19 -23.30 -2.33
C THR A 101 12.15 -22.70 -3.36
N HIS A 102 12.91 -23.58 -4.02
CA HIS A 102 13.87 -23.13 -5.04
C HIS A 102 13.24 -23.22 -6.42
N CYS A 103 11.94 -23.43 -6.46
CA CYS A 103 11.21 -23.52 -7.71
C CYS A 103 11.95 -24.44 -8.67
N GLY A 104 12.54 -25.49 -8.13
CA GLY A 104 13.29 -26.45 -8.93
C GLY A 104 12.45 -27.69 -9.22
N GLN A 105 11.17 -27.64 -8.86
CA GLN A 105 10.27 -28.79 -9.08
C GLN A 105 9.14 -28.42 -10.08
N PRO A 106 9.11 -28.99 -11.27
CA PRO A 106 8.05 -28.70 -12.29
C PRO A 106 6.75 -29.43 -11.98
N VAL A 107 5.64 -28.93 -12.55
CA VAL A 107 4.32 -29.55 -12.32
C VAL A 107 3.79 -30.15 -13.62
N CYS A 108 3.40 -31.41 -13.56
CA CYS A 108 2.85 -32.10 -14.72
C CYS A 108 1.33 -32.11 -14.61
N GLU A 109 0.69 -31.18 -15.29
CA GLU A 109 -0.75 -31.07 -15.23
C GLU A 109 -1.40 -32.33 -15.78
N SER A 110 -0.98 -32.72 -16.99
CA SER A 110 -1.52 -33.92 -17.65
C SER A 110 -0.41 -34.94 -17.90
N GLY A 111 0.84 -34.51 -17.69
CA GLY A 111 1.99 -35.39 -17.92
C GLY A 111 2.19 -36.35 -16.75
N CYS A 112 3.10 -37.30 -16.93
CA CYS A 112 3.40 -38.27 -15.88
C CYS A 112 2.13 -39.02 -15.48
N LEU A 113 1.53 -39.71 -16.44
CA LEU A 113 0.32 -40.48 -16.17
C LEU A 113 0.58 -41.59 -15.16
N ASN A 114 1.72 -42.27 -15.32
CA ASN A 114 2.09 -43.37 -14.42
C ASN A 114 3.44 -43.09 -13.74
N GLY A 115 4.44 -43.90 -14.10
CA GLY A 115 5.78 -43.73 -13.51
C GLY A 115 6.59 -42.68 -14.26
N GLY A 116 5.95 -42.05 -15.24
CA GLY A 116 6.64 -41.02 -16.02
C GLY A 116 7.22 -39.96 -15.10
N ARG A 117 8.34 -39.37 -15.50
CA ARG A 117 9.01 -38.34 -14.68
C ARG A 117 8.73 -36.95 -15.24
N CYS A 118 8.33 -36.04 -14.37
CA CYS A 118 8.02 -34.68 -14.79
C CYS A 118 9.29 -33.89 -15.04
N VAL A 119 9.66 -33.76 -16.32
CA VAL A 119 10.85 -33.01 -16.68
C VAL A 119 10.61 -31.52 -16.60
N ALA A 120 9.46 -31.09 -17.12
CA ALA A 120 9.12 -29.67 -17.10
C ALA A 120 7.60 -29.49 -17.05
N PRO A 121 7.11 -28.28 -16.94
CA PRO A 121 5.64 -28.02 -16.89
C PRO A 121 4.90 -28.67 -18.06
N ASN A 122 3.84 -29.39 -17.72
CA ASN A 122 3.04 -30.07 -18.72
C ASN A 122 3.93 -30.93 -19.62
N ARG A 123 5.01 -31.46 -19.05
CA ARG A 123 5.93 -32.32 -19.80
C ARG A 123 6.42 -33.47 -18.93
N CYS A 124 6.45 -34.66 -19.53
CA CYS A 124 6.91 -35.85 -18.82
C CYS A 124 7.66 -36.80 -19.76
N ALA A 125 8.52 -37.63 -19.18
CA ALA A 125 9.30 -38.59 -19.96
C ALA A 125 8.84 -40.01 -19.65
N CYS A 126 8.84 -40.85 -20.67
CA CYS A 126 8.41 -42.24 -20.50
C CYS A 126 9.44 -43.02 -19.71
N THR A 127 9.00 -43.68 -18.64
CA THR A 127 9.91 -44.46 -17.80
C THR A 127 10.53 -45.62 -18.58
N TYR A 128 9.70 -46.35 -19.34
CA TYR A 128 10.18 -47.50 -20.12
C TYR A 128 10.12 -47.21 -21.61
N GLY A 129 10.24 -45.94 -21.95
CA GLY A 129 10.21 -45.56 -23.36
C GLY A 129 8.88 -45.95 -23.99
N PHE A 130 7.85 -46.06 -23.16
CA PHE A 130 6.53 -46.45 -23.64
C PHE A 130 5.99 -45.40 -24.61
N THR A 131 5.49 -45.87 -25.76
CA THR A 131 4.96 -44.97 -26.76
C THR A 131 3.52 -44.60 -26.42
N GLY A 132 3.02 -43.54 -27.05
CA GLY A 132 1.64 -43.08 -26.81
C GLY A 132 1.56 -41.57 -26.85
N PRO A 133 0.38 -41.04 -27.05
CA PRO A 133 0.16 -39.56 -27.13
C PRO A 133 0.50 -38.85 -25.81
N GLN A 134 0.28 -39.55 -24.69
CA GLN A 134 0.56 -38.98 -23.36
C GLN A 134 1.39 -39.97 -22.53
N CYS A 135 1.84 -41.04 -23.17
CA CYS A 135 2.62 -42.06 -22.46
C CYS A 135 1.91 -42.48 -21.17
N GLU A 136 1.17 -43.58 -21.26
CA GLU A 136 0.45 -44.09 -20.09
C GLU A 136 1.39 -44.83 -19.16
N SER A 1 -34.36 26.53 12.91
CA SER A 1 -34.29 25.04 12.91
C SER A 1 -33.64 24.57 11.62
N ALA A 2 -33.17 25.52 10.82
CA ALA A 2 -32.51 25.19 9.55
C ALA A 2 -33.44 24.33 8.69
N ARG A 3 -33.15 24.28 7.39
CA ARG A 3 -33.95 23.50 6.45
C ARG A 3 -33.08 22.98 5.31
N GLY A 4 -33.38 21.76 4.86
CA GLY A 4 -32.62 21.15 3.78
C GLY A 4 -31.33 20.53 4.30
N GLY A 5 -31.25 20.38 5.61
CA GLY A 5 -30.06 19.79 6.23
C GLY A 5 -29.86 18.36 5.78
N GLY A 6 -30.96 17.63 5.62
CA GLY A 6 -30.89 16.23 5.19
C GLY A 6 -30.29 16.13 3.79
N GLY A 7 -29.61 15.02 3.52
CA GLY A 7 -28.98 14.80 2.22
C GLY A 7 -29.40 13.44 1.64
N HIS A 8 -29.61 13.42 0.33
CA HIS A 8 -30.02 12.18 -0.34
C HIS A 8 -28.90 11.14 -0.28
N ASP A 9 -27.66 11.60 -0.53
CA ASP A 9 -26.51 10.71 -0.51
C ASP A 9 -25.66 10.96 0.74
N ALA A 10 -25.14 9.89 1.33
CA ALA A 10 -24.31 9.99 2.53
C ALA A 10 -22.97 9.31 2.31
N LEU A 11 -21.91 9.96 2.78
CA LEU A 11 -20.57 9.41 2.64
C LEU A 11 -20.33 8.28 3.62
N LYS A 12 -19.59 7.27 3.19
CA LYS A 12 -19.28 6.12 4.03
C LYS A 12 -17.83 5.74 3.89
N GLY A 13 -17.33 5.00 4.88
CA GLY A 13 -15.95 4.56 4.88
C GLY A 13 -15.11 5.38 5.87
N PRO A 14 -13.95 4.88 6.23
CA PRO A 14 -13.02 5.58 7.17
C PRO A 14 -12.30 6.76 6.51
N ASN A 15 -12.51 6.92 5.20
CA ASN A 15 -11.86 8.01 4.45
C ASN A 15 -12.87 9.11 4.16
N VAL A 16 -13.30 9.82 5.21
CA VAL A 16 -14.25 10.93 5.07
C VAL A 16 -13.62 12.21 5.58
N CYS A 17 -13.68 13.26 4.77
CA CYS A 17 -13.11 14.56 5.13
C CYS A 17 -14.09 15.67 4.79
N GLY A 18 -13.76 16.88 5.19
CA GLY A 18 -14.62 18.03 4.92
C GLY A 18 -15.71 18.16 5.98
N SER A 19 -16.36 19.31 6.03
CA SER A 19 -17.43 19.54 6.99
C SER A 19 -18.73 18.93 6.50
N ARG A 20 -19.74 18.95 7.34
CA ARG A 20 -21.04 18.38 6.98
C ARG A 20 -21.60 19.10 5.76
N TYR A 21 -21.48 20.42 5.74
CA TYR A 21 -21.99 21.21 4.63
C TYR A 21 -21.27 20.84 3.33
N ASN A 22 -19.95 20.67 3.42
CA ASN A 22 -19.13 20.33 2.26
C ASN A 22 -18.33 19.07 2.53
N ALA A 23 -19.00 18.02 3.01
CA ALA A 23 -18.33 16.76 3.30
C ALA A 23 -17.91 16.07 2.01
N TYR A 24 -16.73 15.47 2.02
CA TYR A 24 -16.20 14.77 0.85
C TYR A 24 -15.19 13.70 1.25
N CYS A 25 -14.88 12.81 0.33
CA CYS A 25 -13.91 11.76 0.60
C CYS A 25 -12.50 12.33 0.66
N CYS A 26 -11.74 11.92 1.66
CA CYS A 26 -10.39 12.43 1.82
C CYS A 26 -9.55 12.20 0.55
N PRO A 27 -8.60 13.06 0.26
CA PRO A 27 -7.74 12.89 -0.96
C PRO A 27 -7.05 11.53 -1.00
N GLY A 28 -7.08 10.89 -2.17
CA GLY A 28 -6.44 9.57 -2.34
C GLY A 28 -7.49 8.46 -2.37
N TRP A 29 -8.71 8.77 -1.93
CA TRP A 29 -9.79 7.78 -1.91
C TRP A 29 -10.91 8.21 -2.85
N LYS A 30 -11.41 7.25 -3.65
CA LYS A 30 -12.49 7.52 -4.59
C LYS A 30 -13.77 6.83 -4.14
N THR A 31 -14.82 6.93 -4.96
CA THR A 31 -16.10 6.31 -4.64
C THR A 31 -16.52 5.35 -5.74
N LEU A 32 -17.44 4.46 -5.43
CA LEU A 32 -17.89 3.49 -6.42
C LEU A 32 -18.99 4.08 -7.30
N PRO A 33 -19.08 3.66 -8.54
CA PRO A 33 -20.14 4.17 -9.47
C PRO A 33 -21.52 4.17 -8.80
N GLY A 34 -22.06 5.37 -8.58
CA GLY A 34 -23.38 5.50 -7.97
C GLY A 34 -23.32 5.21 -6.47
N GLY A 35 -22.16 4.77 -6.00
CA GLY A 35 -21.98 4.45 -4.59
C GLY A 35 -21.43 5.65 -3.83
N ASN A 36 -21.31 5.51 -2.51
CA ASN A 36 -20.78 6.59 -1.67
C ASN A 36 -19.67 6.06 -0.75
N GLN A 37 -19.38 4.78 -0.88
CA GLN A 37 -18.34 4.16 -0.06
C GLN A 37 -16.95 4.48 -0.61
N CYS A 38 -16.03 4.86 0.27
CA CYS A 38 -14.66 5.20 -0.14
C CYS A 38 -13.68 4.20 0.45
N ILE A 39 -13.60 3.03 -0.17
CA ILE A 39 -12.69 1.96 0.27
C ILE A 39 -11.70 1.60 -0.84
N VAL A 40 -11.61 2.46 -1.86
CA VAL A 40 -10.69 2.20 -2.97
C VAL A 40 -9.62 3.30 -3.06
N PRO A 41 -8.39 3.02 -2.70
CA PRO A 41 -7.29 4.01 -2.76
C PRO A 41 -6.77 4.23 -4.18
N ILE A 42 -6.11 5.36 -4.42
CA ILE A 42 -5.56 5.67 -5.74
C ILE A 42 -4.08 5.34 -5.78
N CYS A 43 -3.68 4.48 -6.72
CA CYS A 43 -2.29 4.06 -6.84
C CYS A 43 -1.57 5.01 -7.81
N ARG A 44 -0.48 5.61 -7.36
CA ARG A 44 0.28 6.52 -8.21
C ARG A 44 0.83 5.76 -9.42
N HIS A 45 1.41 4.58 -9.17
CA HIS A 45 1.97 3.75 -10.23
C HIS A 45 1.31 2.39 -10.24
N SER A 46 1.12 1.84 -11.44
CA SER A 46 0.50 0.54 -11.57
C SER A 46 1.21 -0.49 -10.71
N CYS A 47 0.44 -1.21 -9.89
CA CYS A 47 1.01 -2.22 -9.01
C CYS A 47 1.47 -3.44 -9.82
N GLY A 48 0.83 -3.65 -10.97
CA GLY A 48 1.18 -4.77 -11.82
C GLY A 48 0.67 -6.09 -11.24
N ASP A 49 1.59 -6.98 -10.90
CA ASP A 49 1.23 -8.28 -10.34
C ASP A 49 0.66 -8.13 -8.94
N GLY A 50 0.75 -6.93 -8.39
CA GLY A 50 0.24 -6.66 -7.04
C GLY A 50 -1.09 -5.91 -7.11
N PHE A 51 -1.51 -5.34 -5.98
CA PHE A 51 -2.76 -4.59 -5.92
C PHE A 51 -2.63 -3.37 -5.02
N CYS A 52 -3.39 -2.33 -5.33
CA CYS A 52 -3.34 -1.10 -4.55
C CYS A 52 -3.94 -1.33 -3.16
N SER A 53 -3.10 -1.16 -2.14
CA SER A 53 -3.54 -1.34 -0.77
C SER A 53 -3.72 0.01 -0.09
N ARG A 54 -3.08 1.03 -0.63
CA ARG A 54 -3.20 2.36 -0.04
C ARG A 54 -2.80 3.44 -1.05
N PRO A 55 -3.09 4.69 -0.75
CA PRO A 55 -2.72 5.82 -1.67
C PRO A 55 -1.24 5.78 -2.02
N ASN A 56 -0.94 5.73 -3.32
CA ASN A 56 0.44 5.68 -3.77
C ASN A 56 1.19 4.56 -3.05
N MET A 57 0.52 3.43 -2.88
CA MET A 57 1.12 2.28 -2.21
C MET A 57 0.59 0.97 -2.81
N CYS A 58 1.49 0.21 -3.42
CA CYS A 58 1.16 -1.07 -4.03
C CYS A 58 1.58 -2.22 -3.13
N THR A 59 0.82 -3.31 -3.17
CA THR A 59 1.12 -4.48 -2.37
C THR A 59 1.32 -5.69 -3.27
N CYS A 60 2.52 -6.26 -3.23
CA CYS A 60 2.83 -7.42 -4.06
C CYS A 60 2.38 -8.71 -3.33
N PRO A 61 2.17 -9.77 -4.06
CA PRO A 61 1.73 -11.08 -3.46
C PRO A 61 2.77 -11.63 -2.49
N SER A 62 4.02 -11.19 -2.63
CA SER A 62 5.09 -11.63 -1.76
C SER A 62 4.86 -11.14 -0.33
N GLY A 63 3.98 -10.14 -0.19
CA GLY A 63 3.65 -9.56 1.12
C GLY A 63 4.29 -8.19 1.27
N GLN A 64 5.29 -7.89 0.45
CA GLN A 64 5.95 -6.60 0.51
C GLN A 64 4.99 -5.49 0.12
N ILE A 65 5.20 -4.31 0.70
CA ILE A 65 4.35 -3.15 0.43
C ILE A 65 5.20 -1.91 0.14
N ALA A 66 4.89 -1.21 -0.93
CA ALA A 66 5.63 -0.01 -1.29
C ALA A 66 4.96 0.72 -2.45
N PRO A 67 5.43 1.90 -2.79
CA PRO A 67 4.87 2.70 -3.93
C PRO A 67 4.73 1.85 -5.19
N SER A 68 5.52 0.80 -5.29
CA SER A 68 5.48 -0.09 -6.45
C SER A 68 5.94 -1.50 -6.07
N CYS A 69 5.67 -2.45 -6.94
CA CYS A 69 6.06 -3.84 -6.69
C CYS A 69 7.55 -4.03 -6.96
N GLY A 70 8.11 -3.16 -7.80
CA GLY A 70 9.54 -3.23 -8.16
C GLY A 70 10.28 -2.02 -7.63
N SER A 71 9.85 -1.50 -6.49
CA SER A 71 10.49 -0.33 -5.89
C SER A 71 11.78 -0.74 -5.19
N ARG A 72 11.93 -2.04 -4.92
CA ARG A 72 13.12 -2.53 -4.25
C ARG A 72 13.35 -1.76 -2.94
N SER A 73 14.40 -2.13 -2.22
CA SER A 73 14.72 -1.47 -0.96
C SER A 73 13.49 -1.41 -0.06
N ILE A 74 13.51 -2.20 1.00
CA ILE A 74 12.40 -2.23 1.95
C ILE A 74 12.45 -1.04 2.90
N GLN A 75 11.30 -0.44 3.16
CA GLN A 75 11.24 0.70 4.06
C GLN A 75 9.92 0.71 4.83
N HIS A 76 9.96 1.26 6.05
CA HIS A 76 8.79 1.31 6.90
C HIS A 76 8.88 2.49 7.87
N CYS A 77 7.74 2.84 8.47
CA CYS A 77 7.71 3.95 9.42
C CYS A 77 8.47 3.57 10.70
N ASN A 78 9.61 4.22 10.90
CA ASN A 78 10.42 3.96 12.09
C ASN A 78 9.67 4.36 13.35
N ILE A 79 8.98 5.49 13.27
CA ILE A 79 8.21 6.00 14.40
C ILE A 79 6.88 5.27 14.49
N ARG A 80 6.20 5.42 15.63
CA ARG A 80 4.91 4.77 15.84
C ARG A 80 3.79 5.77 15.58
N CYS A 81 3.23 5.69 14.38
CA CYS A 81 2.13 6.58 13.99
C CYS A 81 0.80 5.90 14.28
N MET A 82 -0.12 6.66 14.88
CA MET A 82 -1.43 6.12 15.22
C MET A 82 -2.49 7.21 15.06
N ASN A 83 -3.76 6.80 15.04
CA ASN A 83 -4.86 7.74 14.89
C ASN A 83 -4.75 8.52 13.59
N GLY A 84 -4.35 7.83 12.52
CA GLY A 84 -4.22 8.48 11.22
C GLY A 84 -2.97 9.33 11.16
N GLY A 85 -1.98 9.00 11.98
CA GLY A 85 -0.74 9.77 12.01
C GLY A 85 0.05 9.55 10.73
N SER A 86 0.44 10.66 10.10
CA SER A 86 1.22 10.58 8.85
C SER A 86 2.71 10.46 9.16
N CYS A 87 3.39 9.59 8.43
CA CYS A 87 4.82 9.40 8.63
C CYS A 87 5.62 10.52 7.96
N SER A 88 6.54 11.12 8.71
CA SER A 88 7.36 12.20 8.19
C SER A 88 8.76 12.15 8.82
N ASP A 89 9.74 11.79 8.02
CA ASP A 89 11.11 11.70 8.52
C ASP A 89 11.16 10.88 9.81
N ASP A 90 11.57 11.53 10.91
CA ASP A 90 11.66 10.87 12.22
C ASP A 90 10.53 11.32 13.14
N HIS A 91 9.57 12.06 12.59
CA HIS A 91 8.44 12.56 13.36
C HIS A 91 7.12 12.26 12.65
N CYS A 92 6.05 12.14 13.43
CA CYS A 92 4.72 11.86 12.88
C CYS A 92 3.79 13.05 13.13
N LEU A 93 2.90 13.29 12.17
CA LEU A 93 1.95 14.39 12.27
C LEU A 93 0.59 13.87 12.72
N CYS A 94 0.02 14.49 13.74
CA CYS A 94 -1.27 14.06 14.26
C CYS A 94 -2.40 14.90 13.66
N GLN A 95 -3.51 14.25 13.32
CA GLN A 95 -4.64 14.95 12.73
C GLN A 95 -5.24 15.92 13.74
N LYS A 96 -6.28 16.63 13.31
CA LYS A 96 -6.95 17.59 14.19
C LYS A 96 -7.65 16.87 15.33
N GLY A 97 -7.41 17.32 16.56
CA GLY A 97 -8.02 16.71 17.73
C GLY A 97 -7.09 15.72 18.40
N TYR A 98 -5.98 15.39 17.72
CA TYR A 98 -5.00 14.46 18.26
C TYR A 98 -3.65 15.14 18.45
N ILE A 99 -3.04 14.91 19.61
CA ILE A 99 -1.75 15.50 19.95
C ILE A 99 -0.81 14.44 20.50
N GLY A 100 0.46 14.81 20.66
CA GLY A 100 1.47 13.89 21.19
C GLY A 100 2.39 13.41 20.07
N THR A 101 3.52 12.83 20.47
CA THR A 101 4.50 12.35 19.51
C THR A 101 3.90 11.23 18.66
N HIS A 102 3.23 10.28 19.32
CA HIS A 102 2.61 9.16 18.63
C HIS A 102 1.13 9.43 18.39
N CYS A 103 0.69 10.63 18.73
CA CYS A 103 -0.71 10.99 18.55
C CYS A 103 -1.61 10.07 19.36
N GLY A 104 -1.14 9.68 20.54
CA GLY A 104 -1.90 8.80 21.40
C GLY A 104 -2.62 9.58 22.47
N GLN A 105 -2.57 10.92 22.38
CA GLN A 105 -3.23 11.78 23.36
C GLN A 105 -4.29 12.67 22.66
N PRO A 106 -5.56 12.40 22.84
CA PRO A 106 -6.65 13.22 22.21
C PRO A 106 -6.91 14.51 22.99
N VAL A 107 -7.59 15.46 22.36
CA VAL A 107 -7.91 16.74 23.01
C VAL A 107 -9.38 16.78 23.40
N CYS A 108 -9.64 17.06 24.66
CA CYS A 108 -11.01 17.14 25.16
C CYS A 108 -11.48 18.60 25.11
N GLU A 109 -12.10 18.97 23.99
CA GLU A 109 -12.57 20.33 23.82
C GLU A 109 -13.62 20.69 24.87
N SER A 110 -14.59 19.80 25.05
CA SER A 110 -15.66 20.03 26.03
C SER A 110 -15.27 19.46 27.40
N GLY A 111 -14.20 18.67 27.43
CA GLY A 111 -13.74 18.09 28.68
C GLY A 111 -14.75 17.08 29.21
N CYS A 112 -14.29 16.20 30.10
CA CYS A 112 -15.16 15.18 30.69
C CYS A 112 -15.52 15.59 32.12
N LEU A 113 -16.73 15.26 32.53
CA LEU A 113 -17.21 15.64 33.85
C LEU A 113 -16.36 14.99 34.94
N ASN A 114 -16.05 13.71 34.75
CA ASN A 114 -15.25 12.97 35.73
C ASN A 114 -15.35 11.47 35.47
N GLY A 115 -16.57 10.94 35.51
CA GLY A 115 -16.78 9.52 35.29
C GLY A 115 -16.31 9.12 33.91
N GLY A 116 -16.55 9.99 32.93
CA GLY A 116 -16.14 9.71 31.56
C GLY A 116 -14.64 9.92 31.39
N ARG A 117 -14.07 9.31 30.34
CA ARG A 117 -12.65 9.44 30.06
C ARG A 117 -12.42 9.89 28.62
N CYS A 118 -11.38 10.69 28.41
CA CYS A 118 -11.07 11.17 27.07
C CYS A 118 -10.50 10.07 26.21
N VAL A 119 -11.32 9.54 25.29
CA VAL A 119 -10.88 8.48 24.40
C VAL A 119 -10.66 9.02 22.99
N ALA A 120 -11.14 10.24 22.74
CA ALA A 120 -10.99 10.83 21.43
C ALA A 120 -11.30 12.33 21.49
N PRO A 121 -11.16 13.04 20.39
CA PRO A 121 -11.45 14.51 20.35
C PRO A 121 -12.87 14.81 20.82
N ASN A 122 -13.00 15.73 21.76
CA ASN A 122 -14.31 16.11 22.28
C ASN A 122 -15.17 14.87 22.51
N ARG A 123 -14.55 13.79 23.01
CA ARG A 123 -15.28 12.55 23.28
C ARG A 123 -14.95 12.04 24.68
N CYS A 124 -15.98 11.78 25.46
CA CYS A 124 -15.82 11.27 26.82
C CYS A 124 -16.47 9.89 26.94
N ALA A 125 -15.66 8.90 27.26
CA ALA A 125 -16.16 7.53 27.40
C ALA A 125 -16.86 7.38 28.75
N CYS A 126 -18.18 7.60 28.75
CA CYS A 126 -18.97 7.49 29.98
C CYS A 126 -19.86 6.24 29.93
N THR A 127 -19.81 5.43 30.98
CA THR A 127 -20.62 4.22 31.04
C THR A 127 -21.66 4.31 32.15
N TYR A 128 -22.03 5.53 32.51
CA TYR A 128 -23.01 5.76 33.57
C TYR A 128 -24.38 6.07 32.99
N GLY A 129 -24.65 5.53 31.81
CA GLY A 129 -25.93 5.76 31.16
C GLY A 129 -26.09 7.23 30.77
N PHE A 130 -24.95 7.87 30.52
CA PHE A 130 -24.97 9.28 30.15
C PHE A 130 -25.96 9.53 29.03
N THR A 131 -26.32 10.80 28.83
CA THR A 131 -27.26 11.17 27.76
C THR A 131 -26.68 12.32 26.94
N GLY A 132 -26.72 12.18 25.62
CA GLY A 132 -26.21 13.21 24.73
C GLY A 132 -24.69 13.14 24.63
N PRO A 133 -24.11 13.98 23.80
CA PRO A 133 -22.64 14.01 23.59
C PRO A 133 -21.90 14.72 24.72
N GLN A 134 -22.66 15.38 25.58
CA GLN A 134 -22.06 16.13 26.69
C GLN A 134 -21.77 15.21 27.87
N CYS A 135 -21.97 13.91 27.66
CA CYS A 135 -21.72 12.94 28.72
C CYS A 135 -22.52 13.27 29.97
N GLU A 136 -23.77 13.69 29.76
CA GLU A 136 -24.63 14.04 30.90
C GLU A 136 -26.09 13.77 30.55
N SER A 1 -10.48 18.40 7.68
CA SER A 1 -9.05 18.03 7.85
C SER A 1 -8.77 17.71 9.31
N ALA A 2 -9.84 17.60 10.10
CA ALA A 2 -9.70 17.29 11.52
C ALA A 2 -9.19 15.87 11.71
N ARG A 3 -8.31 15.69 12.70
CA ARG A 3 -7.75 14.37 13.00
C ARG A 3 -8.72 13.56 13.85
N GLY A 4 -9.80 14.21 14.30
CA GLY A 4 -10.78 13.53 15.12
C GLY A 4 -11.45 12.39 14.36
N GLY A 5 -11.62 12.58 13.05
CA GLY A 5 -12.24 11.55 12.22
C GLY A 5 -13.77 11.65 12.27
N GLY A 6 -14.44 10.59 11.86
CA GLY A 6 -15.90 10.57 11.85
C GLY A 6 -16.44 11.20 10.58
N GLY A 7 -17.77 11.24 10.46
CA GLY A 7 -18.41 11.82 9.28
C GLY A 7 -19.91 11.93 9.49
N HIS A 8 -20.59 12.53 8.50
CA HIS A 8 -22.04 12.71 8.58
C HIS A 8 -22.75 11.50 7.96
N ASP A 9 -24.06 11.46 8.12
CA ASP A 9 -24.85 10.35 7.58
C ASP A 9 -25.04 10.52 6.07
N ALA A 10 -24.12 9.95 5.30
CA ALA A 10 -24.19 10.03 3.84
C ALA A 10 -23.26 9.01 3.21
N LEU A 11 -21.97 9.32 3.17
CA LEU A 11 -20.99 8.42 2.59
C LEU A 11 -20.80 7.20 3.48
N LYS A 12 -19.98 6.26 3.03
CA LYS A 12 -19.72 5.03 3.77
C LYS A 12 -18.24 4.70 3.76
N GLY A 13 -17.84 3.79 4.63
CA GLY A 13 -16.46 3.38 4.73
C GLY A 13 -15.61 4.47 5.37
N PRO A 14 -14.39 4.17 5.73
CA PRO A 14 -13.45 5.14 6.38
C PRO A 14 -12.94 6.17 5.37
N ASN A 15 -11.98 6.99 5.79
CA ASN A 15 -11.42 8.01 4.89
C ASN A 15 -12.51 8.94 4.37
N VAL A 16 -13.43 9.34 5.25
CA VAL A 16 -14.52 10.23 4.87
C VAL A 16 -14.18 11.67 5.26
N CYS A 17 -14.40 12.60 4.32
CA CYS A 17 -14.11 14.01 4.55
C CYS A 17 -15.20 14.88 3.94
N GLY A 18 -15.09 16.19 4.16
CA GLY A 18 -16.08 17.13 3.63
C GLY A 18 -17.30 17.20 4.52
N SER A 19 -18.07 18.28 4.40
CA SER A 19 -19.27 18.46 5.18
C SER A 19 -20.43 17.69 4.58
N ARG A 20 -21.56 17.68 5.26
CA ARG A 20 -22.74 16.97 4.77
C ARG A 20 -23.18 17.54 3.42
N TYR A 21 -23.18 18.86 3.31
CA TYR A 21 -23.59 19.51 2.07
C TYR A 21 -22.67 19.12 0.92
N ASN A 22 -21.37 19.02 1.21
CA ASN A 22 -20.38 18.66 0.21
C ASN A 22 -19.46 17.57 0.73
N ALA A 23 -20.04 16.48 1.19
CA ALA A 23 -19.25 15.36 1.70
C ALA A 23 -18.51 14.66 0.56
N TYR A 24 -17.26 14.27 0.83
CA TYR A 24 -16.44 13.60 -0.17
C TYR A 24 -15.38 12.73 0.49
N CYS A 25 -14.72 11.90 -0.30
CA CYS A 25 -13.68 11.04 0.23
C CYS A 25 -12.38 11.82 0.42
N CYS A 26 -11.74 11.63 1.55
CA CYS A 26 -10.50 12.34 1.86
C CYS A 26 -9.48 12.19 0.74
N PRO A 27 -8.54 13.13 0.59
CA PRO A 27 -7.51 13.03 -0.50
C PRO A 27 -6.79 11.68 -0.51
N GLY A 28 -6.69 11.09 -1.70
CA GLY A 28 -6.03 9.79 -1.89
C GLY A 28 -7.06 8.66 -1.99
N TRP A 29 -8.33 9.02 -1.76
CA TRP A 29 -9.43 8.05 -1.84
C TRP A 29 -10.58 8.63 -2.67
N LYS A 30 -11.24 7.76 -3.45
CA LYS A 30 -12.37 8.19 -4.28
C LYS A 30 -13.58 7.30 -4.02
N THR A 31 -14.57 7.36 -4.90
CA THR A 31 -15.79 6.56 -4.76
C THR A 31 -16.00 5.73 -6.01
N LEU A 32 -16.87 4.73 -5.92
CA LEU A 32 -17.15 3.86 -7.05
C LEU A 32 -18.56 4.14 -7.60
N PRO A 33 -18.83 3.83 -8.85
CA PRO A 33 -20.19 4.05 -9.43
C PRO A 33 -21.28 3.40 -8.58
N GLY A 34 -22.40 4.10 -8.42
CA GLY A 34 -23.52 3.60 -7.64
C GLY A 34 -23.18 3.54 -6.15
N GLY A 35 -21.93 3.17 -5.82
CA GLY A 35 -21.51 3.06 -4.44
C GLY A 35 -21.11 4.43 -3.88
N ASN A 36 -20.91 4.47 -2.56
CA ASN A 36 -20.52 5.71 -1.87
C ASN A 36 -19.42 5.43 -0.85
N GLN A 37 -18.78 4.26 -0.96
CA GLN A 37 -17.71 3.89 -0.04
C GLN A 37 -16.36 4.41 -0.52
N CYS A 38 -15.60 5.01 0.39
CA CYS A 38 -14.28 5.54 0.03
C CYS A 38 -13.23 4.44 0.15
N ILE A 39 -13.58 3.25 -0.34
CA ILE A 39 -12.68 2.09 -0.28
C ILE A 39 -11.88 1.95 -1.57
N VAL A 40 -11.67 3.07 -2.27
CA VAL A 40 -10.92 3.07 -3.52
C VAL A 40 -9.72 4.03 -3.45
N PRO A 41 -8.55 3.54 -3.09
CA PRO A 41 -7.33 4.41 -2.99
C PRO A 41 -6.71 4.68 -4.37
N ILE A 42 -5.89 5.72 -4.44
CA ILE A 42 -5.21 6.09 -5.69
C ILE A 42 -3.77 5.58 -5.68
N CYS A 43 -3.41 4.85 -6.74
CA CYS A 43 -2.06 4.29 -6.85
C CYS A 43 -1.19 5.23 -7.69
N ARG A 44 0.00 5.56 -7.21
CA ARG A 44 0.89 6.45 -7.96
C ARG A 44 1.30 5.79 -9.29
N HIS A 45 1.68 4.52 -9.22
CA HIS A 45 2.12 3.77 -10.41
C HIS A 45 1.34 2.47 -10.54
N SER A 46 1.56 1.76 -11.65
CA SER A 46 0.87 0.50 -11.88
C SER A 46 1.26 -0.53 -10.83
N CYS A 47 0.32 -1.38 -10.46
CA CYS A 47 0.56 -2.42 -9.47
C CYS A 47 1.10 -3.69 -10.14
N GLY A 48 0.67 -3.94 -11.36
CA GLY A 48 1.10 -5.13 -12.09
C GLY A 48 0.36 -6.37 -11.60
N ASP A 49 1.05 -7.23 -10.87
CA ASP A 49 0.45 -8.46 -10.34
C ASP A 49 -0.09 -8.26 -8.94
N GLY A 50 -0.02 -7.03 -8.44
CA GLY A 50 -0.51 -6.71 -7.09
C GLY A 50 -1.76 -5.83 -7.17
N PHE A 51 -2.09 -5.17 -6.07
CA PHE A 51 -3.27 -4.30 -6.03
C PHE A 51 -3.03 -3.11 -5.10
N CYS A 52 -3.71 -2.00 -5.39
CA CYS A 52 -3.57 -0.80 -4.58
C CYS A 52 -4.20 -1.02 -3.22
N SER A 53 -3.37 -0.98 -2.19
CA SER A 53 -3.86 -1.19 -0.81
C SER A 53 -3.94 0.11 -0.06
N ARG A 54 -3.26 1.14 -0.56
CA ARG A 54 -3.28 2.44 0.10
C ARG A 54 -2.87 3.54 -0.89
N PRO A 55 -3.15 4.78 -0.56
CA PRO A 55 -2.75 5.92 -1.44
C PRO A 55 -1.28 5.85 -1.80
N ASN A 56 -1.00 5.90 -3.10
CA ASN A 56 0.38 5.86 -3.56
C ASN A 56 1.11 4.69 -2.92
N MET A 57 0.39 3.59 -2.72
CA MET A 57 0.97 2.38 -2.11
C MET A 57 0.34 1.12 -2.67
N CYS A 58 1.18 0.26 -3.23
CA CYS A 58 0.73 -1.01 -3.80
C CYS A 58 1.17 -2.16 -2.92
N THR A 59 0.35 -3.22 -2.93
CA THR A 59 0.65 -4.42 -2.14
C THR A 59 0.74 -5.62 -3.06
N CYS A 60 1.86 -6.33 -2.99
CA CYS A 60 2.08 -7.51 -3.82
C CYS A 60 1.66 -8.77 -3.04
N PRO A 61 1.37 -9.84 -3.72
CA PRO A 61 0.97 -11.13 -3.07
C PRO A 61 2.09 -11.68 -2.18
N SER A 62 3.32 -11.24 -2.44
CA SER A 62 4.47 -11.68 -1.64
C SER A 62 4.37 -11.14 -0.22
N GLY A 63 3.61 -10.05 -0.05
CA GLY A 63 3.43 -9.42 1.26
C GLY A 63 4.07 -8.03 1.29
N GLN A 64 5.04 -7.80 0.41
CA GLN A 64 5.70 -6.50 0.35
C GLN A 64 4.72 -5.41 -0.03
N ILE A 65 4.93 -4.22 0.52
CA ILE A 65 4.07 -3.06 0.25
C ILE A 65 4.91 -1.85 -0.13
N ALA A 66 4.50 -1.16 -1.19
CA ALA A 66 5.22 0.03 -1.63
C ALA A 66 4.52 0.65 -2.85
N PRO A 67 4.94 1.82 -3.28
CA PRO A 67 4.34 2.50 -4.46
C PRO A 67 4.25 1.59 -5.69
N SER A 68 5.13 0.59 -5.73
CA SER A 68 5.16 -0.37 -6.84
C SER A 68 5.43 -1.77 -6.32
N CYS A 69 5.13 -2.76 -7.15
CA CYS A 69 5.33 -4.16 -6.79
C CYS A 69 6.78 -4.58 -7.05
N GLY A 70 7.32 -5.38 -6.14
CA GLY A 70 8.69 -5.86 -6.29
C GLY A 70 8.94 -7.04 -5.35
N SER A 71 9.37 -8.16 -5.93
CA SER A 71 9.64 -9.34 -5.13
C SER A 71 10.95 -9.16 -4.35
N ARG A 72 10.96 -9.64 -3.11
CA ARG A 72 12.16 -9.53 -2.27
C ARG A 72 12.26 -10.72 -1.33
N SER A 73 11.17 -11.01 -0.62
CA SER A 73 11.13 -12.13 0.31
C SER A 73 9.70 -12.57 0.56
N ILE A 74 9.48 -13.26 1.67
CA ILE A 74 8.14 -13.74 2.03
C ILE A 74 7.75 -13.27 3.43
N GLN A 75 6.46 -13.05 3.63
CA GLN A 75 5.97 -12.61 4.94
C GLN A 75 4.52 -13.05 5.12
N HIS A 76 4.14 -13.32 6.38
CA HIS A 76 2.77 -13.76 6.70
C HIS A 76 2.05 -12.70 7.52
N CYS A 77 2.27 -11.44 7.19
CA CYS A 77 1.63 -10.32 7.90
C CYS A 77 0.86 -9.43 6.93
N ASN A 78 -0.34 -9.87 6.58
CA ASN A 78 -1.19 -9.11 5.65
C ASN A 78 -1.56 -7.77 6.26
N ILE A 79 -1.86 -7.78 7.55
CA ILE A 79 -2.26 -6.55 8.24
C ILE A 79 -1.02 -5.76 8.66
N ARG A 80 -1.24 -4.58 9.19
CA ARG A 80 -0.14 -3.71 9.63
C ARG A 80 -0.05 -3.69 11.15
N CYS A 81 1.04 -4.24 11.67
CA CYS A 81 1.28 -4.29 13.12
C CYS A 81 2.62 -3.63 13.46
N MET A 82 2.68 -3.03 14.64
CA MET A 82 3.89 -2.35 15.09
C MET A 82 4.08 -2.57 16.59
N ASN A 83 5.21 -2.12 17.12
CA ASN A 83 5.52 -2.28 18.54
C ASN A 83 5.58 -3.75 18.93
N GLY A 84 6.26 -4.54 18.10
CA GLY A 84 6.40 -5.96 18.38
C GLY A 84 5.05 -6.66 18.33
N GLY A 85 4.14 -6.09 17.56
CA GLY A 85 2.80 -6.66 17.43
C GLY A 85 2.88 -8.01 16.72
N SER A 86 1.87 -8.85 16.94
CA SER A 86 1.83 -10.17 16.31
C SER A 86 0.74 -10.22 15.26
N CYS A 87 1.07 -10.77 14.10
CA CYS A 87 0.10 -10.87 13.02
C CYS A 87 -0.81 -12.08 13.24
N SER A 88 -2.11 -11.84 13.10
CA SER A 88 -3.13 -12.89 13.28
C SER A 88 -3.97 -13.00 12.02
N ASP A 89 -4.61 -14.16 11.84
CA ASP A 89 -5.47 -14.42 10.66
C ASP A 89 -5.77 -13.16 9.84
N ASP A 90 -6.69 -12.34 10.34
CA ASP A 90 -7.05 -11.09 9.67
C ASP A 90 -7.18 -9.96 10.68
N HIS A 91 -6.40 -10.05 11.76
CA HIS A 91 -6.42 -9.02 12.81
C HIS A 91 -5.01 -8.74 13.31
N CYS A 92 -4.84 -7.57 13.93
CA CYS A 92 -3.53 -7.17 14.48
C CYS A 92 -3.54 -7.31 15.99
N LEU A 93 -2.62 -8.11 16.52
CA LEU A 93 -2.53 -8.32 17.96
C LEU A 93 -1.45 -7.43 18.56
N CYS A 94 -1.84 -6.67 19.59
CA CYS A 94 -0.92 -5.76 20.28
C CYS A 94 -0.54 -6.30 21.64
N GLN A 95 0.72 -6.12 21.99
CA GLN A 95 1.22 -6.59 23.27
C GLN A 95 0.78 -5.66 24.39
N LYS A 96 0.97 -6.08 25.63
CA LYS A 96 0.58 -5.26 26.76
C LYS A 96 1.41 -3.98 26.78
N GLY A 97 0.74 -2.85 26.97
CA GLY A 97 1.42 -1.55 27.01
C GLY A 97 1.11 -0.74 25.77
N TYR A 98 0.79 -1.41 24.67
CA TYR A 98 0.47 -0.73 23.40
C TYR A 98 -0.96 -1.01 22.99
N ILE A 99 -1.69 0.04 22.61
CA ILE A 99 -3.08 -0.07 22.19
C ILE A 99 -3.29 0.65 20.87
N GLY A 100 -4.47 0.46 20.27
CA GLY A 100 -4.80 1.11 19.01
C GLY A 100 -5.10 0.07 17.93
N THR A 101 -5.83 0.48 16.90
CA THR A 101 -6.18 -0.43 15.82
C THR A 101 -4.93 -0.87 15.08
N HIS A 102 -4.02 0.08 14.83
CA HIS A 102 -2.77 -0.22 14.12
C HIS A 102 -1.61 -0.26 15.09
N CYS A 103 -1.90 -0.14 16.38
CA CYS A 103 -0.86 -0.16 17.39
C CYS A 103 0.06 1.05 17.21
N GLY A 104 0.44 1.65 18.33
CA GLY A 104 1.32 2.81 18.30
C GLY A 104 1.07 3.71 19.50
N GLN A 105 0.00 3.45 20.24
CA GLN A 105 -0.32 4.25 21.42
C GLN A 105 0.15 3.55 22.70
N PRO A 106 1.17 4.05 23.39
CA PRO A 106 1.68 3.41 24.64
C PRO A 106 0.78 3.68 25.85
N VAL A 107 0.89 2.84 26.88
CA VAL A 107 0.09 2.99 28.10
C VAL A 107 0.99 3.06 29.33
N CYS A 108 0.77 4.07 30.17
CA CYS A 108 1.56 4.25 31.38
C CYS A 108 0.76 3.81 32.60
N GLU A 109 1.25 2.79 33.29
CA GLU A 109 0.58 2.28 34.48
C GLU A 109 0.58 3.32 35.58
N SER A 110 1.70 4.02 35.70
CA SER A 110 1.85 5.05 36.72
C SER A 110 1.30 6.39 36.22
N GLY A 111 0.96 6.43 34.94
CA GLY A 111 0.42 7.65 34.34
C GLY A 111 1.27 8.86 34.75
N CYS A 112 0.73 10.06 34.50
CA CYS A 112 1.43 11.30 34.86
C CYS A 112 0.43 12.33 35.39
N LEU A 113 0.63 12.76 36.63
CA LEU A 113 -0.26 13.74 37.24
C LEU A 113 -0.17 15.07 36.49
N ASN A 114 1.05 15.46 36.13
CA ASN A 114 1.28 16.71 35.41
C ASN A 114 1.10 16.50 33.91
N GLY A 115 1.51 17.49 33.13
CA GLY A 115 1.39 17.41 31.68
C GLY A 115 2.38 16.39 31.10
N GLY A 116 2.80 15.44 31.94
CA GLY A 116 3.74 14.41 31.49
C GLY A 116 3.15 13.62 30.34
N ARG A 117 4.03 12.95 29.59
CA ARG A 117 3.60 12.15 28.44
C ARG A 117 4.14 10.73 28.54
N CYS A 118 3.37 9.77 28.03
CA CYS A 118 3.78 8.36 28.07
C CYS A 118 4.56 8.00 26.82
N VAL A 119 5.88 7.87 26.95
CA VAL A 119 6.72 7.54 25.81
C VAL A 119 6.65 6.05 25.51
N ALA A 120 6.52 5.23 26.55
CA ALA A 120 6.46 3.79 26.36
C ALA A 120 5.73 3.12 27.54
N PRO A 121 5.53 1.82 27.50
CA PRO A 121 4.85 1.09 28.61
C PRO A 121 5.51 1.35 29.96
N ASN A 122 4.69 1.66 30.96
CA ASN A 122 5.19 1.93 32.29
C ASN A 122 6.34 2.92 32.24
N ARG A 123 6.29 3.84 31.26
CA ARG A 123 7.34 4.85 31.10
C ARG A 123 6.72 6.22 30.86
N CYS A 124 6.70 7.03 31.91
CA CYS A 124 6.15 8.38 31.83
C CYS A 124 7.28 9.41 31.88
N ALA A 125 7.15 10.47 31.09
CA ALA A 125 8.15 11.53 31.04
C ALA A 125 7.62 12.75 31.75
N CYS A 126 8.45 13.36 32.60
CA CYS A 126 8.02 14.53 33.35
C CYS A 126 8.28 15.78 32.52
N THR A 127 7.41 16.77 32.69
CA THR A 127 7.53 18.02 31.93
C THR A 127 8.83 18.73 32.27
N TYR A 128 9.16 18.80 33.56
CA TYR A 128 10.37 19.49 34.01
C TYR A 128 11.49 18.49 34.24
N GLY A 129 11.29 17.29 33.71
CA GLY A 129 12.28 16.23 33.85
C GLY A 129 12.31 15.71 35.28
N PHE A 130 11.23 15.95 36.01
CA PHE A 130 11.12 15.51 37.39
C PHE A 130 11.39 14.00 37.50
N THR A 131 11.70 13.56 38.71
CA THR A 131 11.97 12.15 38.95
C THR A 131 10.67 11.37 39.13
N GLY A 132 10.77 10.06 38.94
CA GLY A 132 9.61 9.18 39.08
C GLY A 132 8.59 9.46 37.96
N PRO A 133 7.93 8.44 37.42
CA PRO A 133 6.91 8.62 36.34
C PRO A 133 5.82 9.63 36.72
N GLN A 134 5.38 9.56 37.98
CA GLN A 134 4.32 10.43 38.49
C GLN A 134 4.79 11.88 38.54
N CYS A 135 6.11 12.03 38.67
CA CYS A 135 6.72 13.36 38.73
C CYS A 135 6.28 14.09 39.99
N GLU A 136 6.58 13.52 41.15
CA GLU A 136 6.21 14.14 42.42
C GLU A 136 6.92 15.47 42.61
#